data_8VCT
#
_entry.id   8VCT
#
_cell.length_a   1.00
_cell.length_b   1.00
_cell.length_c   1.00
_cell.angle_alpha   90.00
_cell.angle_beta   90.00
_cell.angle_gamma   90.00
#
_symmetry.space_group_name_H-M   'P 1'
#
loop_
_entity.id
_entity.type
_entity.pdbx_description
1 polymer 'Transposon Tn7 transposition protein TnsC'
2 polymer 'Transposon Tn7 transposition protein TnsD'
3 polymer 'DNA (50-MER)'
4 polymer 'DNA (50-MER)'
5 non-polymer 'PHOSPHOTHIOPHOSPHORIC ACID-ADENYLATE ESTER'
6 non-polymer 'MAGNESIUM ION'
7 non-polymer 'ZINC ION'
8 non-polymer "ADENOSINE-5'-DIPHOSPHATE"
#
loop_
_entity_poly.entity_id
_entity_poly.type
_entity_poly.pdbx_seq_one_letter_code
_entity_poly.pdbx_strand_id
1 'polypeptide(L)'
;MGATRIQAVYRDTGVEAYRDNPFIEALPPLQESVNSAASLKSSLQLTSSDLQKSRVIRAHTICRIPDDYFQPLGTHLLLS
ERISVMIRGGYVGRNPKTGDLQKHLQNGYERVQTGELETFRFEEARSTAQSLLLIGCSGSGKTTSLHRILATYPQVIYHR
ELNVEQVVYLKIDCSHNGSLKEICLNFFRALDRALGSNYERRYGLKRHGIETMLALMSQIANAHALGLLVIDEIQHLSRS
RSGGSQEMLNFFVTMVNIIGVPVMLIGTPKAREIFEADLRSARRGAGFGAIFWDPIQQTQRGKPNQEWIAFTDNLWQLQL
LQRKDALLSDEVRDVWYELSQGVMDIVVKLFVLAQLRALALGNERITAGLLRQVYQDELKPVHPMLEALRSGIPERIARY
SDLVVPEIDKRLIQLQLDIAAIQEQTPEEKALQELDTEDQRHLYLMLKEDYDSSLLIPTIKKAFSQNPTMTRQKLLPLVL
QWLMEGETVVSELEKPSKSKKVSPNSSSVDKLAAALEHHHHHH
;
G,E,F,C,B,A
2 'polypeptide(L)'
;MRNFPVPYSNELIYSTIARAGVYQGIVSPKQLLDEVYGNRKVVATLGLPSHLGVIARHLHQTGRYAVQQLIYEHTLFPLY
APFVGKERRDEAIRLMEYQAQGAVHLMLGVAASRVKSDNRFRYCPDCVALQLNRYGEAFWQRDWYLPALPYCPKHGALVF
FDRAVDDHRHQFWALGHTELLSDYPKDSLSQLTALAAYIAPLLDAPRAQELSPSLEQWTLFYQRLAQDLGLTKSKHIRHD
LVAERVRQTFSDEALEKLDLKLAENKDTCWLKSIFRKHRKAFSYLQHSIVWQALLPKLTVIEALQQASALTEHSITTR
;
X,Y
3 'polydeoxyribonucleotide'
;(DA)(DT)(DA)(DC)(DT)(DG)(DT)(DG)(DG)(DA)(DC)(DC)(DA)(DG)(DA)(DA)(DC)(DC)(DC)(DT)
(DG)(DA)(DT)(DA)(DA)(DA)(DT)(DG)(DC)(DA)(DA)(DC)(DG)(DC)(DT)(DC)(DA)(DT)(DA)(DG)
(DC)(DG)(DG)(DG)(DC)(DA)(DG)(DA)(DC)(DG)
;
H
4 'polydeoxyribonucleotide'
;(DC)(DG)(DT)(DC)(DT)(DG)(DC)(DC)(DC)(DG)(DC)(DT)(DA)(DT)(DG)(DA)(DG)(DC)(DG)(DT)
(DT)(DG)(DC)(DA)(DT)(DT)(DT)(DA)(DT)(DC)(DA)(DG)(DG)(DG)(DT)(DT)(DC)(DT)(DG)(DG)
(DT)(DC)(DC)(DA)(DC)(DA)(DG)(DT)(DA)(DT)
;
I
#
loop_
_chem_comp.id
_chem_comp.type
_chem_comp.name
_chem_comp.formula
ADP non-polymer ADENOSINE-5'-DIPHOSPHATE 'C10 H15 N5 O10 P2'
AGS non-polymer 'PHOSPHOTHIOPHOSPHORIC ACID-ADENYLATE ESTER' 'C10 H16 N5 O12 P3 S'
DA DNA linking 2'-DEOXYADENOSINE-5'-MONOPHOSPHATE 'C10 H14 N5 O6 P'
DC DNA linking 2'-DEOXYCYTIDINE-5'-MONOPHOSPHATE 'C9 H14 N3 O7 P'
DG DNA linking 2'-DEOXYGUANOSINE-5'-MONOPHOSPHATE 'C10 H14 N5 O7 P'
DT DNA linking THYMIDINE-5'-MONOPHOSPHATE 'C10 H15 N2 O8 P'
MG non-polymer 'MAGNESIUM ION' 'Mg 2'
ZN non-polymer 'ZINC ION' 'Zn 2'
#
# COMPACT_ATOMS: atom_id res chain seq x y z
N ALA A 3 3.60 -31.57 21.53
CA ALA A 3 4.41 -30.40 21.84
C ALA A 3 4.81 -30.40 23.31
N THR A 4 4.83 -31.58 23.91
CA THR A 4 5.17 -31.74 25.33
C THR A 4 6.65 -32.11 25.42
N ARG A 5 7.49 -31.10 25.57
CA ARG A 5 8.94 -31.32 25.64
C ARG A 5 9.29 -31.93 26.99
N ILE A 6 9.81 -33.16 26.97
CA ILE A 6 10.13 -33.91 28.18
C ILE A 6 11.58 -34.37 28.10
N GLN A 7 12.35 -34.09 29.14
CA GLN A 7 13.69 -34.64 29.25
C GLN A 7 13.62 -36.15 29.45
N ALA A 8 14.66 -36.85 29.00
CA ALA A 8 14.67 -38.30 28.97
C ALA A 8 15.54 -38.85 30.08
N VAL A 9 15.01 -39.83 30.82
CA VAL A 9 15.77 -40.60 31.80
C VAL A 9 15.54 -42.07 31.51
N TYR A 10 16.62 -42.83 31.38
CA TYR A 10 16.57 -44.16 30.78
C TYR A 10 16.18 -45.24 31.78
N ARG A 11 15.58 -46.30 31.26
CA ARG A 11 15.30 -47.51 32.01
C ARG A 11 16.47 -48.47 31.87
N ASP A 12 16.26 -49.72 32.28
CA ASP A 12 17.22 -50.81 32.07
C ASP A 12 16.40 -52.02 31.63
N THR A 13 16.29 -52.21 30.32
CA THR A 13 15.45 -53.26 29.77
C THR A 13 16.07 -54.64 30.04
N GLY A 14 15.25 -55.67 29.87
CA GLY A 14 15.67 -57.03 30.13
C GLY A 14 16.11 -57.78 28.89
N VAL A 15 15.47 -57.50 27.76
CA VAL A 15 15.81 -58.19 26.52
C VAL A 15 17.16 -57.70 26.03
N GLU A 16 18.03 -58.65 25.65
CA GLU A 16 19.38 -58.31 25.24
C GLU A 16 19.42 -57.54 23.92
N ALA A 17 18.38 -57.65 23.10
CA ALA A 17 18.36 -56.93 21.83
C ALA A 17 18.18 -55.43 22.00
N TYR A 18 17.72 -54.98 23.16
CA TYR A 18 17.46 -53.57 23.41
C TYR A 18 18.44 -52.97 24.43
N ARG A 19 19.57 -53.63 24.64
CA ARG A 19 20.44 -53.30 25.78
C ARG A 19 21.24 -52.02 25.59
N ASP A 20 21.33 -51.47 24.39
CA ASP A 20 22.22 -50.35 24.13
C ASP A 20 21.53 -49.07 23.71
N ASN A 21 20.41 -49.16 23.00
CA ASN A 21 19.79 -47.98 22.40
C ASN A 21 19.33 -47.00 23.46
N PRO A 22 19.50 -45.69 23.24
CA PRO A 22 18.77 -44.71 24.05
C PRO A 22 17.32 -44.56 23.61
N PHE A 23 17.07 -44.69 22.30
CA PHE A 23 15.72 -44.51 21.76
C PHE A 23 14.74 -45.48 22.42
N ILE A 24 15.07 -46.77 22.41
CA ILE A 24 14.16 -47.78 22.97
C ILE A 24 14.22 -47.87 24.48
N GLU A 25 15.21 -47.25 25.11
CA GLU A 25 15.30 -47.19 26.56
C GLU A 25 14.79 -45.89 27.12
N ALA A 26 14.23 -45.01 26.29
CA ALA A 26 13.61 -43.79 26.77
C ALA A 26 12.10 -43.90 26.95
N LEU A 27 11.46 -44.91 26.37
CA LEU A 27 10.00 -45.03 26.46
C LEU A 27 9.56 -45.54 27.84
N PRO A 28 8.33 -45.21 28.23
CA PRO A 28 7.75 -45.87 29.40
C PRO A 28 7.60 -47.36 29.16
N PRO A 29 7.67 -48.16 30.21
CA PRO A 29 7.70 -49.63 30.02
C PRO A 29 6.38 -50.17 29.49
N LEU A 30 6.49 -51.27 28.76
CA LEU A 30 5.31 -52.01 28.32
C LEU A 30 4.67 -52.71 29.51
N GLN A 31 3.34 -52.75 29.52
CA GLN A 31 2.58 -53.21 30.67
C GLN A 31 1.90 -54.54 30.37
N GLU A 32 1.78 -55.36 31.41
CA GLU A 32 1.11 -56.65 31.29
C GLU A 32 -0.38 -56.45 30.99
N SER A 33 -0.97 -57.44 30.32
CA SER A 33 -2.35 -57.33 29.86
C SER A 33 -3.33 -57.17 31.02
N VAL A 34 -2.93 -57.57 32.24
CA VAL A 34 -3.81 -57.42 33.39
C VAL A 34 -4.03 -55.96 33.72
N ASN A 35 -2.95 -55.18 33.78
CA ASN A 35 -3.07 -53.77 34.12
C ASN A 35 -3.43 -52.90 32.91
N SER A 36 -3.15 -53.38 31.70
CA SER A 36 -3.43 -52.60 30.50
C SER A 36 -4.93 -52.38 30.32
N ALA A 37 -5.74 -53.40 30.62
CA ALA A 37 -7.19 -53.25 30.51
C ALA A 37 -7.72 -52.20 31.49
N ALA A 38 -7.18 -52.18 32.71
CA ALA A 38 -7.63 -51.21 33.70
C ALA A 38 -7.13 -49.80 33.39
N SER A 39 -5.96 -49.68 32.77
CA SER A 39 -5.41 -48.35 32.49
C SER A 39 -6.22 -47.63 31.42
N LEU A 40 -6.70 -48.35 30.41
CA LEU A 40 -7.40 -47.72 29.29
C LEU A 40 -8.74 -47.14 29.73
N LYS A 41 -9.44 -47.82 30.64
CA LYS A 41 -10.82 -47.47 30.96
C LYS A 41 -10.90 -46.09 31.60
N SER A 42 -11.93 -45.33 31.21
CA SER A 42 -12.24 -44.05 31.82
C SER A 42 -13.75 -43.85 31.78
N SER A 43 -14.25 -43.04 32.71
CA SER A 43 -15.69 -42.82 32.81
C SER A 43 -15.92 -41.41 33.37
N LEU A 44 -17.14 -41.14 33.80
CA LEU A 44 -17.54 -39.83 34.29
C LEU A 44 -17.60 -39.82 35.81
N GLN A 45 -17.50 -38.62 36.38
CA GLN A 45 -17.45 -38.45 37.83
C GLN A 45 -18.80 -38.64 38.51
N LEU A 46 -19.89 -38.26 37.83
CA LEU A 46 -21.26 -38.47 38.31
C LEU A 46 -21.53 -37.72 39.61
N THR A 47 -21.65 -38.46 40.71
CA THR A 47 -21.96 -37.98 42.06
C THR A 47 -23.44 -37.59 42.18
N SER A 48 -24.07 -37.98 43.28
CA SER A 48 -25.51 -37.80 43.45
C SER A 48 -25.90 -36.36 43.75
N SER A 49 -24.94 -35.46 43.96
CA SER A 49 -25.28 -34.08 44.29
C SER A 49 -25.95 -33.36 43.14
N ASP A 50 -25.77 -33.85 41.91
CA ASP A 50 -26.36 -33.19 40.74
C ASP A 50 -27.80 -33.61 40.47
N LEU A 51 -28.29 -34.66 41.13
CA LEU A 51 -29.62 -35.19 40.81
C LEU A 51 -30.73 -34.22 41.18
N GLN A 52 -30.54 -33.41 42.22
CA GLN A 52 -31.55 -32.44 42.62
C GLN A 52 -31.24 -31.03 42.15
N LYS A 53 -30.25 -30.87 41.27
CA LYS A 53 -29.96 -29.56 40.70
C LYS A 53 -30.92 -29.26 39.56
N SER A 54 -30.75 -28.08 38.96
CA SER A 54 -31.68 -27.60 37.96
C SER A 54 -31.62 -28.46 36.69
N ARG A 55 -32.60 -28.25 35.82
CA ARG A 55 -32.73 -29.05 34.60
C ARG A 55 -31.65 -28.69 33.59
N VAL A 56 -31.40 -27.39 33.39
CA VAL A 56 -30.41 -26.96 32.41
C VAL A 56 -29.02 -27.42 32.81
N ILE A 57 -28.68 -27.30 34.09
CA ILE A 57 -27.37 -27.75 34.56
C ILE A 57 -27.22 -29.25 34.39
N ARG A 58 -28.32 -29.99 34.41
CA ARG A 58 -28.28 -31.44 34.20
C ARG A 58 -28.20 -31.81 32.72
N ALA A 59 -28.77 -31.00 31.82
CA ALA A 59 -28.80 -31.35 30.41
C ALA A 59 -27.40 -31.42 29.81
N HIS A 60 -26.53 -30.46 30.13
CA HIS A 60 -25.17 -30.51 29.59
C HIS A 60 -24.36 -31.65 30.17
N THR A 61 -24.57 -31.97 31.45
CA THR A 61 -23.91 -33.15 32.04
C THR A 61 -24.37 -34.42 31.35
N ILE A 62 -25.65 -34.51 30.98
CA ILE A 62 -26.13 -35.63 30.20
C ILE A 62 -25.45 -35.65 28.83
N CYS A 63 -25.37 -34.50 28.17
CA CYS A 63 -24.80 -34.41 26.83
C CYS A 63 -23.29 -34.63 26.79
N ARG A 64 -22.61 -34.57 27.93
CA ARG A 64 -21.17 -34.81 27.99
C ARG A 64 -20.81 -36.29 28.07
N ILE A 65 -21.80 -37.18 27.96
CA ILE A 65 -21.50 -38.62 28.04
C ILE A 65 -20.62 -39.11 26.89
N PRO A 66 -20.96 -38.87 25.61
CA PRO A 66 -20.20 -39.55 24.53
C PRO A 66 -18.75 -39.13 24.41
N ASP A 67 -18.35 -37.98 24.96
CA ASP A 67 -16.99 -37.49 24.76
C ASP A 67 -16.01 -38.00 25.81
N ASP A 68 -16.49 -38.37 27.01
CA ASP A 68 -15.62 -38.74 28.11
C ASP A 68 -15.85 -40.16 28.60
N TYR A 69 -16.26 -41.08 27.72
CA TYR A 69 -16.63 -42.43 28.11
C TYR A 69 -16.01 -43.43 27.14
N PHE A 70 -15.04 -44.20 27.62
CA PHE A 70 -14.39 -45.23 26.82
C PHE A 70 -14.34 -46.53 27.62
N GLN A 71 -14.54 -47.65 26.92
CA GLN A 71 -14.50 -48.96 27.54
C GLN A 71 -13.66 -49.90 26.69
N PRO A 72 -12.70 -50.62 27.29
CA PRO A 72 -11.84 -51.52 26.51
C PRO A 72 -12.59 -52.81 26.17
N LEU A 73 -12.63 -53.14 24.89
CA LEU A 73 -13.22 -54.39 24.44
C LEU A 73 -12.13 -55.47 24.36
N GLY A 74 -12.47 -56.62 23.79
CA GLY A 74 -11.53 -57.73 23.75
C GLY A 74 -10.34 -57.47 22.85
N THR A 75 -10.58 -56.87 21.68
CA THR A 75 -9.54 -56.76 20.66
C THR A 75 -8.51 -55.70 21.00
N HIS A 76 -8.90 -54.64 21.73
CA HIS A 76 -7.98 -53.55 22.01
C HIS A 76 -6.78 -54.01 22.81
N LEU A 77 -6.93 -55.04 23.64
CA LEU A 77 -5.79 -55.56 24.38
C LEU A 77 -4.79 -56.25 23.46
N LEU A 78 -5.28 -56.82 22.35
CA LEU A 78 -4.37 -57.35 21.33
C LEU A 78 -3.74 -56.22 20.53
N LEU A 79 -4.54 -55.19 20.21
CA LEU A 79 -4.03 -54.08 19.41
C LEU A 79 -2.93 -53.33 20.14
N SER A 80 -3.10 -53.10 21.44
CA SER A 80 -2.07 -52.40 22.21
C SER A 80 -0.76 -53.16 22.20
N GLU A 81 -0.83 -54.48 22.43
CA GLU A 81 0.39 -55.30 22.41
C GLU A 81 1.05 -55.27 21.04
N ARG A 82 0.26 -55.39 19.97
CA ARG A 82 0.84 -55.41 18.64
C ARG A 82 1.47 -54.08 18.28
N ILE A 83 0.82 -52.97 18.65
CA ILE A 83 1.38 -51.65 18.38
C ILE A 83 2.65 -51.43 19.19
N SER A 84 2.68 -51.90 20.44
CA SER A 84 3.89 -51.77 21.24
C SER A 84 5.04 -52.54 20.62
N VAL A 85 4.78 -53.78 20.18
CA VAL A 85 5.85 -54.58 19.57
C VAL A 85 6.31 -53.95 18.27
N MET A 86 5.38 -53.45 17.46
CA MET A 86 5.70 -52.90 16.14
C MET A 86 6.29 -51.49 16.22
N ILE A 87 6.16 -50.81 17.35
CA ILE A 87 6.85 -49.53 17.55
C ILE A 87 8.16 -49.70 18.29
N ARG A 88 8.37 -50.81 18.99
CA ARG A 88 9.67 -51.10 19.59
C ARG A 88 10.61 -51.81 18.62
N GLY A 89 10.08 -52.55 17.67
CA GLY A 89 10.90 -53.25 16.71
C GLY A 89 11.47 -52.40 15.59
N GLY A 90 11.14 -51.12 15.54
CA GLY A 90 11.62 -50.22 14.52
C GLY A 90 12.77 -49.33 14.94
N TYR A 91 13.41 -49.60 16.08
CA TYR A 91 14.54 -48.81 16.53
C TYR A 91 15.82 -49.62 16.72
N VAL A 92 15.77 -50.94 16.57
CA VAL A 92 16.96 -51.77 16.73
C VAL A 92 17.91 -51.65 15.57
N GLY A 93 17.44 -51.15 14.42
CA GLY A 93 18.29 -50.94 13.27
C GLY A 93 18.69 -49.51 13.01
N ARG A 94 18.48 -48.60 13.95
CA ARG A 94 18.84 -47.19 13.82
C ARG A 94 19.51 -46.70 15.10
N ASN A 95 20.41 -47.51 15.63
CA ASN A 95 21.11 -47.21 16.86
C ASN A 95 22.16 -46.12 16.62
N PRO A 96 22.13 -45.01 17.37
CA PRO A 96 23.17 -43.98 17.19
C PRO A 96 24.45 -44.26 17.96
N LYS A 97 24.42 -45.09 19.00
CA LYS A 97 25.62 -45.33 19.80
C LYS A 97 26.63 -46.16 19.02
N THR A 98 26.19 -47.26 18.40
CA THR A 98 27.08 -48.17 17.70
C THR A 98 27.27 -47.80 16.24
N GLY A 99 26.92 -46.58 15.84
CA GLY A 99 27.11 -46.16 14.47
C GLY A 99 26.23 -46.88 13.48
N ASP A 100 24.93 -46.69 13.59
CA ASP A 100 23.97 -47.23 12.63
C ASP A 100 23.06 -46.17 12.04
N LEU A 101 22.68 -45.16 12.82
CA LEU A 101 21.89 -44.05 12.29
C LEU A 101 22.69 -43.27 11.26
N GLN A 102 24.01 -43.14 11.46
CA GLN A 102 24.83 -42.38 10.52
C GLN A 102 24.86 -43.04 9.14
N LYS A 103 24.86 -44.36 9.07
CA LYS A 103 24.79 -45.03 7.78
C LYS A 103 23.39 -44.94 7.19
N HIS A 104 22.35 -45.09 8.02
CA HIS A 104 20.98 -44.98 7.52
C HIS A 104 20.65 -43.56 7.07
N LEU A 105 21.39 -42.57 7.57
CA LEU A 105 21.15 -41.19 7.18
C LEU A 105 22.07 -40.73 6.06
N GLN A 106 23.26 -41.33 5.95
CA GLN A 106 24.16 -40.96 4.86
C GLN A 106 23.66 -41.50 3.52
N ASN A 107 23.07 -42.69 3.52
CA ASN A 107 22.52 -43.27 2.30
C ASN A 107 21.40 -42.40 1.73
N GLY A 108 20.57 -41.84 2.61
CA GLY A 108 19.43 -41.04 2.16
C GLY A 108 19.81 -39.80 1.38
N TYR A 109 21.04 -39.32 1.53
CA TYR A 109 21.49 -38.19 0.72
C TYR A 109 21.68 -38.60 -0.74
N GLU A 110 22.16 -39.82 -0.96
CA GLU A 110 22.38 -40.27 -2.33
C GLU A 110 21.06 -40.40 -3.10
N ARG A 111 20.02 -40.92 -2.45
CA ARG A 111 18.72 -40.98 -3.11
C ARG A 111 18.19 -39.61 -3.44
N VAL A 112 18.48 -38.61 -2.60
CA VAL A 112 18.09 -37.23 -2.92
C VAL A 112 18.86 -36.74 -4.13
N GLN A 113 20.16 -37.05 -4.20
CA GLN A 113 20.98 -36.55 -5.31
C GLN A 113 20.55 -37.13 -6.65
N THR A 114 20.41 -38.47 -6.72
CA THR A 114 20.14 -39.09 -8.01
C THR A 114 18.66 -39.17 -8.33
N GLY A 115 17.80 -39.21 -7.32
CA GLY A 115 16.37 -39.30 -7.53
C GLY A 115 15.81 -40.70 -7.62
N GLU A 116 16.55 -41.71 -7.18
CA GLU A 116 16.08 -43.09 -7.17
C GLU A 116 16.14 -43.63 -5.75
N LEU A 117 15.12 -44.39 -5.37
CA LEU A 117 15.00 -44.89 -4.00
C LEU A 117 15.70 -46.23 -3.78
N GLU A 118 16.26 -46.84 -4.82
CA GLU A 118 16.98 -48.09 -4.69
C GLU A 118 18.48 -47.90 -4.61
N THR A 119 18.96 -46.66 -4.60
CA THR A 119 20.39 -46.38 -4.50
C THR A 119 20.86 -46.61 -3.07
N PHE A 120 21.96 -47.35 -2.92
CA PHE A 120 22.51 -47.67 -1.61
C PHE A 120 24.02 -47.49 -1.65
N ARG A 121 24.57 -46.94 -0.56
CA ARG A 121 26.01 -46.76 -0.42
C ARG A 121 26.64 -47.79 0.50
N PHE A 122 25.99 -48.11 1.61
CA PHE A 122 26.49 -49.08 2.58
C PHE A 122 25.58 -50.31 2.55
N GLU A 123 26.12 -51.44 2.09
CA GLU A 123 25.36 -52.68 2.06
C GLU A 123 25.15 -53.25 3.45
N GLU A 124 25.90 -52.79 4.45
CA GLU A 124 25.75 -53.29 5.81
C GLU A 124 24.52 -52.75 6.50
N ALA A 125 23.93 -51.67 6.00
CA ALA A 125 22.75 -51.06 6.62
C ALA A 125 21.55 -51.97 6.42
N ARG A 126 21.01 -52.49 7.51
CA ARG A 126 19.84 -53.35 7.49
C ARG A 126 18.70 -52.68 8.24
N SER A 127 17.48 -52.78 7.70
CA SER A 127 16.31 -52.13 8.26
C SER A 127 15.30 -53.18 8.71
N THR A 128 14.70 -52.95 9.88
CA THR A 128 13.67 -53.81 10.43
C THR A 128 12.40 -52.99 10.64
N ALA A 129 11.29 -53.48 10.10
CA ALA A 129 10.01 -52.77 10.22
C ALA A 129 8.88 -53.77 10.03
N GLN A 130 7.68 -53.33 10.44
CA GLN A 130 6.48 -54.14 10.35
C GLN A 130 5.37 -53.33 9.69
N SER A 131 4.30 -54.02 9.32
CA SER A 131 3.15 -53.38 8.68
C SER A 131 1.87 -54.05 9.13
N LEU A 132 0.78 -53.28 9.12
CA LEU A 132 -0.52 -53.76 9.51
C LEU A 132 -1.60 -52.96 8.78
N LEU A 133 -2.78 -53.56 8.65
CA LEU A 133 -3.97 -52.85 8.21
C LEU A 133 -5.11 -53.17 9.15
N LEU A 134 -5.96 -52.18 9.40
CA LEU A 134 -7.03 -52.25 10.38
C LEU A 134 -8.35 -51.90 9.69
N ILE A 135 -9.01 -52.92 9.14
CA ILE A 135 -10.24 -52.74 8.39
C ILE A 135 -11.43 -53.02 9.31
N GLY A 136 -12.36 -52.07 9.38
CA GLY A 136 -13.54 -52.24 10.21
C GLY A 136 -14.69 -51.43 9.67
N CYS A 137 -15.90 -51.86 10.03
CA CYS A 137 -17.11 -51.18 9.61
C CYS A 137 -17.15 -49.77 10.19
N SER A 138 -17.75 -48.85 9.43
CA SER A 138 -17.82 -47.47 9.87
C SER A 138 -18.65 -47.35 11.14
N GLY A 139 -18.29 -46.39 11.98
CA GLY A 139 -18.95 -46.20 13.24
C GLY A 139 -18.50 -47.15 14.35
N SER A 140 -17.49 -47.96 14.12
CA SER A 140 -17.02 -48.92 15.11
C SER A 140 -15.98 -48.34 16.06
N GLY A 141 -15.69 -47.04 15.97
CA GLY A 141 -14.77 -46.41 16.90
C GLY A 141 -13.34 -46.88 16.80
N LYS A 142 -12.78 -46.89 15.59
CA LYS A 142 -11.41 -47.31 15.40
C LYS A 142 -10.40 -46.17 15.50
N THR A 143 -10.84 -44.92 15.26
CA THR A 143 -9.93 -43.79 15.41
C THR A 143 -9.67 -43.48 16.88
N THR A 144 -10.72 -43.49 17.70
CA THR A 144 -10.56 -43.25 19.12
C THR A 144 -9.70 -44.32 19.79
N SER A 145 -9.76 -45.55 19.29
CA SER A 145 -8.85 -46.58 19.79
C SER A 145 -7.40 -46.22 19.52
N LEU A 146 -7.09 -45.65 18.35
CA LEU A 146 -5.74 -45.22 18.02
C LEU A 146 -5.39 -43.86 18.59
N HIS A 147 -6.33 -43.19 19.25
CA HIS A 147 -6.00 -42.01 20.03
C HIS A 147 -5.92 -42.29 21.53
N ARG A 148 -6.38 -43.45 21.98
CA ARG A 148 -6.23 -43.82 23.38
C ARG A 148 -5.18 -44.88 23.65
N ILE A 149 -4.94 -45.81 22.71
CA ILE A 149 -3.82 -46.73 22.85
C ILE A 149 -2.50 -45.99 22.67
N LEU A 150 -2.44 -45.10 21.69
CA LEU A 150 -1.22 -44.41 21.30
C LEU A 150 -1.09 -43.07 22.00
N ALA A 151 -1.64 -42.96 23.21
CA ALA A 151 -1.50 -41.77 24.04
C ALA A 151 -0.69 -42.02 25.30
N THR A 152 -0.28 -43.27 25.54
CA THR A 152 0.61 -43.54 26.66
C THR A 152 2.02 -43.05 26.35
N TYR A 153 2.48 -43.23 25.12
CA TYR A 153 3.79 -42.74 24.73
C TYR A 153 3.75 -41.24 24.50
N PRO A 154 4.60 -40.46 25.18
CA PRO A 154 4.68 -39.04 24.87
C PRO A 154 5.23 -38.83 23.47
N GLN A 155 4.87 -37.70 22.87
CA GLN A 155 5.14 -37.51 21.45
C GLN A 155 6.58 -37.08 21.19
N VAL A 156 7.02 -35.99 21.81
CA VAL A 156 8.35 -35.44 21.55
C VAL A 156 9.16 -35.54 22.84
N ILE A 157 10.24 -36.32 22.78
CA ILE A 157 11.19 -36.46 23.89
C ILE A 157 12.53 -35.91 23.44
N TYR A 158 13.16 -35.11 24.29
CA TYR A 158 14.42 -34.43 23.97
C TYR A 158 15.56 -35.08 24.73
N HIS A 159 16.58 -35.55 24.01
CA HIS A 159 17.77 -36.11 24.64
C HIS A 159 18.79 -35.01 24.89
N ARG A 160 19.86 -35.36 25.62
CA ARG A 160 20.90 -34.39 25.94
C ARG A 160 22.32 -34.84 25.59
N GLU A 161 22.62 -36.14 25.64
CA GLU A 161 23.91 -36.60 25.14
C GLU A 161 24.01 -36.35 23.64
N LEU A 162 23.01 -36.80 22.89
CA LEU A 162 22.80 -36.35 21.52
C LEU A 162 22.07 -35.01 21.55
N ASN A 163 21.59 -34.59 20.38
CA ASN A 163 20.70 -33.45 20.30
C ASN A 163 19.41 -33.80 19.56
N VAL A 164 19.14 -35.09 19.37
CA VAL A 164 17.97 -35.53 18.63
C VAL A 164 16.71 -35.27 19.45
N GLU A 165 15.69 -34.72 18.79
CA GLU A 165 14.37 -34.52 19.37
C GLU A 165 13.46 -35.59 18.79
N GLN A 166 13.41 -36.74 19.46
CA GLN A 166 12.67 -37.88 18.95
C GLN A 166 11.18 -37.60 18.95
N VAL A 167 10.51 -37.97 17.85
CA VAL A 167 9.05 -37.96 17.76
C VAL A 167 8.58 -39.41 17.71
N VAL A 168 7.71 -39.79 18.64
CA VAL A 168 7.36 -41.19 18.80
C VAL A 168 6.31 -41.62 17.78
N TYR A 169 5.26 -40.83 17.61
CA TYR A 169 4.20 -41.19 16.68
C TYR A 169 3.70 -39.95 15.93
N LEU A 170 3.26 -40.17 14.69
CA LEU A 170 2.74 -39.12 13.83
C LEU A 170 1.58 -39.68 13.03
N LYS A 171 0.54 -38.86 12.85
CA LYS A 171 -0.68 -39.30 12.18
C LYS A 171 -1.06 -38.28 11.10
N ILE A 172 -1.33 -38.78 9.89
CA ILE A 172 -1.71 -37.94 8.77
C ILE A 172 -3.02 -38.44 8.20
N ASP A 173 -3.67 -37.58 7.41
CA ASP A 173 -4.92 -37.91 6.73
C ASP A 173 -4.73 -37.66 5.24
N CYS A 174 -5.00 -38.69 4.43
CA CYS A 174 -4.88 -38.56 2.98
C CYS A 174 -5.86 -37.53 2.45
N SER A 175 -5.44 -36.82 1.40
CA SER A 175 -6.30 -35.82 0.79
C SER A 175 -7.50 -36.46 0.12
N HIS A 176 -8.58 -35.69 0.02
CA HIS A 176 -9.83 -36.24 -0.51
C HIS A 176 -9.69 -36.64 -1.97
N ASN A 177 -8.99 -35.84 -2.77
CA ASN A 177 -8.76 -36.21 -4.16
C ASN A 177 -7.72 -37.32 -4.31
N GLY A 178 -6.88 -37.52 -3.30
CA GLY A 178 -5.85 -38.53 -3.38
C GLY A 178 -4.69 -38.16 -4.28
N SER A 179 -4.54 -36.87 -4.59
CA SER A 179 -3.45 -36.42 -5.46
C SER A 179 -2.10 -36.75 -4.84
N LEU A 180 -1.16 -37.20 -5.67
CA LEU A 180 0.11 -37.70 -5.21
C LEU A 180 1.00 -36.64 -4.56
N LYS A 181 0.69 -35.36 -4.72
CA LYS A 181 1.49 -34.32 -4.11
C LYS A 181 1.02 -33.93 -2.72
N GLU A 182 -0.27 -34.07 -2.42
CA GLU A 182 -0.79 -33.57 -1.15
C GLU A 182 -0.51 -34.48 0.03
N ILE A 183 -0.31 -35.78 -0.18
CA ILE A 183 0.16 -36.63 0.92
C ILE A 183 1.56 -36.19 1.36
N CYS A 184 2.44 -35.95 0.39
CA CYS A 184 3.78 -35.46 0.71
C CYS A 184 3.74 -34.05 1.29
N LEU A 185 2.77 -33.24 0.86
CA LEU A 185 2.65 -31.89 1.38
C LEU A 185 1.95 -31.82 2.73
N ASN A 186 1.28 -32.91 3.14
CA ASN A 186 0.64 -32.99 4.44
C ASN A 186 1.48 -33.75 5.44
N PHE A 187 2.47 -34.51 5.00
CA PHE A 187 3.44 -35.06 5.95
C PHE A 187 4.31 -33.96 6.55
N PHE A 188 4.58 -32.91 5.78
CA PHE A 188 5.29 -31.75 6.30
C PHE A 188 4.36 -30.76 7.00
N ARG A 189 3.17 -31.21 7.40
CA ARG A 189 2.22 -30.37 8.13
C ARG A 189 1.68 -31.06 9.37
N ALA A 190 2.28 -32.18 9.75
CA ALA A 190 2.09 -32.82 11.06
C ALA A 190 3.36 -32.79 11.88
N LEU A 191 4.50 -33.11 11.27
CA LEU A 191 5.81 -32.81 11.81
C LEU A 191 6.06 -31.31 11.89
N ASP A 192 5.17 -30.50 11.31
CA ASP A 192 5.26 -29.06 11.36
C ASP A 192 4.56 -28.46 12.57
N ARG A 193 3.53 -29.13 13.09
CA ARG A 193 2.80 -28.68 14.27
C ARG A 193 3.21 -29.42 15.52
N ALA A 194 3.44 -30.74 15.43
CA ALA A 194 3.85 -31.49 16.60
C ALA A 194 5.25 -31.11 17.09
N LEU A 195 6.01 -30.36 16.28
CA LEU A 195 7.37 -29.97 16.64
C LEU A 195 7.58 -28.46 16.71
N GLY A 196 6.72 -27.66 16.10
CA GLY A 196 6.90 -26.23 16.08
C GLY A 196 8.07 -25.78 15.24
N SER A 197 7.98 -25.97 13.93
CA SER A 197 9.04 -25.61 13.00
C SER A 197 8.40 -25.07 11.73
N ASN A 198 9.18 -24.97 10.66
CA ASN A 198 8.69 -24.49 9.37
C ASN A 198 9.27 -25.32 8.22
N TYR A 199 9.24 -26.66 8.37
CA TYR A 199 9.72 -27.54 7.31
C TYR A 199 8.96 -27.34 6.01
N GLU A 200 7.67 -26.98 6.11
CA GLU A 200 6.84 -26.79 4.92
C GLU A 200 7.40 -25.70 4.01
N ARG A 201 7.85 -24.59 4.59
CA ARG A 201 8.34 -23.49 3.77
C ARG A 201 9.63 -23.85 3.04
N ARG A 202 10.53 -24.58 3.70
CA ARG A 202 11.81 -24.90 3.07
C ARG A 202 11.74 -26.14 2.18
N TYR A 203 10.68 -26.94 2.25
CA TYR A 203 10.61 -28.16 1.46
C TYR A 203 9.43 -28.23 0.50
N GLY A 204 8.40 -27.40 0.68
CA GLY A 204 7.22 -27.52 -0.15
C GLY A 204 7.02 -26.40 -1.15
N LEU A 205 7.37 -25.17 -0.78
CA LEU A 205 7.14 -24.04 -1.68
C LEU A 205 8.09 -24.07 -2.87
N LYS A 206 9.34 -24.52 -2.68
CA LYS A 206 10.25 -24.70 -3.79
C LYS A 206 9.74 -25.82 -4.69
N ARG A 207 9.38 -25.49 -5.92
CA ARG A 207 8.72 -26.44 -6.82
C ARG A 207 9.70 -27.55 -7.20
N HIS A 208 9.50 -28.73 -6.62
CA HIS A 208 10.25 -29.92 -6.97
C HIS A 208 9.32 -30.93 -7.62
N GLY A 209 9.92 -31.91 -8.29
CA GLY A 209 9.15 -33.03 -8.79
C GLY A 209 8.74 -33.98 -7.68
N ILE A 210 7.80 -34.85 -7.99
CA ILE A 210 7.33 -35.84 -7.02
C ILE A 210 8.45 -36.80 -6.65
N GLU A 211 9.34 -37.11 -7.59
CA GLU A 211 10.41 -38.08 -7.34
C GLU A 211 11.35 -37.60 -6.25
N THR A 212 11.74 -36.33 -6.28
CA THR A 212 12.62 -35.80 -5.25
C THR A 212 11.86 -35.52 -3.94
N MET A 213 10.61 -35.08 -4.05
CA MET A 213 9.79 -34.85 -2.87
C MET A 213 9.53 -36.12 -2.09
N LEU A 214 9.56 -37.28 -2.76
CA LEU A 214 9.40 -38.54 -2.06
C LEU A 214 10.63 -38.93 -1.25
N ALA A 215 11.83 -38.61 -1.77
CA ALA A 215 13.05 -38.89 -1.03
C ALA A 215 13.28 -37.88 0.09
N LEU A 216 12.83 -36.65 -0.08
CA LEU A 216 12.95 -35.66 0.98
C LEU A 216 12.17 -36.10 2.22
N MET A 217 10.98 -36.67 2.02
CA MET A 217 10.22 -37.24 3.13
C MET A 217 11.02 -38.33 3.83
N SER A 218 11.56 -39.28 3.07
CA SER A 218 12.23 -40.44 3.65
C SER A 218 13.52 -40.06 4.34
N GLN A 219 14.12 -38.93 4.00
CA GLN A 219 15.31 -38.50 4.72
C GLN A 219 15.00 -37.59 5.91
N ILE A 220 13.97 -36.75 5.80
CA ILE A 220 13.58 -35.92 6.94
C ILE A 220 13.02 -36.79 8.06
N ALA A 221 12.29 -37.86 7.72
CA ALA A 221 11.79 -38.76 8.74
C ALA A 221 12.91 -39.43 9.52
N ASN A 222 14.08 -39.64 8.91
CA ASN A 222 15.23 -40.17 9.62
C ASN A 222 16.16 -39.08 10.16
N ALA A 223 15.89 -37.81 9.85
CA ALA A 223 16.61 -36.74 10.54
C ALA A 223 16.33 -36.77 12.03
N HIS A 224 15.05 -36.91 12.39
CA HIS A 224 14.64 -37.28 13.74
C HIS A 224 14.66 -38.80 13.85
N ALA A 225 14.03 -39.33 14.89
CA ALA A 225 13.83 -40.77 15.03
C ALA A 225 12.34 -41.03 15.01
N LEU A 226 11.78 -41.12 13.80
CA LEU A 226 10.36 -41.34 13.64
C LEU A 226 10.01 -42.76 14.06
N GLY A 227 8.98 -42.91 14.87
CA GLY A 227 8.59 -44.21 15.37
C GLY A 227 7.47 -44.85 14.58
N LEU A 228 6.42 -44.09 14.30
CA LEU A 228 5.24 -44.63 13.65
C LEU A 228 4.60 -43.58 12.76
N LEU A 229 4.36 -43.96 11.50
CA LEU A 229 3.60 -43.14 10.55
C LEU A 229 2.32 -43.90 10.22
N VAL A 230 1.25 -43.61 10.96
CA VAL A 230 -0.04 -44.27 10.75
C VAL A 230 -0.87 -43.40 9.82
N ILE A 231 -1.42 -44.03 8.78
CA ILE A 231 -2.14 -43.33 7.72
C ILE A 231 -3.63 -43.64 7.88
N ASP A 232 -4.42 -42.63 8.19
CA ASP A 232 -5.86 -42.77 8.29
C ASP A 232 -6.53 -42.36 6.99
N GLU A 233 -7.75 -42.87 6.79
CA GLU A 233 -8.59 -42.51 5.65
C GLU A 233 -7.88 -42.85 4.33
N ILE A 234 -7.66 -44.15 4.13
CA ILE A 234 -6.92 -44.63 2.97
C ILE A 234 -7.80 -44.86 1.75
N GLN A 235 -9.13 -44.83 1.92
CA GLN A 235 -10.03 -45.07 0.80
C GLN A 235 -9.92 -44.03 -0.30
N HIS A 236 -9.49 -42.80 0.03
CA HIS A 236 -9.35 -41.76 -0.98
C HIS A 236 -8.26 -42.06 -2.00
N LEU A 237 -7.38 -43.03 -1.72
CA LEU A 237 -6.30 -43.35 -2.66
C LEU A 237 -6.83 -43.90 -3.97
N SER A 238 -8.01 -44.54 -3.94
CA SER A 238 -8.58 -45.12 -5.16
C SER A 238 -9.11 -44.06 -6.11
N ARG A 239 -9.33 -42.84 -5.64
CA ARG A 239 -9.97 -41.79 -6.41
C ARG A 239 -8.99 -40.90 -7.18
N SER A 240 -7.70 -41.20 -7.12
CA SER A 240 -6.71 -40.37 -7.79
C SER A 240 -6.68 -40.67 -9.28
N ARG A 241 -5.79 -39.99 -10.00
CA ARG A 241 -5.65 -40.17 -11.43
C ARG A 241 -4.98 -41.51 -11.73
N SER A 242 -4.85 -41.81 -13.02
CA SER A 242 -4.24 -43.06 -13.46
C SER A 242 -2.75 -43.09 -13.09
N GLY A 243 -2.27 -44.27 -12.73
CA GLY A 243 -0.88 -44.45 -12.36
C GLY A 243 -0.55 -44.11 -10.93
N GLY A 244 -1.52 -43.63 -10.14
CA GLY A 244 -1.27 -43.29 -8.76
C GLY A 244 -1.83 -44.32 -7.79
N SER A 245 -2.72 -45.18 -8.29
CA SER A 245 -3.30 -46.21 -7.44
C SER A 245 -2.24 -47.20 -6.97
N GLN A 246 -1.29 -47.53 -7.84
CA GLN A 246 -0.21 -48.44 -7.49
C GLN A 246 1.05 -47.74 -7.02
N GLU A 247 1.22 -46.47 -7.37
CA GLU A 247 2.45 -45.75 -7.03
C GLU A 247 2.65 -45.66 -5.52
N MET A 248 1.60 -45.29 -4.79
CA MET A 248 1.67 -45.25 -3.34
C MET A 248 1.08 -46.50 -2.68
N LEU A 249 0.98 -47.59 -3.43
CA LEU A 249 0.97 -48.92 -2.84
C LEU A 249 2.30 -49.62 -3.04
N ASN A 250 3.22 -49.00 -3.78
CA ASN A 250 4.61 -49.44 -3.86
C ASN A 250 5.56 -48.56 -3.08
N PHE A 251 5.28 -47.26 -2.96
CA PHE A 251 6.13 -46.38 -2.15
C PHE A 251 5.98 -46.69 -0.67
N PHE A 252 4.79 -47.07 -0.23
CA PHE A 252 4.57 -47.37 1.18
C PHE A 252 5.02 -48.77 1.56
N VAL A 253 5.46 -49.59 0.61
CA VAL A 253 6.17 -50.81 0.93
C VAL A 253 7.67 -50.65 0.69
N THR A 254 8.08 -49.70 -0.15
CA THR A 254 9.48 -49.32 -0.22
C THR A 254 9.96 -48.71 1.09
N MET A 255 9.13 -47.86 1.69
CA MET A 255 9.50 -47.21 2.95
C MET A 255 9.68 -48.22 4.07
N VAL A 256 8.80 -49.22 4.14
CA VAL A 256 8.89 -50.21 5.20
C VAL A 256 10.10 -51.11 5.00
N ASN A 257 10.37 -51.52 3.76
CA ASN A 257 11.42 -52.50 3.49
C ASN A 257 12.81 -51.86 3.52
N ILE A 258 12.97 -50.72 2.84
CA ILE A 258 14.29 -50.14 2.62
C ILE A 258 14.61 -49.08 3.65
N ILE A 259 13.77 -48.04 3.72
CA ILE A 259 14.07 -46.89 4.58
C ILE A 259 14.04 -47.30 6.05
N GLY A 260 13.03 -48.05 6.45
CA GLY A 260 12.95 -48.55 7.81
C GLY A 260 12.07 -47.77 8.76
N VAL A 261 10.99 -47.18 8.30
CA VAL A 261 10.03 -46.49 9.15
C VAL A 261 8.73 -47.29 9.15
N PRO A 262 8.28 -47.81 10.29
CA PRO A 262 7.06 -48.62 10.30
C PRO A 262 5.85 -47.81 9.88
N VAL A 263 4.92 -48.49 9.20
CA VAL A 263 3.73 -47.85 8.65
C VAL A 263 2.53 -48.77 8.87
N MET A 264 1.43 -48.19 9.35
CA MET A 264 0.17 -48.90 9.50
C MET A 264 -0.93 -48.13 8.79
N LEU A 265 -1.79 -48.86 8.06
CA LEU A 265 -2.84 -48.26 7.25
C LEU A 265 -4.21 -48.61 7.85
N ILE A 266 -5.09 -47.62 7.89
CA ILE A 266 -6.43 -47.77 8.43
C ILE A 266 -7.44 -47.34 7.37
N GLY A 267 -8.45 -48.18 7.13
CA GLY A 267 -9.42 -47.88 6.09
C GLY A 267 -10.71 -48.62 6.25
N THR A 268 -11.67 -48.25 5.39
CA THR A 268 -13.00 -48.81 5.34
C THR A 268 -13.01 -50.09 4.50
N PRO A 269 -14.03 -50.95 4.65
CA PRO A 269 -14.07 -52.18 3.85
C PRO A 269 -14.08 -51.98 2.34
N LYS A 270 -14.58 -50.84 1.83
CA LYS A 270 -14.61 -50.69 0.38
C LYS A 270 -13.25 -50.31 -0.20
N ALA A 271 -12.25 -50.07 0.65
CA ALA A 271 -10.89 -49.84 0.20
C ALA A 271 -10.06 -51.12 0.15
N ARG A 272 -10.66 -52.27 0.46
CA ARG A 272 -9.96 -53.54 0.39
C ARG A 272 -9.71 -53.99 -1.05
N GLU A 273 -10.51 -53.48 -2.00
CA GLU A 273 -10.41 -53.93 -3.38
C GLU A 273 -9.06 -53.57 -3.99
N ILE A 274 -8.57 -52.36 -3.75
CA ILE A 274 -7.27 -51.96 -4.32
C ILE A 274 -6.14 -52.77 -3.71
N PHE A 275 -6.24 -53.11 -2.42
CA PHE A 275 -5.26 -54.02 -1.83
C PHE A 275 -5.33 -55.38 -2.48
N GLU A 276 -6.53 -55.88 -2.75
CA GLU A 276 -6.74 -57.18 -3.38
C GLU A 276 -6.74 -57.10 -4.90
N ALA A 277 -6.53 -55.91 -5.48
CA ALA A 277 -6.40 -55.80 -6.93
C ALA A 277 -5.15 -56.50 -7.45
N ASP A 278 -4.18 -56.77 -6.58
CA ASP A 278 -2.96 -57.44 -6.96
C ASP A 278 -3.22 -58.89 -7.38
N PHE A 288 1.54 -59.03 4.71
CA PHE A 288 1.10 -58.11 5.74
C PHE A 288 0.01 -58.74 6.62
N GLY A 289 0.16 -58.61 7.93
CA GLY A 289 -0.84 -59.12 8.84
C GLY A 289 -2.14 -58.33 8.72
N ALA A 290 -3.26 -59.04 8.76
CA ALA A 290 -4.58 -58.46 8.57
C ALA A 290 -5.41 -58.65 9.81
N ILE A 291 -5.96 -57.55 10.33
CA ILE A 291 -6.89 -57.58 11.46
C ILE A 291 -8.21 -56.99 11.00
N PHE A 292 -9.28 -57.76 11.12
CA PHE A 292 -10.60 -57.36 10.67
C PHE A 292 -11.47 -57.03 11.88
N TRP A 293 -12.13 -55.87 11.83
CA TRP A 293 -13.01 -55.42 12.90
C TRP A 293 -14.46 -55.53 12.44
N ASP A 294 -15.31 -56.08 13.29
CA ASP A 294 -16.72 -56.28 12.98
C ASP A 294 -17.59 -55.70 14.08
N PRO A 295 -18.81 -55.26 13.76
CA PRO A 295 -19.72 -54.78 14.79
C PRO A 295 -20.05 -55.88 15.80
N ILE A 296 -20.21 -55.46 17.05
CA ILE A 296 -20.44 -56.42 18.13
C ILE A 296 -21.80 -57.09 17.95
N GLN A 297 -21.88 -58.35 18.38
CA GLN A 297 -23.12 -59.12 18.34
C GLN A 297 -23.30 -59.84 19.66
N GLN A 298 -24.56 -59.95 20.10
CA GLN A 298 -24.84 -60.65 21.35
C GLN A 298 -24.79 -62.17 21.18
N THR A 299 -25.13 -62.67 20.00
CA THR A 299 -25.28 -64.11 19.78
C THR A 299 -23.94 -64.75 19.41
N GLN A 300 -23.06 -64.81 20.41
CA GLN A 300 -21.77 -65.48 20.27
C GLN A 300 -21.96 -66.96 20.56
N ARG A 301 -21.91 -67.78 19.51
CA ARG A 301 -22.17 -69.23 19.57
C ARG A 301 -23.60 -69.42 20.09
N GLY A 302 -23.83 -70.30 21.06
CA GLY A 302 -25.16 -70.62 21.50
C GLY A 302 -25.71 -69.83 22.67
N LYS A 303 -24.92 -68.95 23.27
CA LYS A 303 -25.38 -68.19 24.42
C LYS A 303 -25.07 -66.71 24.22
N PRO A 304 -25.84 -65.82 24.86
CA PRO A 304 -25.57 -64.38 24.71
C PRO A 304 -24.19 -64.00 25.23
N ASN A 305 -23.56 -63.05 24.54
CA ASN A 305 -22.21 -62.63 24.87
C ASN A 305 -22.19 -61.83 26.16
N GLN A 306 -21.11 -61.98 26.92
CA GLN A 306 -20.95 -61.26 28.17
C GLN A 306 -20.54 -59.81 27.95
N GLU A 307 -19.80 -59.53 26.86
CA GLU A 307 -19.32 -58.17 26.62
C GLU A 307 -20.49 -57.20 26.42
N TRP A 308 -21.51 -57.62 25.68
CA TRP A 308 -22.67 -56.77 25.43
C TRP A 308 -23.36 -56.42 26.74
N ILE A 309 -23.57 -57.42 27.61
CA ILE A 309 -24.25 -57.17 28.87
C ILE A 309 -23.43 -56.26 29.77
N ALA A 310 -22.12 -56.52 29.86
CA ALA A 310 -21.26 -55.70 30.70
C ALA A 310 -21.23 -54.25 30.23
N PHE A 311 -21.09 -54.04 28.92
CA PHE A 311 -21.08 -52.68 28.39
C PHE A 311 -22.42 -51.99 28.60
N THR A 312 -23.53 -52.70 28.40
CA THR A 312 -24.83 -52.09 28.60
C THR A 312 -25.02 -51.67 30.06
N ASP A 313 -24.62 -52.52 31.01
CA ASP A 313 -24.72 -52.13 32.41
C ASP A 313 -23.82 -50.94 32.74
N ASN A 314 -22.60 -50.94 32.21
CA ASN A 314 -21.67 -49.83 32.49
C ASN A 314 -22.22 -48.52 31.95
N LEU A 315 -22.79 -48.53 30.75
CA LEU A 315 -23.40 -47.31 30.21
C LEU A 315 -24.67 -46.96 30.98
N TRP A 316 -25.43 -47.96 31.41
CA TRP A 316 -26.70 -47.74 32.08
C TRP A 316 -26.50 -47.06 33.44
N GLN A 317 -25.41 -47.37 34.13
CA GLN A 317 -25.22 -46.72 35.43
C GLN A 317 -24.83 -45.23 35.33
N LEU A 318 -24.92 -44.57 34.17
CA LEU A 318 -24.61 -43.16 34.04
C LEU A 318 -25.84 -42.28 33.88
N GLN A 319 -27.03 -42.79 34.19
CA GLN A 319 -28.25 -42.02 34.04
C GLN A 319 -28.28 -40.83 34.99
N LEU A 320 -28.98 -39.79 34.57
CA LEU A 320 -29.10 -38.54 35.33
C LEU A 320 -30.56 -38.10 35.41
N LEU A 321 -31.44 -39.04 35.74
CA LEU A 321 -32.87 -38.77 35.86
C LEU A 321 -33.31 -38.97 37.30
N GLN A 322 -34.19 -38.08 37.77
CA GLN A 322 -34.56 -38.09 39.18
C GLN A 322 -35.32 -39.35 39.57
N ARG A 323 -36.19 -39.84 38.68
CA ARG A 323 -36.96 -41.06 38.94
C ARG A 323 -36.64 -42.06 37.83
N LYS A 324 -35.78 -43.02 38.13
CA LYS A 324 -35.31 -43.98 37.16
C LYS A 324 -35.37 -45.39 37.75
N ASP A 325 -35.38 -46.37 36.85
CA ASP A 325 -35.29 -47.77 37.25
C ASP A 325 -33.83 -48.17 37.41
N ALA A 326 -33.42 -48.46 38.64
CA ALA A 326 -32.01 -48.78 38.90
C ALA A 326 -31.59 -50.06 38.21
N LEU A 327 -32.44 -51.09 38.24
CA LEU A 327 -32.13 -52.37 37.61
C LEU A 327 -32.60 -52.36 36.16
N LEU A 328 -31.82 -53.00 35.30
CA LEU A 328 -32.12 -53.04 33.88
C LEU A 328 -32.98 -54.24 33.54
N SER A 329 -33.77 -54.11 32.48
CA SER A 329 -34.64 -55.17 31.98
C SER A 329 -34.12 -55.67 30.65
N ASP A 330 -34.37 -56.97 30.39
CA ASP A 330 -33.87 -57.59 29.16
C ASP A 330 -34.59 -57.09 27.91
N GLU A 331 -35.82 -56.61 28.05
CA GLU A 331 -36.55 -56.08 26.90
C GLU A 331 -35.85 -54.85 26.33
N VAL A 332 -35.32 -53.99 27.21
CA VAL A 332 -34.57 -52.82 26.74
C VAL A 332 -33.32 -53.25 26.00
N ARG A 333 -32.64 -54.29 26.47
CA ARG A 333 -31.47 -54.82 25.77
C ARG A 333 -31.83 -55.33 24.39
N ASP A 334 -32.94 -56.07 24.29
CA ASP A 334 -33.36 -56.57 22.99
C ASP A 334 -33.77 -55.44 22.06
N VAL A 335 -34.41 -54.39 22.59
CA VAL A 335 -34.75 -53.23 21.77
C VAL A 335 -33.49 -52.54 21.27
N TRP A 336 -32.48 -52.39 22.13
CA TRP A 336 -31.22 -51.82 21.69
C TRP A 336 -30.58 -52.65 20.58
N TYR A 337 -30.56 -53.97 20.74
CA TYR A 337 -29.89 -54.80 19.74
C TYR A 337 -30.68 -54.90 18.45
N GLU A 338 -32.00 -54.67 18.49
CA GLU A 338 -32.81 -54.71 17.27
C GLU A 338 -32.93 -53.35 16.60
N LEU A 339 -32.63 -52.26 17.30
CA LEU A 339 -32.68 -50.94 16.68
C LEU A 339 -31.32 -50.43 16.23
N SER A 340 -30.23 -50.95 16.79
CA SER A 340 -28.89 -50.44 16.51
C SER A 340 -28.00 -51.40 15.73
N GLN A 341 -28.21 -52.71 15.88
CA GLN A 341 -27.44 -53.77 15.25
C GLN A 341 -26.01 -53.83 15.76
N GLY A 342 -25.69 -53.13 16.84
CA GLY A 342 -24.44 -53.30 17.54
C GLY A 342 -23.28 -52.41 17.11
N VAL A 343 -23.45 -51.64 16.04
CA VAL A 343 -22.39 -50.70 15.66
C VAL A 343 -22.20 -49.69 16.77
N MET A 344 -20.94 -49.39 17.08
CA MET A 344 -20.61 -48.72 18.35
C MET A 344 -21.02 -47.27 18.39
N ASP A 345 -21.46 -46.69 17.27
CA ASP A 345 -21.83 -45.27 17.28
C ASP A 345 -23.30 -45.07 17.64
N ILE A 346 -24.18 -45.95 17.16
CA ILE A 346 -25.61 -45.73 17.30
C ILE A 346 -26.06 -45.84 18.75
N VAL A 347 -25.47 -46.77 19.52
CA VAL A 347 -25.99 -47.08 20.85
C VAL A 347 -25.90 -45.86 21.76
N VAL A 348 -24.72 -45.23 21.82
CA VAL A 348 -24.53 -44.12 22.76
C VAL A 348 -25.40 -42.93 22.38
N LYS A 349 -25.45 -42.59 21.09
CA LYS A 349 -26.28 -41.47 20.64
C LYS A 349 -27.75 -41.75 20.91
N LEU A 350 -28.19 -42.98 20.67
CA LEU A 350 -29.59 -43.34 20.91
C LEU A 350 -29.95 -43.21 22.37
N PHE A 351 -29.09 -43.71 23.26
CA PHE A 351 -29.38 -43.61 24.70
C PHE A 351 -29.38 -42.16 25.15
N VAL A 352 -28.42 -41.36 24.69
CA VAL A 352 -28.36 -39.95 25.08
C VAL A 352 -29.60 -39.21 24.60
N LEU A 353 -30.01 -39.44 23.35
CA LEU A 353 -31.20 -38.78 22.83
C LEU A 353 -32.45 -39.21 23.58
N ALA A 354 -32.56 -40.50 23.90
CA ALA A 354 -33.74 -40.98 24.63
C ALA A 354 -33.84 -40.35 26.00
N GLN A 355 -32.73 -40.28 26.74
CA GLN A 355 -32.81 -39.68 28.06
C GLN A 355 -32.95 -38.16 27.99
N LEU A 356 -32.43 -37.53 26.92
CA LEU A 356 -32.67 -36.10 26.73
C LEU A 356 -34.15 -35.82 26.50
N ARG A 357 -34.80 -36.61 25.65
CA ARG A 357 -36.24 -36.45 25.42
C ARG A 357 -37.03 -36.75 26.69
N ALA A 358 -36.61 -37.75 27.45
CA ALA A 358 -37.28 -38.05 28.71
C ALA A 358 -37.18 -36.89 29.69
N LEU A 359 -36.00 -36.27 29.80
CA LEU A 359 -35.85 -35.12 30.67
C LEU A 359 -36.69 -33.95 30.18
N ALA A 360 -36.73 -33.72 28.87
CA ALA A 360 -37.44 -32.56 28.33
C ALA A 360 -38.95 -32.71 28.40
N LEU A 361 -39.48 -33.92 28.23
CA LEU A 361 -40.92 -34.12 28.18
C LEU A 361 -41.57 -33.89 29.53
N GLY A 362 -40.99 -34.45 30.60
CA GLY A 362 -41.58 -34.46 31.92
C GLY A 362 -41.70 -35.85 32.50
N ASN A 363 -41.88 -36.87 31.66
CA ASN A 363 -41.82 -38.26 32.10
C ASN A 363 -40.36 -38.61 32.32
N GLU A 364 -39.96 -38.73 33.59
CA GLU A 364 -38.56 -38.75 33.98
C GLU A 364 -37.94 -40.15 33.95
N ARG A 365 -38.62 -41.13 33.35
CA ARG A 365 -38.09 -42.49 33.30
C ARG A 365 -38.12 -43.01 31.87
N ILE A 366 -37.10 -43.77 31.51
CA ILE A 366 -36.92 -44.28 30.15
C ILE A 366 -37.73 -45.56 29.97
N THR A 367 -38.46 -45.63 28.86
CA THR A 367 -39.27 -46.80 28.53
C THR A 367 -38.96 -47.21 27.08
N ALA A 368 -39.43 -48.41 26.72
CA ALA A 368 -39.21 -48.92 25.38
C ALA A 368 -39.92 -48.08 24.32
N GLY A 369 -41.15 -47.63 24.64
CA GLY A 369 -41.89 -46.83 23.68
C GLY A 369 -41.21 -45.51 23.36
N LEU A 370 -40.64 -44.86 24.37
CA LEU A 370 -39.90 -43.62 24.14
C LEU A 370 -38.67 -43.87 23.28
N LEU A 371 -37.96 -44.97 23.53
CA LEU A 371 -36.82 -45.34 22.70
C LEU A 371 -37.25 -45.53 21.25
N ARG A 372 -38.37 -46.24 21.03
CA ARG A 372 -38.85 -46.47 19.67
C ARG A 372 -39.21 -45.16 18.99
N GLN A 373 -39.92 -44.28 19.70
CA GLN A 373 -40.35 -43.01 19.12
C GLN A 373 -39.15 -42.15 18.75
N VAL A 374 -38.17 -42.05 19.65
CA VAL A 374 -36.98 -41.23 19.36
C VAL A 374 -36.21 -41.83 18.19
N TYR A 375 -36.06 -43.16 18.16
CA TYR A 375 -35.30 -43.78 17.08
C TYR A 375 -35.99 -43.56 15.73
N GLN A 376 -37.32 -43.63 15.70
CA GLN A 376 -38.03 -43.49 14.43
C GLN A 376 -38.29 -42.04 14.05
N ASP A 377 -38.10 -41.08 14.95
CA ASP A 377 -38.36 -39.68 14.64
C ASP A 377 -37.11 -38.83 14.47
N GLU A 378 -35.98 -39.21 15.09
CA GLU A 378 -34.80 -38.38 15.08
C GLU A 378 -33.62 -38.97 14.32
N LEU A 379 -33.69 -40.22 13.89
CA LEU A 379 -32.58 -40.90 13.22
C LEU A 379 -33.01 -41.46 11.87
N LYS A 380 -33.75 -40.67 11.11
CA LYS A 380 -34.28 -41.14 9.83
C LYS A 380 -33.24 -41.19 8.72
N PRO A 381 -32.29 -40.24 8.62
CA PRO A 381 -31.21 -40.40 7.63
C PRO A 381 -30.38 -41.66 7.79
N VAL A 382 -30.53 -42.40 8.88
CA VAL A 382 -29.72 -43.58 9.15
C VAL A 382 -30.49 -44.88 8.91
N HIS A 383 -31.82 -44.82 8.83
CA HIS A 383 -32.63 -46.05 8.75
C HIS A 383 -32.36 -46.89 7.51
N PRO A 384 -32.28 -46.35 6.28
CA PRO A 384 -32.17 -47.23 5.10
C PRO A 384 -31.03 -48.23 5.15
N MET A 385 -29.85 -47.80 5.63
CA MET A 385 -28.72 -48.72 5.71
C MET A 385 -28.93 -49.77 6.79
N LEU A 386 -29.53 -49.37 7.91
CA LEU A 386 -29.82 -50.31 8.99
C LEU A 386 -30.89 -51.32 8.61
N GLU A 387 -31.72 -51.03 7.61
CA GLU A 387 -32.65 -52.05 7.15
C GLU A 387 -31.91 -53.27 6.60
N ALA A 388 -30.84 -53.05 5.84
CA ALA A 388 -30.07 -54.16 5.31
C ALA A 388 -29.40 -54.96 6.42
N LEU A 389 -28.86 -54.27 7.42
CA LEU A 389 -28.24 -54.96 8.55
C LEU A 389 -29.28 -55.74 9.35
N ARG A 390 -30.48 -55.18 9.51
CA ARG A 390 -31.54 -55.85 10.24
C ARG A 390 -32.03 -57.09 9.50
N SER A 391 -32.14 -57.01 8.17
CA SER A 391 -32.63 -58.13 7.39
C SER A 391 -31.69 -59.33 7.48
N GLY A 392 -30.40 -59.09 7.35
CA GLY A 392 -29.41 -60.15 7.42
C GLY A 392 -29.19 -60.92 6.14
N ILE A 393 -29.88 -60.56 5.05
CA ILE A 393 -29.69 -61.28 3.79
C ILE A 393 -28.32 -60.93 3.22
N PRO A 394 -27.48 -61.92 2.90
CA PRO A 394 -26.14 -61.59 2.36
C PRO A 394 -26.18 -60.82 1.05
N GLU A 395 -27.07 -61.19 0.13
CA GLU A 395 -27.17 -60.45 -1.13
C GLU A 395 -27.68 -59.04 -0.90
N ARG A 396 -28.68 -58.88 -0.02
CA ARG A 396 -29.22 -57.55 0.26
C ARG A 396 -28.20 -56.69 1.00
N ILE A 397 -27.44 -57.29 1.92
CA ILE A 397 -26.42 -56.53 2.63
C ILE A 397 -25.17 -56.30 1.79
N ALA A 398 -25.04 -57.00 0.67
CA ALA A 398 -23.85 -56.85 -0.17
C ALA A 398 -23.84 -55.52 -0.91
N ARG A 399 -25.00 -54.91 -1.12
CA ARG A 399 -25.05 -53.63 -1.81
C ARG A 399 -24.54 -52.52 -0.90
N TYR A 400 -24.61 -51.28 -1.40
CA TYR A 400 -24.06 -50.10 -0.73
C TYR A 400 -22.55 -50.24 -0.53
N SER A 401 -21.97 -49.33 0.23
CA SER A 401 -20.58 -49.42 0.67
C SER A 401 -20.54 -49.38 2.18
N ASP A 402 -19.33 -49.51 2.73
CA ASP A 402 -19.04 -49.38 4.15
C ASP A 402 -19.71 -50.45 5.01
N LEU A 403 -20.27 -51.49 4.39
CA LEU A 403 -20.89 -52.58 5.11
C LEU A 403 -19.95 -53.78 5.17
N VAL A 404 -20.29 -54.75 6.02
CA VAL A 404 -19.45 -55.92 6.21
C VAL A 404 -19.44 -56.76 4.94
N VAL A 405 -18.25 -57.24 4.57
CA VAL A 405 -18.10 -58.08 3.39
C VAL A 405 -17.35 -59.36 3.74
N MET B 1 17.33 -24.02 12.98
CA MET B 1 17.57 -25.46 12.88
C MET B 1 17.22 -26.14 14.19
N ARG B 2 16.76 -27.39 14.11
CA ARG B 2 16.31 -28.12 15.28
C ARG B 2 17.26 -29.23 15.73
N ASN B 3 18.07 -29.77 14.82
CA ASN B 3 18.97 -30.88 15.15
C ASN B 3 20.35 -30.56 14.57
N PHE B 4 21.17 -29.88 15.36
CA PHE B 4 22.52 -29.54 14.93
C PHE B 4 23.47 -30.61 15.44
N PRO B 5 24.22 -31.29 14.58
CA PRO B 5 25.12 -32.35 15.04
C PRO B 5 26.17 -31.82 16.00
N VAL B 6 26.48 -32.61 17.02
CA VAL B 6 27.54 -32.27 17.97
C VAL B 6 28.88 -32.58 17.32
N PRO B 7 29.88 -31.70 17.46
CA PRO B 7 31.20 -31.99 16.88
C PRO B 7 31.81 -33.23 17.52
N TYR B 8 32.52 -34.00 16.70
CA TYR B 8 33.25 -35.15 17.21
C TYR B 8 34.48 -34.69 17.98
N SER B 9 35.24 -35.65 18.48
CA SER B 9 36.47 -35.33 19.20
C SER B 9 37.55 -34.90 18.21
N ASN B 10 38.03 -33.66 18.37
CA ASN B 10 39.16 -33.13 17.60
C ASN B 10 38.85 -33.09 16.11
N GLU B 11 37.85 -32.29 15.75
CA GLU B 11 37.58 -31.99 14.34
C GLU B 11 37.33 -30.50 14.19
N LEU B 12 37.47 -30.02 12.95
CA LEU B 12 37.17 -28.64 12.62
C LEU B 12 35.66 -28.41 12.63
N ILE B 13 35.28 -27.14 12.77
CA ILE B 13 33.87 -26.79 12.74
C ILE B 13 33.31 -26.76 11.32
N TYR B 14 34.18 -26.67 10.31
CA TYR B 14 33.71 -26.65 8.92
C TYR B 14 33.07 -27.98 8.55
N SER B 15 33.68 -29.10 8.95
CA SER B 15 33.09 -30.40 8.70
C SER B 15 31.81 -30.60 9.51
N THR B 16 31.73 -30.02 10.70
CA THR B 16 30.50 -30.08 11.48
C THR B 16 29.36 -29.36 10.78
N ILE B 17 29.63 -28.16 10.27
CA ILE B 17 28.60 -27.43 9.53
C ILE B 17 28.24 -28.17 8.25
N ALA B 18 29.21 -28.85 7.64
CA ALA B 18 28.90 -29.66 6.45
C ALA B 18 27.99 -30.83 6.78
N ARG B 19 28.27 -31.54 7.88
CA ARG B 19 27.39 -32.63 8.29
C ARG B 19 26.05 -32.14 8.80
N ALA B 20 25.94 -30.85 9.14
CA ALA B 20 24.66 -30.26 9.50
C ALA B 20 23.78 -30.02 8.28
N GLY B 21 24.29 -30.25 7.08
CA GLY B 21 23.51 -30.12 5.86
C GLY B 21 23.46 -31.43 5.10
N VAL B 22 24.42 -32.31 5.38
CA VAL B 22 24.35 -33.67 4.84
C VAL B 22 23.25 -34.48 5.51
N TYR B 23 22.93 -34.21 6.77
CA TYR B 23 21.99 -35.01 7.53
C TYR B 23 20.53 -34.73 7.22
N GLN B 24 20.22 -33.67 6.46
CA GLN B 24 18.82 -33.33 6.26
C GLN B 24 18.47 -33.06 4.80
N GLY B 25 19.21 -33.63 3.86
CA GLY B 25 18.86 -33.55 2.46
C GLY B 25 18.81 -32.15 1.89
N ILE B 26 19.77 -31.30 2.26
CA ILE B 26 19.89 -29.96 1.70
C ILE B 26 21.06 -29.99 0.72
N VAL B 27 20.75 -29.83 -0.56
CA VAL B 27 21.77 -29.96 -1.60
C VAL B 27 22.08 -28.63 -2.28
N SER B 28 21.19 -27.65 -2.22
CA SER B 28 21.48 -26.33 -2.78
C SER B 28 22.43 -25.60 -1.85
N PRO B 29 23.62 -25.18 -2.32
CA PRO B 29 24.59 -24.54 -1.43
C PRO B 29 24.09 -23.23 -0.83
N LYS B 30 23.10 -22.59 -1.42
CA LYS B 30 22.58 -21.35 -0.87
C LYS B 30 21.70 -21.60 0.36
N GLN B 31 20.92 -22.69 0.34
CA GLN B 31 19.98 -22.94 1.43
C GLN B 31 20.69 -23.30 2.72
N LEU B 32 21.85 -23.94 2.65
CA LEU B 32 22.59 -24.28 3.86
C LEU B 32 23.02 -23.03 4.62
N LEU B 33 23.58 -22.05 3.90
CA LEU B 33 23.90 -20.77 4.51
C LEU B 33 22.66 -20.01 4.93
N ASP B 34 21.57 -20.17 4.17
CA ASP B 34 20.32 -19.50 4.53
C ASP B 34 19.79 -19.99 5.87
N GLU B 35 19.88 -21.29 6.12
CA GLU B 35 19.32 -21.88 7.34
C GLU B 35 20.29 -21.81 8.53
N VAL B 36 21.57 -22.12 8.32
CA VAL B 36 22.50 -22.19 9.45
C VAL B 36 22.74 -20.81 10.04
N TYR B 37 23.01 -19.82 9.21
CA TYR B 37 23.27 -18.46 9.66
C TYR B 37 22.10 -17.52 9.39
N GLY B 38 21.65 -17.44 8.15
CA GLY B 38 20.63 -16.48 7.75
C GLY B 38 21.12 -15.44 6.76
N ASN B 39 22.41 -15.42 6.42
CA ASN B 39 22.96 -14.46 5.47
C ASN B 39 23.60 -15.22 4.32
N ARG B 40 23.43 -14.69 3.11
CA ARG B 40 24.01 -15.30 1.91
C ARG B 40 25.38 -14.74 1.58
N LYS B 41 25.93 -13.88 2.43
CA LYS B 41 27.25 -13.30 2.23
C LYS B 41 28.31 -13.89 3.14
N VAL B 42 27.98 -14.89 3.95
CA VAL B 42 28.95 -15.46 4.87
C VAL B 42 29.88 -16.40 4.11
N VAL B 43 31.15 -16.42 4.53
CA VAL B 43 32.19 -17.11 3.80
C VAL B 43 32.46 -18.47 4.43
N ALA B 44 33.18 -19.32 3.71
CA ALA B 44 33.61 -20.62 4.20
C ALA B 44 35.12 -20.58 4.41
N THR B 45 35.56 -20.94 5.61
CA THR B 45 36.97 -20.78 5.98
C THR B 45 37.45 -22.04 6.71
N LEU B 46 38.64 -22.49 6.35
CA LEU B 46 39.32 -23.60 7.02
C LEU B 46 40.36 -23.02 7.97
N GLY B 47 40.12 -23.17 9.26
CA GLY B 47 41.02 -22.61 10.25
C GLY B 47 40.72 -21.16 10.53
N LEU B 48 40.64 -20.80 11.80
CA LEU B 48 40.25 -19.45 12.24
C LEU B 48 38.93 -19.00 11.62
N PRO B 49 37.83 -19.69 11.91
CA PRO B 49 36.52 -19.26 11.40
C PRO B 49 35.96 -18.13 12.26
N SER B 50 34.94 -17.47 11.71
CA SER B 50 34.22 -16.42 12.42
C SER B 50 32.74 -16.75 12.46
N HIS B 51 31.95 -15.77 12.91
CA HIS B 51 30.51 -15.91 13.13
C HIS B 51 30.18 -16.98 14.16
N LEU B 52 31.17 -17.39 14.95
CA LEU B 52 30.92 -18.34 16.03
C LEU B 52 30.06 -17.69 17.11
N GLY B 53 29.31 -18.51 17.81
CA GLY B 53 28.33 -18.02 18.75
C GLY B 53 26.94 -18.26 18.20
N VAL B 54 26.76 -17.99 16.91
CA VAL B 54 25.57 -18.48 16.22
C VAL B 54 25.63 -20.00 16.10
N ILE B 55 26.83 -20.55 15.92
CA ILE B 55 27.01 -22.00 15.90
C ILE B 55 26.89 -22.61 17.29
N ALA B 56 27.01 -21.79 18.33
CA ALA B 56 26.87 -22.27 19.71
C ALA B 56 25.47 -22.12 20.26
N ARG B 57 24.70 -21.15 19.76
CA ARG B 57 23.31 -21.00 20.18
C ARG B 57 22.48 -22.21 19.78
N HIS B 58 22.81 -22.84 18.64
CA HIS B 58 22.12 -24.06 18.26
C HIS B 58 22.37 -25.18 19.26
N LEU B 59 23.59 -25.26 19.79
CA LEU B 59 23.96 -26.25 20.78
C LEU B 59 23.76 -25.76 22.21
N HIS B 60 22.93 -24.73 22.41
CA HIS B 60 22.82 -24.12 23.73
C HIS B 60 22.16 -25.05 24.74
N GLN B 61 21.12 -25.78 24.33
CA GLN B 61 20.40 -26.63 25.28
C GLN B 61 21.31 -27.73 25.84
N THR B 62 22.33 -28.13 25.08
CA THR B 62 23.43 -28.89 25.68
C THR B 62 24.32 -27.91 26.44
N GLY B 63 24.46 -28.14 27.75
CA GLY B 63 25.15 -27.19 28.59
C GLY B 63 26.66 -27.18 28.45
N ARG B 64 27.22 -28.11 27.68
CA ARG B 64 28.67 -28.25 27.61
C ARG B 64 29.30 -27.25 26.66
N TYR B 65 28.89 -27.25 25.40
CA TYR B 65 29.59 -26.47 24.39
C TYR B 65 29.27 -24.99 24.55
N ALA B 66 30.34 -24.17 24.59
CA ALA B 66 30.22 -22.73 24.69
C ALA B 66 31.20 -22.11 23.69
N VAL B 67 31.31 -20.78 23.73
CA VAL B 67 32.16 -20.08 22.77
C VAL B 67 33.63 -20.42 23.00
N GLN B 68 34.07 -20.34 24.25
CA GLN B 68 35.50 -20.55 24.55
C GLN B 68 35.94 -21.97 24.20
N GLN B 69 35.13 -22.96 24.57
CA GLN B 69 35.48 -24.34 24.24
C GLN B 69 35.50 -24.55 22.73
N LEU B 70 34.53 -23.98 22.03
CA LEU B 70 34.49 -24.13 20.57
C LEU B 70 35.73 -23.53 19.91
N ILE B 71 36.13 -22.33 20.34
CA ILE B 71 37.27 -21.69 19.69
C ILE B 71 38.58 -22.38 20.05
N TYR B 72 38.75 -22.78 21.31
CA TYR B 72 40.05 -23.31 21.71
C TYR B 72 40.22 -24.77 21.31
N GLU B 73 39.15 -25.57 21.40
CA GLU B 73 39.31 -27.00 21.17
C GLU B 73 38.96 -27.42 19.75
N HIS B 74 38.26 -26.59 18.99
CA HIS B 74 37.73 -27.00 17.70
C HIS B 74 38.10 -26.04 16.57
N THR B 75 39.21 -25.31 16.70
CA THR B 75 39.72 -24.47 15.62
C THR B 75 41.23 -24.67 15.54
N LEU B 76 41.87 -23.88 14.68
CA LEU B 76 43.32 -23.85 14.56
C LEU B 76 43.95 -22.67 15.29
N PHE B 77 43.17 -21.98 16.11
CA PHE B 77 43.58 -20.83 16.92
C PHE B 77 44.64 -21.14 17.97
N PRO B 78 44.72 -22.34 18.55
CA PRO B 78 45.79 -22.61 19.52
C PRO B 78 47.20 -22.41 18.98
N LEU B 79 47.43 -22.51 17.67
CA LEU B 79 48.78 -22.38 17.16
C LEU B 79 49.26 -20.93 17.17
N TYR B 80 48.34 -19.97 17.07
CA TYR B 80 48.72 -18.57 16.96
C TYR B 80 48.65 -17.81 18.27
N ALA B 81 47.87 -18.29 19.23
CA ALA B 81 47.65 -17.51 20.45
C ALA B 81 48.88 -17.37 21.34
N PRO B 82 49.58 -18.44 21.74
CA PRO B 82 50.66 -18.27 22.74
C PRO B 82 51.82 -17.41 22.26
N PHE B 83 52.17 -17.47 20.98
CA PHE B 83 53.45 -16.90 20.55
C PHE B 83 53.34 -15.43 20.18
N VAL B 84 52.22 -14.99 19.63
CA VAL B 84 52.14 -13.64 19.09
C VAL B 84 52.11 -12.60 20.20
N GLY B 85 51.26 -12.80 21.20
CA GLY B 85 51.16 -11.84 22.29
C GLY B 85 49.90 -12.03 23.09
N LYS B 86 49.98 -11.60 24.35
CA LYS B 86 48.90 -11.84 25.31
C LYS B 86 47.67 -10.99 25.00
N GLU B 87 47.87 -9.68 24.77
CA GLU B 87 46.74 -8.78 24.55
C GLU B 87 46.03 -9.09 23.25
N ARG B 88 46.79 -9.36 22.18
CA ARG B 88 46.18 -9.77 20.92
C ARG B 88 45.44 -11.09 21.07
N ARG B 89 45.98 -12.00 21.87
CA ARG B 89 45.27 -13.25 22.16
C ARG B 89 43.94 -12.98 22.85
N ASP B 90 43.95 -12.05 23.82
CA ASP B 90 42.73 -11.76 24.56
C ASP B 90 41.70 -10.98 23.75
N GLU B 91 42.13 -10.21 22.75
CA GLU B 91 41.20 -9.45 21.92
C GLU B 91 40.76 -10.20 20.68
N ALA B 92 41.48 -11.25 20.28
CA ALA B 92 41.08 -12.03 19.12
C ALA B 92 39.72 -12.69 19.34
N ILE B 93 39.47 -13.18 20.55
CA ILE B 93 38.19 -13.85 20.83
C ILE B 93 37.03 -12.87 20.72
N ARG B 94 37.19 -11.65 21.27
CA ARG B 94 36.10 -10.68 21.19
C ARG B 94 35.94 -10.14 19.77
N LEU B 95 37.01 -10.11 18.99
CA LEU B 95 36.90 -9.71 17.60
C LEU B 95 36.28 -10.81 16.73
N MET B 96 36.41 -12.06 17.16
CA MET B 96 35.98 -13.20 16.35
C MET B 96 34.58 -13.70 16.70
N GLU B 97 34.12 -13.46 17.93
CA GLU B 97 32.80 -13.93 18.32
C GLU B 97 31.70 -13.26 17.50
N TYR B 98 31.92 -12.04 17.05
CA TYR B 98 30.90 -11.27 16.37
C TYR B 98 31.08 -11.40 14.85
N GLN B 99 30.31 -10.61 14.10
CA GLN B 99 30.16 -10.80 12.66
C GLN B 99 31.36 -10.32 11.85
N ALA B 100 32.37 -9.73 12.49
CA ALA B 100 33.54 -9.25 11.76
C ALA B 100 34.34 -10.41 11.19
N GLN B 101 34.72 -10.30 9.93
CA GLN B 101 35.51 -11.32 9.24
C GLN B 101 36.83 -10.80 8.71
N GLY B 102 36.84 -9.61 8.11
CA GLY B 102 38.06 -9.10 7.51
C GLY B 102 39.14 -8.81 8.54
N ALA B 103 38.76 -8.29 9.70
CA ALA B 103 39.74 -7.94 10.72
C ALA B 103 40.39 -9.16 11.36
N VAL B 104 39.77 -10.34 11.25
CA VAL B 104 40.31 -11.53 11.92
C VAL B 104 41.68 -11.88 11.37
N HIS B 105 41.81 -11.92 10.04
CA HIS B 105 43.10 -12.25 9.44
C HIS B 105 44.07 -11.08 9.52
N LEU B 106 43.58 -9.85 9.46
CA LEU B 106 44.46 -8.69 9.51
C LEU B 106 45.11 -8.54 10.89
N MET B 107 44.31 -8.61 11.95
CA MET B 107 44.80 -8.34 13.29
C MET B 107 45.83 -9.39 13.72
N LEU B 108 45.57 -10.65 13.41
CA LEU B 108 46.57 -11.71 13.55
C LEU B 108 47.42 -11.71 12.28
N GLY B 109 48.38 -10.78 12.24
CA GLY B 109 49.13 -10.51 11.03
C GLY B 109 50.10 -11.60 10.62
N VAL B 110 49.58 -12.81 10.40
CA VAL B 110 50.37 -13.93 9.90
C VAL B 110 49.67 -14.66 8.76
N ALA B 111 48.43 -14.31 8.44
CA ALA B 111 47.62 -15.05 7.49
C ALA B 111 47.65 -14.44 6.09
N ALA B 112 48.79 -13.86 5.69
CA ALA B 112 48.93 -13.28 4.35
C ALA B 112 49.36 -14.37 3.36
N SER B 113 48.48 -15.35 3.19
CA SER B 113 48.77 -16.47 2.29
C SER B 113 48.72 -16.04 0.82
N ARG B 114 47.97 -14.98 0.53
CA ARG B 114 47.80 -14.45 -0.82
C ARG B 114 47.10 -15.49 -1.69
N VAL B 115 47.85 -16.17 -2.57
CA VAL B 115 47.30 -17.30 -3.29
C VAL B 115 47.17 -18.48 -2.33
N LYS B 116 46.10 -19.26 -2.49
CA LYS B 116 45.80 -20.31 -1.53
C LYS B 116 46.89 -21.38 -1.59
N SER B 117 47.79 -21.35 -0.61
CA SER B 117 48.93 -22.25 -0.57
C SER B 117 48.55 -23.50 0.21
N ASP B 118 48.44 -24.62 -0.52
CA ASP B 118 48.08 -25.92 0.07
C ASP B 118 46.74 -25.86 0.80
N ASN B 119 45.82 -25.03 0.30
CA ASN B 119 44.44 -25.06 0.73
C ASN B 119 43.60 -26.02 -0.08
N ARG B 120 44.24 -26.89 -0.87
CA ARG B 120 43.56 -28.03 -1.45
C ARG B 120 43.08 -28.95 -0.33
N PHE B 121 41.97 -29.64 -0.59
CA PHE B 121 41.41 -30.52 0.43
C PHE B 121 42.30 -31.75 0.59
N ARG B 122 42.61 -32.07 1.85
CA ARG B 122 43.58 -33.10 2.18
C ARG B 122 42.95 -34.15 3.09
N TYR B 123 43.44 -35.39 3.00
CA TYR B 123 43.02 -36.45 3.88
C TYR B 123 44.19 -37.41 4.08
N CYS B 124 43.94 -38.47 4.85
CA CYS B 124 44.94 -39.48 5.18
C CYS B 124 44.42 -40.87 4.83
N PRO B 125 45.26 -41.74 4.28
CA PRO B 125 44.78 -43.06 3.87
C PRO B 125 44.41 -43.97 5.03
N ASP B 126 45.21 -43.95 6.11
CA ASP B 126 45.00 -44.89 7.21
C ASP B 126 44.01 -44.37 8.24
N CYS B 127 43.97 -43.05 8.47
CA CYS B 127 43.10 -42.50 9.51
C CYS B 127 41.62 -42.68 9.16
N VAL B 128 41.28 -42.62 7.88
CA VAL B 128 39.88 -42.74 7.47
C VAL B 128 39.33 -44.10 7.84
N ALA B 129 40.15 -45.15 7.73
CA ALA B 129 39.68 -46.49 8.10
C ALA B 129 39.34 -46.56 9.59
N LEU B 130 40.19 -45.99 10.44
CA LEU B 130 39.92 -45.99 11.87
C LEU B 130 38.67 -45.18 12.20
N GLN B 131 38.52 -44.02 11.55
CA GLN B 131 37.32 -43.22 11.77
C GLN B 131 36.06 -43.97 11.32
N LEU B 132 36.15 -44.69 10.21
CA LEU B 132 35.03 -45.50 9.73
C LEU B 132 34.68 -46.59 10.73
N ASN B 133 35.70 -47.29 11.23
CA ASN B 133 35.43 -48.45 12.09
C ASN B 133 34.95 -48.03 13.46
N ARG B 134 35.37 -46.87 13.96
CA ARG B 134 34.97 -46.52 15.32
C ARG B 134 33.75 -45.61 15.34
N TYR B 135 33.51 -44.86 14.26
CA TYR B 135 32.33 -44.00 14.15
C TYR B 135 31.33 -44.45 13.10
N GLY B 136 31.78 -44.73 11.89
CA GLY B 136 30.88 -44.88 10.76
C GLY B 136 30.73 -43.64 9.90
N GLU B 137 31.63 -42.67 10.03
CA GLU B 137 31.57 -41.41 9.32
C GLU B 137 32.99 -40.93 9.09
N ALA B 138 33.15 -40.05 8.11
CA ALA B 138 34.45 -39.48 7.78
C ALA B 138 34.35 -37.96 7.83
N PHE B 139 35.40 -37.32 8.29
CA PHE B 139 35.36 -35.88 8.52
C PHE B 139 36.76 -35.29 8.41
N TRP B 140 36.82 -33.98 8.29
CA TRP B 140 38.08 -33.26 8.33
C TRP B 140 38.59 -33.19 9.76
N GLN B 141 39.91 -33.23 9.91
CA GLN B 141 40.56 -33.27 11.21
C GLN B 141 41.63 -32.19 11.29
N ARG B 142 41.84 -31.68 12.52
CA ARG B 142 42.84 -30.64 12.71
C ARG B 142 44.26 -31.15 12.56
N ASP B 143 44.49 -32.44 12.79
CA ASP B 143 45.83 -32.99 12.64
C ASP B 143 46.30 -32.92 11.19
N TRP B 144 45.41 -33.17 10.24
CA TRP B 144 45.79 -33.11 8.83
C TRP B 144 46.12 -31.68 8.40
N TYR B 145 45.31 -30.72 8.82
CA TYR B 145 45.41 -29.35 8.30
C TYR B 145 46.35 -28.48 9.13
N LEU B 146 47.58 -28.94 9.30
CA LEU B 146 48.61 -28.06 9.83
C LEU B 146 48.94 -27.00 8.78
N PRO B 147 49.12 -25.73 9.18
CA PRO B 147 49.24 -24.66 8.19
C PRO B 147 50.39 -24.85 7.21
N ALA B 148 51.51 -25.42 7.65
CA ALA B 148 52.69 -25.54 6.80
C ALA B 148 53.02 -26.98 6.42
N LEU B 149 53.19 -27.85 7.40
CA LEU B 149 53.61 -29.22 7.10
C LEU B 149 52.45 -30.01 6.50
N PRO B 150 52.59 -30.56 5.30
CA PRO B 150 51.55 -31.41 4.72
C PRO B 150 51.72 -32.88 5.11
N TYR B 151 51.87 -33.13 6.41
CA TYR B 151 52.15 -34.47 6.89
C TYR B 151 51.28 -34.77 8.11
N CYS B 152 50.71 -35.96 8.12
CA CYS B 152 49.99 -36.44 9.30
C CYS B 152 51.00 -36.76 10.40
N PRO B 153 50.82 -36.22 11.61
CA PRO B 153 51.88 -36.34 12.63
C PRO B 153 52.18 -37.78 13.02
N LYS B 154 51.20 -38.68 12.93
CA LYS B 154 51.45 -40.07 13.30
C LYS B 154 52.21 -40.81 12.20
N HIS B 155 51.89 -40.55 10.94
CA HIS B 155 52.35 -41.42 9.86
C HIS B 155 52.19 -40.69 8.52
N GLY B 156 52.92 -41.19 7.52
CA GLY B 156 52.65 -40.92 6.12
C GLY B 156 52.59 -39.47 5.67
N ALA B 157 52.09 -39.28 4.45
CA ALA B 157 51.94 -37.96 3.84
C ALA B 157 50.52 -37.83 3.30
N LEU B 158 49.98 -36.61 3.39
CA LEU B 158 48.59 -36.37 3.04
C LEU B 158 48.35 -36.55 1.56
N VAL B 159 47.13 -36.98 1.21
CA VAL B 159 46.74 -37.22 -0.18
C VAL B 159 46.13 -35.97 -0.79
N PHE B 160 46.92 -35.20 -1.51
CA PHE B 160 46.37 -34.07 -2.25
C PHE B 160 45.55 -34.55 -3.45
N PHE B 161 44.35 -33.98 -3.59
CA PHE B 161 43.62 -34.00 -4.84
C PHE B 161 43.29 -32.55 -5.23
N ASP B 162 42.70 -32.35 -6.41
CA ASP B 162 42.64 -31.04 -7.03
C ASP B 162 41.28 -30.38 -6.82
N ARG B 163 41.18 -29.56 -5.77
CA ARG B 163 40.10 -28.61 -5.55
C ARG B 163 40.61 -27.52 -4.62
N ALA B 164 39.82 -26.48 -4.39
CA ALA B 164 40.29 -25.37 -3.57
C ALA B 164 39.11 -24.70 -2.90
N VAL B 165 39.41 -23.97 -1.81
CA VAL B 165 38.41 -23.18 -1.12
C VAL B 165 37.95 -22.00 -1.95
N ASP B 166 38.80 -21.48 -2.84
CA ASP B 166 38.42 -20.39 -3.73
C ASP B 166 37.63 -20.86 -4.95
N ASP B 167 37.53 -22.17 -5.16
CA ASP B 167 36.68 -22.68 -6.22
C ASP B 167 35.22 -22.35 -5.96
N HIS B 168 34.80 -22.44 -4.70
CA HIS B 168 33.45 -22.06 -4.30
C HIS B 168 33.54 -21.43 -2.91
N ARG B 169 33.33 -20.12 -2.84
CA ARG B 169 33.47 -19.41 -1.57
C ARG B 169 32.30 -19.66 -0.63
N HIS B 170 31.11 -19.90 -1.17
CA HIS B 170 29.90 -20.02 -0.37
C HIS B 170 29.41 -21.47 -0.27
N GLN B 171 30.33 -22.43 -0.33
CA GLN B 171 29.99 -23.84 -0.29
C GLN B 171 30.74 -24.54 0.83
N PHE B 172 30.00 -25.26 1.68
CA PHE B 172 30.57 -26.15 2.67
C PHE B 172 30.52 -27.57 2.12
N TRP B 173 31.67 -28.24 2.09
CA TRP B 173 31.77 -29.58 1.52
C TRP B 173 32.19 -30.58 2.58
N ALA B 174 31.49 -31.70 2.65
CA ALA B 174 31.85 -32.81 3.52
C ALA B 174 32.56 -33.89 2.72
N LEU B 175 33.40 -34.66 3.39
CA LEU B 175 34.13 -35.73 2.72
C LEU B 175 33.17 -36.83 2.29
N GLY B 176 33.36 -37.31 1.06
CA GLY B 176 32.51 -38.33 0.50
C GLY B 176 33.15 -39.70 0.49
N HIS B 177 32.54 -40.66 1.18
CA HIS B 177 33.07 -42.02 1.20
C HIS B 177 33.05 -42.65 -0.18
N THR B 178 31.96 -42.47 -0.93
CA THR B 178 31.87 -43.03 -2.28
C THR B 178 32.86 -42.38 -3.22
N GLU B 179 33.31 -41.16 -2.92
CA GLU B 179 34.43 -40.57 -3.66
C GLU B 179 35.69 -41.37 -3.36
N LEU B 180 36.26 -41.97 -4.39
CA LEU B 180 37.33 -42.94 -4.20
C LEU B 180 38.54 -42.32 -3.52
N LEU B 181 39.06 -43.02 -2.52
CA LEU B 181 40.28 -42.63 -1.80
C LEU B 181 41.37 -43.60 -2.23
N SER B 182 42.22 -43.17 -3.15
CA SER B 182 43.24 -44.04 -3.75
C SER B 182 44.59 -43.79 -3.08
N ASP B 183 45.23 -44.88 -2.66
CA ASP B 183 46.54 -44.79 -2.03
C ASP B 183 47.63 -44.55 -3.08
N TYR B 184 48.73 -43.95 -2.64
CA TYR B 184 49.90 -43.76 -3.47
C TYR B 184 51.12 -44.19 -2.66
N PRO B 185 52.21 -44.54 -3.33
CA PRO B 185 53.44 -44.91 -2.59
C PRO B 185 53.91 -43.77 -1.69
N LYS B 186 54.08 -44.09 -0.41
CA LYS B 186 54.37 -43.09 0.60
C LYS B 186 55.79 -42.55 0.41
N ASP B 187 55.90 -41.27 0.09
CA ASP B 187 57.18 -40.57 0.00
C ASP B 187 57.26 -39.62 1.19
N SER B 188 57.95 -40.05 2.24
CA SER B 188 57.98 -39.33 3.51
C SER B 188 59.38 -38.82 3.81
N LEU B 189 59.46 -37.60 4.33
CA LEU B 189 60.69 -37.05 4.86
C LEU B 189 60.63 -37.19 6.37
N SER B 190 61.50 -38.06 6.92
CA SER B 190 61.39 -38.44 8.33
C SER B 190 61.53 -37.25 9.26
N GLN B 191 62.36 -36.27 8.90
CA GLN B 191 62.52 -35.08 9.73
C GLN B 191 61.22 -34.30 9.83
N LEU B 192 60.48 -34.19 8.72
CA LEU B 192 59.20 -33.49 8.76
C LEU B 192 58.19 -34.24 9.63
N THR B 193 58.18 -35.56 9.56
CA THR B 193 57.29 -36.34 10.41
C THR B 193 57.65 -36.15 11.89
N ALA B 194 58.95 -36.14 12.20
CA ALA B 194 59.38 -35.90 13.58
C ALA B 194 58.97 -34.51 14.05
N LEU B 195 59.10 -33.51 13.19
CA LEU B 195 58.68 -32.16 13.55
C LEU B 195 57.17 -32.10 13.78
N ALA B 196 56.40 -32.78 12.94
CA ALA B 196 54.95 -32.82 13.13
C ALA B 196 54.58 -33.49 14.44
N ALA B 197 55.26 -34.59 14.78
CA ALA B 197 55.01 -35.25 16.06
C ALA B 197 55.38 -34.34 17.23
N TYR B 198 56.47 -33.59 17.10
CA TYR B 198 56.89 -32.68 18.15
C TYR B 198 55.88 -31.55 18.34
N ILE B 199 55.32 -31.03 17.25
CA ILE B 199 54.42 -29.88 17.34
C ILE B 199 52.98 -30.28 17.60
N ALA B 200 52.63 -31.57 17.43
CA ALA B 200 51.25 -31.99 17.62
C ALA B 200 50.68 -31.76 19.03
N PRO B 201 51.37 -32.08 20.13
CA PRO B 201 50.71 -31.99 21.45
C PRO B 201 50.25 -30.59 21.84
N LEU B 202 50.78 -29.53 21.22
CA LEU B 202 50.38 -28.19 21.58
C LEU B 202 48.92 -27.92 21.24
N LEU B 203 48.37 -28.63 20.27
CA LEU B 203 46.99 -28.37 19.85
C LEU B 203 46.00 -28.65 20.97
N ASP B 204 46.14 -29.78 21.65
CA ASP B 204 45.26 -30.16 22.76
C ASP B 204 46.10 -30.21 24.03
N ALA B 205 46.22 -29.04 24.69
CA ALA B 205 46.94 -28.91 25.93
C ALA B 205 46.27 -27.80 26.72
N PRO B 206 45.82 -28.08 27.96
CA PRO B 206 45.05 -27.06 28.70
C PRO B 206 45.86 -25.82 29.04
N ARG B 207 47.18 -25.95 29.19
CA ARG B 207 47.96 -24.86 29.75
C ARG B 207 48.21 -23.74 28.76
N ALA B 208 47.90 -23.95 27.49
CA ALA B 208 48.00 -22.91 26.46
C ALA B 208 46.81 -21.95 26.47
N GLN B 209 46.03 -21.95 27.55
CA GLN B 209 44.86 -21.08 27.62
C GLN B 209 45.26 -19.62 27.72
N GLU B 210 46.26 -19.31 28.55
CA GLU B 210 46.57 -17.93 28.89
C GLU B 210 48.04 -17.58 28.83
N LEU B 211 48.92 -18.55 28.59
CA LEU B 211 50.36 -18.31 28.66
C LEU B 211 50.84 -17.77 27.32
N SER B 212 51.13 -16.47 27.28
CA SER B 212 51.74 -15.85 26.10
C SER B 212 52.90 -14.97 26.54
N PRO B 213 54.15 -15.37 26.31
CA PRO B 213 55.27 -14.53 26.74
C PRO B 213 55.32 -13.23 25.97
N SER B 214 55.82 -12.20 26.64
CA SER B 214 55.83 -10.86 26.06
C SER B 214 57.00 -10.71 25.09
N LEU B 215 56.96 -9.61 24.33
CA LEU B 215 57.97 -9.36 23.31
C LEU B 215 59.35 -9.20 23.94
N GLU B 216 59.45 -8.30 24.93
CA GLU B 216 60.70 -8.13 25.66
C GLU B 216 61.09 -9.41 26.38
N GLN B 217 60.09 -10.13 26.91
CA GLN B 217 60.36 -11.42 27.55
C GLN B 217 60.96 -12.40 26.56
N TRP B 218 60.44 -12.42 25.32
CA TRP B 218 61.03 -13.25 24.27
C TRP B 218 62.48 -12.86 24.02
N THR B 219 62.76 -11.55 23.96
CA THR B 219 64.13 -11.11 23.68
C THR B 219 65.08 -11.54 24.79
N LEU B 220 64.71 -11.30 26.04
CA LEU B 220 65.59 -11.68 27.16
C LEU B 220 65.75 -13.20 27.21
N PHE B 221 64.68 -13.95 26.99
CA PHE B 221 64.78 -15.41 27.02
C PHE B 221 65.74 -15.90 25.94
N TYR B 222 65.64 -15.36 24.73
CA TYR B 222 66.51 -15.82 23.66
C TYR B 222 67.96 -15.45 23.91
N GLN B 223 68.21 -14.24 24.42
CA GLN B 223 69.58 -13.85 24.74
C GLN B 223 70.17 -14.75 25.82
N ARG B 224 69.41 -14.98 26.88
CA ARG B 224 69.91 -15.84 27.95
C ARG B 224 70.12 -17.27 27.48
N LEU B 225 69.20 -17.79 26.67
CA LEU B 225 69.34 -19.16 26.16
C LEU B 225 70.55 -19.29 25.25
N ALA B 226 70.80 -18.27 24.43
CA ALA B 226 71.99 -18.29 23.58
C ALA B 226 73.26 -18.24 24.41
N GLN B 227 73.25 -17.47 25.51
CA GLN B 227 74.45 -17.36 26.32
C GLN B 227 74.62 -18.50 27.33
N ASP B 228 73.60 -19.34 27.54
CA ASP B 228 73.71 -20.42 28.52
C ASP B 228 74.82 -21.39 28.16
N LEU B 229 74.80 -21.91 26.92
CA LEU B 229 75.74 -22.94 26.50
C LEU B 229 76.68 -22.48 25.39
N GLY B 230 76.77 -21.17 25.17
CA GLY B 230 77.78 -20.63 24.28
C GLY B 230 77.42 -20.56 22.81
N LEU B 231 76.27 -19.95 22.51
CA LEU B 231 75.89 -19.67 21.13
C LEU B 231 76.15 -18.22 20.73
N THR B 232 76.69 -17.41 21.64
CA THR B 232 76.97 -16.01 21.36
C THR B 232 78.39 -15.68 21.81
N LYS B 233 79.15 -15.05 20.92
CA LYS B 233 80.45 -14.52 21.28
C LYS B 233 80.26 -13.26 22.15
N SER B 234 81.37 -12.61 22.50
CA SER B 234 81.28 -11.38 23.26
C SER B 234 80.64 -10.29 22.40
N LYS B 235 79.35 -10.04 22.64
CA LYS B 235 78.56 -9.04 21.92
C LYS B 235 78.51 -9.30 20.41
N HIS B 236 78.71 -10.54 19.98
CA HIS B 236 78.66 -10.88 18.56
C HIS B 236 78.06 -12.28 18.38
N ILE B 237 77.36 -12.45 17.25
CA ILE B 237 76.72 -13.72 16.93
C ILE B 237 77.75 -14.63 16.25
N ARG B 238 77.78 -15.90 16.68
CA ARG B 238 78.80 -16.83 16.19
C ARG B 238 78.57 -17.18 14.72
N HIS B 239 77.31 -17.37 14.32
CA HIS B 239 76.90 -17.60 12.94
C HIS B 239 77.30 -18.98 12.41
N ASP B 240 78.06 -19.74 13.19
CA ASP B 240 78.51 -21.06 12.75
C ASP B 240 77.84 -22.21 13.49
N LEU B 241 77.75 -22.12 14.82
CA LEU B 241 77.13 -23.20 15.59
C LEU B 241 75.64 -23.27 15.32
N VAL B 242 74.98 -22.10 15.19
CA VAL B 242 73.56 -22.06 14.89
C VAL B 242 73.27 -22.72 13.54
N ALA B 243 74.16 -22.53 12.57
CA ALA B 243 73.97 -23.15 11.27
C ALA B 243 74.27 -24.64 11.31
N GLU B 244 75.31 -25.04 12.03
CA GLU B 244 75.70 -26.45 11.96
C GLU B 244 74.74 -27.32 12.76
N ARG B 245 74.15 -26.79 13.84
CA ARG B 245 73.12 -27.55 14.55
C ARG B 245 71.93 -27.83 13.63
N VAL B 246 71.38 -26.79 13.00
CA VAL B 246 70.19 -26.97 12.18
C VAL B 246 70.50 -27.79 10.95
N ARG B 247 71.74 -27.75 10.45
CA ARG B 247 72.09 -28.62 9.33
C ARG B 247 72.32 -30.05 9.78
N GLN B 248 72.70 -30.27 11.04
CA GLN B 248 72.83 -31.62 11.56
C GLN B 248 71.46 -32.26 11.77
N THR B 249 70.52 -31.52 12.38
CA THR B 249 69.22 -32.12 12.66
C THR B 249 68.29 -32.07 11.46
N PHE B 250 68.41 -31.05 10.60
CA PHE B 250 67.55 -30.90 9.43
C PHE B 250 68.41 -30.85 8.17
N SER B 251 67.93 -31.51 7.12
CA SER B 251 68.57 -31.45 5.82
C SER B 251 67.93 -30.36 4.96
N ASP B 252 68.55 -30.09 3.81
CA ASP B 252 68.11 -28.97 2.98
C ASP B 252 66.79 -29.26 2.28
N GLU B 253 66.54 -30.52 1.90
CA GLU B 253 65.29 -30.85 1.23
C GLU B 253 64.08 -30.66 2.13
N ALA B 254 64.24 -30.91 3.44
CA ALA B 254 63.17 -30.61 4.38
C ALA B 254 62.89 -29.11 4.41
N LEU B 255 63.95 -28.29 4.37
CA LEU B 255 63.77 -26.85 4.41
C LEU B 255 63.11 -26.33 3.13
N GLU B 256 63.44 -26.91 1.97
CA GLU B 256 62.76 -26.45 0.75
C GLU B 256 61.32 -26.96 0.70
N LYS B 257 61.04 -28.12 1.28
CA LYS B 257 59.65 -28.54 1.42
C LYS B 257 58.89 -27.61 2.35
N LEU B 258 59.54 -27.07 3.37
CA LEU B 258 58.96 -26.05 4.23
C LEU B 258 59.12 -24.64 3.66
N ASP B 259 59.87 -24.48 2.57
CA ASP B 259 60.13 -23.17 1.95
C ASP B 259 60.74 -22.20 2.95
N LEU B 260 61.84 -22.63 3.59
CA LEU B 260 62.52 -21.88 4.64
C LEU B 260 64.02 -21.89 4.43
N LYS B 261 64.45 -21.52 3.22
CA LYS B 261 65.87 -21.49 2.88
C LYS B 261 66.68 -20.64 3.83
N LEU B 262 67.80 -21.18 4.28
CA LEU B 262 68.79 -20.42 5.03
C LEU B 262 69.67 -19.65 4.06
N ALA B 263 70.13 -18.47 4.50
CA ALA B 263 70.98 -17.61 3.67
C ALA B 263 72.12 -17.10 4.53
N GLU B 264 73.23 -17.85 4.55
CA GLU B 264 74.42 -17.39 5.26
C GLU B 264 75.16 -16.32 4.47
N ASN B 265 75.15 -16.43 3.13
CA ASN B 265 75.80 -15.43 2.30
C ASN B 265 75.06 -14.10 2.39
N LYS B 266 73.74 -14.13 2.25
CA LYS B 266 72.94 -12.92 2.35
C LYS B 266 72.79 -12.50 3.80
N ASP B 267 72.85 -11.19 4.04
CA ASP B 267 72.77 -10.68 5.41
C ASP B 267 71.38 -10.88 6.01
N THR B 268 70.34 -10.80 5.19
CA THR B 268 68.96 -10.91 5.68
C THR B 268 68.54 -12.38 5.66
N CYS B 269 68.54 -13.00 6.84
CA CYS B 269 68.06 -14.37 7.01
C CYS B 269 67.17 -14.41 8.23
N TRP B 270 66.17 -15.29 8.19
CA TRP B 270 65.20 -15.35 9.28
C TRP B 270 65.84 -15.79 10.58
N LEU B 271 66.87 -16.65 10.51
CA LEU B 271 67.54 -17.11 11.72
C LEU B 271 68.20 -15.94 12.46
N LYS B 272 68.82 -15.02 11.71
CA LYS B 272 69.39 -13.84 12.36
C LYS B 272 68.31 -12.87 12.79
N SER B 273 67.16 -12.85 12.08
CA SER B 273 66.07 -11.98 12.50
C SER B 273 65.48 -12.42 13.83
N ILE B 274 65.47 -13.73 14.10
CA ILE B 274 64.95 -14.23 15.37
C ILE B 274 65.82 -13.75 16.52
N PHE B 275 67.14 -13.89 16.39
CA PHE B 275 68.03 -13.59 17.51
C PHE B 275 68.13 -12.09 17.78
N ARG B 276 67.94 -11.26 16.76
CA ARG B 276 67.84 -9.83 16.99
C ARG B 276 66.52 -9.51 17.69
N LYS B 277 66.45 -8.31 18.27
CA LYS B 277 65.31 -7.94 19.08
C LYS B 277 64.02 -7.99 18.26
N HIS B 278 63.01 -8.67 18.80
CA HIS B 278 61.78 -8.92 18.06
C HIS B 278 60.89 -7.68 18.05
N ARG B 279 60.21 -7.47 16.93
CA ARG B 279 59.22 -6.39 16.83
C ARG B 279 57.93 -6.80 16.16
N LYS B 280 57.87 -7.95 15.50
CA LYS B 280 56.66 -8.41 14.83
C LYS B 280 56.39 -9.86 15.21
N ALA B 281 55.17 -10.32 14.89
CA ALA B 281 54.78 -11.68 15.22
C ALA B 281 55.57 -12.69 14.39
N PHE B 282 55.88 -13.82 15.01
CA PHE B 282 56.66 -14.88 14.38
C PHE B 282 55.83 -16.16 14.32
N SER B 283 56.09 -16.96 13.28
CA SER B 283 55.36 -18.20 13.08
C SER B 283 55.89 -19.29 14.01
N TYR B 284 55.06 -20.33 14.19
CA TYR B 284 55.43 -21.40 15.11
C TYR B 284 56.57 -22.25 14.57
N LEU B 285 56.75 -22.27 13.24
CA LEU B 285 57.81 -23.07 12.65
C LEU B 285 59.19 -22.63 13.12
N GLN B 286 59.44 -21.32 13.14
CA GLN B 286 60.76 -20.83 13.50
C GLN B 286 61.08 -21.12 14.96
N HIS B 287 60.12 -20.87 15.86
CA HIS B 287 60.33 -21.19 17.26
C HIS B 287 60.52 -22.69 17.47
N SER B 288 59.73 -23.50 16.77
CA SER B 288 59.85 -24.95 16.91
C SER B 288 61.20 -25.46 16.45
N ILE B 289 61.68 -24.97 15.30
CA ILE B 289 62.96 -25.45 14.78
C ILE B 289 64.11 -24.96 15.65
N VAL B 290 64.00 -23.73 16.19
CA VAL B 290 65.04 -23.24 17.10
C VAL B 290 65.06 -24.08 18.37
N TRP B 291 63.90 -24.40 18.93
CA TRP B 291 63.84 -25.21 20.13
C TRP B 291 64.39 -26.60 19.89
N GLN B 292 64.07 -27.19 18.73
CA GLN B 292 64.58 -28.53 18.41
C GLN B 292 66.09 -28.52 18.22
N ALA B 293 66.63 -27.47 17.59
CA ALA B 293 68.06 -27.42 17.35
C ALA B 293 68.84 -27.17 18.62
N LEU B 294 68.39 -26.24 19.45
CA LEU B 294 69.19 -25.84 20.61
C LEU B 294 69.16 -26.88 21.71
N LEU B 295 68.01 -27.50 21.96
CA LEU B 295 67.93 -28.51 23.01
C LEU B 295 66.90 -29.56 22.63
N PRO B 296 67.30 -30.82 22.45
CA PRO B 296 66.41 -31.84 21.88
C PRO B 296 65.66 -32.72 22.89
N LYS B 297 65.69 -32.39 24.18
CA LYS B 297 65.03 -33.24 25.16
C LYS B 297 64.05 -32.46 26.03
N LEU B 298 63.22 -31.63 25.41
CA LEU B 298 62.27 -30.81 26.15
C LEU B 298 60.98 -30.70 25.35
N THR B 299 59.85 -30.80 26.04
CA THR B 299 58.55 -30.76 25.40
C THR B 299 58.14 -29.32 25.11
N VAL B 300 57.12 -29.16 24.27
CA VAL B 300 56.70 -27.83 23.83
C VAL B 300 56.11 -27.04 25.00
N ILE B 301 55.28 -27.68 25.82
CA ILE B 301 54.64 -26.97 26.92
C ILE B 301 55.68 -26.52 27.95
N GLU B 302 56.61 -27.40 28.30
CA GLU B 302 57.67 -27.01 29.24
C GLU B 302 58.66 -26.03 28.62
N ALA B 303 58.84 -26.08 27.29
CA ALA B 303 59.63 -25.07 26.61
C ALA B 303 58.98 -23.70 26.77
N LEU B 304 57.66 -23.64 26.61
CA LEU B 304 56.95 -22.38 26.84
C LEU B 304 57.00 -21.98 28.31
N GLN B 305 57.00 -22.97 29.22
CA GLN B 305 57.20 -22.68 30.64
C GLN B 305 58.50 -21.94 30.88
N GLN B 306 59.60 -22.50 30.36
CA GLN B 306 60.92 -21.90 30.58
C GLN B 306 61.05 -20.55 29.87
N ALA B 307 60.44 -20.44 28.69
CA ALA B 307 60.45 -19.16 27.98
C ALA B 307 59.72 -18.08 28.76
N SER B 308 58.55 -18.41 29.31
CA SER B 308 57.72 -17.40 29.95
C SER B 308 58.18 -17.07 31.36
N ALA B 309 58.71 -18.05 32.09
CA ALA B 309 59.06 -17.84 33.49
C ALA B 309 60.18 -16.80 33.61
N LEU B 310 61.18 -16.88 32.75
CA LEU B 310 62.32 -15.99 32.81
C LEU B 310 62.62 -15.39 31.43
N ALA E 3 -25.73 28.79 2.00
CA ALA E 3 -25.55 28.85 3.45
C ALA E 3 -26.74 29.54 4.12
N THR E 4 -27.89 28.86 4.12
CA THR E 4 -29.11 29.40 4.74
C THR E 4 -29.07 29.06 6.24
N ARG E 5 -28.19 29.76 6.95
CA ARG E 5 -27.99 29.53 8.37
C ARG E 5 -29.16 30.12 9.13
N ILE E 6 -29.84 29.30 9.92
CA ILE E 6 -30.91 29.73 10.79
C ILE E 6 -30.61 29.26 12.21
N GLN E 7 -31.11 30.01 13.19
CA GLN E 7 -30.98 29.60 14.58
C GLN E 7 -31.72 28.29 14.80
N ALA E 8 -31.10 27.37 15.54
CA ALA E 8 -31.65 26.04 15.72
C ALA E 8 -32.87 26.11 16.64
N VAL E 9 -34.04 26.26 16.05
CA VAL E 9 -35.30 26.21 16.79
C VAL E 9 -35.74 24.76 16.89
N TYR E 10 -36.24 24.38 18.05
CA TYR E 10 -36.53 22.98 18.36
C TYR E 10 -38.04 22.76 18.34
N ARG E 11 -38.52 22.11 17.29
CA ARG E 11 -39.90 21.64 17.25
C ARG E 11 -40.03 20.37 18.06
N ASP E 12 -41.27 19.93 18.28
CA ASP E 12 -41.55 18.70 19.00
C ASP E 12 -42.11 17.68 18.01
N THR E 13 -41.47 16.51 17.96
CA THR E 13 -41.87 15.45 17.04
C THR E 13 -42.80 14.47 17.76
N GLY E 14 -43.92 14.15 17.12
CA GLY E 14 -44.87 13.24 17.71
C GLY E 14 -44.32 11.84 17.91
N VAL E 15 -43.38 11.42 17.07
CA VAL E 15 -42.76 10.11 17.21
C VAL E 15 -41.82 10.12 18.41
N GLU E 16 -41.93 9.09 19.25
CA GLU E 16 -41.13 9.04 20.47
C GLU E 16 -39.68 8.68 20.19
N ALA E 17 -39.41 8.02 19.06
CA ALA E 17 -38.05 7.57 18.77
C ALA E 17 -37.12 8.74 18.46
N TYR E 18 -37.63 9.76 17.77
CA TYR E 18 -36.81 10.87 17.30
C TYR E 18 -36.61 11.95 18.35
N ARG E 19 -37.15 11.78 19.55
CA ARG E 19 -37.10 12.82 20.56
C ARG E 19 -35.69 13.02 21.09
N ASP E 20 -35.38 14.27 21.46
CA ASP E 20 -34.20 14.74 22.18
C ASP E 20 -32.96 14.85 21.31
N ASN E 21 -32.98 14.41 20.07
CA ASN E 21 -31.81 14.58 19.21
C ASN E 21 -31.79 15.99 18.65
N PRO E 22 -30.70 16.74 18.84
CA PRO E 22 -30.62 18.09 18.24
C PRO E 22 -30.58 18.07 16.72
N PHE E 23 -30.34 16.91 16.10
CA PHE E 23 -30.24 16.83 14.65
C PHE E 23 -31.59 16.65 13.97
N ILE E 24 -32.56 16.01 14.61
CA ILE E 24 -33.84 15.70 14.00
C ILE E 24 -34.85 16.82 14.21
N GLU E 25 -34.94 17.34 15.43
CA GLU E 25 -35.93 18.37 15.73
C GLU E 25 -35.62 19.70 15.05
N ALA E 26 -34.38 19.92 14.61
CA ALA E 26 -34.05 21.13 13.87
C ALA E 26 -34.63 21.13 12.45
N LEU E 27 -35.05 19.97 11.96
CA LEU E 27 -35.60 19.86 10.62
C LEU E 27 -37.04 20.38 10.56
N PRO E 28 -37.54 20.70 9.38
CA PRO E 28 -38.91 21.19 9.28
C PRO E 28 -39.89 20.13 9.73
N PRO E 29 -41.04 20.54 10.28
CA PRO E 29 -42.01 19.57 10.80
C PRO E 29 -42.63 18.73 9.69
N LEU E 30 -43.04 17.52 10.07
CA LEU E 30 -43.63 16.58 9.12
C LEU E 30 -45.05 16.96 8.74
N GLN E 31 -45.79 17.60 9.66
CA GLN E 31 -47.21 17.85 9.42
C GLN E 31 -47.42 18.80 8.26
N GLU E 32 -46.64 19.88 8.18
CA GLU E 32 -46.82 20.87 7.12
C GLU E 32 -46.24 20.43 5.79
N SER E 33 -45.35 19.43 5.79
CA SER E 33 -44.74 18.94 4.56
C SER E 33 -45.55 17.84 3.88
N VAL E 34 -46.71 17.47 4.43
CA VAL E 34 -47.53 16.42 3.84
C VAL E 34 -48.05 16.85 2.47
N ASN E 35 -48.59 18.06 2.38
CA ASN E 35 -49.15 18.57 1.15
C ASN E 35 -48.14 19.37 0.33
N SER E 36 -46.96 19.64 0.86
CA SER E 36 -45.97 20.41 0.12
C SER E 36 -45.45 19.64 -1.09
N ALA E 37 -45.36 18.31 -0.99
CA ALA E 37 -44.90 17.51 -2.12
C ALA E 37 -45.87 17.59 -3.29
N ALA E 38 -47.18 17.54 -3.01
CA ALA E 38 -48.18 17.66 -4.06
C ALA E 38 -48.45 19.10 -4.46
N SER E 39 -48.02 20.07 -3.67
CA SER E 39 -48.14 21.48 -4.00
C SER E 39 -46.92 22.01 -4.74
N LEU E 40 -46.03 21.13 -5.18
CA LEU E 40 -44.78 21.52 -5.82
C LEU E 40 -44.96 21.84 -7.30
N LYS E 41 -46.16 21.66 -7.84
CA LYS E 41 -46.43 21.95 -9.24
C LYS E 41 -46.22 23.42 -9.54
N SER E 42 -45.59 23.70 -10.69
CA SER E 42 -45.40 25.07 -11.17
C SER E 42 -45.66 25.10 -12.67
N SER E 43 -46.58 25.97 -13.09
CA SER E 43 -46.94 26.11 -14.50
C SER E 43 -47.09 27.59 -14.83
N LEU E 44 -46.90 27.89 -16.11
CA LEU E 44 -46.99 29.28 -16.58
C LEU E 44 -48.44 29.75 -16.62
N GLN E 45 -48.68 30.95 -16.11
CA GLN E 45 -50.00 31.56 -16.12
C GLN E 45 -50.14 32.36 -17.40
N LEU E 46 -50.96 31.86 -18.32
CA LEU E 46 -51.17 32.49 -19.61
C LEU E 46 -52.56 33.10 -19.70
N THR E 47 -52.66 34.18 -20.46
CA THR E 47 -53.90 34.92 -20.64
C THR E 47 -53.88 35.47 -22.07
N SER E 48 -55.06 35.85 -22.57
CA SER E 48 -55.17 36.41 -23.91
C SER E 48 -54.33 37.66 -24.09
N SER E 49 -53.96 38.33 -22.99
CA SER E 49 -53.06 39.47 -23.09
C SER E 49 -51.70 39.06 -23.64
N ASP E 50 -51.17 37.93 -23.18
CA ASP E 50 -49.91 37.44 -23.72
C ASP E 50 -50.07 36.91 -25.15
N LEU E 51 -51.23 36.33 -25.46
CA LEU E 51 -51.51 35.92 -26.84
C LEU E 51 -51.58 37.13 -27.77
N GLN E 52 -51.92 38.30 -27.22
CA GLN E 52 -52.08 39.50 -28.03
C GLN E 52 -50.75 40.02 -28.57
N LYS E 53 -49.65 39.76 -27.86
CA LYS E 53 -48.38 40.40 -28.17
C LYS E 53 -47.86 39.96 -29.54
N SER E 54 -46.77 40.62 -29.96
CA SER E 54 -46.22 40.39 -31.29
C SER E 54 -45.64 38.98 -31.40
N ARG E 55 -45.37 38.58 -32.64
CA ARG E 55 -44.98 37.21 -32.91
C ARG E 55 -43.62 36.87 -32.29
N VAL E 56 -42.68 37.82 -32.32
CA VAL E 56 -41.36 37.55 -31.76
C VAL E 56 -41.43 37.43 -30.24
N ILE E 57 -42.26 38.26 -29.59
CA ILE E 57 -42.44 38.15 -28.16
C ILE E 57 -43.11 36.83 -27.79
N ARG E 58 -44.09 36.41 -28.60
CA ARG E 58 -44.73 35.12 -28.37
C ARG E 58 -43.75 33.97 -28.54
N ALA E 59 -42.86 34.06 -29.53
CA ALA E 59 -41.84 33.03 -29.72
C ALA E 59 -40.88 32.99 -28.53
N HIS E 60 -40.48 34.16 -28.03
CA HIS E 60 -39.63 34.20 -26.85
C HIS E 60 -40.34 33.58 -25.65
N THR E 61 -41.64 33.86 -25.50
CA THR E 61 -42.40 33.31 -24.38
C THR E 61 -42.49 31.79 -24.47
N ILE E 62 -42.77 31.27 -25.67
CA ILE E 62 -42.88 29.81 -25.82
C ILE E 62 -41.54 29.12 -25.90
N CYS E 63 -40.44 29.85 -26.01
CA CYS E 63 -39.13 29.23 -26.02
C CYS E 63 -38.76 28.66 -24.65
N ARG E 64 -39.30 29.23 -23.57
CA ARG E 64 -38.92 28.84 -22.21
C ARG E 64 -39.94 27.91 -21.56
N ILE E 65 -40.70 27.17 -22.37
CA ILE E 65 -41.60 26.16 -21.81
C ILE E 65 -40.86 25.05 -21.07
N PRO E 66 -39.82 24.41 -21.64
CA PRO E 66 -39.26 23.21 -20.97
C PRO E 66 -38.47 23.50 -19.70
N ASP E 67 -38.46 24.74 -19.19
CA ASP E 67 -37.68 25.06 -18.01
C ASP E 67 -38.51 25.48 -16.80
N ASP E 68 -39.77 25.89 -17.00
CA ASP E 68 -40.60 26.38 -15.91
C ASP E 68 -41.91 25.60 -15.79
N TYR E 69 -41.95 24.35 -16.24
CA TYR E 69 -43.15 23.54 -16.21
C TYR E 69 -42.87 22.25 -15.45
N PHE E 70 -43.78 21.88 -14.54
CA PHE E 70 -43.61 20.68 -13.73
C PHE E 70 -44.98 20.18 -13.29
N GLN E 71 -45.28 18.93 -13.62
CA GLN E 71 -46.52 18.28 -13.19
C GLN E 71 -46.20 17.03 -12.40
N PRO E 72 -46.46 16.98 -11.10
CA PRO E 72 -46.10 15.80 -10.31
C PRO E 72 -46.87 14.57 -10.74
N LEU E 73 -46.21 13.41 -10.62
CA LEU E 73 -46.80 12.12 -10.93
C LEU E 73 -46.95 11.30 -9.65
N GLY E 74 -47.42 10.06 -9.80
CA GLY E 74 -47.59 9.21 -8.64
C GLY E 74 -46.27 8.85 -7.97
N THR E 75 -45.28 8.46 -8.77
CA THR E 75 -43.98 8.06 -8.22
C THR E 75 -43.23 9.23 -7.60
N HIS E 76 -43.54 10.45 -8.02
CA HIS E 76 -42.87 11.63 -7.47
C HIS E 76 -43.14 11.81 -5.99
N LEU E 77 -44.26 11.29 -5.48
CA LEU E 77 -44.55 11.32 -4.05
C LEU E 77 -43.88 10.17 -3.31
N LEU E 78 -43.81 9.00 -3.95
CA LEU E 78 -43.10 7.87 -3.34
C LEU E 78 -41.63 8.22 -3.14
N LEU E 79 -41.01 8.87 -4.12
CA LEU E 79 -39.62 9.28 -3.95
C LEU E 79 -39.46 10.27 -2.81
N SER E 80 -40.40 11.21 -2.68
CA SER E 80 -40.34 12.17 -1.58
C SER E 80 -40.45 11.48 -0.23
N GLU E 81 -41.39 10.52 -0.11
CA GLU E 81 -41.53 9.79 1.15
C GLU E 81 -40.27 8.99 1.47
N ARG E 82 -39.69 8.33 0.46
CA ARG E 82 -38.47 7.56 0.70
C ARG E 82 -37.31 8.46 1.11
N ILE E 83 -37.18 9.64 0.49
CA ILE E 83 -36.10 10.54 0.88
C ILE E 83 -36.32 11.06 2.30
N SER E 84 -37.57 11.36 2.66
CA SER E 84 -37.85 11.85 4.01
C SER E 84 -37.51 10.78 5.05
N VAL E 85 -37.94 9.54 4.82
CA VAL E 85 -37.67 8.49 5.80
C VAL E 85 -36.18 8.15 5.82
N MET E 86 -35.49 8.27 4.68
CA MET E 86 -34.05 8.05 4.67
C MET E 86 -33.31 9.10 5.49
N ILE E 87 -33.72 10.36 5.39
CA ILE E 87 -33.06 11.41 6.14
C ILE E 87 -33.37 11.28 7.63
N ARG E 88 -34.62 11.05 7.98
CA ARG E 88 -35.04 11.05 9.39
C ARG E 88 -34.90 9.68 10.06
N GLY E 89 -34.43 8.66 9.36
CA GLY E 89 -34.19 7.38 9.97
C GLY E 89 -32.71 7.12 10.20
N GLY E 90 -31.86 8.05 9.76
CA GLY E 90 -30.43 7.92 9.86
C GLY E 90 -29.76 8.70 10.96
N TYR E 91 -30.51 9.28 11.89
CA TYR E 91 -29.93 10.01 13.01
C TYR E 91 -30.15 9.32 14.35
N VAL E 92 -30.76 8.14 14.36
CA VAL E 92 -31.02 7.46 15.62
C VAL E 92 -29.73 7.02 16.29
N GLY E 93 -28.68 6.75 15.49
CA GLY E 93 -27.42 6.28 16.06
C GLY E 93 -26.45 7.37 16.45
N ARG E 94 -26.67 8.60 16.01
CA ARG E 94 -25.73 9.70 16.21
C ARG E 94 -26.25 10.75 17.20
N ASN E 95 -26.90 10.31 18.27
CA ASN E 95 -27.34 11.23 19.31
C ASN E 95 -26.11 11.80 20.01
N PRO E 96 -25.91 13.12 20.01
CA PRO E 96 -24.70 13.68 20.65
C PRO E 96 -24.77 13.66 22.17
N LYS E 97 -25.93 13.98 22.74
CA LYS E 97 -26.06 14.05 24.19
C LYS E 97 -25.89 12.68 24.83
N THR E 98 -26.58 11.68 24.28
CA THR E 98 -26.47 10.31 24.79
C THR E 98 -25.20 9.66 24.24
N GLY E 99 -24.66 8.73 25.02
CA GLY E 99 -23.44 8.03 24.62
C GLY E 99 -23.63 7.23 23.34
N ASP E 100 -22.49 6.86 22.77
CA ASP E 100 -22.49 6.19 21.46
C ASP E 100 -23.01 4.77 21.60
N LEU E 101 -23.09 4.08 20.45
CA LEU E 101 -23.69 2.75 20.40
C LEU E 101 -22.88 1.74 21.20
N GLN E 102 -21.55 1.82 21.13
CA GLN E 102 -20.71 0.83 21.81
C GLN E 102 -20.91 0.87 23.31
N LYS E 103 -21.11 2.06 23.88
CA LYS E 103 -21.39 2.16 25.31
C LYS E 103 -22.70 1.47 25.66
N HIS E 104 -23.72 1.62 24.81
CA HIS E 104 -24.98 0.94 25.02
C HIS E 104 -24.80 -0.57 24.99
N LEU E 105 -24.07 -1.08 23.99
CA LEU E 105 -23.84 -2.52 23.93
C LEU E 105 -23.09 -3.02 25.16
N GLN E 106 -22.07 -2.28 25.59
CA GLN E 106 -21.26 -2.72 26.72
C GLN E 106 -22.07 -2.71 28.02
N ASN E 107 -22.83 -1.64 28.28
CA ASN E 107 -23.55 -1.60 29.54
C ASN E 107 -24.72 -2.57 29.53
N GLY E 108 -25.31 -2.84 28.36
CA GLY E 108 -26.29 -3.91 28.29
C GLY E 108 -25.69 -5.27 28.56
N TYR E 109 -24.49 -5.53 28.03
CA TYR E 109 -23.86 -6.82 28.24
C TYR E 109 -23.43 -7.00 29.70
N GLU E 110 -23.06 -5.92 30.39
CA GLU E 110 -22.79 -6.10 31.81
C GLU E 110 -24.08 -6.19 32.61
N ARG E 111 -25.17 -5.59 32.13
CA ARG E 111 -26.45 -5.76 32.80
C ARG E 111 -26.96 -7.19 32.71
N VAL E 112 -26.79 -7.83 31.56
CA VAL E 112 -27.30 -9.20 31.45
C VAL E 112 -26.48 -10.16 32.31
N GLN E 113 -25.18 -9.90 32.48
CA GLN E 113 -24.35 -10.65 33.41
C GLN E 113 -24.68 -10.18 34.82
N THR E 114 -25.28 -11.07 35.61
CA THR E 114 -25.81 -10.74 36.94
C THR E 114 -26.86 -9.64 36.81
N GLY E 115 -27.08 -8.89 37.89
CA GLY E 115 -28.03 -7.79 37.83
C GLY E 115 -29.44 -8.28 37.55
N GLU E 116 -30.17 -7.48 36.78
CA GLU E 116 -31.53 -7.84 36.36
C GLU E 116 -31.75 -7.36 34.91
N LEU E 117 -31.43 -8.23 33.96
CA LEU E 117 -31.79 -8.02 32.56
C LEU E 117 -31.78 -9.38 31.88
N GLU E 118 -32.96 -9.89 31.54
CA GLU E 118 -33.07 -11.28 31.12
C GLU E 118 -32.39 -11.52 29.79
N THR E 119 -32.68 -10.70 28.78
CA THR E 119 -32.15 -10.90 27.44
C THR E 119 -31.87 -9.55 26.79
N PHE E 120 -30.81 -9.51 25.97
CA PHE E 120 -30.44 -8.33 25.22
C PHE E 120 -30.23 -8.72 23.77
N ARG E 121 -30.80 -7.94 22.85
CA ARG E 121 -30.57 -8.13 21.42
C ARG E 121 -29.42 -7.22 21.00
N PHE E 122 -28.31 -7.83 20.57
CA PHE E 122 -27.09 -7.08 20.32
C PHE E 122 -27.12 -6.35 18.99
N GLU E 123 -27.26 -7.08 17.89
CA GLU E 123 -27.29 -6.43 16.59
C GLU E 123 -28.66 -5.83 16.31
N GLU E 124 -28.73 -4.50 16.32
CA GLU E 124 -29.95 -3.76 16.02
C GLU E 124 -29.96 -3.44 14.54
N ALA E 125 -30.84 -4.11 13.79
CA ALA E 125 -30.82 -4.02 12.34
C ALA E 125 -31.16 -2.62 11.87
N ARG E 126 -30.41 -2.13 10.88
CA ARG E 126 -30.67 -0.84 10.24
C ARG E 126 -31.70 -1.03 9.12
N SER E 127 -32.92 -1.38 9.53
CA SER E 127 -33.97 -1.68 8.57
C SER E 127 -34.59 -0.43 7.99
N THR E 128 -34.68 0.64 8.78
CA THR E 128 -35.43 1.82 8.33
C THR E 128 -34.68 2.60 7.26
N ALA E 129 -33.34 2.57 7.29
CA ALA E 129 -32.52 3.33 6.37
C ALA E 129 -31.63 2.38 5.59
N GLN E 130 -31.65 2.50 4.26
CA GLN E 130 -30.82 1.68 3.39
C GLN E 130 -30.48 2.46 2.14
N SER E 131 -29.40 2.03 1.47
CA SER E 131 -28.99 2.66 0.23
C SER E 131 -30.00 2.39 -0.87
N LEU E 132 -30.11 3.34 -1.79
CA LEU E 132 -31.07 3.26 -2.90
C LEU E 132 -30.29 3.36 -4.20
N LEU E 133 -30.75 2.62 -5.21
CA LEU E 133 -30.00 2.47 -6.46
C LEU E 133 -30.88 2.88 -7.63
N LEU E 134 -31.44 4.09 -7.54
CA LEU E 134 -32.27 4.69 -8.58
C LEU E 134 -31.79 4.38 -9.98
N ILE E 135 -32.66 3.79 -10.81
CA ILE E 135 -32.33 3.39 -12.17
C ILE E 135 -33.49 3.77 -13.08
N GLY E 136 -33.19 4.44 -14.18
CA GLY E 136 -34.20 4.80 -15.15
C GLY E 136 -33.56 5.20 -16.46
N CYS E 137 -34.36 5.11 -17.53
CA CYS E 137 -33.86 5.44 -18.85
C CYS E 137 -33.41 6.89 -18.92
N SER E 138 -32.32 7.14 -19.63
CA SER E 138 -31.77 8.49 -19.72
C SER E 138 -32.77 9.43 -20.37
N GLY E 139 -32.95 10.60 -19.75
CA GLY E 139 -33.96 11.53 -20.22
C GLY E 139 -35.36 11.23 -19.75
N SER E 140 -35.53 10.80 -18.51
CA SER E 140 -36.85 10.49 -17.96
C SER E 140 -37.31 11.50 -16.91
N GLY E 141 -36.41 12.31 -16.37
CA GLY E 141 -36.79 13.30 -15.37
C GLY E 141 -36.23 13.02 -13.99
N LYS E 142 -35.09 12.33 -13.94
CA LYS E 142 -34.52 11.95 -12.65
C LYS E 142 -33.91 13.14 -11.92
N THR E 143 -33.15 13.98 -12.63
CA THR E 143 -32.37 15.02 -11.98
C THR E 143 -33.23 16.17 -11.50
N THR E 144 -34.16 16.64 -12.34
CA THR E 144 -34.98 17.80 -11.98
C THR E 144 -35.92 17.47 -10.83
N SER E 145 -36.51 16.27 -10.85
CA SER E 145 -37.37 15.85 -9.74
C SER E 145 -36.58 15.79 -8.43
N LEU E 146 -35.34 15.29 -8.49
CA LEU E 146 -34.50 15.25 -7.30
C LEU E 146 -34.21 16.65 -6.79
N HIS E 147 -33.88 17.59 -7.71
CA HIS E 147 -33.64 18.96 -7.28
C HIS E 147 -34.86 19.55 -6.60
N ARG E 148 -36.05 19.37 -7.18
CA ARG E 148 -37.22 20.04 -6.63
C ARG E 148 -37.72 19.37 -5.36
N ILE E 149 -37.46 18.07 -5.17
CA ILE E 149 -37.73 17.43 -3.89
C ILE E 149 -36.74 17.91 -2.83
N LEU E 150 -35.46 17.95 -3.17
CA LEU E 150 -34.40 18.16 -2.19
C LEU E 150 -34.15 19.63 -1.90
N ALA E 151 -34.77 20.54 -2.63
CA ALA E 151 -34.65 21.97 -2.33
C ALA E 151 -35.49 22.42 -1.15
N THR E 152 -36.27 21.52 -0.55
CA THR E 152 -37.09 21.88 0.61
C THR E 152 -36.28 21.92 1.91
N TYR E 153 -35.26 21.07 2.03
CA TYR E 153 -34.49 20.99 3.27
C TYR E 153 -33.36 22.02 3.25
N PRO E 154 -33.26 22.89 4.26
CA PRO E 154 -32.12 23.82 4.32
C PRO E 154 -30.80 23.07 4.40
N GLN E 155 -29.79 23.61 3.73
CA GLN E 155 -28.51 22.91 3.63
C GLN E 155 -27.76 22.93 4.96
N VAL E 156 -27.68 24.08 5.61
CA VAL E 156 -26.87 24.26 6.81
C VAL E 156 -27.78 24.78 7.93
N ILE E 157 -27.76 24.09 9.06
CA ILE E 157 -28.46 24.52 10.27
C ILE E 157 -27.42 24.62 11.37
N TYR E 158 -26.98 25.84 11.68
CA TYR E 158 -25.94 26.04 12.67
C TYR E 158 -26.47 25.78 14.08
N HIS E 159 -25.63 25.19 14.92
CA HIS E 159 -25.95 24.90 16.31
C HIS E 159 -25.08 25.77 17.22
N ARG E 160 -25.70 26.34 18.26
CA ARG E 160 -25.02 27.28 19.14
C ARG E 160 -24.62 26.69 20.49
N GLU E 161 -25.51 25.91 21.12
CA GLU E 161 -25.15 25.29 22.40
C GLU E 161 -23.98 24.32 22.23
N LEU E 162 -24.01 23.52 21.17
CA LEU E 162 -22.85 22.72 20.77
C LEU E 162 -22.02 23.54 19.78
N ASN E 163 -20.97 22.94 19.23
CA ASN E 163 -20.21 23.54 18.14
C ASN E 163 -20.08 22.49 17.04
N VAL E 164 -21.13 22.38 16.22
CA VAL E 164 -21.17 21.47 15.09
C VAL E 164 -21.89 22.16 13.95
N GLU E 165 -21.45 21.90 12.72
CA GLU E 165 -22.10 22.38 11.52
C GLU E 165 -22.89 21.24 10.91
N GLN E 166 -24.20 21.41 10.78
CA GLN E 166 -25.10 20.35 10.33
C GLN E 166 -25.37 20.54 8.84
N VAL E 167 -24.79 19.68 8.02
CA VAL E 167 -25.04 19.65 6.59
C VAL E 167 -26.12 18.61 6.33
N VAL E 168 -27.34 19.06 6.04
CA VAL E 168 -28.46 18.15 5.94
C VAL E 168 -28.33 17.25 4.71
N TYR E 169 -27.91 17.83 3.57
CA TYR E 169 -27.78 17.05 2.35
C TYR E 169 -26.62 17.59 1.54
N LEU E 170 -26.21 16.80 0.54
CA LEU E 170 -25.11 17.18 -0.34
C LEU E 170 -25.33 16.51 -1.69
N LYS E 171 -24.67 17.06 -2.71
CA LYS E 171 -24.74 16.54 -4.07
C LYS E 171 -23.35 16.41 -4.66
N ILE E 172 -23.14 15.35 -5.44
CA ILE E 172 -21.91 15.15 -6.20
C ILE E 172 -22.29 14.91 -7.66
N ASP E 173 -21.69 15.67 -8.56
CA ASP E 173 -21.97 15.57 -9.98
C ASP E 173 -20.71 15.10 -10.70
N CYS E 174 -20.81 13.99 -11.41
CA CYS E 174 -19.71 13.47 -12.21
C CYS E 174 -19.75 14.07 -13.61
N SER E 175 -18.56 14.33 -14.16
CA SER E 175 -18.43 14.91 -15.49
C SER E 175 -18.20 13.80 -16.51
N HIS E 176 -17.95 14.21 -17.75
CA HIS E 176 -17.75 13.26 -18.83
C HIS E 176 -16.41 12.55 -18.67
N ASN E 177 -16.46 11.20 -18.69
CA ASN E 177 -15.26 10.36 -18.64
C ASN E 177 -14.42 10.67 -17.40
N GLY E 178 -15.07 10.76 -16.25
CA GLY E 178 -14.40 11.08 -15.02
C GLY E 178 -13.57 9.94 -14.47
N SER E 179 -12.87 10.22 -13.38
CA SER E 179 -11.99 9.27 -12.72
C SER E 179 -12.49 8.98 -11.31
N LEU E 180 -11.95 7.91 -10.72
CA LEU E 180 -12.37 7.51 -9.39
C LEU E 180 -11.99 8.55 -8.34
N LYS E 181 -10.73 9.01 -8.37
CA LYS E 181 -10.30 10.07 -7.46
C LYS E 181 -11.04 11.37 -7.71
N GLU E 182 -11.54 11.58 -8.92
CA GLU E 182 -12.28 12.80 -9.22
C GLU E 182 -13.60 12.85 -8.46
N ILE E 183 -14.17 11.69 -8.11
CA ILE E 183 -15.38 11.68 -7.29
C ILE E 183 -15.08 12.21 -5.89
N CYS E 184 -13.98 11.76 -5.28
CA CYS E 184 -13.58 12.27 -3.97
C CYS E 184 -13.24 13.74 -4.04
N LEU E 185 -12.56 14.17 -5.11
CA LEU E 185 -12.25 15.59 -5.27
C LEU E 185 -13.52 16.41 -5.43
N ASN E 186 -14.53 15.87 -6.13
CA ASN E 186 -15.81 16.55 -6.26
C ASN E 186 -16.50 16.65 -4.90
N PHE E 187 -16.42 15.61 -4.09
CA PHE E 187 -16.97 15.67 -2.74
C PHE E 187 -16.30 16.78 -1.93
N PHE E 188 -14.96 16.83 -1.99
CA PHE E 188 -14.23 17.86 -1.25
C PHE E 188 -14.61 19.26 -1.73
N ARG E 189 -14.69 19.44 -3.05
CA ARG E 189 -15.02 20.75 -3.61
C ARG E 189 -16.43 21.18 -3.23
N ALA E 190 -17.40 20.25 -3.32
CA ALA E 190 -18.77 20.58 -2.95
C ALA E 190 -18.90 20.89 -1.47
N LEU E 191 -18.18 20.14 -0.62
CA LEU E 191 -18.21 20.42 0.81
C LEU E 191 -17.61 21.78 1.12
N ASP E 192 -16.50 22.13 0.46
CA ASP E 192 -15.92 23.44 0.67
C ASP E 192 -16.85 24.55 0.15
N ARG E 193 -17.58 24.27 -0.93
CA ARG E 193 -18.54 25.24 -1.45
C ARG E 193 -19.70 25.45 -0.48
N ALA E 194 -20.19 24.38 0.15
CA ALA E 194 -21.39 24.48 0.96
C ALA E 194 -21.15 25.32 2.23
N LEU E 195 -20.05 25.04 2.94
CA LEU E 195 -19.79 25.70 4.21
C LEU E 195 -18.82 26.88 4.05
N GLY E 196 -17.66 26.62 3.48
CA GLY E 196 -16.62 27.63 3.40
C GLY E 196 -15.29 27.10 3.91
N SER E 197 -15.23 25.78 4.09
CA SER E 197 -14.01 25.15 4.57
C SER E 197 -12.95 25.12 3.49
N ASN E 198 -11.76 24.65 3.86
CA ASN E 198 -10.61 24.55 2.97
C ASN E 198 -10.01 23.16 3.04
N TYR E 199 -10.87 22.15 2.97
CA TYR E 199 -10.42 20.76 3.05
C TYR E 199 -9.57 20.35 1.86
N GLU E 200 -9.73 21.02 0.70
CA GLU E 200 -8.91 20.71 -0.45
C GLU E 200 -7.44 21.02 -0.18
N ARG E 201 -7.16 22.13 0.50
CA ARG E 201 -5.78 22.47 0.82
C ARG E 201 -5.16 21.45 1.76
N ARG E 202 -5.91 21.01 2.76
CA ARG E 202 -5.36 20.09 3.76
C ARG E 202 -5.19 18.69 3.21
N TYR E 203 -6.19 18.18 2.46
CA TYR E 203 -6.21 16.77 2.11
C TYR E 203 -6.40 16.50 0.63
N GLY E 204 -6.49 17.52 -0.21
CA GLY E 204 -6.68 17.31 -1.63
C GLY E 204 -5.43 16.99 -2.41
N LEU E 205 -4.30 16.79 -1.72
CA LEU E 205 -3.06 16.47 -2.40
C LEU E 205 -3.15 15.11 -3.09
N LYS E 206 -2.56 15.02 -4.28
CA LYS E 206 -2.56 13.78 -5.05
C LYS E 206 -1.52 12.76 -4.55
N ARG E 207 -0.76 13.11 -3.51
CA ARG E 207 0.23 12.18 -2.98
C ARG E 207 -0.42 10.92 -2.41
N HIS E 208 -1.54 11.07 -1.72
CA HIS E 208 -2.18 9.94 -1.06
C HIS E 208 -2.95 9.09 -2.05
N GLY E 209 -3.24 7.85 -1.65
CA GLY E 209 -4.04 6.96 -2.45
C GLY E 209 -5.53 7.20 -2.27
N ILE E 210 -6.32 6.42 -3.02
CA ILE E 210 -7.78 6.57 -2.98
C ILE E 210 -8.32 6.11 -1.63
N GLU E 211 -7.73 5.07 -1.05
CA GLU E 211 -8.16 4.61 0.27
C GLU E 211 -7.98 5.68 1.33
N THR E 212 -6.90 6.48 1.21
CA THR E 212 -6.72 7.61 2.12
C THR E 212 -7.85 8.62 1.95
N MET E 213 -8.24 8.90 0.71
CA MET E 213 -9.39 9.78 0.48
C MET E 213 -10.64 9.22 1.15
N LEU E 214 -10.87 7.91 1.02
CA LEU E 214 -12.06 7.31 1.64
C LEU E 214 -12.03 7.43 3.16
N ALA E 215 -10.88 7.14 3.77
CA ALA E 215 -10.78 7.19 5.23
C ALA E 215 -10.96 8.61 5.75
N LEU E 216 -10.31 9.58 5.11
CA LEU E 216 -10.46 10.97 5.52
C LEU E 216 -11.87 11.48 5.25
N MET E 217 -12.51 10.98 4.18
CA MET E 217 -13.91 11.30 3.93
C MET E 217 -14.80 10.78 5.05
N SER E 218 -14.53 9.57 5.53
CA SER E 218 -15.27 9.03 6.66
C SER E 218 -15.06 9.88 7.90
N GLN E 219 -13.82 10.32 8.14
CA GLN E 219 -13.55 11.17 9.30
C GLN E 219 -14.31 12.48 9.23
N ILE E 220 -14.31 13.12 8.05
CA ILE E 220 -15.03 14.38 7.91
C ILE E 220 -16.54 14.16 8.05
N ALA E 221 -17.07 13.08 7.45
CA ALA E 221 -18.50 12.81 7.55
C ALA E 221 -18.92 12.49 8.97
N ASN E 222 -18.00 11.94 9.78
CA ASN E 222 -18.31 11.75 11.18
C ASN E 222 -18.21 13.06 11.96
N ALA E 223 -17.28 13.94 11.57
CA ALA E 223 -17.10 15.20 12.30
C ALA E 223 -18.31 16.10 12.15
N HIS E 224 -18.77 16.32 10.92
CA HIS E 224 -19.96 17.13 10.67
C HIS E 224 -21.19 16.23 10.60
N ALA E 225 -22.31 16.75 11.08
CA ALA E 225 -23.57 16.00 11.01
C ALA E 225 -24.03 15.95 9.56
N LEU E 226 -23.78 14.82 8.90
CA LEU E 226 -24.10 14.65 7.49
C LEU E 226 -25.30 13.74 7.34
N GLY E 227 -26.30 14.19 6.59
CA GLY E 227 -27.53 13.43 6.44
C GLY E 227 -27.58 12.53 5.23
N LEU E 228 -27.32 13.09 4.06
CA LEU E 228 -27.48 12.36 2.81
C LEU E 228 -26.31 12.67 1.88
N LEU E 229 -25.97 11.70 1.03
CA LEU E 229 -24.88 11.84 0.06
C LEU E 229 -25.40 11.28 -1.27
N VAL E 230 -25.68 12.18 -2.21
CA VAL E 230 -26.25 11.81 -3.51
C VAL E 230 -25.15 11.85 -4.56
N ILE E 231 -24.98 10.76 -5.29
CA ILE E 231 -24.03 10.66 -6.38
C ILE E 231 -24.81 10.60 -7.68
N ASP E 232 -24.48 11.49 -8.62
CA ASP E 232 -25.29 11.71 -9.80
C ASP E 232 -24.56 11.27 -11.06
N GLU E 233 -25.31 10.69 -12.00
CA GLU E 233 -24.84 10.35 -13.34
C GLU E 233 -23.64 9.40 -13.30
N ILE E 234 -23.91 8.19 -12.80
CA ILE E 234 -22.91 7.13 -12.80
C ILE E 234 -22.52 6.76 -14.24
N GLN E 235 -23.44 6.96 -15.19
CA GLN E 235 -23.21 6.57 -16.57
C GLN E 235 -21.98 7.23 -17.18
N HIS E 236 -21.65 8.45 -16.74
CA HIS E 236 -20.58 9.20 -17.36
C HIS E 236 -19.19 8.76 -16.94
N LEU E 237 -19.07 7.84 -15.99
CA LEU E 237 -17.76 7.36 -15.58
C LEU E 237 -17.18 6.48 -16.67
N SER E 238 -15.95 6.77 -17.08
CA SER E 238 -15.29 6.03 -18.15
C SER E 238 -14.83 4.67 -17.65
N ARG E 239 -15.05 3.65 -18.48
CA ARG E 239 -14.69 2.28 -18.12
C ARG E 239 -13.27 1.90 -18.53
N SER E 240 -12.57 2.77 -19.26
CA SER E 240 -11.24 2.42 -19.74
C SER E 240 -10.18 2.61 -18.66
N ARG E 241 -9.99 3.85 -18.20
CA ARG E 241 -8.97 4.12 -17.19
C ARG E 241 -9.42 3.71 -15.79
N SER E 242 -10.71 3.51 -15.57
CA SER E 242 -11.18 3.06 -14.27
C SER E 242 -10.73 1.64 -13.99
N GLY E 243 -11.12 0.70 -14.85
CA GLY E 243 -10.72 -0.68 -14.68
C GLY E 243 -11.88 -1.66 -14.79
N GLY E 244 -11.84 -2.70 -13.95
CA GLY E 244 -12.89 -3.70 -14.00
C GLY E 244 -14.18 -3.23 -13.37
N SER E 245 -15.29 -3.70 -13.94
CA SER E 245 -16.58 -3.48 -13.32
C SER E 245 -16.64 -4.12 -11.94
N GLN E 246 -15.94 -5.25 -11.75
CA GLN E 246 -15.89 -5.89 -10.43
C GLN E 246 -15.22 -4.99 -9.40
N GLU E 247 -14.11 -4.33 -9.77
CA GLU E 247 -13.44 -3.50 -8.78
C GLU E 247 -14.18 -2.18 -8.59
N MET E 248 -14.89 -1.70 -9.62
CA MET E 248 -15.75 -0.54 -9.41
C MET E 248 -16.89 -0.87 -8.45
N LEU E 249 -17.48 -2.05 -8.59
CA LEU E 249 -18.50 -2.51 -7.65
C LEU E 249 -17.94 -2.64 -6.24
N ASN E 250 -16.71 -3.18 -6.13
CA ASN E 250 -16.06 -3.26 -4.83
C ASN E 250 -15.83 -1.89 -4.22
N PHE E 251 -15.42 -0.92 -5.05
CA PHE E 251 -15.24 0.45 -4.58
C PHE E 251 -16.55 1.02 -4.05
N PHE E 252 -17.66 0.81 -4.77
CA PHE E 252 -18.93 1.35 -4.31
C PHE E 252 -19.40 0.66 -3.04
N VAL E 253 -19.21 -0.65 -2.93
CA VAL E 253 -19.59 -1.38 -1.73
C VAL E 253 -18.79 -0.89 -0.52
N THR E 254 -17.48 -0.68 -0.71
CA THR E 254 -16.66 -0.14 0.37
C THR E 254 -17.08 1.29 0.70
N MET E 255 -17.47 2.07 -0.31
CA MET E 255 -17.92 3.44 -0.08
C MET E 255 -19.17 3.47 0.77
N VAL E 256 -20.11 2.54 0.54
CA VAL E 256 -21.34 2.50 1.32
C VAL E 256 -21.05 2.23 2.78
N ASN E 257 -20.17 1.27 3.07
CA ASN E 257 -19.96 0.83 4.44
C ASN E 257 -19.15 1.84 5.25
N ILE E 258 -18.10 2.40 4.64
CA ILE E 258 -17.11 3.15 5.41
C ILE E 258 -17.68 4.46 5.94
N ILE E 259 -18.41 5.19 5.08
CA ILE E 259 -18.86 6.53 5.45
C ILE E 259 -19.84 6.47 6.62
N GLY E 260 -20.79 5.54 6.58
CA GLY E 260 -21.71 5.37 7.68
C GLY E 260 -23.00 6.15 7.60
N VAL E 261 -23.18 6.97 6.56
CA VAL E 261 -24.42 7.73 6.38
C VAL E 261 -25.12 7.18 5.15
N PRO E 262 -26.46 7.30 5.04
CA PRO E 262 -27.14 6.76 3.86
C PRO E 262 -26.68 7.44 2.59
N VAL E 263 -26.60 6.65 1.52
CA VAL E 263 -26.10 7.11 0.23
C VAL E 263 -27.13 6.78 -0.84
N MET E 264 -27.30 7.69 -1.80
CA MET E 264 -28.24 7.53 -2.89
C MET E 264 -27.48 7.57 -4.20
N LEU E 265 -27.70 6.57 -5.05
CA LEU E 265 -27.03 6.48 -6.34
C LEU E 265 -28.05 6.63 -7.46
N ILE E 266 -27.62 7.28 -8.54
CA ILE E 266 -28.44 7.49 -9.73
C ILE E 266 -27.66 6.96 -10.92
N GLY E 267 -28.32 6.15 -11.76
CA GLY E 267 -27.60 5.54 -12.87
C GLY E 267 -28.53 5.11 -13.98
N THR E 268 -27.92 4.92 -15.15
CA THR E 268 -28.58 4.44 -16.34
C THR E 268 -28.82 2.94 -16.26
N PRO E 269 -29.72 2.40 -17.09
CA PRO E 269 -29.88 0.94 -17.13
C PRO E 269 -28.61 0.18 -17.49
N LYS E 270 -27.64 0.82 -18.13
CA LYS E 270 -26.37 0.14 -18.37
C LYS E 270 -25.59 -0.06 -17.07
N ALA E 271 -25.82 0.80 -16.07
CA ALA E 271 -25.22 0.57 -14.76
C ALA E 271 -25.76 -0.68 -14.09
N ARG E 272 -26.96 -1.13 -14.48
CA ARG E 272 -27.46 -2.40 -13.96
C ARG E 272 -26.55 -3.55 -14.36
N GLU E 273 -25.90 -3.45 -15.52
CA GLU E 273 -24.89 -4.43 -15.90
C GLU E 273 -23.75 -4.46 -14.91
N ILE E 274 -23.30 -3.28 -14.46
CA ILE E 274 -22.24 -3.21 -13.45
C ILE E 274 -22.73 -3.82 -12.14
N PHE E 275 -23.98 -3.52 -11.76
CA PHE E 275 -24.54 -3.99 -10.49
C PHE E 275 -25.27 -5.32 -10.61
N GLU E 276 -24.98 -6.10 -11.66
CA GLU E 276 -25.62 -7.40 -11.80
C GLU E 276 -25.28 -8.34 -10.64
N ALA E 277 -24.02 -8.35 -10.20
CA ALA E 277 -23.59 -9.33 -9.19
C ALA E 277 -24.22 -9.04 -7.84
N ASP E 278 -24.16 -7.79 -7.39
CA ASP E 278 -24.65 -7.45 -6.06
C ASP E 278 -26.17 -7.38 -5.97
N LEU E 279 -26.86 -7.23 -7.09
CA LEU E 279 -28.32 -7.12 -7.05
C LEU E 279 -29.01 -8.48 -7.12
N ARG E 280 -28.40 -9.47 -7.77
CA ARG E 280 -28.97 -10.81 -7.82
C ARG E 280 -29.05 -11.42 -6.42
N SER E 281 -28.01 -11.21 -5.61
CA SER E 281 -27.95 -11.80 -4.29
C SER E 281 -29.03 -11.21 -3.39
N ALA E 282 -29.69 -12.09 -2.63
CA ALA E 282 -30.69 -11.69 -1.65
C ALA E 282 -30.15 -11.69 -0.23
N ARG E 283 -28.84 -11.80 -0.07
CA ARG E 283 -28.24 -11.81 1.26
C ARG E 283 -28.48 -10.49 1.96
N ARG E 284 -28.85 -10.56 3.24
CA ARG E 284 -29.07 -9.35 4.02
C ARG E 284 -27.74 -8.64 4.28
N GLY E 285 -27.82 -7.32 4.43
CA GLY E 285 -26.65 -6.49 4.59
C GLY E 285 -26.05 -5.98 3.30
N ALA E 286 -26.49 -6.50 2.15
CA ALA E 286 -26.00 -5.99 0.87
C ALA E 286 -26.64 -4.65 0.52
N GLY E 287 -27.89 -4.43 0.92
CA GLY E 287 -28.55 -3.18 0.62
C GLY E 287 -28.90 -3.06 -0.85
N PHE E 288 -28.86 -1.82 -1.34
CA PHE E 288 -29.12 -1.48 -2.73
C PHE E 288 -30.53 -1.92 -3.16
N GLY E 289 -31.53 -1.30 -2.53
CA GLY E 289 -32.88 -1.42 -3.03
C GLY E 289 -33.04 -0.65 -4.33
N ALA E 290 -33.75 -1.23 -5.29
CA ALA E 290 -33.87 -0.64 -6.62
C ALA E 290 -35.27 -0.07 -6.82
N ILE E 291 -35.35 1.15 -7.35
CA ILE E 291 -36.60 1.77 -7.76
C ILE E 291 -36.50 2.03 -9.26
N PHE E 292 -37.49 1.55 -10.01
CA PHE E 292 -37.45 1.59 -11.46
C PHE E 292 -38.34 2.71 -11.98
N TRP E 293 -37.72 3.78 -12.48
CA TRP E 293 -38.43 4.79 -13.27
C TRP E 293 -38.79 4.22 -14.63
N ASP E 294 -40.03 4.48 -15.05
CA ASP E 294 -40.54 4.00 -16.32
C ASP E 294 -41.27 5.14 -17.03
N PRO E 295 -41.34 5.10 -18.35
CA PRO E 295 -42.14 6.09 -19.08
C PRO E 295 -43.63 5.86 -18.82
N ILE E 296 -44.41 6.90 -19.10
CA ILE E 296 -45.84 6.88 -18.81
C ILE E 296 -46.51 5.83 -19.70
N GLN E 297 -47.12 4.83 -19.07
CA GLN E 297 -47.85 3.80 -19.79
C GLN E 297 -49.27 4.26 -20.08
N GLN E 298 -49.84 3.75 -21.18
CA GLN E 298 -51.18 4.14 -21.58
C GLN E 298 -52.24 3.17 -21.07
N THR E 299 -52.09 1.89 -21.39
CA THR E 299 -53.14 0.90 -21.16
C THR E 299 -52.85 0.13 -19.88
N GLN E 300 -53.64 0.41 -18.85
CA GLN E 300 -53.65 -0.38 -17.62
C GLN E 300 -55.07 -0.88 -17.39
N ARG E 301 -55.17 -2.17 -17.06
CA ARG E 301 -56.45 -2.88 -16.91
C ARG E 301 -57.30 -2.82 -18.18
N GLY E 302 -56.65 -2.67 -19.35
CA GLY E 302 -57.36 -2.55 -20.59
C GLY E 302 -57.91 -1.18 -20.90
N LYS E 303 -57.65 -0.18 -20.06
CA LYS E 303 -58.21 1.15 -20.20
C LYS E 303 -57.10 2.19 -20.28
N PRO E 304 -57.28 3.24 -21.08
CA PRO E 304 -56.26 4.31 -21.13
C PRO E 304 -56.05 4.96 -19.77
N ASN E 305 -54.80 5.32 -19.49
CA ASN E 305 -54.43 5.85 -18.19
C ASN E 305 -54.94 7.28 -18.00
N GLN E 306 -55.23 7.61 -16.74
CA GLN E 306 -55.66 8.96 -16.40
C GLN E 306 -54.49 9.94 -16.35
N GLU E 307 -53.30 9.46 -15.97
CA GLU E 307 -52.14 10.34 -15.84
C GLU E 307 -51.79 11.01 -17.16
N TRP E 308 -51.73 10.21 -18.23
CA TRP E 308 -51.38 10.76 -19.54
C TRP E 308 -52.43 11.73 -20.02
N ILE E 309 -53.71 11.43 -19.83
CA ILE E 309 -54.77 12.31 -20.29
C ILE E 309 -54.69 13.65 -19.55
N ALA E 310 -54.54 13.60 -18.22
CA ALA E 310 -54.47 14.83 -17.43
C ALA E 310 -53.25 15.65 -17.81
N PHE E 311 -52.07 15.00 -17.93
CA PHE E 311 -50.88 15.73 -18.33
C PHE E 311 -51.00 16.32 -19.72
N THR E 312 -51.56 15.57 -20.66
CA THR E 312 -51.70 16.05 -22.03
C THR E 312 -52.61 17.26 -22.09
N ASP E 313 -53.74 17.22 -21.37
CA ASP E 313 -54.62 18.39 -21.34
C ASP E 313 -53.93 19.59 -20.71
N ASN E 314 -53.25 19.38 -19.59
CA ASN E 314 -52.62 20.50 -18.89
C ASN E 314 -51.51 21.12 -19.73
N LEU E 315 -50.79 20.29 -20.51
CA LEU E 315 -49.75 20.83 -21.39
C LEU E 315 -50.36 21.49 -22.62
N TRP E 316 -51.45 20.93 -23.15
CA TRP E 316 -52.09 21.50 -24.33
C TRP E 316 -52.71 22.86 -24.02
N GLN E 317 -53.07 23.10 -22.75
CA GLN E 317 -53.59 24.40 -22.38
C GLN E 317 -52.55 25.52 -22.46
N LEU E 318 -51.27 25.17 -22.64
CA LEU E 318 -50.17 26.13 -22.59
C LEU E 318 -49.65 26.53 -23.96
N GLN E 319 -50.53 26.66 -24.96
CA GLN E 319 -50.10 27.03 -26.31
C GLN E 319 -50.59 28.42 -26.68
N LEU E 320 -49.87 29.06 -27.60
CA LEU E 320 -50.18 30.41 -28.08
C LEU E 320 -50.24 30.37 -29.61
N LEU E 321 -51.42 30.04 -30.14
CA LEU E 321 -51.66 30.02 -31.58
C LEU E 321 -52.99 30.66 -31.89
N GLN E 322 -53.05 31.41 -33.00
CA GLN E 322 -54.29 32.06 -33.40
C GLN E 322 -55.29 31.06 -33.97
N ARG E 323 -54.82 30.11 -34.76
CA ARG E 323 -55.68 29.18 -35.48
C ARG E 323 -55.61 27.77 -34.90
N LYS E 324 -55.53 27.68 -33.58
CA LYS E 324 -55.47 26.39 -32.91
C LYS E 324 -56.86 25.76 -32.81
N ASP E 325 -56.88 24.48 -32.43
CA ASP E 325 -58.13 23.77 -32.14
C ASP E 325 -58.25 23.50 -30.65
N ALA E 326 -59.40 23.85 -30.08
CA ALA E 326 -59.59 23.72 -28.64
C ALA E 326 -59.68 22.26 -28.23
N LEU E 327 -60.51 21.48 -28.91
CA LEU E 327 -60.69 20.07 -28.55
C LEU E 327 -59.47 19.26 -28.96
N LEU E 328 -59.26 18.16 -28.25
CA LEU E 328 -58.18 17.22 -28.54
C LEU E 328 -58.78 15.92 -29.05
N SER E 329 -58.43 15.53 -30.26
CA SER E 329 -58.92 14.28 -30.84
C SER E 329 -58.12 13.10 -30.31
N ASP E 330 -58.76 11.93 -30.34
CA ASP E 330 -58.08 10.71 -29.90
C ASP E 330 -56.91 10.37 -30.80
N GLU E 331 -57.09 10.49 -32.12
CA GLU E 331 -56.02 10.18 -33.05
C GLU E 331 -54.90 11.21 -32.98
N VAL E 332 -55.25 12.48 -32.76
CA VAL E 332 -54.25 13.53 -32.62
C VAL E 332 -53.35 13.25 -31.44
N ARG E 333 -53.93 12.79 -30.32
CA ARG E 333 -53.13 12.38 -29.18
C ARG E 333 -52.31 11.13 -29.48
N ASP E 334 -52.94 10.15 -30.15
CA ASP E 334 -52.30 8.85 -30.35
C ASP E 334 -51.07 8.97 -31.24
N VAL E 335 -51.14 9.81 -32.28
CA VAL E 335 -50.04 9.86 -33.24
C VAL E 335 -48.74 10.29 -32.56
N TRP E 336 -48.79 11.36 -31.76
CA TRP E 336 -47.56 11.72 -31.07
C TRP E 336 -47.31 10.88 -29.83
N TYR E 337 -48.31 10.12 -29.34
CA TYR E 337 -47.98 9.10 -28.36
C TYR E 337 -47.02 8.07 -28.94
N GLU E 338 -47.42 7.38 -30.01
CA GLU E 338 -46.50 6.40 -30.58
C GLU E 338 -45.30 7.06 -31.26
N LEU E 339 -45.37 8.37 -31.54
CA LEU E 339 -44.18 9.08 -31.99
C LEU E 339 -43.18 9.25 -30.85
N SER E 340 -43.66 9.44 -29.62
CA SER E 340 -42.80 9.73 -28.49
C SER E 340 -42.61 8.55 -27.54
N GLN E 341 -43.46 7.52 -27.62
CA GLN E 341 -43.35 6.30 -26.83
C GLN E 341 -43.51 6.54 -25.33
N GLY E 342 -43.85 7.78 -24.94
CA GLY E 342 -44.10 8.11 -23.55
C GLY E 342 -42.93 8.68 -22.79
N VAL E 343 -41.75 8.78 -23.41
CA VAL E 343 -40.57 9.29 -22.71
C VAL E 343 -40.79 10.75 -22.36
N MET E 344 -40.45 11.11 -21.11
CA MET E 344 -40.85 12.39 -20.56
C MET E 344 -40.11 13.56 -21.21
N ASP E 345 -38.83 13.40 -21.55
CA ASP E 345 -38.03 14.54 -21.99
C ASP E 345 -38.47 15.04 -23.36
N ILE E 346 -38.81 14.14 -24.28
CA ILE E 346 -39.13 14.52 -25.64
C ILE E 346 -40.60 14.90 -25.82
N VAL E 347 -41.45 14.68 -24.82
CA VAL E 347 -42.85 15.06 -24.93
C VAL E 347 -42.99 16.58 -25.06
N VAL E 348 -42.29 17.33 -24.19
CA VAL E 348 -42.34 18.78 -24.30
C VAL E 348 -41.48 19.26 -25.47
N LYS E 349 -40.45 18.49 -25.82
CA LYS E 349 -39.59 18.85 -26.94
C LYS E 349 -40.39 18.84 -28.25
N LEU E 350 -41.29 17.87 -28.41
CA LEU E 350 -42.09 17.79 -29.61
C LEU E 350 -42.96 19.03 -29.78
N PHE E 351 -43.60 19.50 -28.70
CA PHE E 351 -44.40 20.71 -28.78
C PHE E 351 -43.54 21.94 -29.06
N VAL E 352 -42.44 22.09 -28.31
CA VAL E 352 -41.63 23.30 -28.46
C VAL E 352 -40.95 23.35 -29.82
N LEU E 353 -40.80 22.21 -30.50
CA LEU E 353 -40.31 22.24 -31.88
C LEU E 353 -41.44 22.41 -32.89
N ALA E 354 -42.57 21.74 -32.67
CA ALA E 354 -43.63 21.71 -33.68
C ALA E 354 -44.33 23.06 -33.79
N GLN E 355 -44.68 23.68 -32.65
CA GLN E 355 -45.34 24.98 -32.71
C GLN E 355 -44.40 26.04 -33.28
N LEU E 356 -43.13 25.99 -32.89
CA LEU E 356 -42.15 26.92 -33.44
C LEU E 356 -41.99 26.75 -34.94
N ARG E 357 -41.96 25.50 -35.42
CA ARG E 357 -41.83 25.25 -36.85
C ARG E 357 -43.09 25.69 -37.60
N ALA E 358 -44.26 25.44 -37.03
CA ALA E 358 -45.51 25.85 -37.65
C ALA E 358 -45.67 27.37 -37.68
N LEU E 359 -45.01 28.09 -36.76
CA LEU E 359 -45.02 29.55 -36.81
C LEU E 359 -44.38 30.08 -38.09
N ALA E 360 -43.53 29.28 -38.76
CA ALA E 360 -42.88 29.71 -39.98
C ALA E 360 -43.31 28.93 -41.22
N LEU E 361 -43.83 27.71 -41.05
CA LEU E 361 -44.22 26.90 -42.21
C LEU E 361 -45.54 27.36 -42.84
N GLY E 362 -46.36 28.12 -42.11
CA GLY E 362 -47.65 28.51 -42.63
C GLY E 362 -48.73 28.63 -41.59
N ASN E 363 -49.82 27.88 -41.78
CA ASN E 363 -50.95 27.95 -40.87
C ASN E 363 -50.55 27.52 -39.46
N GLU E 364 -51.14 28.18 -38.47
CA GLU E 364 -50.83 27.92 -37.06
C GLU E 364 -51.81 26.91 -36.48
N ARG E 365 -51.67 25.67 -36.94
CA ARG E 365 -52.50 24.57 -36.47
C ARG E 365 -51.64 23.31 -36.37
N ILE E 366 -52.05 22.40 -35.50
CA ILE E 366 -51.30 21.19 -35.19
C ILE E 366 -52.07 19.98 -35.72
N THR E 367 -51.38 19.13 -36.46
CA THR E 367 -51.96 17.91 -37.00
C THR E 367 -50.91 16.80 -36.95
N ALA E 368 -51.35 15.59 -37.31
CA ALA E 368 -50.46 14.44 -37.27
C ALA E 368 -49.30 14.59 -38.25
N GLY E 369 -49.56 15.15 -39.44
CA GLY E 369 -48.50 15.31 -40.42
C GLY E 369 -47.40 16.25 -39.95
N LEU E 370 -47.77 17.33 -39.27
CA LEU E 370 -46.78 18.26 -38.75
C LEU E 370 -45.85 17.59 -37.75
N LEU E 371 -46.43 16.83 -36.81
CA LEU E 371 -45.62 16.14 -35.82
C LEU E 371 -44.75 15.07 -36.47
N ARG E 372 -45.29 14.36 -37.46
CA ARG E 372 -44.49 13.35 -38.16
C ARG E 372 -43.31 13.99 -38.87
N GLN E 373 -43.54 15.12 -39.54
CA GLN E 373 -42.45 15.82 -40.22
C GLN E 373 -41.41 16.32 -39.24
N VAL E 374 -41.85 16.86 -38.10
CA VAL E 374 -40.91 17.35 -37.09
C VAL E 374 -40.06 16.21 -36.55
N TYR E 375 -40.70 15.07 -36.26
CA TYR E 375 -39.95 13.90 -35.79
C TYR E 375 -38.95 13.42 -36.83
N GLN E 376 -39.36 13.37 -38.10
CA GLN E 376 -38.49 12.83 -39.13
C GLN E 376 -37.33 13.78 -39.45
N ASP E 377 -37.51 15.09 -39.29
CA ASP E 377 -36.50 16.05 -39.71
C ASP E 377 -35.77 16.74 -38.57
N GLU E 378 -36.09 16.46 -37.31
CA GLU E 378 -35.40 17.09 -36.21
C GLU E 378 -35.06 16.16 -35.05
N LEU E 379 -35.44 14.89 -35.10
CA LEU E 379 -35.11 13.91 -34.08
C LEU E 379 -34.21 12.81 -34.64
N LYS E 380 -33.20 13.20 -35.41
CA LYS E 380 -32.33 12.26 -36.10
C LYS E 380 -31.66 11.23 -35.21
N PRO E 381 -31.00 11.59 -34.09
CA PRO E 381 -30.20 10.58 -33.37
C PRO E 381 -31.03 9.56 -32.59
N VAL E 382 -32.17 9.98 -32.04
CA VAL E 382 -32.87 9.20 -31.02
C VAL E 382 -33.77 8.14 -31.63
N HIS E 383 -33.65 7.91 -32.94
CA HIS E 383 -34.50 6.92 -33.60
C HIS E 383 -34.34 5.50 -33.05
N PRO E 384 -33.13 4.94 -32.93
CA PRO E 384 -33.04 3.52 -32.52
C PRO E 384 -33.57 3.25 -31.12
N MET E 385 -33.34 4.14 -30.16
CA MET E 385 -33.87 3.93 -28.81
C MET E 385 -35.39 3.97 -28.81
N LEU E 386 -35.98 4.93 -29.52
CA LEU E 386 -37.43 5.04 -29.59
C LEU E 386 -38.05 3.83 -30.28
N GLU E 387 -37.38 3.27 -31.29
CA GLU E 387 -37.89 2.07 -31.94
C GLU E 387 -37.71 0.84 -31.05
N ALA E 388 -36.59 0.76 -30.32
CA ALA E 388 -36.33 -0.38 -29.46
C ALA E 388 -37.30 -0.40 -28.27
N LEU E 389 -37.73 0.76 -27.79
CA LEU E 389 -38.74 0.79 -26.75
C LEU E 389 -40.06 0.16 -27.22
N ARG E 390 -40.36 0.29 -28.52
CA ARG E 390 -41.49 -0.44 -29.07
C ARG E 390 -41.17 -1.92 -29.26
N SER E 391 -39.91 -2.23 -29.58
CA SER E 391 -39.52 -3.62 -29.81
C SER E 391 -39.69 -4.45 -28.55
N GLY E 392 -39.30 -3.91 -27.39
CA GLY E 392 -39.51 -4.58 -26.12
C GLY E 392 -38.40 -5.52 -25.69
N ILE E 393 -37.35 -5.71 -26.50
CA ILE E 393 -36.25 -6.57 -26.12
C ILE E 393 -35.40 -5.85 -25.06
N PRO E 394 -35.22 -6.45 -23.88
CA PRO E 394 -34.49 -5.74 -22.81
C PRO E 394 -33.05 -5.40 -23.19
N GLU E 395 -32.35 -6.30 -23.88
CA GLU E 395 -30.98 -6.01 -24.28
C GLU E 395 -30.94 -4.88 -25.30
N ARG E 396 -31.87 -4.87 -26.25
CA ARG E 396 -31.92 -3.81 -27.25
C ARG E 396 -32.19 -2.46 -26.60
N ILE E 397 -33.07 -2.42 -25.61
CA ILE E 397 -33.34 -1.17 -24.89
C ILE E 397 -32.12 -0.74 -24.09
N ALA E 398 -31.47 -1.68 -23.41
CA ALA E 398 -30.37 -1.33 -22.51
C ALA E 398 -29.15 -0.84 -23.28
N ARG E 399 -28.75 -1.57 -24.32
CA ARG E 399 -27.49 -1.27 -25.00
C ARG E 399 -27.54 0.07 -25.72
N TYR E 400 -28.64 0.38 -26.41
CA TYR E 400 -28.73 1.56 -27.26
C TYR E 400 -29.37 2.74 -26.56
N SER E 401 -29.29 2.81 -25.24
CA SER E 401 -29.79 3.96 -24.49
C SER E 401 -28.68 5.00 -24.35
N ASP E 402 -28.90 5.98 -23.47
CA ASP E 402 -27.93 6.97 -23.03
C ASP E 402 -27.55 7.99 -24.12
N LEU E 403 -28.35 8.12 -25.17
CA LEU E 403 -28.14 9.16 -26.16
C LEU E 403 -29.08 10.33 -25.86
N VAL E 404 -28.52 11.54 -25.89
CA VAL E 404 -29.15 12.70 -25.27
C VAL E 404 -29.48 13.79 -26.29
N VAL E 405 -29.27 13.50 -27.59
CA VAL E 405 -29.52 14.40 -28.73
C VAL E 405 -29.06 15.82 -28.41
N PRO E 406 -27.75 16.07 -28.40
CA PRO E 406 -27.25 17.37 -27.93
C PRO E 406 -27.56 18.49 -28.91
N GLU E 407 -27.19 19.70 -28.49
CA GLU E 407 -27.36 20.93 -29.26
C GLU E 407 -28.85 21.17 -29.60
N ILE E 408 -29.63 21.40 -28.54
CA ILE E 408 -31.04 21.70 -28.68
C ILE E 408 -31.32 23.18 -28.49
N ASP E 409 -30.78 23.79 -27.43
CA ASP E 409 -31.04 25.20 -27.16
C ASP E 409 -30.47 26.09 -28.25
N LYS E 410 -29.27 25.74 -28.75
CA LYS E 410 -28.70 26.50 -29.86
C LYS E 410 -29.58 26.42 -31.10
N ARG E 411 -30.14 25.22 -31.37
CA ARG E 411 -31.07 25.06 -32.47
C ARG E 411 -32.32 25.92 -32.27
N LEU E 412 -32.84 25.97 -31.04
CA LEU E 412 -34.01 26.78 -30.77
C LEU E 412 -33.73 28.26 -31.00
N ILE E 413 -32.57 28.75 -30.55
CA ILE E 413 -32.25 30.17 -30.74
C ILE E 413 -32.03 30.47 -32.22
N GLN E 414 -31.33 29.58 -32.94
CA GLN E 414 -31.10 29.80 -34.36
C GLN E 414 -32.42 29.82 -35.15
N LEU E 415 -33.32 28.90 -34.84
CA LEU E 415 -34.63 28.91 -35.50
C LEU E 415 -35.43 30.13 -35.10
N GLN E 416 -35.30 30.59 -33.85
CA GLN E 416 -36.00 31.79 -33.43
C GLN E 416 -35.55 33.01 -34.23
N LEU E 417 -34.23 33.16 -34.41
CA LEU E 417 -33.74 34.30 -35.19
C LEU E 417 -34.10 34.16 -36.66
N ASP E 418 -34.09 32.93 -37.18
CA ASP E 418 -34.51 32.70 -38.56
C ASP E 418 -35.97 33.11 -38.76
N ILE E 419 -36.84 32.73 -37.81
CA ILE E 419 -38.25 33.09 -37.90
C ILE E 419 -38.42 34.59 -37.75
N ALA E 420 -37.66 35.22 -36.85
CA ALA E 420 -37.73 36.67 -36.70
C ALA E 420 -37.32 37.39 -37.98
N ALA E 421 -36.39 36.82 -38.74
CA ALA E 421 -36.03 37.36 -40.05
C ALA E 421 -37.13 36.99 -41.04
N ILE E 422 -38.14 37.85 -41.16
CA ILE E 422 -39.27 37.60 -42.05
C ILE E 422 -39.98 38.92 -42.31
N GLN E 423 -40.75 38.98 -43.40
CA GLN E 423 -41.51 40.19 -43.72
C GLN E 423 -42.95 39.91 -44.13
N GLU E 424 -43.37 38.66 -44.26
CA GLU E 424 -44.70 38.34 -44.76
C GLU E 424 -45.78 38.80 -43.79
N GLN E 425 -46.91 39.23 -44.34
CA GLN E 425 -48.05 39.70 -43.57
C GLN E 425 -48.90 38.53 -43.08
N THR E 426 -49.76 38.81 -42.11
CA THR E 426 -50.79 37.89 -41.68
C THR E 426 -52.12 38.64 -41.66
N PRO E 427 -53.23 37.96 -41.95
CA PRO E 427 -54.51 38.68 -42.10
C PRO E 427 -54.97 39.44 -40.86
N GLU E 428 -54.57 39.00 -39.67
CA GLU E 428 -55.17 39.52 -38.45
C GLU E 428 -54.44 40.73 -37.86
N GLU E 429 -53.17 40.93 -38.17
CA GLU E 429 -52.46 42.08 -37.61
C GLU E 429 -52.94 43.39 -38.20
N LYS E 430 -53.27 43.41 -39.50
CA LYS E 430 -53.82 44.63 -40.08
C LYS E 430 -55.20 44.93 -39.54
N ALA E 431 -55.95 43.89 -39.14
CA ALA E 431 -57.22 44.11 -38.47
C ALA E 431 -57.02 44.64 -37.06
N LEU E 432 -55.99 44.15 -36.36
CA LEU E 432 -55.68 44.66 -35.03
C LEU E 432 -55.31 46.14 -35.09
N GLN E 433 -54.42 46.51 -36.01
CA GLN E 433 -54.07 47.91 -36.17
C GLN E 433 -55.21 48.74 -36.78
N GLU E 434 -56.14 48.09 -37.48
CA GLU E 434 -57.27 48.80 -38.06
C GLU E 434 -58.25 49.25 -36.98
N LEU E 435 -58.51 48.39 -36.00
CA LEU E 435 -59.50 48.71 -34.98
C LEU E 435 -59.01 49.80 -34.04
N ASP E 436 -57.91 49.54 -33.33
CA ASP E 436 -57.27 50.50 -32.42
C ASP E 436 -56.06 49.82 -31.80
N THR E 437 -55.23 50.63 -31.15
CA THR E 437 -54.16 50.12 -30.29
C THR E 437 -54.61 50.00 -28.84
N GLU E 438 -55.87 50.31 -28.54
CA GLU E 438 -56.42 50.16 -27.19
C GLU E 438 -56.61 48.72 -26.78
N ASP E 439 -56.44 47.77 -27.71
CA ASP E 439 -56.50 46.34 -27.44
C ASP E 439 -57.90 45.89 -27.03
N GLN E 440 -58.91 46.32 -27.80
CA GLN E 440 -60.21 45.68 -27.77
C GLN E 440 -60.24 44.42 -28.62
N ARG E 441 -59.10 44.06 -29.22
CA ARG E 441 -58.96 42.76 -29.85
C ARG E 441 -59.12 41.63 -28.83
N HIS E 442 -58.96 41.91 -27.53
CA HIS E 442 -59.29 40.91 -26.52
C HIS E 442 -60.74 40.45 -26.66
N LEU E 443 -61.65 41.41 -26.86
CA LEU E 443 -63.05 41.07 -27.11
C LEU E 443 -63.24 40.56 -28.53
N TYR E 444 -62.52 41.17 -29.48
CA TYR E 444 -62.61 40.77 -30.89
C TYR E 444 -62.33 39.28 -31.08
N LEU E 445 -61.38 38.74 -30.32
CA LEU E 445 -61.09 37.31 -30.41
C LEU E 445 -62.29 36.48 -29.97
N MET E 446 -63.00 36.93 -28.94
CA MET E 446 -64.20 36.23 -28.51
C MET E 446 -65.33 36.39 -29.52
N LEU E 447 -65.30 37.45 -30.32
CA LEU E 447 -66.34 37.63 -31.34
C LEU E 447 -65.99 36.98 -32.67
N LYS E 448 -64.75 37.13 -33.13
CA LYS E 448 -64.42 36.82 -34.52
C LYS E 448 -64.52 35.33 -34.83
N GLU E 449 -64.32 34.46 -33.84
CA GLU E 449 -64.26 33.03 -34.09
C GLU E 449 -65.60 32.47 -34.58
N ASP E 450 -66.70 33.17 -34.35
CA ASP E 450 -68.03 32.66 -34.69
C ASP E 450 -68.65 33.34 -35.90
N TYR E 451 -68.25 34.57 -36.22
CA TYR E 451 -68.87 35.33 -37.30
C TYR E 451 -67.79 35.93 -38.20
N ASP E 452 -68.19 36.23 -39.43
CA ASP E 452 -67.26 36.77 -40.41
C ASP E 452 -66.83 38.18 -40.03
N SER E 453 -65.53 38.45 -40.20
CA SER E 453 -64.96 39.70 -39.71
C SER E 453 -65.44 40.91 -40.50
N SER E 454 -65.75 40.73 -41.79
CA SER E 454 -66.11 41.85 -42.65
C SER E 454 -67.36 42.57 -42.16
N LEU E 455 -68.22 41.89 -41.42
CA LEU E 455 -69.38 42.54 -40.84
C LEU E 455 -69.09 43.08 -39.45
N LEU E 456 -68.35 42.31 -38.64
CA LEU E 456 -68.10 42.72 -37.26
C LEU E 456 -67.27 44.00 -37.19
N ILE E 457 -66.16 44.06 -37.92
CA ILE E 457 -65.23 45.19 -37.76
C ILE E 457 -65.90 46.54 -37.99
N PRO E 458 -66.65 46.76 -39.09
CA PRO E 458 -67.35 48.04 -39.21
C PRO E 458 -68.44 48.24 -38.17
N THR E 459 -69.21 47.20 -37.83
CA THR E 459 -70.29 47.39 -36.87
C THR E 459 -69.75 47.57 -35.46
N ILE E 460 -68.66 46.89 -35.09
CA ILE E 460 -68.08 47.16 -33.79
C ILE E 460 -67.43 48.54 -33.76
N LYS E 461 -66.88 49.00 -34.88
CA LYS E 461 -66.36 50.36 -34.93
C LYS E 461 -67.47 51.39 -34.72
N LYS E 462 -68.62 51.19 -35.38
CA LYS E 462 -69.74 52.11 -35.19
C LYS E 462 -70.28 52.04 -33.76
N ALA E 463 -70.37 50.82 -33.21
CA ALA E 463 -70.84 50.65 -31.83
C ALA E 463 -69.91 51.33 -30.84
N PHE E 464 -68.60 51.23 -31.06
CA PHE E 464 -67.64 51.87 -30.19
C PHE E 464 -67.56 53.38 -30.41
N SER E 465 -68.02 53.86 -31.57
CA SER E 465 -68.18 55.29 -31.76
C SER E 465 -69.38 55.81 -30.99
N GLN E 466 -70.52 55.12 -31.07
CA GLN E 466 -71.72 55.60 -30.39
C GLN E 466 -71.67 55.31 -28.89
N ASN E 467 -71.14 54.16 -28.50
CA ASN E 467 -70.88 53.84 -27.10
C ASN E 467 -69.37 53.77 -26.90
N PRO E 468 -68.77 54.64 -26.08
CA PRO E 468 -67.31 54.78 -26.08
C PRO E 468 -66.54 53.49 -25.82
N THR E 469 -67.00 52.66 -24.87
CA THR E 469 -66.38 51.36 -24.65
C THR E 469 -67.40 50.49 -23.93
N MET E 470 -67.90 49.46 -24.62
CA MET E 470 -68.88 48.57 -24.03
C MET E 470 -68.22 47.61 -23.04
N THR E 471 -68.97 47.20 -22.03
CA THR E 471 -68.49 46.21 -21.08
C THR E 471 -68.24 44.89 -21.81
N ARG E 472 -67.20 44.17 -21.38
CA ARG E 472 -66.87 42.92 -22.03
C ARG E 472 -67.99 41.89 -21.91
N GLN E 473 -68.82 42.02 -20.87
CA GLN E 473 -69.96 41.12 -20.71
C GLN E 473 -71.10 41.50 -21.64
N LYS E 474 -71.27 42.81 -21.89
CA LYS E 474 -72.43 43.31 -22.63
C LYS E 474 -72.22 43.40 -24.13
N LEU E 475 -71.01 43.15 -24.63
CA LEU E 475 -70.76 43.27 -26.07
C LEU E 475 -71.45 42.16 -26.84
N LEU E 476 -71.38 40.93 -26.34
CA LEU E 476 -71.90 39.79 -27.10
C LEU E 476 -73.41 39.85 -27.34
N PRO E 477 -74.27 40.22 -26.38
CA PRO E 477 -75.70 40.34 -26.71
C PRO E 477 -75.99 41.37 -27.80
N LEU E 478 -75.29 42.51 -27.79
CA LEU E 478 -75.62 43.54 -28.76
C LEU E 478 -75.06 43.21 -30.14
N VAL E 479 -73.85 42.64 -30.19
CA VAL E 479 -73.35 42.16 -31.47
C VAL E 479 -74.22 41.04 -31.98
N LEU E 480 -74.82 40.24 -31.09
CA LEU E 480 -75.84 39.30 -31.49
C LEU E 480 -77.03 40.03 -32.12
N GLN E 481 -77.40 41.19 -31.55
CA GLN E 481 -78.50 41.96 -32.13
C GLN E 481 -78.17 42.43 -33.55
N TRP E 482 -76.92 42.89 -33.80
CA TRP E 482 -76.60 43.25 -35.18
C TRP E 482 -76.51 42.03 -36.10
N LEU E 483 -76.07 40.88 -35.61
CA LEU E 483 -76.15 39.69 -36.44
C LEU E 483 -77.59 39.22 -36.66
N MET E 484 -78.51 39.64 -35.78
CA MET E 484 -79.91 39.24 -35.88
C MET E 484 -80.71 40.18 -36.78
N GLU E 485 -80.30 41.44 -36.87
CA GLU E 485 -81.05 42.43 -37.65
C GLU E 485 -81.06 42.06 -39.14
N THR F 4 -18.51 -5.24 16.46
CA THR F 4 -19.19 -5.62 17.70
C THR F 4 -18.12 -6.10 18.68
N ARG F 5 -17.33 -5.16 19.18
CA ARG F 5 -16.22 -5.47 20.10
C ARG F 5 -16.72 -5.36 21.54
N ILE F 6 -17.21 -6.48 22.06
CA ILE F 6 -17.73 -6.54 23.41
C ILE F 6 -16.65 -7.11 24.34
N GLN F 7 -16.25 -6.32 25.33
CA GLN F 7 -15.28 -6.79 26.30
C GLN F 7 -15.91 -7.86 27.20
N ALA F 8 -15.05 -8.65 27.82
CA ALA F 8 -15.47 -9.84 28.55
C ALA F 8 -15.38 -9.63 30.05
N VAL F 9 -16.45 -10.00 30.76
CA VAL F 9 -16.45 -10.07 32.21
C VAL F 9 -17.00 -11.44 32.60
N TYR F 10 -16.32 -12.11 33.52
CA TYR F 10 -16.58 -13.51 33.81
C TYR F 10 -17.67 -13.68 34.86
N ARG F 11 -18.49 -14.72 34.67
CA ARG F 11 -19.52 -15.11 35.62
C ARG F 11 -19.52 -16.62 35.73
N ASP F 12 -19.64 -17.12 36.96
CA ASP F 12 -19.52 -18.55 37.21
C ASP F 12 -20.67 -19.32 36.58
N THR F 13 -20.41 -20.60 36.30
CA THR F 13 -21.40 -21.51 35.75
C THR F 13 -21.36 -22.81 36.55
N GLY F 14 -22.54 -23.35 36.86
CA GLY F 14 -22.63 -24.50 37.75
C GLY F 14 -22.20 -25.81 37.13
N VAL F 15 -22.09 -25.88 35.80
CA VAL F 15 -21.76 -27.13 35.14
C VAL F 15 -20.35 -27.56 35.52
N GLU F 16 -20.18 -28.87 35.75
CA GLU F 16 -18.91 -29.39 36.25
C GLU F 16 -17.78 -29.21 35.24
N ALA F 17 -18.01 -29.58 33.99
CA ALA F 17 -16.95 -29.56 33.00
C ALA F 17 -16.58 -28.15 32.55
N TYR F 18 -17.41 -27.15 32.84
CA TYR F 18 -17.16 -25.78 32.45
C TYR F 18 -16.75 -24.91 33.64
N ARG F 19 -16.15 -25.52 34.65
CA ARG F 19 -15.88 -24.82 35.91
C ARG F 19 -14.91 -23.67 35.73
N ASP F 20 -13.76 -23.93 35.10
CA ASP F 20 -12.72 -22.92 34.90
C ASP F 20 -12.30 -22.95 33.43
N ASN F 21 -12.97 -22.14 32.62
CA ASN F 21 -12.67 -22.02 31.19
C ASN F 21 -12.96 -20.59 30.75
N PRO F 22 -11.93 -19.83 30.35
CA PRO F 22 -12.16 -18.41 30.06
C PRO F 22 -12.95 -18.14 28.79
N PHE F 23 -13.17 -19.14 27.95
CA PHE F 23 -13.98 -18.94 26.76
C PHE F 23 -15.47 -19.10 27.03
N ILE F 24 -15.86 -20.12 27.79
CA ILE F 24 -17.27 -20.38 28.05
C ILE F 24 -17.86 -19.32 28.97
N GLU F 25 -17.11 -18.92 29.99
CA GLU F 25 -17.66 -18.05 31.03
C GLU F 25 -17.94 -16.63 30.57
N ALA F 26 -17.49 -16.24 29.37
CA ALA F 26 -17.73 -14.91 28.86
C ALA F 26 -19.05 -14.79 28.11
N LEU F 27 -19.80 -15.88 27.99
CA LEU F 27 -21.05 -15.93 27.25
C LEU F 27 -22.23 -15.63 28.17
N PRO F 28 -23.39 -15.28 27.59
CA PRO F 28 -24.58 -15.08 28.43
C PRO F 28 -24.93 -16.35 29.17
N PRO F 29 -25.58 -16.21 30.34
CA PRO F 29 -25.81 -17.38 31.19
C PRO F 29 -26.81 -18.35 30.58
N LEU F 30 -26.97 -19.48 31.25
CA LEU F 30 -27.88 -20.52 30.81
C LEU F 30 -29.31 -20.18 31.21
N GLN F 31 -30.25 -20.44 30.30
CA GLN F 31 -31.66 -20.13 30.52
C GLN F 31 -32.50 -21.35 30.21
N GLU F 32 -33.65 -21.44 30.87
CA GLU F 32 -34.56 -22.56 30.71
C GLU F 32 -35.43 -22.34 29.46
N SER F 33 -36.45 -23.18 29.29
CA SER F 33 -37.37 -23.04 28.17
C SER F 33 -38.45 -22.00 28.43
N VAL F 34 -38.48 -21.40 29.62
CA VAL F 34 -39.44 -20.32 29.89
C VAL F 34 -39.14 -19.12 29.01
N ASN F 35 -37.86 -18.77 28.86
CA ASN F 35 -37.46 -17.57 28.15
C ASN F 35 -36.72 -17.84 26.85
N SER F 36 -36.16 -19.04 26.68
CA SER F 36 -35.42 -19.34 25.46
C SER F 36 -36.32 -19.30 24.23
N ALA F 37 -37.56 -19.79 24.36
CA ALA F 37 -38.54 -19.75 23.29
C ALA F 37 -39.55 -18.63 23.48
N ALA F 38 -39.19 -17.60 24.25
CA ALA F 38 -40.05 -16.44 24.46
C ALA F 38 -39.35 -15.11 24.25
N SER F 39 -38.02 -15.06 24.26
CA SER F 39 -37.30 -13.82 24.01
C SER F 39 -37.21 -13.47 22.53
N LEU F 40 -37.49 -14.42 21.64
CA LEU F 40 -37.46 -14.15 20.21
C LEU F 40 -38.68 -13.40 19.72
N LYS F 41 -39.72 -13.28 20.54
CA LYS F 41 -40.94 -12.62 20.12
C LYS F 41 -40.71 -11.15 19.83
N SER F 42 -41.30 -10.67 18.74
CA SER F 42 -41.32 -9.26 18.42
C SER F 42 -42.57 -8.95 17.64
N SER F 43 -42.98 -7.68 17.67
CA SER F 43 -44.19 -7.25 16.97
C SER F 43 -44.11 -5.76 16.74
N LEU F 44 -44.93 -5.29 15.81
CA LEU F 44 -45.00 -3.88 15.51
C LEU F 44 -45.83 -3.14 16.56
N GLN F 45 -45.67 -1.82 16.60
CA GLN F 45 -46.34 -1.04 17.65
C GLN F 45 -47.78 -0.72 17.27
N LEU F 46 -47.99 0.05 16.21
CA LEU F 46 -49.32 0.42 15.70
C LEU F 46 -50.16 1.10 16.78
N THR F 47 -49.72 2.30 17.14
CA THR F 47 -50.53 3.16 17.98
C THR F 47 -51.84 3.52 17.28
N SER F 48 -52.87 3.79 18.09
CA SER F 48 -54.20 4.05 17.55
C SER F 48 -54.27 5.33 16.72
N SER F 49 -53.33 6.25 16.91
CA SER F 49 -53.31 7.50 16.16
C SER F 49 -52.73 7.34 14.75
N ASP F 50 -52.19 6.18 14.42
CA ASP F 50 -51.57 5.96 13.11
C ASP F 50 -52.57 5.54 12.04
N LEU F 51 -53.82 5.22 12.41
CA LEU F 51 -54.79 4.79 11.43
C LEU F 51 -55.23 5.94 10.52
N GLN F 52 -55.25 7.16 11.04
CA GLN F 52 -55.71 8.34 10.28
C GLN F 52 -54.48 9.06 9.73
N LYS F 53 -54.01 8.62 8.57
CA LYS F 53 -52.86 9.24 7.90
C LYS F 53 -53.04 9.10 6.40
N SER F 54 -52.02 9.52 5.66
CA SER F 54 -52.04 9.40 4.21
C SER F 54 -51.93 7.93 3.80
N ARG F 55 -52.43 7.63 2.60
CA ARG F 55 -52.46 6.24 2.15
C ARG F 55 -51.07 5.71 1.84
N VAL F 56 -50.15 6.59 1.39
CA VAL F 56 -48.80 6.14 1.07
C VAL F 56 -48.06 5.70 2.34
N ILE F 57 -48.25 6.45 3.43
CA ILE F 57 -47.61 6.07 4.69
C ILE F 57 -48.13 4.72 5.18
N ARG F 58 -49.44 4.51 5.08
CA ARG F 58 -50.02 3.23 5.48
C ARG F 58 -49.51 2.09 4.60
N ALA F 59 -49.38 2.33 3.30
CA ALA F 59 -48.85 1.32 2.40
C ALA F 59 -47.41 0.98 2.76
N HIS F 60 -46.60 1.99 3.09
CA HIS F 60 -45.21 1.74 3.50
C HIS F 60 -45.17 0.94 4.81
N THR F 61 -46.03 1.28 5.76
CA THR F 61 -46.06 0.54 7.02
C THR F 61 -46.49 -0.92 6.81
N ILE F 62 -47.45 -1.16 5.90
CA ILE F 62 -47.82 -2.52 5.57
C ILE F 62 -46.65 -3.26 4.91
N CYS F 63 -45.95 -2.59 3.98
CA CYS F 63 -44.81 -3.23 3.32
C CYS F 63 -43.69 -3.53 4.31
N ARG F 64 -43.61 -2.79 5.42
CA ARG F 64 -42.61 -3.05 6.44
C ARG F 64 -42.93 -4.26 7.32
N ILE F 65 -44.11 -4.86 7.17
CA ILE F 65 -44.53 -5.93 8.07
C ILE F 65 -43.63 -7.17 8.00
N PRO F 66 -43.35 -7.77 6.83
CA PRO F 66 -42.72 -9.10 6.82
C PRO F 66 -41.33 -9.15 7.43
N ASP F 67 -40.63 -8.02 7.53
CA ASP F 67 -39.29 -8.04 8.10
C ASP F 67 -39.29 -7.95 9.61
N ASP F 68 -40.35 -7.41 10.21
CA ASP F 68 -40.40 -7.15 11.65
C ASP F 68 -41.56 -7.90 12.32
N TYR F 69 -41.74 -9.18 11.97
CA TYR F 69 -42.76 -10.02 12.60
C TYR F 69 -42.20 -11.42 12.79
N PHE F 70 -42.19 -11.89 14.04
CA PHE F 70 -41.71 -13.23 14.35
C PHE F 70 -42.49 -13.75 15.55
N GLN F 71 -43.14 -14.89 15.39
CA GLN F 71 -43.95 -15.50 16.44
C GLN F 71 -43.31 -16.81 16.89
N PRO F 72 -42.80 -16.89 18.12
CA PRO F 72 -42.14 -18.13 18.56
C PRO F 72 -43.10 -19.29 18.68
N LEU F 73 -42.94 -20.29 17.81
CA LEU F 73 -43.80 -21.46 17.81
C LEU F 73 -43.34 -22.45 18.88
N GLY F 74 -43.87 -23.66 18.83
CA GLY F 74 -43.50 -24.72 19.74
C GLY F 74 -42.32 -25.56 19.30
N THR F 75 -41.60 -25.14 18.26
CA THR F 75 -40.46 -25.89 17.75
C THR F 75 -39.13 -25.19 17.99
N HIS F 76 -39.13 -23.87 18.18
CA HIS F 76 -37.88 -23.13 18.30
C HIS F 76 -37.14 -23.42 19.59
N LEU F 77 -37.82 -23.92 20.62
CA LEU F 77 -37.13 -24.22 21.88
C LEU F 77 -36.11 -25.34 21.70
N LEU F 78 -36.47 -26.38 20.94
CA LEU F 78 -35.54 -27.47 20.69
C LEU F 78 -34.32 -26.98 19.91
N LEU F 79 -34.54 -26.18 18.88
CA LEU F 79 -33.43 -25.65 18.10
C LEU F 79 -32.53 -24.76 18.95
N SER F 80 -33.12 -23.93 19.81
CA SER F 80 -32.32 -23.09 20.69
C SER F 80 -31.48 -23.92 21.65
N GLU F 81 -32.07 -24.97 22.22
CA GLU F 81 -31.31 -25.83 23.13
C GLU F 81 -30.16 -26.53 22.39
N ARG F 82 -30.43 -27.03 21.18
CA ARG F 82 -29.37 -27.68 20.41
C ARG F 82 -28.25 -26.71 20.08
N ILE F 83 -28.59 -25.47 19.69
CA ILE F 83 -27.56 -24.50 19.34
C ILE F 83 -26.74 -24.14 20.57
N SER F 84 -27.38 -23.95 21.72
CA SER F 84 -26.63 -23.63 22.92
C SER F 84 -25.70 -24.77 23.32
N VAL F 85 -26.19 -26.01 23.24
CA VAL F 85 -25.36 -27.16 23.62
C VAL F 85 -24.18 -27.30 22.66
N MET F 86 -24.42 -27.12 21.36
CA MET F 86 -23.32 -27.27 20.39
C MET F 86 -22.30 -26.15 20.54
N ILE F 87 -22.75 -24.93 20.85
CA ILE F 87 -21.80 -23.83 21.01
C ILE F 87 -20.98 -24.00 22.28
N ARG F 88 -21.61 -24.41 23.39
CA ARG F 88 -20.90 -24.51 24.65
C ARG F 88 -20.18 -25.84 24.85
N GLY F 89 -20.41 -26.83 23.98
CA GLY F 89 -19.75 -28.11 24.09
C GLY F 89 -18.58 -28.32 23.17
N GLY F 90 -18.18 -27.32 22.38
CA GLY F 90 -16.99 -27.40 21.57
C GLY F 90 -15.81 -26.61 22.09
N TYR F 91 -15.90 -26.07 23.30
CA TYR F 91 -14.82 -25.28 23.89
C TYR F 91 -14.06 -26.04 24.98
N VAL F 92 -14.46 -27.28 25.27
CA VAL F 92 -13.81 -28.03 26.34
C VAL F 92 -12.41 -28.46 25.94
N GLY F 93 -12.18 -28.74 24.66
CA GLY F 93 -10.90 -29.21 24.20
C GLY F 93 -9.91 -28.14 23.82
N ARG F 94 -10.25 -26.87 24.03
CA ARG F 94 -9.39 -25.75 23.67
C ARG F 94 -9.27 -24.76 24.81
N ASN F 95 -8.99 -25.28 26.00
CA ASN F 95 -8.85 -24.41 27.17
C ASN F 95 -7.54 -23.64 27.08
N PRO F 96 -7.58 -22.31 27.00
CA PRO F 96 -6.31 -21.57 26.90
C PRO F 96 -5.56 -21.49 28.22
N LYS F 97 -6.26 -21.24 29.32
CA LYS F 97 -5.62 -21.12 30.64
C LYS F 97 -5.44 -22.52 31.21
N THR F 98 -4.27 -23.10 30.98
CA THR F 98 -3.92 -24.41 31.49
C THR F 98 -2.84 -24.27 32.55
N GLY F 99 -3.00 -24.99 33.65
CA GLY F 99 -1.94 -25.11 34.62
C GLY F 99 -0.71 -25.68 33.96
N ASP F 100 0.47 -25.17 34.30
CA ASP F 100 1.69 -25.51 33.59
C ASP F 100 1.92 -27.01 33.57
N LEU F 101 1.78 -27.63 32.40
CA LEU F 101 1.83 -29.07 32.27
C LEU F 101 3.26 -29.61 32.26
N GLN F 102 4.26 -28.76 32.11
CA GLN F 102 5.63 -29.24 32.02
C GLN F 102 6.08 -29.94 33.30
N LYS F 103 5.90 -29.27 34.44
CA LYS F 103 6.34 -29.86 35.71
C LYS F 103 5.56 -31.11 36.04
N HIS F 104 4.24 -31.09 35.86
CA HIS F 104 3.41 -32.25 36.16
C HIS F 104 3.78 -33.42 35.27
N LEU F 105 3.94 -33.17 33.97
CA LEU F 105 4.31 -34.23 33.04
C LEU F 105 5.67 -34.82 33.37
N GLN F 106 6.65 -33.96 33.68
CA GLN F 106 7.97 -34.48 34.03
C GLN F 106 7.92 -35.30 35.31
N ASN F 107 7.21 -34.82 36.33
CA ASN F 107 7.13 -35.55 37.60
C ASN F 107 6.46 -36.89 37.42
N GLY F 108 5.35 -36.94 36.66
CA GLY F 108 4.76 -38.21 36.32
C GLY F 108 5.70 -39.10 35.53
N TYR F 109 6.56 -38.49 34.70
CA TYR F 109 7.51 -39.28 33.94
C TYR F 109 8.54 -39.94 34.85
N GLU F 110 9.09 -39.21 35.82
CA GLU F 110 10.01 -39.89 36.74
C GLU F 110 9.28 -40.93 37.59
N ARG F 111 8.04 -40.63 38.01
CA ARG F 111 7.32 -41.60 38.83
C ARG F 111 7.00 -42.88 38.06
N VAL F 112 6.75 -42.78 36.75
CA VAL F 112 6.51 -43.98 35.97
C VAL F 112 7.80 -44.67 35.55
N GLN F 113 8.91 -43.94 35.47
CA GLN F 113 10.19 -44.57 35.18
C GLN F 113 10.77 -45.32 36.38
N THR F 114 10.55 -44.82 37.59
CA THR F 114 11.07 -45.45 38.80
C THR F 114 10.22 -46.61 39.30
N GLY F 115 9.00 -46.76 38.77
CA GLY F 115 8.15 -47.89 39.11
C GLY F 115 7.04 -47.58 40.09
N GLU F 116 7.00 -46.39 40.67
CA GLU F 116 5.95 -46.07 41.63
C GLU F 116 4.59 -45.98 40.94
N LEU F 117 4.51 -45.26 39.83
CA LEU F 117 3.27 -45.08 39.09
C LEU F 117 3.25 -46.01 37.88
N GLU F 118 2.15 -46.74 37.71
CA GLU F 118 2.05 -47.72 36.64
C GLU F 118 1.36 -47.18 35.39
N THR F 119 0.80 -45.97 35.43
CA THR F 119 0.09 -45.43 34.28
C THR F 119 0.13 -43.91 34.33
N PHE F 120 -0.06 -43.30 33.16
CA PHE F 120 -0.16 -41.85 33.04
C PHE F 120 -0.80 -41.52 31.70
N ARG F 121 -1.38 -40.33 31.62
CA ARG F 121 -1.99 -39.82 30.40
C ARG F 121 -1.20 -38.58 29.97
N PHE F 122 -0.23 -38.78 29.08
CA PHE F 122 0.69 -37.71 28.73
C PHE F 122 0.01 -36.63 27.90
N GLU F 123 -0.74 -37.03 26.87
CA GLU F 123 -1.40 -36.07 26.00
C GLU F 123 -2.50 -36.78 25.22
N GLU F 124 -3.63 -36.10 25.04
CA GLU F 124 -4.76 -36.63 24.30
C GLU F 124 -5.20 -35.61 23.26
N ALA F 125 -5.38 -36.08 22.02
CA ALA F 125 -5.76 -35.19 20.93
C ALA F 125 -7.24 -34.84 21.02
N ARG F 126 -7.66 -33.94 20.12
CA ARG F 126 -9.05 -33.47 20.10
C ARG F 126 -9.96 -34.50 19.45
N SER F 127 -11.09 -34.78 20.10
CA SER F 127 -12.07 -35.72 19.60
C SER F 127 -13.48 -35.17 19.84
N THR F 128 -13.68 -33.89 19.53
CA THR F 128 -14.93 -33.19 19.85
C THR F 128 -15.45 -32.44 18.62
N ALA F 129 -15.54 -33.13 17.49
CA ALA F 129 -16.06 -32.56 16.25
C ALA F 129 -17.35 -33.29 15.89
N GLN F 130 -18.48 -32.59 15.98
CA GLN F 130 -19.78 -33.14 15.67
C GLN F 130 -20.59 -32.14 14.85
N SER F 131 -21.41 -32.64 13.93
CA SER F 131 -22.17 -31.81 13.02
C SER F 131 -23.67 -32.10 13.17
N LEU F 132 -24.46 -31.41 12.34
CA LEU F 132 -25.91 -31.52 12.38
C LEU F 132 -26.46 -30.94 11.08
N LEU F 133 -27.58 -31.50 10.61
CA LEU F 133 -28.24 -31.01 9.42
C LEU F 133 -29.70 -30.67 9.74
N LEU F 134 -30.20 -29.61 9.12
CA LEU F 134 -31.56 -29.13 9.34
C LEU F 134 -32.21 -28.91 7.98
N ILE F 135 -33.18 -29.77 7.64
CA ILE F 135 -33.86 -29.69 6.35
C ILE F 135 -35.34 -29.45 6.58
N GLY F 136 -35.93 -28.60 5.74
CA GLY F 136 -37.36 -28.32 5.82
C GLY F 136 -37.83 -27.73 4.51
N CYS F 137 -39.14 -27.80 4.31
CA CYS F 137 -39.73 -27.36 3.05
C CYS F 137 -39.48 -25.87 2.83
N SER F 138 -39.35 -25.49 1.56
CA SER F 138 -39.03 -24.10 1.23
C SER F 138 -40.15 -23.18 1.67
N GLY F 139 -39.78 -22.04 2.25
CA GLY F 139 -40.74 -21.11 2.78
C GLY F 139 -41.17 -21.35 4.21
N SER F 140 -40.56 -22.32 4.89
CA SER F 140 -40.91 -22.62 6.27
C SER F 140 -40.14 -21.77 7.28
N GLY F 141 -39.24 -20.91 6.81
CA GLY F 141 -38.51 -20.03 7.71
C GLY F 141 -37.36 -20.70 8.44
N LYS F 142 -36.38 -21.18 7.69
CA LYS F 142 -35.19 -21.80 8.27
C LYS F 142 -34.04 -20.82 8.46
N THR F 143 -34.18 -19.58 8.01
CA THR F 143 -33.13 -18.58 8.12
C THR F 143 -33.48 -17.44 9.06
N THR F 144 -34.71 -16.92 9.00
CA THR F 144 -35.13 -15.94 9.99
C THR F 144 -35.39 -16.56 11.35
N SER F 145 -35.46 -17.89 11.43
CA SER F 145 -35.49 -18.59 12.70
C SER F 145 -34.10 -18.94 13.21
N LEU F 146 -33.06 -18.57 12.47
CA LEU F 146 -31.67 -18.76 12.88
C LEU F 146 -30.96 -17.45 13.16
N HIS F 147 -31.22 -16.41 12.36
CA HIS F 147 -30.62 -15.10 12.62
C HIS F 147 -31.08 -14.55 13.96
N ARG F 148 -32.37 -14.72 14.29
CA ARG F 148 -32.89 -14.17 15.54
C ARG F 148 -32.45 -14.99 16.74
N ILE F 149 -32.22 -16.29 16.58
CA ILE F 149 -31.68 -17.09 17.67
C ILE F 149 -30.22 -16.74 17.92
N LEU F 150 -29.44 -16.59 16.85
CA LEU F 150 -28.03 -16.29 16.99
C LEU F 150 -27.74 -14.81 17.18
N ALA F 151 -28.77 -13.96 17.20
CA ALA F 151 -28.58 -12.55 17.46
C ALA F 151 -28.44 -12.23 18.94
N THR F 152 -28.58 -13.23 19.82
CA THR F 152 -28.42 -13.02 21.25
C THR F 152 -26.96 -13.10 21.69
N TYR F 153 -26.18 -13.98 21.07
CA TYR F 153 -24.76 -14.08 21.40
C TYR F 153 -23.98 -13.05 20.60
N PRO F 154 -23.17 -12.21 21.26
CA PRO F 154 -22.31 -11.29 20.52
C PRO F 154 -21.22 -12.04 19.79
N GLN F 155 -20.84 -11.52 18.62
CA GLN F 155 -19.88 -12.22 17.77
C GLN F 155 -18.47 -12.13 18.31
N VAL F 156 -17.93 -10.92 18.41
CA VAL F 156 -16.51 -10.71 18.71
C VAL F 156 -16.37 -10.40 20.20
N ILE F 157 -15.55 -11.20 20.88
CA ILE F 157 -15.23 -11.00 22.29
C ILE F 157 -13.71 -10.88 22.41
N TYR F 158 -13.26 -9.80 23.04
CA TYR F 158 -11.83 -9.54 23.22
C TYR F 158 -11.48 -9.66 24.70
N HIS F 159 -10.45 -10.45 25.00
CA HIS F 159 -10.02 -10.70 26.37
C HIS F 159 -8.75 -9.91 26.65
N ARG F 160 -8.72 -9.23 27.80
CA ARG F 160 -7.53 -8.48 28.19
C ARG F 160 -6.42 -9.39 28.67
N GLU F 161 -6.76 -10.42 29.46
CA GLU F 161 -5.75 -11.28 30.06
C GLU F 161 -4.93 -12.01 29.00
N LEU F 162 -5.61 -12.63 28.04
CA LEU F 162 -4.94 -13.23 26.90
C LEU F 162 -4.89 -12.22 25.76
N ASN F 163 -4.52 -12.68 24.57
CA ASN F 163 -4.43 -11.84 23.38
C ASN F 163 -5.12 -12.52 22.20
N VAL F 164 -6.32 -13.04 22.45
CA VAL F 164 -7.09 -13.73 21.43
C VAL F 164 -8.45 -13.06 21.29
N GLU F 165 -9.02 -13.17 20.10
CA GLU F 165 -10.37 -12.68 19.81
C GLU F 165 -11.26 -13.88 19.53
N GLN F 166 -12.42 -13.92 20.20
CA GLN F 166 -13.31 -15.07 20.13
C GLN F 166 -14.43 -14.75 19.15
N VAL F 167 -14.40 -15.39 17.99
CA VAL F 167 -15.48 -15.30 17.01
C VAL F 167 -16.47 -16.42 17.32
N VAL F 168 -17.61 -16.05 17.90
CA VAL F 168 -18.56 -17.06 18.38
C VAL F 168 -19.16 -17.85 17.21
N TYR F 169 -19.63 -17.16 16.18
CA TYR F 169 -20.27 -17.84 15.07
C TYR F 169 -20.02 -17.06 13.78
N LEU F 170 -20.11 -17.79 12.66
CA LEU F 170 -19.84 -17.21 11.34
C LEU F 170 -20.73 -17.93 10.33
N LYS F 171 -21.43 -17.14 9.51
CA LYS F 171 -22.45 -17.66 8.60
C LYS F 171 -21.98 -17.53 7.15
N ILE F 172 -21.92 -18.66 6.46
CA ILE F 172 -21.54 -18.72 5.05
C ILE F 172 -22.75 -19.14 4.23
N ASP F 173 -22.86 -18.59 3.03
CA ASP F 173 -23.90 -18.99 2.08
C ASP F 173 -23.24 -19.50 0.80
N CYS F 174 -23.79 -20.58 0.25
CA CYS F 174 -23.25 -21.14 -0.97
C CYS F 174 -23.58 -20.26 -2.17
N SER F 175 -22.81 -20.43 -3.23
CA SER F 175 -22.95 -19.60 -4.42
C SER F 175 -24.13 -20.08 -5.27
N HIS F 176 -24.22 -19.54 -6.49
CA HIS F 176 -25.38 -19.78 -7.34
C HIS F 176 -25.17 -20.97 -8.28
N ASN F 177 -23.93 -21.24 -8.66
CA ASN F 177 -23.65 -22.33 -9.61
C ASN F 177 -23.33 -23.65 -8.88
N GLY F 178 -22.43 -23.61 -7.91
CA GLY F 178 -22.13 -24.78 -7.12
C GLY F 178 -20.76 -25.38 -7.36
N SER F 179 -19.82 -25.06 -6.48
CA SER F 179 -18.49 -25.67 -6.51
C SER F 179 -17.85 -25.44 -5.14
N LEU F 180 -16.81 -26.23 -4.86
CA LEU F 180 -16.18 -26.21 -3.54
C LEU F 180 -15.29 -24.99 -3.35
N LYS F 181 -14.62 -24.54 -4.40
CA LYS F 181 -13.62 -23.49 -4.26
C LYS F 181 -14.25 -22.17 -3.84
N GLU F 182 -15.45 -21.86 -4.35
CA GLU F 182 -16.09 -20.62 -3.92
C GLU F 182 -16.52 -20.68 -2.47
N ILE F 183 -16.91 -21.86 -1.97
CA ILE F 183 -17.18 -22.00 -0.55
C ILE F 183 -15.91 -21.76 0.26
N CYS F 184 -14.80 -22.36 -0.18
CA CYS F 184 -13.54 -22.22 0.54
C CYS F 184 -13.09 -20.77 0.59
N LEU F 185 -13.22 -20.04 -0.52
CA LEU F 185 -12.82 -18.64 -0.53
C LEU F 185 -13.84 -17.75 0.17
N ASN F 186 -15.12 -18.12 0.15
CA ASN F 186 -16.14 -17.34 0.83
C ASN F 186 -16.03 -17.46 2.33
N PHE F 187 -15.42 -18.55 2.84
CA PHE F 187 -15.07 -18.57 4.26
C PHE F 187 -14.18 -17.38 4.62
N PHE F 188 -13.13 -17.16 3.82
CA PHE F 188 -12.26 -16.02 4.06
C PHE F 188 -12.98 -14.69 3.85
N ARG F 189 -13.80 -14.61 2.78
CA ARG F 189 -14.53 -13.37 2.51
C ARG F 189 -15.58 -13.06 3.57
N ALA F 190 -16.07 -14.05 4.30
CA ALA F 190 -16.97 -13.80 5.41
C ALA F 190 -16.24 -13.65 6.74
N LEU F 191 -14.98 -14.06 6.81
CA LEU F 191 -14.20 -13.87 8.02
C LEU F 191 -13.54 -12.49 8.09
N ASP F 192 -13.16 -11.90 6.95
CA ASP F 192 -12.45 -10.62 7.06
C ASP F 192 -13.38 -9.46 7.36
N ARG F 193 -14.69 -9.67 7.34
CA ARG F 193 -15.65 -8.60 7.58
C ARG F 193 -16.01 -8.47 9.06
N ALA F 194 -16.15 -9.60 9.76
CA ALA F 194 -16.45 -9.54 11.19
C ALA F 194 -15.30 -8.89 11.96
N LEU F 195 -14.06 -9.25 11.63
CA LEU F 195 -12.89 -8.60 12.18
C LEU F 195 -12.44 -7.49 11.23
N GLY F 196 -11.33 -6.84 11.57
CA GLY F 196 -10.66 -5.96 10.63
C GLY F 196 -9.38 -6.59 10.13
N SER F 197 -9.39 -7.12 8.92
CA SER F 197 -8.24 -7.85 8.40
C SER F 197 -8.32 -7.89 6.89
N ASN F 198 -7.31 -8.51 6.27
CA ASN F 198 -7.20 -8.60 4.82
C ASN F 198 -6.83 -10.04 4.42
N TYR F 199 -7.54 -11.01 4.98
CA TYR F 199 -7.24 -12.41 4.72
C TYR F 199 -7.46 -12.79 3.27
N GLU F 200 -8.45 -12.18 2.62
CA GLU F 200 -8.84 -12.59 1.27
C GLU F 200 -7.70 -12.41 0.28
N ARG F 201 -7.05 -11.25 0.30
CA ARG F 201 -5.97 -10.99 -0.65
C ARG F 201 -4.66 -11.63 -0.23
N ARG F 202 -4.44 -11.81 1.07
CA ARG F 202 -3.18 -12.37 1.55
C ARG F 202 -3.13 -13.87 1.36
N TYR F 203 -4.26 -14.56 1.53
CA TYR F 203 -4.30 -16.02 1.51
C TYR F 203 -5.07 -16.60 0.33
N GLY F 204 -6.15 -15.95 -0.10
CA GLY F 204 -6.98 -16.48 -1.16
C GLY F 204 -6.43 -16.25 -2.55
N LEU F 205 -5.28 -16.84 -2.85
CA LEU F 205 -4.70 -16.74 -4.18
C LEU F 205 -5.12 -17.91 -5.06
N LYS F 206 -4.81 -17.83 -6.35
CA LYS F 206 -5.21 -18.84 -7.31
C LYS F 206 -4.25 -20.03 -7.35
N ARG F 207 -3.02 -19.86 -6.87
CA ARG F 207 -2.04 -20.94 -6.94
C ARG F 207 -2.44 -22.12 -6.07
N HIS F 208 -3.02 -21.84 -4.89
CA HIS F 208 -3.32 -22.89 -3.93
C HIS F 208 -4.41 -23.82 -4.45
N GLY F 209 -4.26 -25.12 -4.16
CA GLY F 209 -5.30 -26.09 -4.43
C GLY F 209 -6.29 -26.19 -3.29
N ILE F 210 -7.30 -27.03 -3.48
CA ILE F 210 -8.37 -27.17 -2.50
C ILE F 210 -7.84 -27.71 -1.18
N GLU F 211 -7.01 -28.76 -1.25
CA GLU F 211 -6.51 -29.38 -0.03
C GLU F 211 -5.67 -28.41 0.78
N THR F 212 -4.90 -27.55 0.11
CA THR F 212 -4.13 -26.54 0.80
C THR F 212 -5.04 -25.56 1.54
N MET F 213 -6.15 -25.16 0.91
CA MET F 213 -7.08 -24.26 1.58
C MET F 213 -7.71 -24.91 2.80
N LEU F 214 -8.09 -26.18 2.68
CA LEU F 214 -8.66 -26.88 3.84
C LEU F 214 -7.64 -27.01 4.98
N ALA F 215 -6.40 -27.35 4.66
CA ALA F 215 -5.37 -27.45 5.68
C ALA F 215 -4.99 -26.08 6.24
N LEU F 216 -5.25 -25.01 5.51
CA LEU F 216 -4.91 -23.66 5.93
C LEU F 216 -6.02 -23.01 6.76
N MET F 217 -7.26 -23.45 6.59
CA MET F 217 -8.34 -22.92 7.42
C MET F 217 -8.14 -23.23 8.90
N SER F 218 -7.47 -24.34 9.21
CA SER F 218 -7.35 -24.76 10.61
C SER F 218 -6.52 -23.78 11.43
N GLN F 219 -5.46 -23.23 10.84
CA GLN F 219 -4.63 -22.27 11.58
C GLN F 219 -5.42 -21.03 11.97
N ILE F 220 -6.25 -20.52 11.05
CA ILE F 220 -7.06 -19.36 11.37
C ILE F 220 -8.19 -19.72 12.32
N ALA F 221 -8.75 -20.92 12.19
CA ALA F 221 -9.82 -21.35 13.09
C ALA F 221 -9.31 -21.65 14.49
N ASN F 222 -8.00 -21.81 14.66
CA ASN F 222 -7.41 -21.94 15.99
C ASN F 222 -6.83 -20.64 16.52
N ALA F 223 -6.42 -19.72 15.64
CA ALA F 223 -5.95 -18.42 16.10
C ALA F 223 -7.07 -17.65 16.78
N HIS F 224 -8.26 -17.66 16.18
CA HIS F 224 -9.47 -17.15 16.81
C HIS F 224 -10.36 -18.32 17.18
N ALA F 225 -10.80 -18.35 18.43
CA ALA F 225 -11.52 -19.51 18.96
C ALA F 225 -12.92 -19.57 18.35
N LEU F 226 -12.98 -20.05 17.11
CA LEU F 226 -14.24 -20.19 16.41
C LEU F 226 -15.15 -21.19 17.12
N GLY F 227 -16.43 -20.84 17.26
CA GLY F 227 -17.35 -21.67 17.99
C GLY F 227 -18.34 -22.45 17.15
N LEU F 228 -18.88 -21.82 16.10
CA LEU F 228 -19.91 -22.43 15.28
C LEU F 228 -19.79 -21.90 13.86
N LEU F 229 -20.06 -22.77 12.89
CA LEU F 229 -19.98 -22.42 11.48
C LEU F 229 -21.20 -23.00 10.77
N VAL F 230 -22.13 -22.14 10.37
CA VAL F 230 -23.39 -22.57 9.78
C VAL F 230 -23.31 -22.39 8.27
N ILE F 231 -23.57 -23.47 7.54
CA ILE F 231 -23.61 -23.47 6.08
C ILE F 231 -25.05 -23.66 5.65
N ASP F 232 -25.61 -22.68 4.96
CA ASP F 232 -26.98 -22.75 4.47
C ASP F 232 -27.00 -22.76 2.95
N GLU F 233 -28.18 -23.01 2.40
CA GLU F 233 -28.39 -23.13 0.95
C GLU F 233 -27.45 -24.18 0.36
N ILE F 234 -27.44 -25.37 0.98
CA ILE F 234 -26.67 -26.50 0.50
C ILE F 234 -27.38 -27.14 -0.69
N GLN F 235 -28.53 -26.57 -1.05
CA GLN F 235 -29.33 -27.09 -2.15
C GLN F 235 -28.56 -27.05 -3.46
N HIS F 236 -27.82 -25.97 -3.69
CA HIS F 236 -27.22 -25.70 -5.00
C HIS F 236 -26.14 -26.69 -5.38
N LEU F 237 -25.62 -27.46 -4.43
CA LEU F 237 -24.49 -28.34 -4.67
C LEU F 237 -24.91 -29.78 -4.99
N SER F 238 -26.19 -30.02 -5.24
CA SER F 238 -26.64 -31.37 -5.55
C SER F 238 -26.03 -31.89 -6.85
N ARG F 239 -26.16 -31.10 -7.93
CA ARG F 239 -25.61 -31.47 -9.22
C ARG F 239 -25.09 -30.22 -9.91
N SER F 240 -23.80 -30.21 -10.21
CA SER F 240 -23.14 -29.08 -10.85
C SER F 240 -21.79 -29.56 -11.36
N ARG F 241 -20.96 -28.61 -11.81
CA ARG F 241 -19.62 -28.94 -12.29
C ARG F 241 -18.62 -29.04 -11.13
N SER F 242 -18.98 -29.81 -10.10
CA SER F 242 -18.16 -29.97 -8.92
C SER F 242 -17.08 -31.03 -9.07
N GLY F 243 -17.04 -31.73 -10.21
CA GLY F 243 -16.09 -32.80 -10.41
C GLY F 243 -16.55 -34.17 -9.99
N GLY F 244 -17.73 -34.28 -9.37
CA GLY F 244 -18.25 -35.56 -8.94
C GLY F 244 -19.02 -35.47 -7.64
N SER F 245 -20.17 -36.14 -7.58
CA SER F 245 -20.96 -36.16 -6.35
C SER F 245 -20.19 -36.83 -5.22
N GLN F 246 -19.54 -37.96 -5.51
CA GLN F 246 -18.76 -38.62 -4.48
C GLN F 246 -17.54 -37.80 -4.08
N GLU F 247 -16.95 -37.05 -5.01
CA GLU F 247 -15.82 -36.18 -4.66
C GLU F 247 -16.26 -35.03 -3.76
N MET F 248 -17.41 -34.43 -4.04
CA MET F 248 -17.91 -33.36 -3.18
C MET F 248 -18.33 -33.91 -1.83
N LEU F 249 -18.86 -35.13 -1.79
CA LEU F 249 -19.15 -35.77 -0.51
C LEU F 249 -17.87 -36.05 0.27
N ASN F 250 -16.82 -36.46 -0.44
CA ASN F 250 -15.50 -36.63 0.19
C ASN F 250 -14.98 -35.32 0.73
N PHE F 251 -15.24 -34.22 0.04
CA PHE F 251 -14.90 -32.90 0.59
C PHE F 251 -15.65 -32.62 1.88
N PHE F 252 -16.98 -32.84 1.88
CA PHE F 252 -17.77 -32.55 3.07
C PHE F 252 -17.47 -33.48 4.23
N VAL F 253 -16.87 -34.65 3.96
CA VAL F 253 -16.47 -35.53 5.06
C VAL F 253 -15.02 -35.32 5.49
N THR F 254 -14.17 -34.85 4.58
CA THR F 254 -12.80 -34.46 4.91
C THR F 254 -12.75 -33.06 5.51
N MET F 255 -13.91 -32.40 5.60
CA MET F 255 -14.01 -31.18 6.39
C MET F 255 -14.01 -31.49 7.89
N VAL F 256 -13.65 -32.72 8.26
CA VAL F 256 -13.50 -33.08 9.67
C VAL F 256 -12.19 -32.55 10.22
N ASN F 257 -11.15 -32.42 9.38
CA ASN F 257 -9.84 -32.01 9.87
C ASN F 257 -9.80 -30.56 10.33
N ILE F 258 -10.83 -29.76 10.03
CA ILE F 258 -10.94 -28.45 10.64
C ILE F 258 -11.10 -28.62 12.15
N ILE F 259 -10.43 -27.75 12.92
CA ILE F 259 -10.28 -27.97 14.36
C ILE F 259 -11.63 -27.75 15.03
N GLY F 260 -12.27 -28.84 15.47
CA GLY F 260 -13.53 -28.76 16.18
C GLY F 260 -14.63 -28.10 15.38
N VAL F 261 -15.01 -26.89 15.78
CA VAL F 261 -15.95 -25.99 15.13
C VAL F 261 -17.17 -26.75 14.58
N PRO F 262 -18.10 -27.15 15.46
CA PRO F 262 -19.29 -27.87 14.99
C PRO F 262 -20.05 -27.07 13.94
N VAL F 263 -20.57 -27.77 12.94
CA VAL F 263 -21.18 -27.14 11.78
C VAL F 263 -22.63 -27.57 11.65
N MET F 264 -23.46 -26.67 11.13
CA MET F 264 -24.87 -26.92 10.88
C MET F 264 -25.17 -26.72 9.41
N LEU F 265 -25.84 -27.69 8.80
CA LEU F 265 -26.13 -27.68 7.37
C LEU F 265 -27.62 -27.53 7.14
N ILE F 266 -27.99 -26.68 6.19
CA ILE F 266 -29.39 -26.34 5.91
C ILE F 266 -29.66 -26.57 4.43
N GLY F 267 -30.75 -27.26 4.12
CA GLY F 267 -31.11 -27.54 2.75
C GLY F 267 -32.55 -27.94 2.60
N THR F 268 -33.03 -27.90 1.36
CA THR F 268 -34.38 -28.32 1.01
C THR F 268 -34.46 -29.85 1.05
N PRO F 269 -35.67 -30.40 1.19
CA PRO F 269 -35.81 -31.87 1.16
C PRO F 269 -35.34 -32.53 -0.13
N LYS F 270 -34.99 -31.76 -1.17
CA LYS F 270 -34.34 -32.36 -2.33
C LYS F 270 -32.89 -32.74 -2.04
N ALA F 271 -32.28 -32.12 -1.02
CA ALA F 271 -30.88 -32.37 -0.71
C ALA F 271 -30.67 -33.69 0.01
N ARG F 272 -31.64 -34.13 0.82
CA ARG F 272 -31.42 -35.27 1.70
C ARG F 272 -31.16 -36.55 0.92
N GLU F 273 -32.10 -36.95 0.07
CA GLU F 273 -32.01 -38.23 -0.61
C GLU F 273 -30.80 -38.30 -1.53
N ILE F 274 -30.53 -37.23 -2.28
CA ILE F 274 -29.40 -37.23 -3.20
C ILE F 274 -28.08 -37.15 -2.44
N PHE F 275 -28.06 -36.44 -1.31
CA PHE F 275 -26.81 -36.02 -0.70
C PHE F 275 -26.32 -37.01 0.36
N GLU F 276 -27.23 -37.65 1.10
CA GLU F 276 -26.87 -38.68 2.08
C GLU F 276 -27.30 -40.04 1.52
N ALA F 277 -26.36 -40.73 0.88
CA ALA F 277 -26.62 -42.07 0.37
C ALA F 277 -25.42 -42.98 0.64
N ASP F 278 -24.78 -42.80 1.78
CA ASP F 278 -23.65 -43.64 2.18
C ASP F 278 -23.51 -43.56 3.70
N LEU F 279 -23.20 -44.70 4.32
CA LEU F 279 -23.25 -44.80 5.77
C LEU F 279 -22.23 -43.88 6.44
N ARG F 280 -21.01 -43.83 5.90
CA ARG F 280 -19.96 -43.04 6.54
C ARG F 280 -20.25 -41.54 6.49
N SER F 281 -20.98 -41.07 5.49
CA SER F 281 -21.39 -39.67 5.46
C SER F 281 -22.75 -39.43 6.09
N ALA F 282 -23.63 -40.43 6.09
CA ALA F 282 -24.94 -40.26 6.72
C ALA F 282 -24.80 -40.12 8.24
N ARG F 283 -23.95 -40.93 8.86
CA ARG F 283 -23.78 -40.86 10.31
C ARG F 283 -23.12 -39.56 10.75
N ARG F 284 -22.45 -38.84 9.84
CA ARG F 284 -21.87 -37.56 10.21
C ARG F 284 -22.84 -36.42 10.01
N GLY F 285 -23.78 -36.55 9.07
CA GLY F 285 -24.81 -35.54 8.93
C GLY F 285 -25.73 -35.46 10.13
N ALA F 286 -26.26 -36.61 10.54
CA ALA F 286 -27.09 -36.71 11.75
C ALA F 286 -26.26 -37.11 12.96
N GLY F 287 -25.16 -36.38 13.19
CA GLY F 287 -24.31 -36.70 14.33
C GLY F 287 -24.91 -36.28 15.65
N PHE F 288 -25.85 -35.35 15.63
CA PHE F 288 -26.54 -34.86 16.81
C PHE F 288 -28.03 -34.74 16.55
N GLY F 289 -28.58 -35.67 15.78
CA GLY F 289 -29.99 -35.65 15.43
C GLY F 289 -30.28 -34.75 14.24
N ALA F 290 -31.08 -35.24 13.30
CA ALA F 290 -31.45 -34.49 12.11
C ALA F 290 -32.86 -33.93 12.32
N ILE F 291 -32.96 -32.61 12.48
CA ILE F 291 -34.23 -31.98 12.77
C ILE F 291 -34.98 -31.76 11.46
N PHE F 292 -36.21 -32.28 11.39
CA PHE F 292 -37.06 -32.17 10.21
C PHE F 292 -38.24 -31.27 10.51
N TRP F 293 -38.61 -30.43 9.55
CA TRP F 293 -39.66 -29.44 9.72
C TRP F 293 -40.83 -29.75 8.79
N ASP F 294 -42.00 -29.21 9.13
CA ASP F 294 -43.22 -29.44 8.37
C ASP F 294 -44.14 -28.25 8.56
N PRO F 295 -45.07 -28.02 7.63
CA PRO F 295 -46.03 -26.94 7.79
C PRO F 295 -47.03 -27.23 8.90
N ILE F 296 -47.70 -26.16 9.35
CA ILE F 296 -48.70 -26.29 10.42
C ILE F 296 -49.87 -27.12 9.93
N GLN F 297 -50.39 -27.96 10.82
CA GLN F 297 -51.55 -28.81 10.53
C GLN F 297 -52.79 -28.20 11.18
N GLN F 298 -53.87 -28.08 10.40
CA GLN F 298 -55.10 -27.48 10.93
C GLN F 298 -55.75 -28.39 11.97
N THR F 299 -55.91 -29.67 11.65
CA THR F 299 -56.58 -30.63 12.52
C THR F 299 -55.53 -31.56 13.10
N GLN F 300 -55.38 -31.52 14.43
CA GLN F 300 -54.42 -32.37 15.11
C GLN F 300 -54.92 -33.81 15.16
N ARG F 301 -56.05 -34.02 15.83
CA ARG F 301 -56.69 -35.32 15.93
C ARG F 301 -58.21 -35.17 15.88
N GLY F 302 -58.68 -34.27 15.02
CA GLY F 302 -60.06 -33.86 15.02
C GLY F 302 -60.36 -32.66 15.89
N LYS F 303 -59.36 -32.11 16.57
CA LYS F 303 -59.44 -30.93 17.41
C LYS F 303 -58.59 -29.81 16.83
N PRO F 304 -59.09 -28.57 16.80
CA PRO F 304 -58.31 -27.46 16.25
C PRO F 304 -57.06 -27.19 17.06
N ASN F 305 -55.95 -27.02 16.37
CA ASN F 305 -54.68 -26.73 17.03
C ASN F 305 -54.66 -25.31 17.57
N GLN F 306 -54.21 -25.16 18.81
CA GLN F 306 -54.13 -23.84 19.42
C GLN F 306 -53.04 -23.00 18.77
N GLU F 307 -52.01 -23.65 18.21
CA GLU F 307 -50.92 -22.93 17.57
C GLU F 307 -51.41 -22.13 16.38
N TRP F 308 -52.14 -22.78 15.48
CA TRP F 308 -52.67 -22.11 14.28
C TRP F 308 -53.62 -20.98 14.66
N ILE F 309 -54.50 -21.24 15.63
CA ILE F 309 -55.48 -20.23 16.04
C ILE F 309 -54.77 -19.00 16.61
N ALA F 310 -53.79 -19.23 17.50
CA ALA F 310 -53.09 -18.12 18.11
C ALA F 310 -52.29 -17.32 17.09
N PHE F 311 -51.60 -18.03 16.17
CA PHE F 311 -50.81 -17.33 15.17
C PHE F 311 -51.70 -16.49 14.25
N THR F 312 -52.80 -17.06 13.78
CA THR F 312 -53.69 -16.32 12.89
C THR F 312 -54.33 -15.13 13.60
N ASP F 313 -54.74 -15.30 14.86
CA ASP F 313 -55.37 -14.21 15.59
C ASP F 313 -54.38 -13.07 15.86
N ASN F 314 -53.15 -13.42 16.27
CA ASN F 314 -52.15 -12.39 16.51
C ASN F 314 -51.78 -11.66 15.22
N LEU F 315 -51.72 -12.38 14.10
CA LEU F 315 -51.47 -11.72 12.82
C LEU F 315 -52.64 -10.80 12.45
N TRP F 316 -53.88 -11.25 12.68
CA TRP F 316 -55.04 -10.45 12.32
C TRP F 316 -55.16 -9.21 13.18
N GLN F 317 -54.63 -9.24 14.39
CA GLN F 317 -54.69 -8.02 15.20
C GLN F 317 -53.69 -6.93 14.75
N LEU F 318 -53.09 -7.06 13.56
CA LEU F 318 -52.08 -6.13 13.06
C LEU F 318 -52.53 -5.50 11.74
N GLN F 319 -53.81 -5.14 11.65
CA GLN F 319 -54.42 -4.69 10.40
C GLN F 319 -54.49 -3.16 10.34
N LEU F 320 -54.26 -2.62 9.14
CA LEU F 320 -54.38 -1.19 8.86
C LEU F 320 -55.37 -0.96 7.72
N LEU F 321 -56.66 -0.89 8.06
CA LEU F 321 -57.70 -0.48 7.14
C LEU F 321 -58.63 0.49 7.86
N GLN F 322 -59.23 1.40 7.10
CA GLN F 322 -60.18 2.35 7.69
C GLN F 322 -61.43 1.64 8.18
N ARG F 323 -61.92 0.68 7.42
CA ARG F 323 -63.14 -0.06 7.75
C ARG F 323 -62.75 -1.52 8.00
N LYS F 324 -62.34 -1.82 9.22
CA LYS F 324 -61.94 -3.17 9.61
C LYS F 324 -62.92 -3.74 10.62
N ASP F 325 -63.20 -5.03 10.48
CA ASP F 325 -63.99 -5.76 11.47
C ASP F 325 -63.06 -6.31 12.55
N ALA F 326 -63.36 -6.00 13.81
CA ALA F 326 -62.45 -6.31 14.90
C ALA F 326 -62.25 -7.81 15.05
N LEU F 327 -63.33 -8.57 15.04
CA LEU F 327 -63.26 -10.01 15.27
C LEU F 327 -63.06 -10.75 13.95
N LEU F 328 -62.26 -11.81 14.00
CA LEU F 328 -62.00 -12.66 12.84
C LEU F 328 -63.06 -13.76 12.80
N SER F 329 -63.90 -13.74 11.77
CA SER F 329 -64.88 -14.79 11.60
C SER F 329 -64.21 -16.09 11.17
N ASP F 330 -64.86 -17.21 11.49
CA ASP F 330 -64.27 -18.52 11.23
C ASP F 330 -64.08 -18.77 9.73
N GLU F 331 -64.96 -18.21 8.90
CA GLU F 331 -64.86 -18.45 7.47
C GLU F 331 -63.59 -17.83 6.89
N VAL F 332 -63.17 -16.67 7.40
CA VAL F 332 -61.95 -16.05 6.92
C VAL F 332 -60.75 -16.93 7.22
N ARG F 333 -60.67 -17.48 8.44
CA ARG F 333 -59.58 -18.37 8.78
C ARG F 333 -59.61 -19.65 7.95
N ASP F 334 -60.81 -20.19 7.73
CA ASP F 334 -60.92 -21.41 6.93
C ASP F 334 -60.45 -21.17 5.50
N VAL F 335 -60.85 -20.06 4.89
CA VAL F 335 -60.39 -19.73 3.54
C VAL F 335 -58.89 -19.48 3.53
N TRP F 336 -58.37 -18.85 4.58
CA TRP F 336 -56.94 -18.62 4.70
C TRP F 336 -56.16 -19.93 4.68
N TYR F 337 -56.63 -20.92 5.43
CA TYR F 337 -55.94 -22.21 5.44
C TYR F 337 -56.15 -22.98 4.15
N GLU F 338 -57.31 -22.83 3.52
CA GLU F 338 -57.54 -23.49 2.23
C GLU F 338 -56.61 -22.95 1.16
N LEU F 339 -56.33 -21.64 1.19
CA LEU F 339 -55.49 -21.03 0.17
C LEU F 339 -54.01 -21.21 0.47
N SER F 340 -53.57 -20.84 1.67
CA SER F 340 -52.14 -20.87 1.97
C SER F 340 -51.62 -22.28 2.19
N GLN F 341 -52.48 -23.20 2.65
CA GLN F 341 -52.24 -24.63 2.77
C GLN F 341 -51.26 -25.02 3.87
N GLY F 342 -50.67 -24.07 4.59
CA GLY F 342 -49.93 -24.35 5.81
C GLY F 342 -48.53 -23.79 5.85
N VAL F 343 -47.85 -23.73 4.70
CA VAL F 343 -46.48 -23.26 4.67
C VAL F 343 -46.42 -21.81 5.16
N MET F 344 -45.34 -21.48 5.89
CA MET F 344 -45.30 -20.25 6.66
C MET F 344 -45.21 -19.01 5.77
N ASP F 345 -44.44 -19.08 4.68
CA ASP F 345 -44.17 -17.88 3.91
C ASP F 345 -45.41 -17.40 3.15
N ILE F 346 -46.30 -18.32 2.76
CA ILE F 346 -47.49 -17.93 2.01
C ILE F 346 -48.62 -17.45 2.90
N VAL F 347 -48.55 -17.71 4.21
CA VAL F 347 -49.56 -17.20 5.13
C VAL F 347 -49.49 -15.67 5.21
N VAL F 348 -48.28 -15.11 5.24
CA VAL F 348 -48.13 -13.68 5.42
C VAL F 348 -48.22 -12.93 4.08
N LYS F 349 -47.74 -13.55 2.99
CA LYS F 349 -47.79 -12.89 1.69
C LYS F 349 -49.22 -12.66 1.23
N LEU F 350 -50.10 -13.62 1.46
CA LEU F 350 -51.51 -13.44 1.11
C LEU F 350 -52.12 -12.27 1.86
N PHE F 351 -51.83 -12.16 3.15
CA PHE F 351 -52.36 -11.05 3.94
C PHE F 351 -51.84 -9.71 3.44
N VAL F 352 -50.53 -9.63 3.19
CA VAL F 352 -49.93 -8.37 2.76
C VAL F 352 -50.48 -7.94 1.41
N LEU F 353 -50.54 -8.88 0.45
CA LEU F 353 -51.06 -8.56 -0.86
C LEU F 353 -52.55 -8.24 -0.82
N ALA F 354 -53.31 -8.92 0.03
CA ALA F 354 -54.73 -8.61 0.16
C ALA F 354 -54.93 -7.20 0.70
N GLN F 355 -54.16 -6.82 1.71
CA GLN F 355 -54.28 -5.45 2.23
C GLN F 355 -53.89 -4.42 1.18
N LEU F 356 -52.81 -4.66 0.45
CA LEU F 356 -52.39 -3.70 -0.58
C LEU F 356 -53.42 -3.59 -1.70
N ARG F 357 -53.98 -4.70 -2.16
CA ARG F 357 -54.97 -4.62 -3.24
C ARG F 357 -56.31 -4.07 -2.75
N ALA F 358 -56.63 -4.26 -1.47
CA ALA F 358 -57.83 -3.63 -0.92
C ALA F 358 -57.66 -2.12 -0.80
N LEU F 359 -56.45 -1.66 -0.47
CA LEU F 359 -56.16 -0.24 -0.53
C LEU F 359 -56.27 0.29 -1.95
N ALA F 360 -55.74 -0.48 -2.92
CA ALA F 360 -55.75 -0.03 -4.31
C ALA F 360 -57.18 0.04 -4.87
N LEU F 361 -58.02 -0.96 -4.56
CA LEU F 361 -59.36 -0.99 -5.12
C LEU F 361 -60.27 0.03 -4.46
N GLY F 362 -60.00 0.38 -3.20
CA GLY F 362 -60.84 1.29 -2.46
C GLY F 362 -61.95 0.63 -1.66
N ASN F 363 -62.01 -0.71 -1.66
CA ASN F 363 -63.01 -1.40 -0.85
C ASN F 363 -62.81 -1.15 0.63
N GLU F 364 -61.55 -1.13 1.08
CA GLU F 364 -61.20 -0.93 2.48
C GLU F 364 -61.84 -1.98 3.37
N ARG F 365 -61.81 -3.24 2.93
CA ARG F 365 -62.31 -4.36 3.72
C ARG F 365 -61.73 -5.65 3.16
N ILE F 366 -61.44 -6.59 4.05
CA ILE F 366 -60.86 -7.88 3.69
C ILE F 366 -61.96 -8.92 3.64
N THR F 367 -62.03 -9.67 2.55
CA THR F 367 -63.04 -10.70 2.37
C THR F 367 -62.41 -11.93 1.73
N ALA F 368 -63.12 -13.05 1.83
CA ALA F 368 -62.60 -14.31 1.29
C ALA F 368 -62.46 -14.25 -0.22
N GLY F 369 -63.41 -13.59 -0.91
CA GLY F 369 -63.31 -13.46 -2.35
C GLY F 369 -62.07 -12.71 -2.79
N LEU F 370 -61.70 -11.67 -2.04
CA LEU F 370 -60.48 -10.93 -2.36
C LEU F 370 -59.24 -11.80 -2.17
N LEU F 371 -59.22 -12.62 -1.12
CA LEU F 371 -58.10 -13.54 -0.91
C LEU F 371 -58.00 -14.54 -2.05
N ARG F 372 -59.14 -15.09 -2.48
CA ARG F 372 -59.13 -16.00 -3.62
C ARG F 372 -58.64 -15.31 -4.88
N GLN F 373 -59.06 -14.06 -5.08
CA GLN F 373 -58.63 -13.31 -6.27
C GLN F 373 -57.12 -13.09 -6.26
N VAL F 374 -56.57 -12.69 -5.11
CA VAL F 374 -55.13 -12.47 -5.03
C VAL F 374 -54.37 -13.77 -5.22
N TYR F 375 -54.84 -14.86 -4.62
CA TYR F 375 -54.18 -16.15 -4.76
C TYR F 375 -54.21 -16.64 -6.21
N GLN F 376 -55.30 -16.39 -6.91
CA GLN F 376 -55.37 -16.75 -8.33
C GLN F 376 -54.54 -15.82 -9.20
N ASP F 377 -54.33 -14.58 -8.76
CA ASP F 377 -53.68 -13.57 -9.59
C ASP F 377 -52.16 -13.61 -9.49
N GLU F 378 -51.63 -13.46 -8.28
CA GLU F 378 -50.21 -13.14 -8.13
C GLU F 378 -49.32 -14.33 -7.79
N LEU F 379 -49.89 -15.44 -7.33
CA LEU F 379 -49.11 -16.59 -6.86
C LEU F 379 -49.03 -17.70 -7.89
N LYS F 380 -48.93 -17.34 -9.18
CA LYS F 380 -48.95 -18.34 -10.24
C LYS F 380 -47.86 -19.39 -10.14
N PRO F 381 -46.56 -19.06 -9.97
CA PRO F 381 -45.53 -20.10 -10.07
C PRO F 381 -45.56 -21.13 -8.94
N VAL F 382 -46.20 -20.84 -7.82
CA VAL F 382 -46.12 -21.70 -6.63
C VAL F 382 -47.25 -22.72 -6.56
N HIS F 383 -48.26 -22.59 -7.42
CA HIS F 383 -49.45 -23.45 -7.36
C HIS F 383 -49.16 -24.95 -7.31
N PRO F 384 -48.26 -25.51 -8.12
CA PRO F 384 -48.03 -26.97 -8.03
C PRO F 384 -47.60 -27.45 -6.66
N MET F 385 -46.80 -26.66 -5.94
CA MET F 385 -46.36 -27.07 -4.60
C MET F 385 -47.54 -27.13 -3.63
N LEU F 386 -48.41 -26.12 -3.68
CA LEU F 386 -49.59 -26.13 -2.82
C LEU F 386 -50.52 -27.29 -3.17
N GLU F 387 -50.71 -27.56 -4.46
CA GLU F 387 -51.55 -28.70 -4.84
C GLU F 387 -50.92 -30.03 -4.41
N ALA F 388 -49.59 -30.11 -4.45
CA ALA F 388 -48.93 -31.32 -3.97
C ALA F 388 -49.17 -31.54 -2.48
N LEU F 389 -49.05 -30.46 -1.68
CA LEU F 389 -49.37 -30.58 -0.26
C LEU F 389 -50.85 -30.89 -0.04
N ARG F 390 -51.74 -30.43 -0.92
CA ARG F 390 -53.13 -30.84 -0.84
C ARG F 390 -53.29 -32.33 -1.12
N SER F 391 -52.50 -32.86 -2.06
CA SER F 391 -52.67 -34.26 -2.47
C SER F 391 -52.30 -35.22 -1.34
N GLY F 392 -51.17 -34.98 -0.67
CA GLY F 392 -50.73 -35.86 0.38
C GLY F 392 -49.82 -36.99 -0.06
N ILE F 393 -49.23 -36.91 -1.25
CA ILE F 393 -48.30 -37.92 -1.75
C ILE F 393 -46.89 -37.48 -1.36
N PRO F 394 -46.20 -38.18 -0.45
CA PRO F 394 -44.88 -37.71 0.00
C PRO F 394 -43.86 -37.56 -1.11
N GLU F 395 -43.83 -38.48 -2.07
CA GLU F 395 -42.84 -38.40 -3.14
C GLU F 395 -43.14 -37.25 -4.09
N ARG F 396 -44.43 -37.05 -4.42
CA ARG F 396 -44.80 -35.93 -5.28
C ARG F 396 -44.51 -34.59 -4.60
N ILE F 397 -44.74 -34.50 -3.29
CA ILE F 397 -44.37 -33.30 -2.55
C ILE F 397 -42.85 -33.12 -2.55
N ALA F 398 -42.10 -34.21 -2.41
CA ALA F 398 -40.65 -34.11 -2.49
C ALA F 398 -40.18 -33.62 -3.86
N ARG F 399 -40.92 -33.97 -4.92
CA ARG F 399 -40.54 -33.50 -6.25
C ARG F 399 -40.81 -32.01 -6.41
N TYR F 400 -41.99 -31.54 -5.97
CA TYR F 400 -42.30 -30.11 -5.93
C TYR F 400 -42.03 -29.56 -4.52
N SER F 401 -40.75 -29.28 -4.26
CA SER F 401 -40.36 -28.78 -2.95
C SER F 401 -39.35 -27.63 -3.03
N ASP F 402 -39.15 -27.04 -4.20
CA ASP F 402 -38.19 -25.94 -4.37
C ASP F 402 -38.80 -24.87 -5.27
N LEU F 403 -40.05 -24.51 -5.01
CA LEU F 403 -40.76 -23.50 -5.78
C LEU F 403 -40.85 -22.21 -4.96
N VAL F 404 -40.46 -21.10 -5.57
CA VAL F 404 -40.43 -19.80 -4.90
C VAL F 404 -40.86 -18.73 -5.89
N VAL F 405 -41.57 -17.72 -5.39
CA VAL F 405 -42.00 -16.61 -6.25
C VAL F 405 -40.76 -15.84 -6.71
N PRO F 406 -40.61 -15.58 -8.01
CA PRO F 406 -39.52 -14.71 -8.48
C PRO F 406 -39.94 -13.25 -8.45
N GLU F 407 -38.92 -12.39 -8.30
CA GLU F 407 -39.05 -10.93 -8.29
C GLU F 407 -40.24 -10.45 -7.46
N ILE F 408 -40.45 -11.10 -6.31
CA ILE F 408 -41.56 -10.73 -5.44
C ILE F 408 -41.36 -9.33 -4.88
N ASP F 409 -40.11 -8.93 -4.60
CA ASP F 409 -39.87 -7.57 -4.12
C ASP F 409 -40.16 -6.54 -5.20
N LYS F 410 -39.97 -6.89 -6.47
CA LYS F 410 -40.28 -5.97 -7.55
C LYS F 410 -41.78 -5.70 -7.64
N ARG F 411 -42.60 -6.73 -7.45
CA ARG F 411 -44.06 -6.56 -7.55
C ARG F 411 -44.59 -5.68 -6.42
N LEU F 412 -43.97 -5.74 -5.24
CA LEU F 412 -44.41 -4.90 -4.13
C LEU F 412 -44.28 -3.42 -4.47
N ILE F 413 -43.25 -3.06 -5.24
CA ILE F 413 -43.08 -1.67 -5.65
C ILE F 413 -44.15 -1.27 -6.66
N GLN F 414 -44.43 -2.15 -7.63
CA GLN F 414 -45.41 -1.83 -8.66
C GLN F 414 -46.81 -1.68 -8.09
N LEU F 415 -47.10 -2.33 -6.97
CA LEU F 415 -48.40 -2.13 -6.31
C LEU F 415 -48.42 -0.85 -5.50
N GLN F 416 -47.26 -0.36 -5.07
CA GLN F 416 -47.20 0.91 -4.36
C GLN F 416 -47.36 2.08 -5.30
N LEU F 417 -46.86 1.95 -6.54
CA LEU F 417 -46.96 3.04 -7.50
C LEU F 417 -48.41 3.36 -7.84
N ASP F 418 -49.24 2.32 -8.00
CA ASP F 418 -50.64 2.54 -8.31
C ASP F 418 -51.37 3.23 -7.15
N ILE F 419 -50.89 3.04 -5.92
CA ILE F 419 -51.54 3.65 -4.76
C ILE F 419 -51.46 5.16 -4.84
N ALA F 420 -50.28 5.70 -5.19
CA ALA F 420 -50.08 7.14 -5.14
C ALA F 420 -50.86 7.86 -6.25
N ALA F 421 -51.14 7.16 -7.35
CA ALA F 421 -51.84 7.80 -8.46
C ALA F 421 -53.30 8.08 -8.14
N ILE F 422 -53.98 7.11 -7.53
CA ILE F 422 -55.41 7.25 -7.29
C ILE F 422 -55.70 8.23 -6.17
N GLN F 423 -54.74 8.49 -5.29
CA GLN F 423 -54.97 9.37 -4.15
C GLN F 423 -55.18 10.82 -4.59
N GLU F 424 -54.62 11.19 -5.75
CA GLU F 424 -54.77 12.54 -6.27
C GLU F 424 -56.25 12.86 -6.50
N GLN F 425 -56.80 13.76 -5.70
CA GLN F 425 -58.22 14.09 -5.72
C GLN F 425 -58.39 15.45 -5.07
N THR F 426 -59.04 16.37 -5.77
CA THR F 426 -59.15 17.74 -5.33
C THR F 426 -60.60 18.21 -5.41
N PRO F 427 -60.97 19.22 -4.61
CA PRO F 427 -62.38 19.63 -4.58
C PRO F 427 -62.90 20.24 -5.88
N GLU F 428 -62.03 20.67 -6.79
CA GLU F 428 -62.52 21.39 -7.97
C GLU F 428 -63.21 20.45 -8.95
N GLU F 429 -62.68 19.26 -9.17
CA GLU F 429 -63.21 18.38 -10.22
C GLU F 429 -64.47 17.63 -9.81
N LYS F 430 -65.16 18.04 -8.74
CA LYS F 430 -66.55 17.64 -8.58
C LYS F 430 -67.42 18.30 -9.65
N ALA F 431 -66.98 19.46 -10.16
CA ALA F 431 -67.59 20.08 -11.33
C ALA F 431 -66.66 20.19 -12.52
N LEU F 432 -65.35 20.09 -12.33
CA LEU F 432 -64.42 20.16 -13.46
C LEU F 432 -64.39 18.84 -14.23
N GLN F 433 -64.46 17.71 -13.53
CA GLN F 433 -64.28 16.40 -14.17
C GLN F 433 -65.62 15.77 -14.54
N GLU F 434 -66.29 16.38 -15.51
CA GLU F 434 -67.40 15.73 -16.22
C GLU F 434 -67.46 16.33 -17.62
N LEU F 435 -67.23 15.49 -18.62
CA LEU F 435 -67.27 15.92 -20.02
C LEU F 435 -68.61 15.69 -20.67
N ASP F 436 -69.58 15.15 -19.94
CA ASP F 436 -70.90 14.85 -20.49
C ASP F 436 -71.84 16.05 -20.46
N THR F 437 -71.40 17.19 -19.92
CA THR F 437 -72.24 18.38 -19.87
C THR F 437 -72.59 18.87 -21.27
N GLU F 438 -71.58 19.31 -22.02
CA GLU F 438 -71.77 19.87 -23.35
C GLU F 438 -70.39 20.14 -23.94
N ASP F 439 -70.37 20.42 -25.24
CA ASP F 439 -69.19 20.96 -25.89
C ASP F 439 -69.04 22.45 -25.69
N GLN F 440 -69.77 23.03 -24.73
CA GLN F 440 -69.68 24.44 -24.41
C GLN F 440 -68.33 24.83 -23.81
N ARG F 441 -67.53 23.84 -23.39
CA ARG F 441 -66.19 24.12 -22.88
C ARG F 441 -65.28 24.72 -23.94
N HIS F 442 -65.66 24.63 -25.22
CA HIS F 442 -64.93 25.34 -26.26
C HIS F 442 -64.91 26.85 -26.00
N LEU F 443 -66.04 27.41 -25.57
CA LEU F 443 -66.12 28.81 -25.23
C LEU F 443 -66.01 29.08 -23.73
N TYR F 444 -66.22 28.06 -22.89
CA TYR F 444 -66.17 28.23 -21.44
C TYR F 444 -64.77 28.59 -20.94
N LEU F 445 -63.74 28.40 -21.77
CA LEU F 445 -62.38 28.78 -21.36
C LEU F 445 -62.30 30.27 -21.03
N MET F 446 -62.87 31.11 -21.90
CA MET F 446 -62.94 32.54 -21.61
C MET F 446 -63.90 32.83 -20.48
N LEU F 447 -64.95 32.01 -20.33
CA LEU F 447 -65.93 32.19 -19.27
C LEU F 447 -65.35 31.92 -17.89
N LYS F 448 -64.24 31.18 -17.80
CA LYS F 448 -63.64 30.87 -16.50
C LYS F 448 -63.14 32.14 -15.81
N GLU F 449 -62.51 33.04 -16.56
CA GLU F 449 -62.04 34.30 -15.99
C GLU F 449 -63.16 35.32 -15.81
N ASP F 450 -64.29 35.14 -16.50
CA ASP F 450 -65.38 36.10 -16.40
C ASP F 450 -65.99 36.09 -15.01
N TYR F 451 -66.35 34.91 -14.51
CA TYR F 451 -66.88 34.75 -13.16
C TYR F 451 -66.45 33.40 -12.62
N ASP F 452 -66.50 33.27 -11.30
CA ASP F 452 -66.39 31.95 -10.69
C ASP F 452 -67.69 31.18 -10.93
N SER F 453 -67.55 29.89 -11.24
CA SER F 453 -68.69 29.08 -11.66
C SER F 453 -69.46 28.59 -10.43
N SER F 454 -70.03 29.56 -9.71
CA SER F 454 -70.94 29.24 -8.62
C SER F 454 -72.20 28.57 -9.16
N LEU F 455 -72.75 29.12 -10.25
CA LEU F 455 -73.85 28.50 -10.97
C LEU F 455 -73.60 28.43 -12.48
N LEU F 456 -72.44 28.89 -12.95
CA LEU F 456 -72.16 28.87 -14.38
C LEU F 456 -72.04 27.44 -14.91
N ILE F 457 -71.34 26.58 -14.17
CA ILE F 457 -71.30 25.15 -14.55
C ILE F 457 -72.68 24.52 -14.48
N PRO F 458 -73.49 24.72 -13.42
CA PRO F 458 -74.89 24.29 -13.51
C PRO F 458 -75.67 24.97 -14.63
N THR F 459 -75.30 26.20 -15.01
CA THR F 459 -76.05 26.89 -16.06
C THR F 459 -75.95 26.16 -17.39
N ILE F 460 -74.73 25.76 -17.77
CA ILE F 460 -74.58 24.94 -18.97
C ILE F 460 -75.09 23.53 -18.71
N LYS F 461 -75.05 23.08 -17.46
CA LYS F 461 -75.66 21.79 -17.11
C LYS F 461 -77.18 21.86 -17.23
N LYS F 462 -77.79 22.95 -16.78
CA LYS F 462 -79.23 23.11 -16.94
C LYS F 462 -79.60 23.53 -18.35
N ALA F 463 -78.64 23.97 -19.15
CA ALA F 463 -78.91 24.40 -20.52
C ALA F 463 -79.44 23.23 -21.36
N PHE F 464 -78.73 22.11 -21.36
CA PHE F 464 -79.20 20.97 -22.14
C PHE F 464 -80.38 20.27 -21.46
N SER F 465 -80.51 20.38 -20.14
CA SER F 465 -81.71 19.87 -19.48
C SER F 465 -82.95 20.65 -19.91
N GLN F 466 -82.85 21.98 -19.99
CA GLN F 466 -83.96 22.80 -20.43
C GLN F 466 -84.15 22.74 -21.95
N ASN F 467 -83.04 22.78 -22.69
CA ASN F 467 -83.09 22.84 -24.15
C ASN F 467 -82.75 21.48 -24.74
N PRO F 468 -83.70 20.81 -25.40
CA PRO F 468 -83.38 19.54 -26.07
C PRO F 468 -82.42 19.71 -27.23
N THR F 469 -82.68 20.69 -28.09
CA THR F 469 -81.83 20.96 -29.23
C THR F 469 -81.96 22.42 -29.64
N MET F 470 -80.85 23.00 -30.10
CA MET F 470 -80.81 24.37 -30.60
C MET F 470 -79.47 24.58 -31.27
N THR F 471 -79.45 25.46 -32.28
CA THR F 471 -78.22 25.76 -33.01
C THR F 471 -77.18 26.36 -32.07
N ARG F 472 -75.93 25.90 -32.21
CA ARG F 472 -74.87 26.36 -31.33
C ARG F 472 -74.59 27.84 -31.48
N GLN F 473 -74.59 28.35 -32.72
CA GLN F 473 -74.26 29.75 -32.95
C GLN F 473 -75.25 30.68 -32.25
N LYS F 474 -76.48 30.22 -32.04
CA LYS F 474 -77.41 30.99 -31.22
C LYS F 474 -77.26 30.69 -29.73
N LEU F 475 -76.61 29.58 -29.37
CA LEU F 475 -76.42 29.24 -27.97
C LEU F 475 -75.38 30.13 -27.30
N LEU F 476 -74.33 30.49 -28.04
CA LEU F 476 -73.25 31.29 -27.47
C LEU F 476 -73.70 32.59 -26.80
N PRO F 477 -74.60 33.41 -27.40
CA PRO F 477 -75.09 34.57 -26.66
C PRO F 477 -76.24 34.24 -25.72
N LEU F 478 -77.00 33.20 -26.05
CA LEU F 478 -78.14 32.82 -25.22
C LEU F 478 -77.71 32.11 -23.94
N VAL F 479 -76.53 31.49 -23.91
CA VAL F 479 -75.97 31.02 -22.65
C VAL F 479 -75.72 32.20 -21.73
N LEU F 480 -75.19 33.30 -22.28
CA LEU F 480 -75.05 34.52 -21.50
C LEU F 480 -76.43 35.05 -21.09
N GLN F 481 -77.42 34.91 -21.95
CA GLN F 481 -78.79 35.23 -21.56
C GLN F 481 -79.25 34.34 -20.41
N TRP F 482 -78.91 33.05 -20.46
CA TRP F 482 -79.17 32.18 -19.33
C TRP F 482 -78.26 32.52 -18.15
N LEU F 483 -77.02 32.94 -18.42
CA LEU F 483 -76.14 33.38 -17.34
C LEU F 483 -76.70 34.63 -16.68
N MET F 484 -77.20 35.58 -17.47
CA MET F 484 -77.84 36.77 -16.91
C MET F 484 -79.18 36.42 -16.30
N GLU F 485 -79.95 35.55 -16.96
CA GLU F 485 -81.26 35.16 -16.47
C GLU F 485 -81.38 33.64 -16.32
N ALA G 3 7.03 20.96 -31.96
CA ALA G 3 5.67 20.43 -31.96
C ALA G 3 4.70 21.39 -32.66
N THR G 4 5.21 22.09 -33.67
CA THR G 4 4.42 23.06 -34.43
C THR G 4 3.82 22.34 -35.62
N ARG G 5 2.64 21.74 -35.42
CA ARG G 5 1.95 21.03 -36.48
C ARG G 5 1.53 22.00 -37.57
N ILE G 6 2.05 21.80 -38.78
CA ILE G 6 1.78 22.68 -39.91
C ILE G 6 1.28 21.84 -41.07
N GLN G 7 0.15 22.25 -41.66
CA GLN G 7 -0.32 21.61 -42.88
C GLN G 7 0.59 21.95 -44.05
N ALA G 8 0.69 21.04 -45.00
CA ALA G 8 1.66 21.15 -46.08
C ALA G 8 1.01 21.65 -47.36
N VAL G 9 1.69 22.59 -48.02
CA VAL G 9 1.29 23.09 -49.33
C VAL G 9 2.51 23.02 -50.24
N TYR G 10 2.27 22.74 -51.51
CA TYR G 10 3.33 22.39 -52.45
C TYR G 10 3.66 23.56 -53.39
N ARG G 11 4.93 23.60 -53.79
CA ARG G 11 5.46 24.60 -54.71
C ARG G 11 5.99 23.88 -55.95
N ASP G 12 6.19 24.63 -57.03
CA ASP G 12 6.78 24.10 -58.27
C ASP G 12 8.20 24.65 -58.39
N THR G 13 9.17 23.88 -57.90
CA THR G 13 10.57 24.23 -58.08
C THR G 13 11.00 23.91 -59.51
N GLY G 14 11.84 24.78 -60.08
CA GLY G 14 12.25 24.64 -61.46
C GLY G 14 13.27 23.54 -61.74
N VAL G 15 13.84 22.94 -60.69
CA VAL G 15 14.85 21.92 -60.88
C VAL G 15 14.19 20.64 -61.40
N GLU G 16 14.81 20.00 -62.38
CA GLU G 16 14.22 18.81 -62.99
C GLU G 16 14.28 17.61 -62.07
N ALA G 17 15.26 17.55 -61.16
CA ALA G 17 15.39 16.41 -60.27
C ALA G 17 14.46 16.48 -59.08
N TYR G 18 13.89 17.65 -58.78
CA TYR G 18 13.00 17.83 -57.65
C TYR G 18 11.56 18.09 -58.10
N ARG G 19 11.19 17.61 -59.28
CA ARG G 19 9.93 18.02 -59.91
C ARG G 19 8.71 17.31 -59.38
N ASP G 20 8.86 16.25 -58.59
CA ASP G 20 7.71 15.47 -58.14
C ASP G 20 7.70 15.15 -56.64
N ASN G 21 8.84 15.26 -55.95
CA ASN G 21 8.89 14.90 -54.53
C ASN G 21 7.94 15.79 -53.73
N PRO G 22 7.07 15.21 -52.91
CA PRO G 22 6.36 16.07 -51.94
C PRO G 22 7.27 16.53 -50.81
N PHE G 23 8.19 15.66 -50.37
CA PHE G 23 9.04 15.97 -49.24
C PHE G 23 9.92 17.18 -49.51
N ILE G 24 10.53 17.24 -50.70
CA ILE G 24 11.43 18.34 -51.01
C ILE G 24 10.69 19.57 -51.52
N GLU G 25 9.43 19.42 -51.92
CA GLU G 25 8.63 20.54 -52.38
C GLU G 25 7.76 21.13 -51.28
N ALA G 26 7.83 20.56 -50.07
CA ALA G 26 7.10 21.11 -48.95
C ALA G 26 7.90 22.13 -48.13
N LEU G 27 9.19 22.30 -48.40
CA LEU G 27 10.02 23.22 -47.63
C LEU G 27 9.82 24.67 -48.07
N PRO G 28 10.11 25.61 -47.16
CA PRO G 28 10.23 27.02 -47.56
C PRO G 28 11.37 27.21 -48.54
N PRO G 29 11.30 28.22 -49.41
CA PRO G 29 12.22 28.28 -50.55
C PRO G 29 13.63 28.68 -50.15
N LEU G 30 14.54 28.46 -51.08
CA LEU G 30 15.93 28.89 -50.92
C LEU G 30 16.04 30.41 -51.02
N GLN G 31 16.96 30.97 -50.25
CA GLN G 31 17.19 32.40 -50.22
C GLN G 31 18.54 32.72 -50.84
N GLU G 32 18.59 33.79 -51.65
CA GLU G 32 19.83 34.21 -52.25
C GLU G 32 20.74 34.85 -51.21
N SER G 33 22.01 35.06 -51.59
CA SER G 33 23.00 35.53 -50.64
C SER G 33 22.71 36.94 -50.16
N VAL G 34 22.00 37.74 -50.95
CA VAL G 34 21.67 39.10 -50.54
C VAL G 34 20.72 39.10 -49.35
N ASN G 35 19.64 38.31 -49.44
CA ASN G 35 18.65 38.28 -48.37
C ASN G 35 19.00 37.29 -47.27
N SER G 36 19.92 36.35 -47.53
CA SER G 36 20.28 35.36 -46.50
C SER G 36 20.92 36.04 -45.30
N ALA G 37 21.81 37.00 -45.53
CA ALA G 37 22.43 37.73 -44.43
C ALA G 37 21.40 38.54 -43.66
N ALA G 38 20.44 39.13 -44.37
CA ALA G 38 19.42 39.94 -43.71
C ALA G 38 18.47 39.09 -42.86
N SER G 39 18.20 37.86 -43.29
CA SER G 39 17.28 37.01 -42.54
C SER G 39 17.83 36.62 -41.18
N LEU G 40 19.14 36.37 -41.09
CA LEU G 40 19.72 35.84 -39.87
C LEU G 40 19.72 36.86 -38.73
N LYS G 41 20.02 38.11 -39.05
CA LYS G 41 20.33 39.10 -38.01
C LYS G 41 19.11 39.41 -37.15
N SER G 42 19.39 39.69 -35.87
CA SER G 42 18.37 40.12 -34.92
C SER G 42 19.03 41.02 -33.89
N SER G 43 18.22 41.84 -33.23
CA SER G 43 18.75 42.82 -32.29
C SER G 43 17.65 43.21 -31.30
N LEU G 44 18.06 43.89 -30.24
CA LEU G 44 17.13 44.38 -29.24
C LEU G 44 16.41 45.61 -29.76
N GLN G 45 15.09 45.66 -29.55
CA GLN G 45 14.29 46.73 -30.14
C GLN G 45 14.57 48.07 -29.47
N LEU G 46 14.63 48.08 -28.14
CA LEU G 46 14.89 49.28 -27.33
C LEU G 46 13.88 50.39 -27.63
N THR G 47 14.15 51.60 -27.17
CA THR G 47 13.33 52.78 -27.41
C THR G 47 14.14 54.01 -26.99
N SER G 48 13.50 55.18 -27.03
CA SER G 48 14.16 56.41 -26.61
C SER G 48 13.95 56.74 -25.15
N SER G 49 12.85 56.28 -24.55
CA SER G 49 12.57 56.55 -23.15
C SER G 49 13.40 55.67 -22.22
N ASP G 50 14.00 54.59 -22.72
CA ASP G 50 14.77 53.70 -21.87
C ASP G 50 16.02 54.36 -21.33
N LEU G 51 16.55 55.37 -22.04
CA LEU G 51 17.78 56.01 -21.59
C LEU G 51 17.58 56.83 -20.31
N GLN G 52 16.34 57.16 -19.97
CA GLN G 52 16.02 57.87 -18.73
C GLN G 52 14.90 57.13 -18.02
N LYS G 53 15.28 56.11 -17.22
CA LYS G 53 14.35 55.36 -16.40
C LYS G 53 15.05 54.99 -15.10
N SER G 54 14.34 54.27 -14.25
CA SER G 54 14.92 53.82 -12.98
C SER G 54 16.07 52.87 -13.22
N ARG G 55 17.03 52.87 -12.28
CA ARG G 55 18.21 52.03 -12.44
C ARG G 55 17.86 50.54 -12.44
N VAL G 56 16.93 50.13 -11.57
CA VAL G 56 16.52 48.73 -11.53
C VAL G 56 15.85 48.33 -12.84
N ILE G 57 14.98 49.20 -13.37
CA ILE G 57 14.30 48.88 -14.62
C ILE G 57 15.28 48.80 -15.78
N ARG G 58 16.38 49.54 -15.71
CA ARG G 58 17.35 49.55 -16.80
C ARG G 58 18.37 48.42 -16.70
N ALA G 59 18.69 47.95 -15.49
CA ALA G 59 19.66 46.87 -15.34
C ALA G 59 19.17 45.57 -15.97
N HIS G 60 17.89 45.24 -15.77
CA HIS G 60 17.35 44.03 -16.38
C HIS G 60 17.31 44.14 -17.91
N THR G 61 17.06 45.33 -18.44
CA THR G 61 17.10 45.52 -19.89
C THR G 61 18.53 45.37 -20.41
N ILE G 62 19.52 45.86 -19.65
CA ILE G 62 20.91 45.68 -20.04
C ILE G 62 21.27 44.19 -20.06
N CYS G 63 20.82 43.44 -19.06
CA CYS G 63 21.21 42.03 -18.93
C CYS G 63 20.64 41.14 -20.04
N ARG G 64 19.93 41.65 -21.05
CA ARG G 64 19.39 40.84 -22.13
C ARG G 64 20.25 40.83 -23.37
N ILE G 65 21.41 41.49 -23.35
CA ILE G 65 22.25 41.57 -24.55
C ILE G 65 22.74 40.19 -25.02
N PRO G 66 23.29 39.32 -24.17
CA PRO G 66 23.79 38.03 -24.68
C PRO G 66 22.70 37.16 -25.31
N ASP G 67 21.47 37.23 -24.81
CA ASP G 67 20.43 36.32 -25.27
C ASP G 67 19.74 36.76 -26.55
N ASP G 68 19.84 38.04 -26.92
CA ASP G 68 19.08 38.56 -28.06
C ASP G 68 19.94 39.40 -29.00
N TYR G 69 21.21 39.05 -29.20
CA TYR G 69 22.08 39.79 -30.11
C TYR G 69 22.90 38.79 -30.91
N PHE G 70 22.78 38.84 -32.24
CA PHE G 70 23.48 37.94 -33.13
C PHE G 70 23.86 38.69 -34.39
N GLN G 71 25.13 38.57 -34.80
CA GLN G 71 25.62 39.23 -35.99
C GLN G 71 26.17 38.20 -36.97
N PRO G 72 25.78 38.25 -38.24
CA PRO G 72 26.26 37.26 -39.22
C PRO G 72 27.68 37.57 -39.66
N LEU G 73 28.56 36.58 -39.55
CA LEU G 73 29.95 36.72 -40.00
C LEU G 73 30.07 36.22 -41.44
N GLY G 74 31.30 36.08 -41.92
CA GLY G 74 31.50 35.66 -43.30
C GLY G 74 31.19 34.20 -43.53
N THR G 75 31.55 33.33 -42.58
CA THR G 75 31.41 31.89 -42.78
C THR G 75 29.98 31.40 -42.63
N HIS G 76 29.10 32.19 -42.00
CA HIS G 76 27.74 31.73 -41.78
C HIS G 76 26.95 31.58 -43.08
N LEU G 77 27.22 32.42 -44.08
CA LEU G 77 26.59 32.23 -45.38
C LEU G 77 27.02 30.92 -46.03
N LEU G 78 28.31 30.59 -45.94
CA LEU G 78 28.79 29.32 -46.45
C LEU G 78 28.14 28.15 -45.71
N LEU G 79 28.03 28.26 -44.39
CA LEU G 79 27.37 27.21 -43.62
C LEU G 79 25.91 27.04 -44.04
N SER G 80 25.20 28.15 -44.23
CA SER G 80 23.81 28.08 -44.63
C SER G 80 23.67 27.43 -46.00
N GLU G 81 24.52 27.82 -46.96
CA GLU G 81 24.45 27.24 -48.29
C GLU G 81 24.74 25.74 -48.25
N ARG G 82 25.78 25.34 -47.50
CA ARG G 82 26.13 23.93 -47.43
C ARG G 82 25.02 23.12 -46.77
N ILE G 83 24.44 23.63 -45.67
CA ILE G 83 23.37 22.91 -45.00
C ILE G 83 22.14 22.79 -45.89
N SER G 84 21.80 23.87 -46.61
CA SER G 84 20.65 23.81 -47.51
C SER G 84 20.85 22.78 -48.60
N VAL G 85 22.01 22.81 -49.28
CA VAL G 85 22.23 21.86 -50.36
C VAL G 85 22.35 20.43 -49.84
N MET G 86 22.84 20.24 -48.62
CA MET G 86 23.04 18.91 -48.06
C MET G 86 21.80 18.37 -47.35
N ILE G 87 20.78 19.21 -47.13
CA ILE G 87 19.51 18.71 -46.61
C ILE G 87 18.55 18.53 -47.78
N ARG G 88 18.81 19.24 -48.90
CA ARG G 88 17.98 19.01 -50.08
C ARG G 88 18.49 17.84 -50.91
N GLY G 89 19.79 17.57 -50.89
CA GLY G 89 20.32 16.46 -51.66
C GLY G 89 20.02 15.09 -51.06
N GLY G 90 19.50 15.04 -49.85
CA GLY G 90 19.19 13.79 -49.18
C GLY G 90 17.77 13.29 -49.35
N TYR G 91 16.92 14.02 -50.08
CA TYR G 91 15.55 13.61 -50.30
C TYR G 91 15.28 13.17 -51.74
N VAL G 92 16.31 13.07 -52.58
CA VAL G 92 16.09 12.65 -53.96
C VAL G 92 15.98 11.14 -54.08
N GLY G 93 16.49 10.39 -53.10
CA GLY G 93 16.43 8.95 -53.11
C GLY G 93 15.37 8.33 -52.23
N ARG G 94 14.44 9.12 -51.70
CA ARG G 94 13.39 8.63 -50.82
C ARG G 94 12.05 9.21 -51.25
N ASN G 95 11.76 9.12 -52.54
CA ASN G 95 10.48 9.61 -53.08
C ASN G 95 9.36 8.62 -52.76
N PRO G 96 8.29 9.06 -52.09
CA PRO G 96 7.17 8.15 -51.86
C PRO G 96 6.29 7.96 -53.09
N LYS G 97 6.29 8.91 -54.03
CA LYS G 97 5.36 8.81 -55.15
C LYS G 97 5.79 7.77 -56.16
N THR G 98 7.08 7.68 -56.46
CA THR G 98 7.58 6.73 -57.44
C THR G 98 7.84 5.35 -56.84
N GLY G 99 7.34 5.09 -55.63
CA GLY G 99 7.55 3.81 -54.99
C GLY G 99 8.99 3.51 -54.69
N ASP G 100 9.70 4.48 -54.11
CA ASP G 100 11.10 4.31 -53.74
C ASP G 100 11.35 4.29 -52.25
N LEU G 101 10.53 5.01 -51.46
CA LEU G 101 10.68 4.93 -50.01
C LEU G 101 10.24 3.57 -49.48
N GLN G 102 9.21 2.97 -50.11
CA GLN G 102 8.74 1.65 -49.67
C GLN G 102 9.79 0.56 -49.88
N LYS G 103 10.77 0.81 -50.75
CA LYS G 103 11.86 -0.15 -50.93
C LYS G 103 12.99 0.09 -49.94
N HIS G 104 13.30 1.36 -49.66
CA HIS G 104 14.27 1.68 -48.63
C HIS G 104 13.79 1.26 -47.26
N LEU G 105 12.48 1.32 -47.04
CA LEU G 105 11.92 1.01 -45.73
C LEU G 105 11.70 -0.50 -45.54
N GLN G 106 11.39 -1.22 -46.62
CA GLN G 106 11.18 -2.66 -46.51
C GLN G 106 12.48 -3.41 -46.28
N ASN G 107 13.60 -2.87 -46.77
CA ASN G 107 14.91 -3.46 -46.47
C ASN G 107 15.21 -3.43 -44.99
N GLY G 108 14.65 -2.46 -44.26
CA GLY G 108 14.93 -2.34 -42.85
C GLY G 108 14.46 -3.52 -42.03
N TYR G 109 13.34 -4.13 -42.43
CA TYR G 109 12.83 -5.29 -41.70
C TYR G 109 13.81 -6.46 -41.76
N GLU G 110 14.45 -6.67 -42.91
CA GLU G 110 15.50 -7.67 -42.99
C GLU G 110 16.68 -7.30 -42.10
N ARG G 111 17.04 -6.02 -42.05
CA ARG G 111 18.13 -5.58 -41.18
C ARG G 111 17.82 -5.87 -39.72
N VAL G 112 16.59 -5.60 -39.30
CA VAL G 112 16.22 -5.81 -37.90
C VAL G 112 16.13 -7.30 -37.59
N GLN G 113 15.58 -8.09 -38.51
CA GLN G 113 15.32 -9.50 -38.24
C GLN G 113 16.63 -10.29 -38.08
N THR G 114 17.55 -10.16 -39.04
CA THR G 114 18.77 -10.95 -38.98
C THR G 114 19.84 -10.30 -38.12
N GLY G 115 19.73 -9.01 -37.81
CA GLY G 115 20.70 -8.33 -37.00
C GLY G 115 21.91 -7.79 -37.72
N GLU G 116 21.89 -7.74 -39.05
CA GLU G 116 22.99 -7.22 -39.84
C GLU G 116 22.53 -5.99 -40.59
N LEU G 117 23.41 -4.99 -40.68
CA LEU G 117 23.07 -3.70 -41.27
C LEU G 117 23.34 -3.62 -42.77
N GLU G 118 24.01 -4.60 -43.35
CA GLU G 118 24.37 -4.56 -44.76
C GLU G 118 23.52 -5.47 -45.63
N THR G 119 22.48 -6.09 -45.09
CA THR G 119 21.61 -6.95 -45.89
C THR G 119 20.75 -6.10 -46.81
N PHE G 120 20.30 -6.71 -47.90
CA PHE G 120 19.51 -6.00 -48.90
C PHE G 120 18.53 -6.97 -49.55
N ARG G 121 17.33 -6.48 -49.83
CA ARG G 121 16.32 -7.21 -50.59
C ARG G 121 16.03 -6.59 -51.95
N PHE G 122 16.01 -5.26 -52.03
CA PHE G 122 15.86 -4.56 -53.29
C PHE G 122 17.20 -3.93 -53.64
N GLU G 123 17.84 -4.42 -54.70
CA GLU G 123 19.13 -3.89 -55.11
C GLU G 123 19.02 -2.49 -55.72
N GLU G 124 17.91 -2.17 -56.36
CA GLU G 124 17.76 -0.89 -57.04
C GLU G 124 17.66 0.29 -56.07
N ALA G 125 17.42 0.03 -54.79
CA ALA G 125 17.34 1.11 -53.82
C ALA G 125 18.70 1.76 -53.65
N ARG G 126 18.73 3.08 -53.75
CA ARG G 126 19.96 3.86 -53.67
C ARG G 126 19.82 4.95 -52.62
N SER G 127 20.96 5.31 -52.01
CA SER G 127 21.01 6.32 -50.96
C SER G 127 21.96 7.44 -51.36
N THR G 128 21.55 8.67 -51.13
CA THR G 128 22.34 9.85 -51.45
C THR G 128 22.44 10.74 -50.22
N ALA G 129 23.59 10.73 -49.57
CA ALA G 129 23.80 11.54 -48.37
C ALA G 129 25.28 11.92 -48.28
N GLN G 130 25.55 12.98 -47.53
CA GLN G 130 26.90 13.51 -47.35
C GLN G 130 27.16 13.70 -45.86
N SER G 131 28.35 14.22 -45.54
CA SER G 131 28.75 14.43 -44.16
C SER G 131 29.57 15.71 -44.06
N LEU G 132 29.91 16.07 -42.83
CA LEU G 132 30.64 17.30 -42.55
C LEU G 132 31.11 17.27 -41.11
N LEU G 133 32.28 17.84 -40.85
CA LEU G 133 32.77 18.05 -39.50
C LEU G 133 33.11 19.52 -39.32
N LEU G 134 32.63 20.10 -38.22
CA LEU G 134 32.84 21.50 -37.88
C LEU G 134 33.66 21.57 -36.60
N ILE G 135 34.91 22.02 -36.72
CA ILE G 135 35.83 22.10 -35.59
C ILE G 135 36.16 23.57 -35.34
N GLY G 136 35.99 24.00 -34.11
CA GLY G 136 36.26 25.38 -33.75
C GLY G 136 36.60 25.50 -32.28
N CYS G 137 37.41 26.52 -31.96
CA CYS G 137 37.77 26.79 -30.57
C CYS G 137 36.54 27.10 -29.75
N SER G 138 36.57 26.72 -28.48
CA SER G 138 35.43 26.93 -27.60
C SER G 138 35.14 28.42 -27.46
N GLY G 139 33.85 28.75 -27.32
CA GLY G 139 33.42 30.12 -27.25
C GLY G 139 33.16 30.78 -28.59
N SER G 140 33.38 30.09 -29.70
CA SER G 140 33.21 30.66 -31.02
C SER G 140 31.77 30.67 -31.50
N GLY G 141 30.83 30.19 -30.69
CA GLY G 141 29.42 30.22 -31.04
C GLY G 141 29.03 29.36 -32.22
N LYS G 142 29.48 28.11 -32.21
CA LYS G 142 29.08 27.16 -33.25
C LYS G 142 27.73 26.51 -32.97
N THR G 143 27.20 26.64 -31.76
CA THR G 143 25.90 26.04 -31.44
C THR G 143 24.76 26.97 -31.83
N THR G 144 24.77 28.21 -31.34
CA THR G 144 23.76 29.19 -31.71
C THR G 144 23.75 29.44 -33.21
N SER G 145 24.91 29.33 -33.86
CA SER G 145 24.97 29.41 -35.32
C SER G 145 24.04 28.38 -35.95
N LEU G 146 24.13 27.12 -35.50
CA LEU G 146 23.22 26.10 -36.01
C LEU G 146 21.78 26.40 -35.63
N HIS G 147 21.56 26.81 -34.38
CA HIS G 147 20.19 27.02 -33.91
C HIS G 147 19.49 28.18 -34.60
N ARG G 148 20.22 29.06 -35.29
CA ARG G 148 19.55 30.09 -36.07
C ARG G 148 19.67 29.89 -37.58
N ILE G 149 20.63 29.12 -38.08
CA ILE G 149 20.59 28.71 -39.49
C ILE G 149 19.45 27.72 -39.72
N LEU G 150 19.24 26.80 -38.78
CA LEU G 150 18.30 25.70 -38.95
C LEU G 150 16.94 26.01 -38.35
N ALA G 151 16.68 27.27 -38.00
CA ALA G 151 15.39 27.68 -37.48
C ALA G 151 14.48 28.26 -38.55
N THR G 152 14.95 28.34 -39.79
CA THR G 152 14.09 28.76 -40.89
C THR G 152 13.15 27.65 -41.32
N TYR G 153 13.60 26.41 -41.23
CA TYR G 153 12.80 25.25 -41.64
C TYR G 153 11.84 24.86 -40.51
N PRO G 154 10.56 24.71 -40.78
CA PRO G 154 9.65 24.14 -39.77
C PRO G 154 10.04 22.70 -39.46
N GLN G 155 9.77 22.29 -38.23
CA GLN G 155 10.29 21.00 -37.75
C GLN G 155 9.39 19.85 -38.18
N VAL G 156 8.12 19.90 -37.78
CA VAL G 156 7.17 18.82 -38.07
C VAL G 156 6.12 19.36 -39.04
N ILE G 157 6.24 18.97 -40.30
CA ILE G 157 5.28 19.35 -41.34
C ILE G 157 4.47 18.12 -41.71
N TYR G 158 3.15 18.22 -41.55
CA TYR G 158 2.27 17.07 -41.70
C TYR G 158 1.64 17.07 -43.10
N HIS G 159 1.97 16.08 -43.91
CA HIS G 159 1.26 15.86 -45.16
C HIS G 159 -0.12 15.28 -44.88
N ARG G 160 -1.05 15.47 -45.82
CA ARG G 160 -2.43 15.04 -45.60
C ARG G 160 -2.91 13.97 -46.56
N GLU G 161 -2.59 14.06 -47.85
CA GLU G 161 -2.95 12.98 -48.76
C GLU G 161 -2.20 11.71 -48.40
N LEU G 162 -0.92 11.83 -48.05
CA LEU G 162 -0.22 10.80 -47.31
C LEU G 162 -0.36 11.08 -45.82
N ASN G 163 -0.21 10.03 -45.01
CA ASN G 163 -0.38 10.17 -43.57
C ASN G 163 0.94 10.33 -42.83
N VAL G 164 2.06 10.45 -43.55
CA VAL G 164 3.36 10.53 -42.90
C VAL G 164 3.53 11.91 -42.26
N GLU G 165 4.37 11.96 -41.22
CA GLU G 165 4.69 13.20 -40.51
C GLU G 165 6.19 13.44 -40.65
N GLN G 166 6.56 14.32 -41.57
CA GLN G 166 7.97 14.64 -41.78
C GLN G 166 8.56 15.38 -40.59
N VAL G 167 9.78 15.02 -40.22
CA VAL G 167 10.59 15.79 -39.27
C VAL G 167 11.84 16.25 -39.99
N VAL G 168 11.96 17.57 -40.17
CA VAL G 168 13.04 18.10 -41.00
C VAL G 168 14.39 17.96 -40.31
N TYR G 169 14.47 18.30 -39.03
CA TYR G 169 15.75 18.28 -38.35
C TYR G 169 15.59 17.80 -36.91
N LEU G 170 16.65 17.19 -36.40
CA LEU G 170 16.70 16.69 -35.03
C LEU G 170 18.11 16.89 -34.50
N LYS G 171 18.22 17.09 -33.18
CA LYS G 171 19.52 17.37 -32.56
C LYS G 171 19.67 16.60 -31.27
N ILE G 172 20.78 15.87 -31.14
CA ILE G 172 21.17 15.19 -29.91
C ILE G 172 22.65 15.40 -29.67
N ASP G 173 23.08 15.15 -28.44
CA ASP G 173 24.48 15.27 -28.07
C ASP G 173 24.95 13.98 -27.39
N CYS G 174 26.22 13.65 -27.60
CA CYS G 174 26.79 12.44 -27.06
C CYS G 174 26.84 12.49 -25.54
N SER G 175 26.67 11.33 -24.91
CA SER G 175 26.69 11.25 -23.45
C SER G 175 28.12 11.42 -22.94
N HIS G 176 28.22 11.73 -21.65
CA HIS G 176 29.53 12.00 -21.05
C HIS G 176 30.34 10.73 -20.84
N ASN G 177 29.69 9.60 -20.57
CA ASN G 177 30.41 8.35 -20.36
C ASN G 177 31.12 7.89 -21.63
N GLY G 178 30.48 8.09 -22.78
CA GLY G 178 30.91 7.46 -24.01
C GLY G 178 30.20 6.17 -24.32
N SER G 179 29.11 5.88 -23.62
CA SER G 179 28.40 4.61 -23.79
C SER G 179 27.77 4.52 -25.18
N LEU G 180 27.89 3.34 -25.78
CA LEU G 180 27.22 3.07 -27.05
C LEU G 180 25.71 2.87 -26.89
N LYS G 181 25.23 2.74 -25.65
CA LYS G 181 23.83 2.49 -25.39
C LYS G 181 23.06 3.75 -25.04
N GLU G 182 23.68 4.93 -25.13
CA GLU G 182 23.03 6.17 -24.75
C GLU G 182 22.80 7.14 -25.91
N ILE G 183 23.58 7.07 -26.99
CA ILE G 183 23.22 7.81 -28.19
C ILE G 183 21.90 7.29 -28.75
N CYS G 184 21.75 5.96 -28.77
CA CYS G 184 20.56 5.24 -29.20
C CYS G 184 19.44 5.32 -28.22
N LEU G 185 19.62 6.04 -27.10
CA LEU G 185 18.53 6.31 -26.18
C LEU G 185 18.22 7.80 -26.07
N ASN G 186 19.16 8.66 -26.44
CA ASN G 186 18.89 10.08 -26.61
C ASN G 186 18.21 10.38 -27.94
N PHE G 187 18.48 9.58 -28.98
CA PHE G 187 17.78 9.75 -30.25
C PHE G 187 16.28 9.53 -30.07
N PHE G 188 15.90 8.43 -29.45
CA PHE G 188 14.48 8.17 -29.22
C PHE G 188 13.85 9.20 -28.30
N ARG G 189 14.58 9.74 -27.33
CA ARG G 189 14.04 10.78 -26.47
C ARG G 189 13.85 12.11 -27.16
N ALA G 190 14.77 12.49 -28.05
CA ALA G 190 14.57 13.68 -28.87
C ALA G 190 13.41 13.51 -29.83
N LEU G 191 13.29 12.35 -30.47
CA LEU G 191 12.13 12.08 -31.32
C LEU G 191 10.84 11.98 -30.53
N ASP G 192 10.92 11.66 -29.24
CA ASP G 192 9.79 11.70 -28.31
C ASP G 192 9.35 13.13 -28.02
N ARG G 193 10.30 14.01 -27.69
CA ARG G 193 9.95 15.39 -27.37
C ARG G 193 9.50 16.17 -28.60
N ALA G 194 10.08 15.89 -29.77
CA ALA G 194 9.72 16.65 -30.96
C ALA G 194 8.30 16.37 -31.42
N LEU G 195 7.84 15.13 -31.28
CA LEU G 195 6.53 14.73 -31.79
C LEU G 195 5.49 14.51 -30.71
N GLY G 196 5.88 14.38 -29.45
CA GLY G 196 4.94 14.05 -28.41
C GLY G 196 4.37 12.65 -28.58
N SER G 197 5.23 11.64 -28.40
CA SER G 197 4.85 10.26 -28.63
C SER G 197 5.39 9.38 -27.50
N ASN G 198 5.43 8.07 -27.70
CA ASN G 198 5.87 7.15 -26.65
C ASN G 198 6.79 6.11 -27.31
N TYR G 199 7.80 6.58 -28.05
CA TYR G 199 8.77 5.67 -28.65
C TYR G 199 9.73 5.10 -27.61
N GLU G 200 10.11 5.91 -26.61
CA GLU G 200 11.19 5.54 -25.70
C GLU G 200 10.86 4.28 -24.91
N ARG G 201 9.62 4.19 -24.40
CA ARG G 201 9.25 3.04 -23.60
C ARG G 201 9.20 1.76 -24.42
N ARG G 202 8.69 1.84 -25.65
CA ARG G 202 8.50 0.63 -26.44
C ARG G 202 9.75 0.21 -27.21
N TYR G 203 10.75 1.08 -27.31
CA TYR G 203 11.94 0.75 -28.09
C TYR G 203 13.23 0.64 -27.28
N GLY G 204 13.33 1.31 -26.13
CA GLY G 204 14.56 1.26 -25.38
C GLY G 204 14.43 0.63 -24.01
N LEU G 205 13.26 0.76 -23.38
CA LEU G 205 13.06 0.20 -22.05
C LEU G 205 13.09 -1.32 -22.06
N LYS G 206 12.60 -1.93 -23.14
CA LYS G 206 12.68 -3.38 -23.27
C LYS G 206 14.14 -3.82 -23.35
N ARG G 207 14.41 -5.03 -22.85
CA ARG G 207 15.76 -5.55 -22.81
C ARG G 207 16.22 -5.99 -24.19
N HIS G 208 16.85 -5.10 -24.92
CA HIS G 208 17.38 -5.38 -26.26
C HIS G 208 18.88 -5.20 -26.27
N GLY G 209 19.54 -5.95 -27.16
CA GLY G 209 20.96 -5.77 -27.37
C GLY G 209 21.25 -4.53 -28.20
N ILE G 210 22.51 -4.08 -28.12
CA ILE G 210 22.93 -2.92 -28.89
C ILE G 210 22.91 -3.23 -30.39
N GLU G 211 23.24 -4.47 -30.77
CA GLU G 211 23.35 -4.82 -32.18
C GLU G 211 22.02 -4.70 -32.90
N THR G 212 20.90 -4.89 -32.22
CA THR G 212 19.59 -4.71 -32.81
C THR G 212 19.01 -3.32 -32.55
N MET G 213 19.44 -2.65 -31.48
CA MET G 213 18.99 -1.28 -31.25
C MET G 213 19.58 -0.33 -32.29
N LEU G 214 20.82 -0.60 -32.73
CA LEU G 214 21.41 0.21 -33.80
C LEU G 214 20.61 0.14 -35.09
N ALA G 215 19.92 -0.98 -35.35
CA ALA G 215 19.09 -1.11 -36.53
C ALA G 215 17.66 -0.63 -36.31
N LEU G 216 17.14 -0.78 -35.09
CA LEU G 216 15.85 -0.19 -34.79
C LEU G 216 15.90 1.33 -34.93
N MET G 217 16.98 1.95 -34.45
CA MET G 217 17.23 3.37 -34.70
C MET G 217 17.29 3.65 -36.20
N SER G 218 18.05 2.84 -36.94
CA SER G 218 18.26 3.09 -38.35
C SER G 218 17.00 2.95 -39.19
N GLN G 219 16.02 2.19 -38.71
CA GLN G 219 14.77 2.06 -39.44
C GLN G 219 13.69 3.02 -38.97
N ILE G 220 13.65 3.37 -37.67
CA ILE G 220 12.74 4.42 -37.24
C ILE G 220 13.18 5.77 -37.79
N ALA G 221 14.45 5.90 -38.19
CA ALA G 221 14.87 7.08 -38.94
C ALA G 221 14.08 7.21 -40.23
N ASN G 222 13.87 6.12 -40.95
CA ASN G 222 13.14 6.13 -42.21
C ASN G 222 11.66 5.82 -42.06
N ALA G 223 11.18 5.54 -40.85
CA ALA G 223 9.73 5.42 -40.65
C ALA G 223 9.05 6.75 -40.96
N HIS G 224 9.60 7.84 -40.44
CA HIS G 224 9.28 9.18 -40.88
C HIS G 224 10.21 9.54 -42.04
N ALA G 225 10.30 10.82 -42.39
CA ALA G 225 11.26 11.28 -43.39
C ALA G 225 12.24 12.22 -42.68
N LEU G 226 13.25 11.63 -42.07
CA LEU G 226 14.25 12.41 -41.35
C LEU G 226 15.16 13.11 -42.34
N GLY G 227 15.48 14.37 -42.07
CA GLY G 227 16.27 15.16 -42.98
C GLY G 227 17.70 15.40 -42.52
N LEU G 228 17.88 15.59 -41.21
CA LEU G 228 19.18 15.96 -40.68
C LEU G 228 19.29 15.49 -39.24
N LEU G 229 20.31 14.67 -38.96
CA LEU G 229 20.66 14.26 -37.61
C LEU G 229 22.01 14.86 -37.28
N VAL G 230 22.01 15.95 -36.51
CA VAL G 230 23.23 16.66 -36.14
C VAL G 230 23.57 16.29 -34.69
N ILE G 231 24.79 15.80 -34.49
CA ILE G 231 25.31 15.53 -33.16
C ILE G 231 26.46 16.49 -32.91
N ASP G 232 26.38 17.23 -31.81
CA ASP G 232 27.43 18.15 -31.40
C ASP G 232 28.13 17.60 -30.17
N GLU G 233 29.27 18.21 -29.84
CA GLU G 233 30.11 17.79 -28.73
C GLU G 233 30.54 16.33 -28.90
N ILE G 234 31.28 16.09 -29.99
CA ILE G 234 31.84 14.77 -30.26
C ILE G 234 33.10 14.50 -29.45
N GLN G 235 33.55 15.48 -28.66
CA GLN G 235 34.73 15.29 -27.83
C GLN G 235 34.52 14.19 -26.79
N HIS G 236 33.32 14.11 -26.23
CA HIS G 236 33.06 13.16 -25.15
C HIS G 236 33.07 11.71 -25.58
N LEU G 237 33.33 11.42 -26.86
CA LEU G 237 33.49 10.05 -27.31
C LEU G 237 34.93 9.57 -27.25
N SER G 238 35.88 10.48 -26.98
CA SER G 238 37.28 10.07 -26.85
C SER G 238 37.47 9.16 -25.63
N ARG G 239 36.79 9.47 -24.53
CA ARG G 239 36.86 8.64 -23.32
C ARG G 239 35.88 7.49 -23.49
N SER G 240 36.36 6.45 -24.16
CA SER G 240 35.59 5.22 -24.31
C SER G 240 36.08 4.18 -23.31
N ARG G 241 35.29 3.11 -23.16
CA ARG G 241 35.61 2.09 -22.17
C ARG G 241 36.75 1.20 -22.67
N SER G 242 36.53 0.48 -23.77
CA SER G 242 37.56 -0.38 -24.33
C SER G 242 37.34 -0.49 -25.84
N GLY G 243 38.06 0.33 -26.60
CA GLY G 243 38.09 0.20 -28.04
C GLY G 243 36.77 0.44 -28.75
N GLY G 244 35.81 1.08 -28.09
CA GLY G 244 34.52 1.33 -28.71
C GLY G 244 34.42 2.60 -29.53
N SER G 245 35.50 3.36 -29.65
CA SER G 245 35.45 4.63 -30.36
C SER G 245 35.37 4.42 -31.87
N GLN G 246 36.17 3.48 -32.40
CA GLN G 246 36.27 3.31 -33.85
C GLN G 246 34.97 2.80 -34.45
N GLU G 247 34.28 1.91 -33.74
CA GLU G 247 33.09 1.29 -34.30
C GLU G 247 31.94 2.28 -34.47
N MET G 248 31.82 3.28 -33.59
CA MET G 248 30.80 4.30 -33.81
C MET G 248 31.13 5.17 -35.02
N LEU G 249 32.41 5.47 -35.23
CA LEU G 249 32.79 6.19 -36.45
C LEU G 249 32.45 5.36 -37.69
N ASN G 250 32.72 4.06 -37.64
CA ASN G 250 32.36 3.19 -38.77
C ASN G 250 30.86 3.16 -38.99
N PHE G 251 30.08 3.13 -37.90
CA PHE G 251 28.62 3.14 -38.01
C PHE G 251 28.12 4.44 -38.61
N PHE G 252 28.69 5.58 -38.20
CA PHE G 252 28.31 6.86 -38.76
C PHE G 252 28.68 6.96 -40.24
N VAL G 253 29.77 6.31 -40.64
CA VAL G 253 30.07 6.20 -42.07
C VAL G 253 29.03 5.33 -42.76
N THR G 254 28.59 4.26 -42.08
CA THR G 254 27.62 3.34 -42.67
C THR G 254 26.26 3.99 -42.85
N MET G 255 25.78 4.71 -41.83
CA MET G 255 24.43 5.27 -41.89
C MET G 255 24.30 6.31 -42.99
N VAL G 256 25.34 7.10 -43.21
CA VAL G 256 25.31 8.08 -44.29
C VAL G 256 25.33 7.40 -45.64
N ASN G 257 26.09 6.30 -45.77
CA ASN G 257 26.30 5.70 -47.08
C ASN G 257 25.17 4.76 -47.48
N ILE G 258 24.75 3.89 -46.57
CA ILE G 258 23.81 2.81 -46.89
C ILE G 258 22.37 3.25 -46.70
N ILE G 259 22.02 3.72 -45.50
CA ILE G 259 20.62 4.02 -45.20
C ILE G 259 20.17 5.28 -45.93
N GLY G 260 20.96 6.34 -45.85
CA GLY G 260 20.67 7.56 -46.58
C GLY G 260 20.23 8.75 -45.77
N VAL G 261 20.55 8.80 -44.47
CA VAL G 261 20.22 9.93 -43.62
C VAL G 261 21.46 10.79 -43.47
N PRO G 262 21.48 12.02 -43.98
CA PRO G 262 22.66 12.88 -43.83
C PRO G 262 22.95 13.16 -42.36
N VAL G 263 24.24 13.16 -42.01
CA VAL G 263 24.67 13.34 -40.63
C VAL G 263 25.85 14.31 -40.62
N MET G 264 25.82 15.26 -39.69
CA MET G 264 26.90 16.23 -39.51
C MET G 264 27.44 16.14 -38.09
N LEU G 265 28.76 16.25 -37.97
CA LEU G 265 29.45 16.05 -36.70
C LEU G 265 30.15 17.34 -36.30
N ILE G 266 30.07 17.67 -35.01
CA ILE G 266 30.70 18.88 -34.48
C ILE G 266 31.34 18.56 -33.13
N GLY G 267 32.57 19.05 -32.93
CA GLY G 267 33.26 18.87 -31.67
C GLY G 267 34.38 19.86 -31.50
N THR G 268 34.98 19.82 -30.31
CA THR G 268 36.11 20.68 -29.97
C THR G 268 37.37 20.19 -30.67
N PRO G 269 38.39 21.04 -30.80
CA PRO G 269 39.64 20.62 -31.46
C PRO G 269 40.36 19.47 -30.76
N LYS G 270 40.03 19.18 -29.50
CA LYS G 270 40.67 18.06 -28.82
C LYS G 270 40.30 16.72 -29.48
N ALA G 271 39.11 16.63 -30.06
CA ALA G 271 38.65 15.41 -30.72
C ALA G 271 39.22 15.26 -32.12
N ARG G 272 40.28 15.99 -32.46
CA ARG G 272 40.91 15.87 -33.76
C ARG G 272 41.51 14.49 -33.96
N GLU G 273 42.08 13.92 -32.89
CA GLU G 273 42.73 12.61 -32.99
C GLU G 273 41.74 11.51 -33.32
N ILE G 274 40.53 11.58 -32.75
CA ILE G 274 39.53 10.53 -32.98
C ILE G 274 39.13 10.50 -34.45
N PHE G 275 38.88 11.67 -35.04
CA PHE G 275 38.46 11.71 -36.43
C PHE G 275 39.61 11.43 -37.38
N GLU G 276 40.81 11.90 -37.05
CA GLU G 276 41.99 11.72 -37.90
C GLU G 276 42.87 10.58 -37.43
N ALA G 277 42.28 9.51 -36.90
CA ALA G 277 43.05 8.32 -36.57
C ALA G 277 43.55 7.60 -37.82
N ASP G 278 42.96 7.89 -38.98
CA ASP G 278 43.37 7.27 -40.23
C ASP G 278 44.68 7.86 -40.74
N PHE G 288 33.73 13.32 -46.16
CA PHE G 288 33.49 14.23 -45.05
C PHE G 288 34.43 15.45 -45.14
N GLY G 289 33.97 16.48 -45.84
CA GLY G 289 34.75 17.70 -45.97
C GLY G 289 34.85 18.44 -44.65
N ALA G 290 35.94 19.20 -44.51
CA ALA G 290 36.27 19.88 -43.26
C ALA G 290 36.14 21.39 -43.42
N ILE G 291 35.62 22.04 -42.39
CA ILE G 291 35.59 23.49 -42.29
C ILE G 291 36.07 23.88 -40.90
N PHE G 292 36.93 24.90 -40.84
CA PHE G 292 37.59 25.29 -39.61
C PHE G 292 37.16 26.68 -39.19
N TRP G 293 36.86 26.85 -37.90
CA TRP G 293 36.46 28.12 -37.33
C TRP G 293 37.45 28.51 -36.23
N ASP G 294 37.89 29.76 -36.26
CA ASP G 294 38.88 30.28 -35.33
C ASP G 294 38.43 31.67 -34.89
N PRO G 295 38.92 32.15 -33.74
CA PRO G 295 38.58 33.52 -33.34
C PRO G 295 39.05 34.53 -34.38
N ILE G 296 38.27 35.60 -34.53
CA ILE G 296 38.49 36.56 -35.60
C ILE G 296 39.83 37.26 -35.40
N GLN G 297 40.50 37.56 -36.50
CA GLN G 297 41.81 38.21 -36.50
C GLN G 297 41.63 39.65 -36.97
N GLN G 298 42.07 40.59 -36.13
CA GLN G 298 41.92 42.02 -36.47
C GLN G 298 42.90 42.47 -37.54
N THR G 299 43.96 41.70 -37.79
CA THR G 299 44.98 42.05 -38.77
C THR G 299 45.01 40.97 -39.85
N GLN G 300 44.25 41.17 -40.92
CA GLN G 300 44.30 40.27 -42.06
C GLN G 300 45.53 40.60 -42.90
N ARG G 301 46.39 39.62 -43.10
CA ARG G 301 47.69 39.79 -43.78
C ARG G 301 48.43 40.92 -43.08
N GLY G 302 48.70 42.04 -43.74
CA GLY G 302 49.34 43.17 -43.08
C GLY G 302 48.45 44.38 -42.92
N LYS G 303 47.14 44.20 -43.01
CA LYS G 303 46.21 45.31 -42.96
C LYS G 303 45.09 45.03 -41.96
N PRO G 304 44.48 46.07 -41.39
CA PRO G 304 43.44 45.86 -40.38
C PRO G 304 42.17 45.26 -40.97
N ASN G 305 41.42 44.57 -40.11
CA ASN G 305 40.17 43.93 -40.49
C ASN G 305 39.01 44.92 -40.46
N GLN G 306 37.95 44.59 -41.20
CA GLN G 306 36.73 45.38 -41.24
C GLN G 306 35.58 44.75 -40.48
N GLU G 307 35.50 43.41 -40.47
CA GLU G 307 34.43 42.73 -39.75
C GLU G 307 34.49 43.04 -38.26
N TRP G 308 35.70 43.06 -37.69
CA TRP G 308 35.85 43.40 -36.28
C TRP G 308 35.37 44.82 -36.00
N ILE G 309 35.72 45.76 -36.89
CA ILE G 309 35.31 47.15 -36.70
C ILE G 309 33.78 47.26 -36.72
N ALA G 310 33.15 46.66 -37.74
CA ALA G 310 31.70 46.74 -37.86
C ALA G 310 31.00 46.07 -36.69
N PHE G 311 31.49 44.90 -36.27
CA PHE G 311 30.88 44.20 -35.15
C PHE G 311 30.98 44.99 -33.87
N THR G 312 32.16 45.57 -33.58
CA THR G 312 32.33 46.35 -32.36
C THR G 312 31.46 47.60 -32.39
N ASP G 313 31.38 48.28 -33.54
CA ASP G 313 30.52 49.47 -33.63
C ASP G 313 29.06 49.12 -33.42
N ASN G 314 28.60 48.03 -34.03
CA ASN G 314 27.21 47.61 -33.85
C ASN G 314 26.95 47.22 -32.40
N LEU G 315 27.92 46.59 -31.74
CA LEU G 315 27.75 46.22 -30.34
C LEU G 315 27.66 47.45 -29.45
N TRP G 316 28.52 48.45 -29.68
CA TRP G 316 28.49 49.66 -28.86
C TRP G 316 27.26 50.50 -29.16
N GLN G 317 26.64 50.34 -30.33
CA GLN G 317 25.45 51.18 -30.52
C GLN G 317 24.23 50.73 -29.64
N LEU G 318 24.39 49.87 -28.63
CA LEU G 318 23.30 49.47 -27.76
C LEU G 318 23.56 49.81 -26.29
N GLN G 319 24.33 50.83 -25.99
CA GLN G 319 24.53 51.24 -24.61
C GLN G 319 23.25 51.80 -24.00
N LEU G 320 23.14 51.65 -22.67
CA LEU G 320 22.01 52.17 -21.91
C LEU G 320 22.47 53.06 -20.76
N LEU G 321 23.52 53.85 -20.99
CA LEU G 321 23.99 54.80 -19.99
C LEU G 321 23.50 56.21 -20.32
N GLN G 322 22.95 56.89 -19.32
CA GLN G 322 22.39 58.22 -19.54
C GLN G 322 23.46 59.28 -19.76
N ARG G 323 24.72 59.00 -19.41
CA ARG G 323 25.85 59.89 -19.70
C ARG G 323 26.90 59.07 -20.43
N LYS G 324 26.75 58.96 -21.75
CA LYS G 324 27.59 58.12 -22.58
C LYS G 324 28.27 58.95 -23.65
N ASP G 325 29.04 58.26 -24.50
CA ASP G 325 29.69 58.87 -25.65
C ASP G 325 29.39 58.05 -26.90
N ALA G 326 29.05 58.74 -28.00
CA ALA G 326 28.67 58.04 -29.21
C ALA G 326 29.87 57.47 -29.95
N LEU G 327 30.98 58.21 -29.99
CA LEU G 327 32.09 57.92 -30.89
C LEU G 327 33.14 57.04 -30.21
N LEU G 328 33.60 56.04 -30.94
CA LEU G 328 34.66 55.16 -30.49
C LEU G 328 36.04 55.78 -30.70
N SER G 329 36.83 55.86 -29.63
CA SER G 329 38.23 56.23 -29.72
C SER G 329 39.08 54.97 -29.84
N ASP G 330 40.11 55.05 -30.70
CA ASP G 330 40.81 53.84 -31.12
C ASP G 330 41.56 53.17 -29.98
N GLU G 331 41.94 53.94 -28.95
CA GLU G 331 42.61 53.35 -27.80
C GLU G 331 41.70 52.36 -27.08
N VAL G 332 40.42 52.70 -26.93
CA VAL G 332 39.47 51.82 -26.26
C VAL G 332 39.32 50.52 -27.04
N ARG G 333 39.18 50.61 -28.37
CA ARG G 333 39.07 49.41 -29.18
C ARG G 333 40.34 48.57 -29.09
N ASP G 334 41.51 49.22 -29.11
CA ASP G 334 42.77 48.50 -29.07
C ASP G 334 42.91 47.74 -27.76
N VAL G 335 42.61 48.40 -26.63
CA VAL G 335 42.72 47.72 -25.34
C VAL G 335 41.67 46.61 -25.23
N TRP G 336 40.47 46.84 -25.75
CA TRP G 336 39.40 45.84 -25.70
C TRP G 336 39.79 44.59 -26.48
N TYR G 337 40.42 44.77 -27.65
CA TYR G 337 40.89 43.61 -28.41
C TYR G 337 42.11 42.98 -27.76
N GLU G 338 42.92 43.77 -27.05
CA GLU G 338 44.07 43.21 -26.35
C GLU G 338 43.64 42.30 -25.21
N LEU G 339 42.59 42.68 -24.49
CA LEU G 339 42.17 41.88 -23.34
C LEU G 339 41.29 40.71 -23.77
N SER G 340 40.17 40.99 -24.46
CA SER G 340 39.27 39.93 -24.87
C SER G 340 39.93 38.97 -25.84
N GLN G 341 40.74 39.51 -26.76
CA GLN G 341 41.65 38.75 -27.62
C GLN G 341 40.89 37.96 -28.68
N GLY G 342 39.58 38.12 -28.74
CA GLY G 342 38.80 37.60 -29.86
C GLY G 342 37.92 36.40 -29.56
N VAL G 343 37.90 35.90 -28.32
CA VAL G 343 36.93 34.87 -27.98
C VAL G 343 35.55 35.51 -28.02
N MET G 344 34.65 34.90 -28.80
CA MET G 344 33.40 35.57 -29.15
C MET G 344 32.55 35.84 -27.91
N ASP G 345 32.47 34.88 -26.99
CA ASP G 345 31.64 35.07 -25.81
C ASP G 345 32.24 36.10 -24.85
N ILE G 346 33.57 36.17 -24.78
CA ILE G 346 34.22 37.08 -23.84
C ILE G 346 33.97 38.53 -24.24
N VAL G 347 33.94 38.81 -25.54
CA VAL G 347 33.78 40.18 -26.02
C VAL G 347 32.46 40.77 -25.54
N VAL G 348 31.37 40.01 -25.66
CA VAL G 348 30.06 40.51 -25.25
C VAL G 348 29.98 40.61 -23.73
N LYS G 349 30.46 39.58 -23.04
CA LYS G 349 30.33 39.54 -21.59
C LYS G 349 31.14 40.63 -20.90
N LEU G 350 32.33 40.94 -21.42
CA LEU G 350 33.14 42.00 -20.83
C LEU G 350 32.42 43.34 -20.91
N PHE G 351 31.84 43.65 -22.08
CA PHE G 351 31.08 44.88 -22.23
C PHE G 351 29.87 44.91 -21.30
N VAL G 352 29.16 43.79 -21.22
CA VAL G 352 27.96 43.74 -20.38
C VAL G 352 28.33 43.97 -18.92
N LEU G 353 29.37 43.29 -18.43
CA LEU G 353 29.78 43.47 -17.04
C LEU G 353 30.32 44.87 -16.78
N ALA G 354 31.05 45.44 -17.74
CA ALA G 354 31.57 46.79 -17.57
C ALA G 354 30.43 47.80 -17.43
N GLN G 355 29.41 47.70 -18.28
CA GLN G 355 28.33 48.67 -18.16
C GLN G 355 27.43 48.39 -16.95
N LEU G 356 27.30 47.13 -16.53
CA LEU G 356 26.57 46.85 -15.29
C LEU G 356 27.31 47.42 -14.07
N ARG G 357 28.65 47.40 -14.08
CA ARG G 357 29.37 48.03 -12.97
C ARG G 357 29.27 49.54 -13.04
N ALA G 358 29.41 50.12 -14.23
CA ALA G 358 29.29 51.57 -14.38
C ALA G 358 27.90 52.08 -14.03
N LEU G 359 26.88 51.24 -14.16
CA LEU G 359 25.53 51.65 -13.77
C LEU G 359 25.44 51.91 -12.28
N ALA G 360 26.06 51.05 -11.46
CA ALA G 360 25.91 51.14 -10.01
C ALA G 360 27.03 51.92 -9.34
N LEU G 361 28.17 52.09 -10.00
CA LEU G 361 29.28 52.79 -9.37
C LEU G 361 28.99 54.28 -9.21
N GLY G 362 28.49 54.92 -10.27
CA GLY G 362 28.27 56.35 -10.31
C GLY G 362 28.93 57.04 -11.47
N ASN G 363 30.11 56.57 -11.87
CA ASN G 363 30.78 57.06 -13.09
C ASN G 363 30.03 56.48 -14.28
N GLU G 364 29.12 57.26 -14.85
CA GLU G 364 28.13 56.75 -15.79
C GLU G 364 28.67 56.56 -17.20
N ARG G 365 29.98 56.60 -17.42
CA ARG G 365 30.56 56.39 -18.74
C ARG G 365 31.65 55.34 -18.66
N ILE G 366 31.85 54.61 -19.75
CA ILE G 366 32.80 53.50 -19.79
C ILE G 366 34.13 53.99 -20.33
N THR G 367 35.21 53.62 -19.65
CA THR G 367 36.57 53.97 -20.03
C THR G 367 37.43 52.71 -20.01
N ALA G 368 38.69 52.85 -20.43
CA ALA G 368 39.60 51.72 -20.44
C ALA G 368 39.88 51.22 -19.02
N GLY G 369 39.94 52.14 -18.05
CA GLY G 369 40.16 51.73 -16.68
C GLY G 369 39.04 50.84 -16.15
N LEU G 370 37.79 51.14 -16.52
CA LEU G 370 36.68 50.30 -16.12
C LEU G 370 36.82 48.89 -16.68
N LEU G 371 37.16 48.78 -17.98
CA LEU G 371 37.33 47.47 -18.59
C LEU G 371 38.46 46.69 -17.93
N ARG G 372 39.60 47.35 -17.68
CA ARG G 372 40.72 46.67 -17.04
C ARG G 372 40.36 46.21 -15.63
N GLN G 373 39.71 47.07 -14.86
CA GLN G 373 39.36 46.73 -13.48
C GLN G 373 38.34 45.59 -13.42
N VAL G 374 37.34 45.62 -14.31
CA VAL G 374 36.36 44.53 -14.34
C VAL G 374 37.02 43.24 -14.79
N TYR G 375 37.92 43.31 -15.79
CA TYR G 375 38.59 42.11 -16.25
C TYR G 375 39.46 41.50 -15.17
N GLN G 376 40.08 42.34 -14.34
CA GLN G 376 40.86 41.84 -13.21
C GLN G 376 39.99 41.33 -12.06
N ASP G 377 38.80 41.90 -11.87
CA ASP G 377 37.99 41.63 -10.69
C ASP G 377 37.03 40.45 -10.89
N GLU G 378 36.32 40.40 -12.02
CA GLU G 378 35.20 39.48 -12.19
C GLU G 378 35.53 38.23 -12.97
N LEU G 379 36.50 38.27 -13.88
CA LEU G 379 36.79 37.17 -14.80
C LEU G 379 38.03 36.39 -14.38
N LYS G 380 38.20 36.16 -13.08
CA LYS G 380 39.42 35.52 -12.59
C LYS G 380 39.65 34.10 -13.12
N PRO G 381 38.66 33.19 -13.18
CA PRO G 381 38.97 31.82 -13.63
C PRO G 381 39.45 31.73 -15.07
N VAL G 382 39.35 32.79 -15.86
CA VAL G 382 39.69 32.73 -17.28
C VAL G 382 41.16 33.07 -17.55
N HIS G 383 41.82 33.79 -16.63
CA HIS G 383 43.17 34.31 -16.90
C HIS G 383 44.19 33.24 -17.29
N PRO G 384 44.38 32.15 -16.54
CA PRO G 384 45.53 31.26 -16.84
C PRO G 384 45.43 30.58 -18.19
N MET G 385 44.24 30.51 -18.77
CA MET G 385 44.09 29.86 -20.07
C MET G 385 44.00 30.86 -21.21
N LEU G 386 43.42 32.03 -20.96
CA LEU G 386 43.40 33.07 -22.00
C LEU G 386 44.79 33.66 -22.20
N GLU G 387 45.62 33.67 -21.16
CA GLU G 387 46.98 34.17 -21.33
C GLU G 387 47.79 33.28 -22.26
N ALA G 388 47.46 31.98 -22.32
CA ALA G 388 48.16 31.09 -23.23
C ALA G 388 47.94 31.50 -24.68
N LEU G 389 46.70 31.84 -25.05
CA LEU G 389 46.42 32.26 -26.41
C LEU G 389 46.92 33.68 -26.67
N ARG G 390 46.82 34.56 -25.66
CA ARG G 390 47.24 35.94 -25.86
C ARG G 390 48.75 36.05 -26.03
N SER G 391 49.52 35.25 -25.28
CA SER G 391 50.97 35.36 -25.30
C SER G 391 51.55 34.90 -26.64
N GLY G 392 51.03 33.79 -27.18
CA GLY G 392 51.55 33.25 -28.42
C GLY G 392 52.71 32.28 -28.28
N ILE G 393 52.98 31.81 -27.06
CA ILE G 393 54.06 30.83 -26.88
C ILE G 393 53.65 29.51 -27.50
N PRO G 394 54.46 28.94 -28.42
CA PRO G 394 54.04 27.69 -29.08
C PRO G 394 53.84 26.53 -28.11
N GLU G 395 54.72 26.37 -27.13
CA GLU G 395 54.55 25.31 -26.15
C GLU G 395 53.33 25.54 -25.28
N ARG G 396 53.09 26.79 -24.89
CA ARG G 396 51.90 27.09 -24.09
C ARG G 396 50.62 26.93 -24.91
N ILE G 397 50.67 27.31 -26.19
CA ILE G 397 49.52 27.11 -27.07
C ILE G 397 49.22 25.63 -27.23
N ALA G 398 50.27 24.81 -27.42
CA ALA G 398 50.07 23.37 -27.55
C ALA G 398 49.48 22.77 -26.29
N ARG G 399 49.86 23.29 -25.12
CA ARG G 399 49.33 22.76 -23.88
C ARG G 399 47.91 23.28 -23.66
N TYR G 400 47.26 22.77 -22.61
CA TYR G 400 45.81 22.86 -22.40
C TYR G 400 45.07 22.07 -23.48
N SER G 401 43.80 22.39 -23.69
CA SER G 401 43.01 21.73 -24.71
C SER G 401 42.00 22.73 -25.25
N ASP G 402 41.38 22.37 -26.38
CA ASP G 402 40.37 23.14 -27.09
C ASP G 402 40.92 24.42 -27.71
N LEU G 403 42.24 24.61 -27.74
CA LEU G 403 42.82 25.75 -28.40
C LEU G 403 42.95 25.48 -29.91
N VAL G 404 43.54 26.43 -30.62
CA VAL G 404 43.74 26.27 -32.05
C VAL G 404 44.78 25.19 -32.31
N VAL G 405 44.60 24.44 -33.39
CA VAL G 405 45.52 23.36 -33.74
C VAL G 405 46.59 23.87 -34.69
N THR H 4 2.22 25.75 2.16
CA THR H 4 3.01 26.74 1.46
C THR H 4 2.51 26.95 0.03
N ARG H 5 1.21 26.73 -0.18
CA ARG H 5 0.59 26.90 -1.49
C ARG H 5 0.00 28.31 -1.58
N ILE H 6 0.87 29.28 -1.85
CA ILE H 6 0.43 30.67 -1.94
C ILE H 6 -0.25 30.89 -3.27
N GLN H 7 -1.47 31.42 -3.22
CA GLN H 7 -2.21 31.76 -4.44
C GLN H 7 -1.62 33.01 -5.08
N ALA H 8 -1.79 33.11 -6.39
CA ALA H 8 -1.09 34.11 -7.18
C ALA H 8 -1.97 35.33 -7.44
N VAL H 9 -1.43 36.51 -7.19
CA VAL H 9 -2.04 37.79 -7.57
C VAL H 9 -1.00 38.60 -8.31
N TYR H 10 -1.34 39.03 -9.53
CA TYR H 10 -0.36 39.58 -10.45
C TYR H 10 -0.08 41.06 -10.16
N ARG H 11 1.00 41.55 -10.77
CA ARG H 11 1.35 42.97 -10.73
C ARG H 11 2.18 43.30 -11.97
N ASP H 12 2.04 44.54 -12.44
CA ASP H 12 2.78 44.98 -13.62
C ASP H 12 4.27 45.11 -13.29
N THR H 13 5.09 44.96 -14.34
CA THR H 13 6.52 45.10 -14.24
C THR H 13 7.01 46.12 -15.26
N GLY H 14 7.92 47.00 -14.83
CA GLY H 14 8.38 48.07 -15.70
C GLY H 14 9.25 47.59 -16.85
N VAL H 15 9.88 46.42 -16.70
CA VAL H 15 10.78 45.92 -17.74
C VAL H 15 9.96 45.53 -18.96
N GLU H 16 10.43 45.96 -20.14
CA GLU H 16 9.67 45.73 -21.37
C GLU H 16 9.63 44.25 -21.73
N ALA H 17 10.74 43.53 -21.54
CA ALA H 17 10.80 42.13 -21.98
C ALA H 17 9.85 41.24 -21.21
N TYR H 18 9.63 41.51 -19.92
CA TYR H 18 8.70 40.74 -19.11
C TYR H 18 7.30 41.33 -19.26
N ARG H 19 6.72 41.11 -20.44
CA ARG H 19 5.51 41.82 -20.82
C ARG H 19 4.26 41.19 -20.19
N ASP H 20 3.93 39.98 -20.59
CA ASP H 20 2.68 39.33 -20.18
C ASP H 20 2.94 37.86 -19.82
N ASN H 21 4.02 37.61 -19.08
CA ASN H 21 4.38 36.26 -18.69
C ASN H 21 4.06 36.05 -17.22
N PRO H 22 3.16 35.14 -16.87
CA PRO H 22 2.74 35.00 -15.47
C PRO H 22 3.86 34.66 -14.50
N PHE H 23 4.86 33.90 -14.93
CA PHE H 23 5.91 33.46 -13.99
C PHE H 23 6.69 34.64 -13.42
N ILE H 24 7.06 35.61 -14.26
CA ILE H 24 7.76 36.78 -13.76
C ILE H 24 6.82 37.66 -12.94
N GLU H 25 5.59 37.83 -13.41
CA GLU H 25 4.66 38.81 -12.84
C GLU H 25 3.96 38.30 -11.58
N ALA H 26 4.16 37.05 -11.20
CA ALA H 26 3.55 36.50 -10.00
C ALA H 26 4.49 36.57 -8.80
N LEU H 27 5.64 37.22 -8.96
CA LEU H 27 6.67 37.30 -7.94
C LEU H 27 6.69 38.68 -7.28
N PRO H 28 7.32 38.81 -6.12
CA PRO H 28 7.43 40.13 -5.49
C PRO H 28 8.11 41.12 -6.40
N PRO H 29 7.75 42.39 -6.32
CA PRO H 29 8.21 43.37 -7.31
C PRO H 29 9.64 43.81 -7.05
N LEU H 30 10.18 44.52 -8.05
CA LEU H 30 11.58 44.92 -8.02
C LEU H 30 11.85 45.93 -6.92
N GLN H 31 13.01 45.81 -6.28
CA GLN H 31 13.47 46.77 -5.28
C GLN H 31 14.92 47.14 -5.55
N GLU H 32 15.27 48.37 -5.22
CA GLU H 32 16.64 48.83 -5.36
C GLU H 32 17.54 48.14 -4.34
N SER H 33 18.83 48.08 -4.64
CA SER H 33 19.75 47.21 -3.91
C SER H 33 19.85 47.59 -2.43
N VAL H 34 19.92 48.88 -2.12
CA VAL H 34 20.15 49.30 -0.74
C VAL H 34 19.00 48.88 0.17
N ASN H 35 17.76 49.01 -0.30
CA ASN H 35 16.62 48.58 0.50
C ASN H 35 16.64 47.06 0.71
N SER H 36 16.94 46.31 -0.36
CA SER H 36 16.98 44.85 -0.24
C SER H 36 18.15 44.40 0.61
N ALA H 37 19.28 45.12 0.57
CA ALA H 37 20.43 44.79 1.40
C ALA H 37 20.33 45.39 2.80
N ALA H 38 19.27 46.15 3.09
CA ALA H 38 19.08 46.72 4.42
C ALA H 38 17.87 46.14 5.15
N SER H 39 17.00 45.40 4.47
CA SER H 39 15.86 44.80 5.12
C SER H 39 16.18 43.45 5.76
N LEU H 40 17.43 42.99 5.70
CA LEU H 40 17.75 41.64 6.16
C LEU H 40 18.14 41.59 7.63
N LYS H 41 18.56 42.72 8.21
CA LYS H 41 19.13 42.72 9.55
C LYS H 41 18.10 42.28 10.59
N SER H 42 18.58 41.55 11.59
CA SER H 42 17.74 41.10 12.70
C SER H 42 18.60 41.00 13.95
N SER H 43 17.95 41.02 15.11
CA SER H 43 18.64 40.96 16.39
C SER H 43 17.69 40.47 17.46
N LEU H 44 18.28 40.08 18.60
CA LEU H 44 17.49 39.61 19.73
C LEU H 44 16.75 40.77 20.39
N GLN H 45 15.73 40.43 21.19
CA GLN H 45 14.89 41.47 21.79
C GLN H 45 15.65 42.28 22.83
N LEU H 46 16.38 41.61 23.73
CA LEU H 46 17.11 42.25 24.83
C LEU H 46 16.18 43.20 25.60
N THR H 47 15.23 42.59 26.30
CA THR H 47 14.37 43.37 27.18
C THR H 47 15.20 44.02 28.28
N SER H 48 14.77 45.22 28.68
CA SER H 48 15.61 46.10 29.50
C SER H 48 15.95 45.47 30.85
N SER H 49 14.97 44.84 31.50
CA SER H 49 15.12 44.39 32.88
C SER H 49 15.43 42.90 32.99
N ASP H 50 15.79 42.25 31.88
CA ASP H 50 16.15 40.83 31.92
C ASP H 50 17.65 40.66 32.19
N LEU H 51 18.10 41.33 33.24
CA LEU H 51 19.45 41.17 33.73
C LEU H 51 19.50 40.54 35.12
N GLN H 52 18.36 40.14 35.67
CA GLN H 52 18.31 39.35 36.90
C GLN H 52 17.38 38.16 36.67
N LYS H 53 17.95 36.96 36.80
CA LYS H 53 17.32 35.66 36.52
C LYS H 53 18.23 34.55 36.99
N SER H 54 17.78 33.30 36.83
CA SER H 54 18.63 32.15 37.09
C SER H 54 19.75 32.08 36.06
N ARG H 55 20.84 31.40 36.43
CA ARG H 55 22.00 31.31 35.55
C ARG H 55 21.67 30.54 34.28
N VAL H 56 20.85 29.49 34.39
CA VAL H 56 20.60 28.60 33.26
C VAL H 56 19.80 29.30 32.17
N ILE H 57 18.81 30.10 32.55
CA ILE H 57 17.99 30.79 31.55
C ILE H 57 18.83 31.80 30.76
N ARG H 58 19.64 32.59 31.47
CA ARG H 58 20.54 33.51 30.78
C ARG H 58 21.55 32.76 29.93
N ALA H 59 22.02 31.60 30.40
CA ALA H 59 22.94 30.79 29.61
C ALA H 59 22.29 30.34 28.32
N HIS H 60 21.03 29.92 28.37
CA HIS H 60 20.31 29.56 27.16
C HIS H 60 20.17 30.75 26.22
N THR H 61 19.87 31.93 26.78
CA THR H 61 19.72 33.12 25.94
C THR H 61 21.02 33.45 25.23
N ILE H 62 22.16 33.35 25.93
CA ILE H 62 23.46 33.57 25.30
C ILE H 62 23.75 32.50 24.26
N CYS H 63 23.43 31.24 24.56
CA CYS H 63 23.61 30.18 23.59
C CYS H 63 22.76 30.39 22.33
N ARG H 64 21.67 31.14 22.43
CA ARG H 64 20.82 31.42 21.28
C ARG H 64 21.36 32.56 20.40
N ILE H 65 22.40 33.26 20.82
CA ILE H 65 22.91 34.43 20.10
C ILE H 65 23.32 34.13 18.65
N PRO H 66 24.11 33.07 18.37
CA PRO H 66 24.61 32.91 16.99
C PRO H 66 23.54 32.73 15.93
N ASP H 67 22.35 32.28 16.33
CA ASP H 67 21.30 31.93 15.38
C ASP H 67 20.43 33.12 14.98
N ASP H 68 20.59 34.26 15.66
CA ASP H 68 19.72 35.40 15.40
C ASP H 68 20.44 36.71 15.07
N TYR H 69 21.78 36.72 15.07
CA TYR H 69 22.54 37.93 14.79
C TYR H 69 23.01 37.91 13.34
N PHE H 70 22.43 38.78 12.53
CA PHE H 70 22.83 38.98 11.14
C PHE H 70 23.00 40.46 10.88
N GLN H 71 24.07 40.80 10.13
CA GLN H 71 24.35 42.20 9.84
C GLN H 71 24.82 42.34 8.39
N PRO H 72 24.15 43.17 7.60
CA PRO H 72 24.52 43.31 6.19
C PRO H 72 25.89 43.96 6.01
N LEU H 73 26.48 43.71 4.84
CA LEU H 73 27.75 44.30 4.46
C LEU H 73 27.68 44.67 2.98
N GLY H 74 28.83 45.00 2.39
CA GLY H 74 28.86 45.52 1.04
C GLY H 74 28.48 44.50 -0.02
N THR H 75 28.95 43.26 0.12
CA THR H 75 28.82 42.28 -0.96
C THR H 75 27.39 41.79 -1.11
N HIS H 76 26.60 41.86 -0.03
CA HIS H 76 25.26 41.29 -0.06
C HIS H 76 24.35 41.95 -1.08
N LEU H 77 24.51 43.25 -1.33
CA LEU H 77 23.68 43.91 -2.33
C LEU H 77 23.98 43.38 -3.73
N LEU H 78 25.27 43.21 -4.07
CA LEU H 78 25.62 42.66 -5.37
C LEU H 78 25.15 41.23 -5.50
N LEU H 79 25.29 40.44 -4.43
CA LEU H 79 24.80 39.06 -4.46
C LEU H 79 23.30 39.02 -4.68
N SER H 80 22.56 39.92 -4.02
CA SER H 80 21.11 39.97 -4.19
C SER H 80 20.74 40.36 -5.61
N GLU H 81 21.44 41.34 -6.18
CA GLU H 81 21.16 41.72 -7.56
C GLU H 81 21.40 40.56 -8.52
N ARG H 82 22.52 39.84 -8.34
CA ARG H 82 22.80 38.71 -9.23
C ARG H 82 21.76 37.61 -9.07
N ILE H 83 21.34 37.33 -7.82
CA ILE H 83 20.34 36.29 -7.60
C ILE H 83 19.01 36.69 -8.25
N SER H 84 18.61 37.95 -8.10
CA SER H 84 17.35 38.39 -8.71
C SER H 84 17.41 38.32 -10.23
N VAL H 85 18.53 38.74 -10.82
CA VAL H 85 18.66 38.68 -12.27
C VAL H 85 18.62 37.24 -12.76
N MET H 86 19.31 36.33 -12.07
CA MET H 86 19.29 34.93 -12.48
C MET H 86 17.90 34.33 -12.36
N ILE H 87 17.17 34.63 -11.28
CA ILE H 87 15.85 34.03 -11.10
C ILE H 87 14.84 34.61 -12.08
N ARG H 88 14.89 35.91 -12.35
CA ARG H 88 13.90 36.54 -13.22
C ARG H 88 14.43 36.77 -14.63
N GLY H 89 15.48 36.08 -15.03
CA GLY H 89 15.99 36.19 -16.39
C GLY H 89 15.94 34.89 -17.14
N GLY H 90 15.72 33.79 -16.43
CA GLY H 90 15.56 32.48 -17.03
C GLY H 90 14.13 32.08 -17.31
N TYR H 91 13.17 32.99 -17.14
CA TYR H 91 11.76 32.71 -17.37
C TYR H 91 11.24 33.29 -18.67
N VAL H 92 12.10 33.96 -19.46
CA VAL H 92 11.61 34.58 -20.68
C VAL H 92 11.45 33.57 -21.80
N GLY H 93 12.26 32.50 -21.78
CA GLY H 93 12.12 31.46 -22.79
C GLY H 93 10.81 30.71 -22.69
N ARG H 94 10.33 30.50 -21.47
CA ARG H 94 9.12 29.73 -21.21
C ARG H 94 8.01 30.68 -20.79
N ASN H 95 7.17 31.06 -21.75
CA ASN H 95 5.97 31.84 -21.47
C ASN H 95 4.75 30.95 -21.67
N PRO H 96 4.10 30.48 -20.61
CA PRO H 96 2.93 29.61 -20.81
C PRO H 96 1.77 30.31 -21.49
N LYS H 97 1.56 31.59 -21.22
CA LYS H 97 0.47 32.32 -21.84
C LYS H 97 0.79 32.67 -23.29
N THR H 98 0.45 31.78 -24.21
CA THR H 98 0.63 32.00 -25.63
C THR H 98 -0.71 31.94 -26.33
N GLY H 99 -0.96 32.90 -27.21
CA GLY H 99 -2.13 32.81 -28.07
C GLY H 99 -2.08 31.61 -28.98
N ASP H 100 -3.23 31.29 -29.58
CA ASP H 100 -3.29 30.12 -30.43
C ASP H 100 -2.38 30.32 -31.63
N LEU H 101 -1.23 29.65 -31.63
CA LEU H 101 -0.18 29.91 -32.59
C LEU H 101 -0.30 29.08 -33.86
N GLN H 102 -1.24 28.12 -33.89
CA GLN H 102 -1.42 27.32 -35.10
C GLN H 102 -1.81 28.18 -36.29
N LYS H 103 -2.81 29.05 -36.10
CA LYS H 103 -3.26 29.91 -37.20
C LYS H 103 -2.16 30.87 -37.64
N HIS H 104 -1.47 31.49 -36.68
CA HIS H 104 -0.41 32.44 -37.02
C HIS H 104 0.72 31.77 -37.77
N LEU H 105 1.17 30.61 -37.28
CA LEU H 105 2.26 29.89 -37.95
C LEU H 105 1.85 29.42 -39.33
N GLN H 106 0.63 28.90 -39.48
CA GLN H 106 0.20 28.41 -40.77
C GLN H 106 0.02 29.56 -41.76
N ASN H 107 -0.47 30.71 -41.29
CA ASN H 107 -0.60 31.87 -42.16
C ASN H 107 0.77 32.38 -42.60
N GLY H 108 1.74 32.42 -41.68
CA GLY H 108 3.09 32.78 -42.07
C GLY H 108 3.68 31.82 -43.08
N TYR H 109 3.45 30.53 -42.89
CA TYR H 109 3.91 29.53 -43.85
C TYR H 109 3.27 29.74 -45.21
N GLU H 110 1.96 30.04 -45.23
CA GLU H 110 1.26 30.27 -46.49
C GLU H 110 1.81 31.49 -47.21
N ARG H 111 2.05 32.58 -46.47
CA ARG H 111 2.57 33.79 -47.11
C ARG H 111 4.01 33.63 -47.57
N VAL H 112 4.80 32.80 -46.87
CA VAL H 112 6.15 32.51 -47.33
C VAL H 112 6.10 31.65 -48.58
N GLN H 113 5.20 30.66 -48.62
CA GLN H 113 5.14 29.73 -49.74
C GLN H 113 4.61 30.41 -51.00
N THR H 114 3.61 31.28 -50.86
CA THR H 114 3.00 31.93 -52.01
C THR H 114 3.90 33.02 -52.62
N GLY H 115 4.97 33.40 -51.95
CA GLY H 115 5.91 34.37 -52.48
C GLY H 115 5.71 35.79 -52.02
N GLU H 116 4.68 36.07 -51.23
CA GLU H 116 4.45 37.43 -50.75
C GLU H 116 5.54 37.86 -49.78
N LEU H 117 5.86 37.01 -48.80
CA LEU H 117 6.90 37.31 -47.83
C LEU H 117 8.24 36.75 -48.32
N GLU H 118 9.29 36.96 -47.53
CA GLU H 118 10.61 36.49 -47.91
C GLU H 118 11.27 35.69 -46.80
N THR H 119 10.94 36.00 -45.54
CA THR H 119 11.54 35.31 -44.41
C THR H 119 10.54 35.25 -43.26
N PHE H 120 10.73 34.27 -42.38
CA PHE H 120 9.88 34.08 -41.22
C PHE H 120 10.56 33.10 -40.28
N ARG H 121 10.55 33.42 -38.99
CA ARG H 121 11.18 32.58 -37.97
C ARG H 121 10.11 31.68 -37.38
N PHE H 122 10.20 30.38 -37.66
CA PHE H 122 9.14 29.45 -37.28
C PHE H 122 9.21 29.08 -35.80
N GLU H 123 10.31 28.44 -35.39
CA GLU H 123 10.45 27.97 -34.03
C GLU H 123 11.79 28.44 -33.45
N GLU H 124 11.75 29.01 -32.26
CA GLU H 124 12.94 29.50 -31.58
C GLU H 124 13.29 28.56 -30.42
N ALA H 125 14.54 28.12 -30.38
CA ALA H 125 15.01 27.18 -29.38
C ALA H 125 16.02 27.85 -28.45
N ARG H 126 15.99 27.46 -27.18
CA ARG H 126 16.91 28.02 -26.19
C ARG H 126 18.30 27.42 -26.35
N SER H 127 19.29 28.12 -25.79
CA SER H 127 20.68 27.68 -25.84
C SER H 127 21.33 27.85 -24.48
N THR H 128 21.96 26.78 -23.98
CA THR H 128 22.73 26.78 -22.74
C THR H 128 21.99 27.37 -21.56
N ALA H 129 22.74 27.81 -20.54
CA ALA H 129 22.14 28.38 -19.34
C ALA H 129 23.19 29.22 -18.61
N GLN H 130 22.71 30.17 -17.82
CA GLN H 130 23.59 30.99 -17.00
C GLN H 130 24.09 30.20 -15.80
N SER H 131 25.24 30.60 -15.28
CA SER H 131 25.83 29.94 -14.11
C SER H 131 26.73 30.92 -13.38
N LEU H 132 26.77 30.78 -12.06
CA LEU H 132 27.60 31.61 -11.19
C LEU H 132 28.27 30.73 -10.14
N LEU H 133 29.52 31.07 -9.80
CA LEU H 133 30.23 30.38 -8.73
C LEU H 133 30.64 31.39 -7.67
N LEU H 134 30.45 31.02 -6.41
CA LEU H 134 30.76 31.86 -5.26
C LEU H 134 31.72 31.10 -4.37
N ILE H 135 32.96 31.56 -4.27
CA ILE H 135 34.00 30.87 -3.52
C ILE H 135 34.61 31.83 -2.49
N GLY H 136 34.85 31.29 -1.30
CA GLY H 136 35.47 32.04 -0.23
C GLY H 136 35.93 31.10 0.86
N CYS H 137 36.83 31.59 1.69
CA CYS H 137 37.37 30.77 2.77
C CYS H 137 36.26 30.33 3.71
N SER H 138 36.37 29.09 4.21
CA SER H 138 35.31 28.51 5.01
C SER H 138 35.10 29.31 6.29
N GLY H 139 33.84 29.50 6.66
CA GLY H 139 33.48 30.30 7.80
C GLY H 139 33.17 31.75 7.50
N SER H 140 33.10 32.13 6.23
CA SER H 140 32.85 33.52 5.85
C SER H 140 31.37 33.80 5.61
N GLY H 141 30.50 32.81 5.78
CA GLY H 141 29.08 33.05 5.66
C GLY H 141 28.51 32.86 4.26
N LYS H 142 28.77 31.71 3.65
CA LYS H 142 28.26 31.41 2.31
C LYS H 142 26.98 30.58 2.34
N THR H 143 26.43 30.30 3.51
CA THR H 143 25.14 29.62 3.62
C THR H 143 24.13 30.35 4.50
N THR H 144 24.57 31.00 5.57
CA THR H 144 23.66 31.85 6.34
C THR H 144 23.28 33.11 5.57
N SER H 145 24.16 33.62 4.72
CA SER H 145 23.86 34.74 3.84
C SER H 145 23.13 34.30 2.58
N LEU H 146 22.86 33.01 2.44
CA LEU H 146 22.05 32.50 1.33
C LEU H 146 20.70 31.95 1.77
N HIS H 147 20.55 31.58 3.04
CA HIS H 147 19.25 31.18 3.57
C HIS H 147 18.38 32.37 3.95
N ARG H 148 18.90 33.59 3.84
CA ARG H 148 18.14 34.79 4.16
C ARG H 148 17.91 35.71 2.97
N ILE H 149 18.79 35.66 1.97
CA ILE H 149 18.51 36.38 0.72
C ILE H 149 17.37 35.68 -0.04
N LEU H 150 17.37 34.36 -0.03
CA LEU H 150 16.33 33.58 -0.71
C LEU H 150 15.06 33.42 0.11
N ALA H 151 15.02 33.98 1.32
CA ALA H 151 13.83 33.83 2.16
C ALA H 151 12.68 34.70 1.66
N THR H 152 12.98 35.80 0.96
CA THR H 152 11.92 36.68 0.49
C THR H 152 11.04 36.01 -0.55
N TYR H 153 11.63 35.26 -1.46
CA TYR H 153 10.87 34.65 -2.54
C TYR H 153 10.07 33.45 -2.03
N PRO H 154 8.76 33.41 -2.27
CA PRO H 154 7.99 32.22 -1.91
C PRO H 154 8.42 31.02 -2.73
N GLN H 155 8.27 29.83 -2.14
CA GLN H 155 8.79 28.63 -2.78
C GLN H 155 7.79 27.99 -3.73
N VAL H 156 6.53 27.84 -3.33
CA VAL H 156 5.53 27.11 -4.11
C VAL H 156 4.39 28.09 -4.40
N ILE H 157 4.42 28.70 -5.58
CA ILE H 157 3.33 29.54 -6.06
C ILE H 157 2.36 28.67 -6.86
N TYR H 158 1.07 28.84 -6.62
CA TYR H 158 0.03 28.06 -7.27
C TYR H 158 -0.75 28.95 -8.23
N HIS H 159 -0.92 28.47 -9.47
CA HIS H 159 -1.73 29.14 -10.46
C HIS H 159 -3.09 28.45 -10.52
N ARG H 160 -4.16 29.22 -10.32
CA ARG H 160 -5.50 28.65 -10.41
C ARG H 160 -6.03 28.66 -11.84
N GLU H 161 -5.75 29.73 -12.59
CA GLU H 161 -6.19 29.80 -13.98
C GLU H 161 -5.56 28.69 -14.81
N LEU H 162 -4.27 28.45 -14.64
CA LEU H 162 -3.60 27.29 -15.20
C LEU H 162 -3.59 26.18 -14.16
N ASN H 163 -2.85 25.10 -14.43
CA ASN H 163 -2.60 24.05 -13.44
C ASN H 163 -1.09 23.79 -13.44
N VAL H 164 -0.36 24.61 -12.71
CA VAL H 164 1.09 24.48 -12.58
C VAL H 164 1.50 24.96 -11.19
N GLU H 165 2.66 24.50 -10.74
CA GLU H 165 3.25 24.94 -9.49
C GLU H 165 4.65 25.45 -9.78
N GLN H 166 4.95 26.65 -9.29
CA GLN H 166 6.21 27.34 -9.57
C GLN H 166 7.16 27.13 -8.40
N VAL H 167 7.99 26.08 -8.49
CA VAL H 167 9.03 25.85 -7.50
C VAL H 167 10.17 26.81 -7.77
N VAL H 168 10.21 27.92 -7.04
CA VAL H 168 11.13 29.01 -7.38
C VAL H 168 12.58 28.58 -7.14
N TYR H 169 12.89 28.19 -5.91
CA TYR H 169 14.27 27.86 -5.54
C TYR H 169 14.33 26.53 -4.82
N LEU H 170 15.43 25.83 -5.03
CA LEU H 170 15.64 24.49 -4.46
C LEU H 170 17.12 24.36 -4.09
N LYS H 171 17.39 23.83 -2.90
CA LYS H 171 18.74 23.82 -2.34
C LYS H 171 19.25 22.40 -2.24
N ILE H 172 20.34 22.11 -2.95
CA ILE H 172 20.98 20.81 -2.92
C ILE H 172 22.33 20.92 -2.21
N ASP H 173 22.64 19.93 -1.38
CA ASP H 173 23.90 19.90 -0.65
C ASP H 173 24.52 18.52 -0.82
N CYS H 174 25.71 18.48 -1.43
CA CYS H 174 26.43 17.23 -1.59
C CYS H 174 26.89 16.70 -0.25
N SER H 175 27.00 15.37 -0.16
CA SER H 175 27.38 14.72 1.09
C SER H 175 28.89 14.55 1.14
N HIS H 176 29.38 13.84 2.16
CA HIS H 176 30.83 13.71 2.36
C HIS H 176 31.45 12.73 1.36
N ASN H 177 30.68 11.75 0.89
CA ASN H 177 31.22 10.76 -0.04
C ASN H 177 31.61 11.40 -1.37
N GLY H 178 30.74 12.27 -1.90
CA GLY H 178 31.04 12.95 -3.14
C GLY H 178 30.78 12.16 -4.40
N SER H 179 29.85 11.21 -4.38
CA SER H 179 29.51 10.44 -5.57
C SER H 179 28.33 11.07 -6.29
N LEU H 180 28.32 10.91 -7.62
CA LEU H 180 27.32 11.58 -8.45
C LEU H 180 25.90 11.10 -8.15
N LYS H 181 25.73 9.79 -7.95
CA LYS H 181 24.39 9.25 -7.73
C LYS H 181 23.77 9.79 -6.45
N GLU H 182 24.60 10.12 -5.45
CA GLU H 182 24.05 10.75 -4.25
C GLU H 182 23.45 12.11 -4.59
N ILE H 183 24.11 12.89 -5.44
CA ILE H 183 23.55 14.18 -5.86
C ILE H 183 22.25 13.96 -6.64
N CYS H 184 22.27 12.99 -7.55
CA CYS H 184 21.09 12.74 -8.37
C CYS H 184 19.89 12.35 -7.53
N LEU H 185 20.11 11.50 -6.51
CA LEU H 185 18.99 11.10 -5.66
C LEU H 185 18.61 12.20 -4.67
N ASN H 186 19.58 13.01 -4.25
CA ASN H 186 19.28 14.11 -3.35
C ASN H 186 18.43 15.17 -4.03
N PHE H 187 18.55 15.31 -5.35
CA PHE H 187 17.66 16.21 -6.06
C PHE H 187 16.20 15.77 -5.88
N PHE H 188 15.93 14.47 -6.05
CA PHE H 188 14.57 13.97 -5.85
C PHE H 188 14.14 14.13 -4.40
N ARG H 189 15.04 13.87 -3.45
CA ARG H 189 14.72 14.05 -2.04
C ARG H 189 14.27 15.47 -1.75
N ALA H 190 15.05 16.46 -2.20
CA ALA H 190 14.70 17.85 -1.96
C ALA H 190 13.41 18.22 -2.68
N LEU H 191 13.21 17.72 -3.90
CA LEU H 191 12.03 18.13 -4.65
C LEU H 191 10.74 17.57 -4.05
N ASP H 192 10.74 16.30 -3.64
CA ASP H 192 9.51 15.78 -3.04
C ASP H 192 9.40 16.11 -1.56
N ARG H 193 10.44 16.71 -0.97
CA ARG H 193 10.28 17.40 0.31
C ARG H 193 9.66 18.77 0.15
N ALA H 194 9.96 19.48 -0.95
CA ALA H 194 9.38 20.80 -1.17
C ALA H 194 7.88 20.69 -1.42
N LEU H 195 7.46 19.83 -2.33
CA LEU H 195 6.06 19.57 -2.58
C LEU H 195 5.62 18.36 -1.74
N GLY H 196 4.42 17.87 -1.98
CA GLY H 196 4.00 16.60 -1.41
C GLY H 196 3.88 15.55 -2.50
N SER H 197 4.85 14.64 -2.56
CA SER H 197 4.89 13.65 -3.63
C SER H 197 5.88 12.56 -3.24
N ASN H 198 6.07 11.61 -4.15
CA ASN H 198 6.94 10.46 -3.94
C ASN H 198 7.82 10.21 -5.17
N TYR H 199 8.46 11.29 -5.66
CA TYR H 199 9.24 11.20 -6.90
C TYR H 199 10.36 10.18 -6.80
N GLU H 200 10.91 9.99 -5.61
CA GLU H 200 12.07 9.11 -5.44
C GLU H 200 11.75 7.68 -5.82
N ARG H 201 10.59 7.17 -5.38
CA ARG H 201 10.23 5.80 -5.73
C ARG H 201 9.76 5.69 -7.18
N ARG H 202 9.17 6.75 -7.73
CA ARG H 202 8.64 6.68 -9.09
C ARG H 202 9.74 6.73 -10.14
N TYR H 203 10.79 7.53 -9.92
CA TYR H 203 11.89 7.66 -10.87
C TYR H 203 13.21 7.13 -10.34
N GLY H 204 13.58 7.49 -9.12
CA GLY H 204 14.91 7.15 -8.61
C GLY H 204 15.06 5.71 -8.20
N LEU H 205 14.77 4.77 -9.11
CA LEU H 205 15.01 3.37 -8.85
C LEU H 205 16.46 2.99 -9.16
N LYS H 206 16.85 1.80 -8.73
CA LYS H 206 18.19 1.29 -9.00
C LYS H 206 18.37 0.90 -10.47
N ARG H 207 17.27 0.73 -11.21
CA ARG H 207 17.35 0.19 -12.56
C ARG H 207 18.07 1.11 -13.53
N HIS H 208 17.91 2.42 -13.38
CA HIS H 208 18.46 3.36 -14.34
C HIS H 208 19.88 3.77 -13.98
N GLY H 209 20.66 4.12 -15.01
CA GLY H 209 22.00 4.63 -14.83
C GLY H 209 22.02 6.14 -14.76
N ILE H 210 23.23 6.68 -14.55
CA ILE H 210 23.39 8.10 -14.25
C ILE H 210 22.81 8.96 -15.37
N GLU H 211 23.09 8.59 -16.61
CA GLU H 211 22.58 9.36 -17.74
C GLU H 211 21.05 9.40 -17.76
N THR H 212 20.40 8.31 -17.33
CA THR H 212 18.94 8.27 -17.37
C THR H 212 18.33 9.22 -16.33
N MET H 213 18.85 9.23 -15.10
CA MET H 213 18.34 10.21 -14.13
C MET H 213 18.69 11.63 -14.55
N LEU H 214 19.88 11.83 -15.14
CA LEU H 214 20.24 13.17 -15.58
C LEU H 214 19.30 13.67 -16.68
N ALA H 215 18.83 12.77 -17.54
CA ALA H 215 17.86 13.14 -18.56
C ALA H 215 16.45 13.28 -18.01
N LEU H 216 16.10 12.55 -16.95
CA LEU H 216 14.79 12.68 -16.33
C LEU H 216 14.66 13.94 -15.50
N MET H 217 15.77 14.46 -14.97
CA MET H 217 15.72 15.75 -14.28
C MET H 217 15.23 16.86 -15.19
N SER H 218 15.54 16.80 -16.48
CA SER H 218 15.05 17.82 -17.42
C SER H 218 13.53 17.77 -17.54
N GLN H 219 12.97 16.57 -17.73
CA GLN H 219 11.52 16.45 -17.81
C GLN H 219 10.85 16.90 -16.53
N ILE H 220 11.43 16.52 -15.39
CA ILE H 220 10.82 16.88 -14.10
C ILE H 220 10.93 18.39 -13.87
N ALA H 221 12.00 19.03 -14.32
CA ALA H 221 12.18 20.47 -14.15
C ALA H 221 11.48 21.28 -15.23
N ASN H 222 10.94 20.63 -16.26
CA ASN H 222 10.04 21.33 -17.18
C ASN H 222 8.57 21.09 -16.85
N ALA H 223 8.23 20.00 -16.18
CA ALA H 223 6.86 19.80 -15.73
C ALA H 223 6.45 20.87 -14.73
N HIS H 224 7.32 21.16 -13.78
CA HIS H 224 7.15 22.27 -12.85
C HIS H 224 8.17 23.35 -13.18
N ALA H 225 7.78 24.61 -13.05
CA ALA H 225 8.61 25.72 -13.50
C ALA H 225 9.63 26.05 -12.42
N LEU H 226 10.84 25.52 -12.57
CA LEU H 226 11.92 25.85 -11.66
C LEU H 226 12.49 27.23 -11.99
N GLY H 227 13.14 27.84 -10.99
CA GLY H 227 13.75 29.14 -11.18
C GLY H 227 15.22 29.18 -10.84
N LEU H 228 15.67 28.28 -9.97
CA LEU H 228 17.06 28.28 -9.53
C LEU H 228 17.38 26.92 -8.95
N LEU H 229 18.68 26.62 -8.87
CA LEU H 229 19.16 25.35 -8.31
C LEU H 229 20.57 25.59 -7.76
N VAL H 230 20.69 25.70 -6.45
CA VAL H 230 21.97 26.00 -5.80
C VAL H 230 22.56 24.69 -5.27
N ILE H 231 23.84 24.48 -5.54
CA ILE H 231 24.59 23.33 -5.04
C ILE H 231 25.60 23.83 -4.04
N ASP H 232 25.52 23.35 -2.81
CA ASP H 232 26.38 23.79 -1.72
C ASP H 232 27.36 22.68 -1.36
N GLU H 233 28.53 23.10 -0.84
CA GLU H 233 29.59 22.19 -0.43
C GLU H 233 30.08 21.33 -1.59
N ILE H 234 30.55 22.01 -2.64
CA ILE H 234 31.09 21.32 -3.80
C ILE H 234 32.52 20.86 -3.59
N GLN H 235 33.13 21.24 -2.47
CA GLN H 235 34.52 20.86 -2.19
C GLN H 235 34.68 19.36 -1.97
N HIS H 236 33.60 18.64 -1.72
CA HIS H 236 33.67 17.20 -1.49
C HIS H 236 33.67 16.40 -2.79
N LEU H 237 33.63 17.07 -3.94
CA LEU H 237 33.70 16.42 -5.24
C LEU H 237 35.05 16.64 -5.91
N SER H 238 36.08 17.01 -5.14
CA SER H 238 37.36 17.38 -5.74
C SER H 238 38.11 16.15 -6.24
N ARG H 239 38.41 15.22 -5.33
CA ARG H 239 39.29 14.09 -5.66
C ARG H 239 38.79 12.79 -5.05
N SER H 240 37.49 12.69 -4.80
CA SER H 240 36.90 11.53 -4.14
C SER H 240 36.62 10.43 -5.16
N ARG H 241 35.85 9.42 -4.73
CA ARG H 241 35.55 8.25 -5.56
C ARG H 241 34.37 8.53 -6.49
N SER H 242 34.49 9.62 -7.25
CA SER H 242 33.46 10.05 -8.19
C SER H 242 33.81 9.72 -9.63
N GLY H 243 34.71 8.75 -9.84
CA GLY H 243 35.15 8.41 -11.18
C GLY H 243 36.32 9.21 -11.69
N GLY H 244 36.89 10.10 -10.88
CA GLY H 244 38.02 10.90 -11.28
C GLY H 244 37.65 12.33 -11.65
N SER H 245 38.67 13.17 -11.72
CA SER H 245 38.45 14.58 -12.03
C SER H 245 37.96 14.78 -13.46
N GLN H 246 38.35 13.89 -14.38
CA GLN H 246 37.88 14.01 -15.76
C GLN H 246 36.35 13.85 -15.83
N GLU H 247 35.82 12.81 -15.19
CA GLU H 247 34.37 12.64 -15.14
C GLU H 247 33.68 13.66 -14.24
N MET H 248 34.37 14.17 -13.22
CA MET H 248 33.81 15.26 -12.44
C MET H 248 33.60 16.51 -13.29
N LEU H 249 34.56 16.81 -14.15
CA LEU H 249 34.41 17.91 -15.09
C LEU H 249 33.31 17.61 -16.11
N ASN H 250 33.31 16.39 -16.65
CA ASN H 250 32.36 16.02 -17.70
C ASN H 250 30.92 16.06 -17.20
N PHE H 251 30.67 15.67 -15.96
CA PHE H 251 29.31 15.69 -15.43
C PHE H 251 28.78 17.12 -15.35
N PHE H 252 29.58 18.04 -14.82
CA PHE H 252 29.12 19.43 -14.71
C PHE H 252 29.04 20.11 -16.07
N VAL H 253 29.84 19.68 -17.04
CA VAL H 253 29.68 20.20 -18.40
C VAL H 253 28.41 19.66 -19.03
N THR H 254 28.14 18.36 -18.86
CA THR H 254 26.95 17.72 -19.40
C THR H 254 25.68 18.19 -18.69
N MET H 255 25.82 18.84 -17.55
CA MET H 255 24.66 19.44 -16.91
C MET H 255 24.10 20.68 -17.72
N VAL H 256 24.61 20.91 -18.92
CA VAL H 256 24.01 21.91 -19.81
C VAL H 256 22.65 21.42 -20.32
N ASN H 257 22.47 20.11 -20.44
CA ASN H 257 21.25 19.56 -21.03
C ASN H 257 20.01 19.79 -20.18
N ILE H 258 20.16 20.10 -18.89
CA ILE H 258 19.00 20.49 -18.08
C ILE H 258 18.49 21.84 -18.60
N ILE H 259 17.18 21.92 -18.79
CA ILE H 259 16.59 23.03 -19.53
C ILE H 259 16.60 24.28 -18.67
N GLY H 260 17.33 25.31 -19.12
CA GLY H 260 17.42 26.56 -18.40
C GLY H 260 17.95 26.39 -16.99
N VAL H 261 17.11 26.70 -16.00
CA VAL H 261 17.35 26.52 -14.57
C VAL H 261 18.77 26.93 -14.20
N PRO H 262 19.06 28.23 -14.18
CA PRO H 262 20.44 28.69 -13.90
C PRO H 262 20.95 28.17 -12.57
N VAL H 263 22.03 27.38 -12.62
CA VAL H 263 22.56 26.73 -11.45
C VAL H 263 23.56 27.65 -10.76
N MET H 264 23.82 27.36 -9.49
CA MET H 264 24.77 28.12 -8.68
C MET H 264 25.68 27.13 -7.95
N LEU H 265 26.98 27.43 -7.93
CA LEU H 265 27.98 26.55 -7.35
C LEU H 265 28.72 27.29 -6.24
N ILE H 266 28.80 26.69 -5.06
CA ILE H 266 29.47 27.26 -3.90
C ILE H 266 30.56 26.30 -3.45
N GLY H 267 31.77 26.82 -3.23
CA GLY H 267 32.87 25.99 -2.81
C GLY H 267 33.96 26.78 -2.13
N THR H 268 34.87 26.05 -1.50
CA THR H 268 36.03 26.62 -0.83
C THR H 268 37.13 26.93 -1.85
N PRO H 269 38.08 27.81 -1.50
CA PRO H 269 39.09 28.23 -2.49
C PRO H 269 39.95 27.10 -3.03
N LYS H 270 40.03 25.95 -2.36
CA LYS H 270 40.79 24.84 -2.90
C LYS H 270 40.11 24.25 -4.13
N ALA H 271 38.78 24.30 -4.19
CA ALA H 271 38.04 23.67 -5.28
C ALA H 271 38.27 24.34 -6.63
N ARG H 272 38.77 25.58 -6.65
CA ARG H 272 38.98 26.26 -7.91
C ARG H 272 40.00 25.54 -8.78
N GLU H 273 41.12 25.12 -8.18
CA GLU H 273 42.19 24.48 -8.95
C GLU H 273 41.72 23.16 -9.55
N ILE H 274 40.99 22.35 -8.78
CA ILE H 274 40.50 21.08 -9.30
C ILE H 274 39.41 21.29 -10.33
N PHE H 275 38.51 22.24 -10.09
CA PHE H 275 37.30 22.38 -10.87
C PHE H 275 37.51 23.14 -12.18
N GLU H 276 38.49 24.05 -12.24
CA GLU H 276 38.77 24.82 -13.44
C GLU H 276 40.17 24.48 -13.94
N ALA H 277 40.25 23.61 -14.95
CA ALA H 277 41.50 23.33 -15.64
C ALA H 277 41.34 23.21 -17.14
N ASP H 278 40.13 23.40 -17.68
CA ASP H 278 39.89 23.34 -19.11
C ASP H 278 39.05 24.55 -19.53
N LEU H 279 39.30 25.02 -20.75
CA LEU H 279 38.66 26.26 -21.21
C LEU H 279 37.15 26.10 -21.32
N ARG H 280 36.67 24.94 -21.79
CA ARG H 280 35.24 24.76 -22.02
C ARG H 280 34.46 24.66 -20.72
N SER H 281 35.12 24.51 -19.57
CA SER H 281 34.43 24.41 -18.30
C SER H 281 34.51 25.68 -17.47
N ALA H 282 35.60 26.44 -17.58
CA ALA H 282 35.74 27.67 -16.79
C ALA H 282 34.76 28.74 -17.25
N ARG H 283 34.62 28.90 -18.57
CA ARG H 283 33.67 29.89 -19.09
C ARG H 283 32.23 29.54 -18.75
N ARG H 284 31.93 28.27 -18.49
CA ARG H 284 30.62 27.91 -17.98
C ARG H 284 30.52 28.11 -16.47
N GLY H 285 31.63 27.99 -15.75
CA GLY H 285 31.61 28.27 -14.33
C GLY H 285 31.36 29.74 -14.03
N ALA H 286 32.23 30.60 -14.58
CA ALA H 286 32.06 32.04 -14.44
C ALA H 286 31.29 32.63 -15.61
N GLY H 287 30.11 32.07 -15.90
CA GLY H 287 29.31 32.52 -17.02
C GLY H 287 28.59 33.83 -16.79
N PHE H 288 28.39 34.22 -15.53
CA PHE H 288 27.72 35.47 -15.19
C PHE H 288 28.47 36.15 -14.06
N GLY H 289 29.80 36.14 -14.13
CA GLY H 289 30.63 36.72 -13.10
C GLY H 289 31.27 35.66 -12.21
N ALA H 290 32.22 36.10 -11.40
CA ALA H 290 32.89 35.21 -10.44
C ALA H 290 33.30 36.07 -9.26
N ILE H 291 32.51 36.04 -8.19
CA ILE H 291 32.72 36.88 -7.01
C ILE H 291 33.51 36.09 -5.99
N PHE H 292 34.59 36.69 -5.47
CA PHE H 292 35.51 36.04 -4.54
C PHE H 292 35.35 36.71 -3.18
N TRP H 293 34.77 35.98 -2.23
CA TRP H 293 34.62 36.53 -0.89
C TRP H 293 35.94 36.50 -0.14
N ASP H 294 36.05 37.38 0.87
CA ASP H 294 37.27 37.51 1.65
C ASP H 294 36.89 38.14 2.98
N PRO H 295 37.50 37.73 4.10
CA PRO H 295 37.14 38.32 5.39
C PRO H 295 37.52 39.80 5.47
N ILE H 296 36.75 40.52 6.29
CA ILE H 296 36.97 41.96 6.44
C ILE H 296 38.29 42.24 7.15
N GLN H 297 38.77 43.47 6.96
CA GLN H 297 40.04 43.91 7.53
C GLN H 297 39.82 45.12 8.42
N GLN H 298 40.73 45.30 9.39
CA GLN H 298 40.60 46.39 10.34
C GLN H 298 40.77 47.75 9.66
N THR H 299 41.74 47.87 8.75
CA THR H 299 42.03 49.11 8.06
C THR H 299 41.57 49.02 6.59
N GLN H 300 41.41 50.19 5.98
CA GLN H 300 41.05 50.28 4.57
C GLN H 300 42.17 50.86 3.72
N ARG H 301 42.61 52.08 4.02
CA ARG H 301 43.81 52.65 3.40
C ARG H 301 44.43 53.64 4.39
N GLY H 302 45.35 53.13 5.20
CA GLY H 302 45.98 53.94 6.24
C GLY H 302 45.04 54.41 7.33
N LYS H 303 43.77 54.05 7.22
CA LYS H 303 42.71 54.48 8.12
C LYS H 303 41.82 53.30 8.49
N PRO H 304 41.19 53.34 9.67
CA PRO H 304 40.36 52.19 10.08
C PRO H 304 39.16 52.00 9.17
N ASN H 305 38.75 50.74 9.04
CA ASN H 305 37.57 50.37 8.25
C ASN H 305 36.33 50.54 9.12
N GLN H 306 35.29 51.15 8.54
CA GLN H 306 34.08 51.45 9.32
C GLN H 306 33.20 50.23 9.51
N GLU H 307 33.24 49.27 8.58
CA GLU H 307 32.37 48.10 8.69
C GLU H 307 32.72 47.25 9.91
N TRP H 308 34.02 47.05 10.16
CA TRP H 308 34.44 46.32 11.36
C TRP H 308 34.01 47.05 12.62
N ILE H 309 34.16 48.37 12.64
CA ILE H 309 33.75 49.17 13.79
C ILE H 309 32.27 48.99 14.06
N ALA H 310 31.45 49.10 13.01
CA ALA H 310 30.00 48.97 13.16
C ALA H 310 29.62 47.58 13.63
N PHE H 311 30.23 46.55 13.05
CA PHE H 311 29.91 45.17 13.42
C PHE H 311 30.21 44.92 14.89
N THR H 312 31.44 45.25 15.32
CA THR H 312 31.82 45.00 16.71
C THR H 312 30.99 45.84 17.67
N ASP H 313 30.78 47.12 17.34
CA ASP H 313 30.03 48.00 18.23
C ASP H 313 28.59 47.55 18.38
N ASN H 314 27.95 47.14 17.28
CA ASN H 314 26.57 46.66 17.36
C ASN H 314 26.49 45.35 18.12
N LEU H 315 27.49 44.48 17.94
CA LEU H 315 27.51 43.23 18.69
C LEU H 315 27.69 43.48 20.19
N TRP H 316 28.37 44.56 20.56
CA TRP H 316 28.75 44.75 21.95
C TRP H 316 27.56 44.98 22.88
N GLN H 317 26.51 45.68 22.43
CA GLN H 317 25.39 45.94 23.33
C GLN H 317 24.63 44.67 23.68
N LEU H 318 24.70 43.65 22.84
CA LEU H 318 23.82 42.50 22.96
C LEU H 318 24.21 41.58 24.12
N GLN H 319 25.36 41.83 24.76
CA GLN H 319 25.78 41.00 25.88
C GLN H 319 24.82 41.14 27.05
N LEU H 320 24.79 40.10 27.89
CA LEU H 320 23.90 40.04 29.05
C LEU H 320 24.74 39.70 30.29
N LEU H 321 25.09 40.71 31.06
CA LEU H 321 25.91 40.52 32.26
C LEU H 321 25.46 41.50 33.34
N GLN H 322 25.76 41.16 34.59
CA GLN H 322 25.35 41.99 35.72
C GLN H 322 25.98 43.38 35.62
N ARG H 323 27.31 43.44 35.70
CA ARG H 323 28.06 44.68 35.56
C ARG H 323 28.86 44.60 34.27
N LYS H 324 28.57 45.50 33.33
CA LYS H 324 29.24 45.51 32.04
C LYS H 324 29.61 46.94 31.69
N ASP H 325 30.72 47.08 30.98
CA ASP H 325 31.18 48.38 30.49
C ASP H 325 30.55 48.60 29.12
N ALA H 326 29.51 49.44 29.09
CA ALA H 326 28.82 49.71 27.83
C ALA H 326 29.74 50.35 26.81
N LEU H 327 30.56 51.31 27.24
CA LEU H 327 31.52 51.96 26.35
C LEU H 327 32.67 51.00 26.08
N LEU H 328 32.74 50.48 24.86
CA LEU H 328 33.77 49.54 24.49
C LEU H 328 35.14 50.22 24.47
N SER H 329 36.14 49.55 25.03
CA SER H 329 37.51 50.04 25.00
C SER H 329 38.22 49.52 23.76
N ASP H 330 39.04 50.38 23.15
CA ASP H 330 39.72 50.04 21.89
C ASP H 330 40.65 48.85 22.04
N GLU H 331 41.14 48.60 23.26
CA GLU H 331 42.03 47.46 23.47
C GLU H 331 41.32 46.14 23.18
N VAL H 332 40.05 46.02 23.60
CA VAL H 332 39.30 44.80 23.35
C VAL H 332 39.08 44.60 21.85
N ARG H 333 38.83 45.69 21.12
CA ARG H 333 38.68 45.59 19.67
C ARG H 333 39.98 45.15 19.01
N ASP H 334 41.11 45.70 19.46
CA ASP H 334 42.39 45.25 18.95
C ASP H 334 42.64 43.78 19.27
N VAL H 335 42.19 43.33 20.44
CA VAL H 335 42.33 41.92 20.81
C VAL H 335 41.50 41.04 19.89
N TRP H 336 40.26 41.46 19.57
CA TRP H 336 39.46 40.71 18.62
C TRP H 336 40.14 40.64 17.25
N TYR H 337 40.69 41.76 16.78
CA TYR H 337 41.33 41.71 15.46
C TYR H 337 42.62 40.90 15.50
N GLU H 338 43.29 40.82 16.65
CA GLU H 338 44.49 40.01 16.74
C GLU H 338 44.16 38.52 16.77
N LEU H 339 43.12 38.14 17.49
CA LEU H 339 42.77 36.72 17.62
C LEU H 339 41.99 36.22 16.41
N SER H 340 40.81 36.80 16.16
CA SER H 340 39.93 36.31 15.10
C SER H 340 40.54 36.52 13.72
N GLN H 341 41.27 37.62 13.53
CA GLN H 341 42.05 37.90 12.32
C GLN H 341 41.15 38.26 11.13
N GLY H 342 39.84 38.15 11.30
CA GLY H 342 38.94 38.59 10.25
C GLY H 342 37.83 37.63 9.88
N VAL H 343 38.06 36.32 10.03
CA VAL H 343 37.05 35.35 9.64
C VAL H 343 35.82 35.51 10.52
N MET H 344 34.65 35.58 9.88
CA MET H 344 33.43 35.96 10.58
C MET H 344 32.87 34.86 11.47
N ASP H 345 33.17 33.60 11.17
CA ASP H 345 32.68 32.50 12.01
C ASP H 345 33.28 32.58 13.42
N ILE H 346 34.56 32.90 13.52
CA ILE H 346 35.24 32.86 14.81
C ILE H 346 34.90 34.06 15.68
N VAL H 347 34.51 35.19 15.07
CA VAL H 347 34.30 36.43 15.83
C VAL H 347 33.18 36.25 16.85
N VAL H 348 32.06 35.67 16.42
CA VAL H 348 30.93 35.49 17.34
C VAL H 348 31.18 34.33 18.31
N LYS H 349 31.87 33.28 17.86
CA LYS H 349 32.12 32.14 18.74
C LYS H 349 33.04 32.52 19.88
N LEU H 350 34.05 33.35 19.62
CA LEU H 350 34.92 33.83 20.69
C LEU H 350 34.13 34.58 21.74
N PHE H 351 33.22 35.46 21.30
CA PHE H 351 32.41 36.23 22.24
C PHE H 351 31.51 35.31 23.07
N VAL H 352 30.87 34.35 22.42
CA VAL H 352 29.95 33.46 23.14
C VAL H 352 30.70 32.62 24.17
N LEU H 353 31.83 32.02 23.76
CA LEU H 353 32.60 31.20 24.68
C LEU H 353 33.17 32.02 25.83
N ALA H 354 33.65 33.24 25.53
CA ALA H 354 34.18 34.09 26.58
C ALA H 354 33.09 34.48 27.58
N GLN H 355 31.88 34.77 27.08
CA GLN H 355 30.78 35.11 27.99
C GLN H 355 30.41 33.93 28.87
N LEU H 356 30.34 32.72 28.29
CA LEU H 356 30.00 31.54 29.08
C LEU H 356 31.06 31.28 30.15
N ARG H 357 32.34 31.38 29.79
CA ARG H 357 33.39 31.16 30.79
C ARG H 357 33.43 32.27 31.82
N ALA H 358 33.04 33.50 31.44
CA ALA H 358 32.95 34.59 32.41
C ALA H 358 31.87 34.32 33.44
N LEU H 359 30.72 33.81 32.99
CA LEU H 359 29.69 33.39 33.95
C LEU H 359 30.19 32.23 34.80
N ALA H 360 30.97 31.33 34.20
CA ALA H 360 31.48 30.18 34.96
C ALA H 360 32.42 30.61 36.08
N LEU H 361 33.37 31.49 35.77
CA LEU H 361 34.36 31.89 36.77
C LEU H 361 33.82 32.88 37.79
N GLY H 362 32.75 33.60 37.46
CA GLY H 362 32.28 34.66 38.33
C GLY H 362 33.06 35.95 38.22
N ASN H 363 33.98 36.06 37.27
CA ASN H 363 34.65 37.34 37.01
C ASN H 363 33.62 38.39 36.56
N GLU H 364 32.67 37.97 35.73
CA GLU H 364 31.48 38.76 35.40
C GLU H 364 31.91 40.07 34.70
N ARG H 365 32.86 39.94 33.78
CA ARG H 365 33.36 41.05 32.99
C ARG H 365 34.09 40.48 31.79
N ILE H 366 34.05 41.22 30.68
CA ILE H 366 34.73 40.81 29.46
C ILE H 366 36.01 41.62 29.33
N THR H 367 37.14 40.93 29.33
CA THR H 367 38.45 41.58 29.27
C THR H 367 39.35 40.82 28.33
N ALA H 368 40.53 41.40 28.05
CA ALA H 368 41.46 40.79 27.11
C ALA H 368 42.01 39.48 27.64
N GLY H 369 42.28 39.39 28.94
CA GLY H 369 42.82 38.17 29.50
C GLY H 369 41.91 36.98 29.34
N LEU H 370 40.60 37.19 29.57
CA LEU H 370 39.63 36.12 29.37
C LEU H 370 39.59 35.67 27.92
N LEU H 371 39.65 36.62 26.99
CA LEU H 371 39.64 36.30 25.57
C LEU H 371 40.87 35.48 25.20
N ARG H 372 42.05 35.88 25.70
CA ARG H 372 43.27 35.11 25.41
C ARG H 372 43.19 33.72 26.00
N GLN H 373 42.67 33.59 27.23
CA GLN H 373 42.56 32.28 27.85
C GLN H 373 41.63 31.36 27.06
N VAL H 374 40.45 31.87 26.67
CA VAL H 374 39.51 31.01 25.96
C VAL H 374 40.03 30.66 24.57
N TYR H 375 40.71 31.61 23.90
CA TYR H 375 41.29 31.33 22.60
C TYR H 375 42.38 30.26 22.70
N GLN H 376 43.22 30.34 23.73
CA GLN H 376 44.28 29.36 23.88
C GLN H 376 43.75 28.02 24.39
N ASP H 377 42.56 28.01 24.99
CA ASP H 377 42.03 26.76 25.54
C ASP H 377 41.21 25.99 24.52
N GLU H 378 40.27 26.65 23.85
CA GLU H 378 39.26 25.92 23.09
C GLU H 378 39.60 25.81 21.60
N LEU H 379 39.79 26.94 20.92
CA LEU H 379 39.91 26.95 19.46
C LEU H 379 41.32 26.56 19.02
N LYS H 380 41.67 25.30 19.29
CA LYS H 380 42.99 24.80 18.90
C LYS H 380 43.11 24.48 17.42
N PRO H 381 42.27 23.62 16.83
CA PRO H 381 42.56 23.15 15.45
C PRO H 381 42.55 24.25 14.41
N VAL H 382 41.90 25.40 14.65
CA VAL H 382 41.82 26.46 13.66
C VAL H 382 43.09 27.30 13.60
N HIS H 383 44.09 26.97 14.42
CA HIS H 383 45.30 27.79 14.50
C HIS H 383 46.08 27.92 13.19
N PRO H 384 46.32 26.86 12.41
CA PRO H 384 47.09 27.05 11.16
C PRO H 384 46.48 28.04 10.20
N MET H 385 45.15 28.06 10.07
CA MET H 385 44.50 29.01 9.17
C MET H 385 44.74 30.44 9.60
N LEU H 386 44.62 30.70 10.90
CA LEU H 386 44.87 32.06 11.41
C LEU H 386 46.33 32.45 11.25
N GLU H 387 47.25 31.52 11.52
CA GLU H 387 48.67 31.85 11.39
C GLU H 387 49.06 32.06 9.93
N ALA H 388 48.38 31.40 8.99
CA ALA H 388 48.60 31.68 7.58
C ALA H 388 47.97 33.01 7.19
N LEU H 389 46.83 33.34 7.79
CA LEU H 389 46.19 34.63 7.56
C LEU H 389 47.08 35.79 8.00
N ARG H 390 47.82 35.60 9.10
CA ARG H 390 48.73 36.65 9.55
C ARG H 390 49.80 36.97 8.51
N SER H 391 50.37 35.93 7.88
CA SER H 391 51.46 36.16 6.93
C SER H 391 50.96 36.83 5.66
N GLY H 392 49.87 36.32 5.07
CA GLY H 392 49.29 36.90 3.88
C GLY H 392 49.79 36.35 2.57
N ILE H 393 50.72 35.40 2.59
CA ILE H 393 51.24 34.82 1.34
C ILE H 393 50.15 34.00 0.67
N PRO H 394 49.88 34.21 -0.63
CA PRO H 394 48.75 33.53 -1.26
C PRO H 394 48.81 32.01 -1.21
N GLU H 395 49.99 31.41 -1.40
CA GLU H 395 50.06 29.95 -1.36
C GLU H 395 49.83 29.44 0.05
N ARG H 396 50.36 30.14 1.06
CA ARG H 396 50.19 29.71 2.44
C ARG H 396 48.73 29.82 2.88
N ILE H 397 48.06 30.91 2.48
CA ILE H 397 46.64 31.04 2.81
C ILE H 397 45.81 30.04 2.03
N ALA H 398 46.21 29.71 0.80
CA ALA H 398 45.46 28.72 0.02
C ALA H 398 45.65 27.31 0.56
N ARG H 399 46.79 27.04 1.21
CA ARG H 399 47.04 25.70 1.74
C ARG H 399 46.03 25.33 2.82
N TYR H 400 45.68 26.27 3.69
CA TYR H 400 44.76 26.03 4.79
C TYR H 400 43.57 26.97 4.65
N SER H 401 42.57 26.52 3.89
CA SER H 401 41.29 27.22 3.76
C SER H 401 40.15 26.22 3.79
N ASP H 402 40.34 25.13 4.54
CA ASP H 402 39.35 24.07 4.63
C ASP H 402 39.12 23.60 6.06
N LEU H 403 39.77 24.21 7.03
CA LEU H 403 39.72 23.72 8.40
C LEU H 403 38.42 24.15 9.08
N VAL H 404 37.87 23.24 9.90
CA VAL H 404 36.64 23.50 10.63
C VAL H 404 36.78 22.93 12.04
N VAL H 405 36.25 23.67 13.02
CA VAL H 405 36.31 23.25 14.41
C VAL H 405 35.20 22.23 14.69
N PRO H 406 35.53 21.06 15.23
CA PRO H 406 34.50 20.07 15.55
C PRO H 406 33.99 20.22 16.98
N GLU H 407 32.97 19.40 17.28
CA GLU H 407 32.42 19.16 18.62
C GLU H 407 32.08 20.42 19.39
N ILE H 408 31.84 21.55 18.71
CA ILE H 408 31.59 22.81 19.41
C ILE H 408 30.27 22.74 20.17
N ASP H 409 29.27 22.05 19.62
CA ASP H 409 27.98 21.95 20.31
C ASP H 409 28.09 21.13 21.58
N LYS H 410 28.86 20.03 21.54
CA LYS H 410 29.07 19.22 22.73
C LYS H 410 29.80 20.02 23.81
N ARG H 411 30.80 20.80 23.40
CA ARG H 411 31.50 21.66 24.38
C ARG H 411 30.56 22.70 24.98
N LEU H 412 29.68 23.28 24.15
CA LEU H 412 28.72 24.24 24.66
C LEU H 412 27.77 23.59 25.68
N ILE H 413 27.30 22.38 25.37
CA ILE H 413 26.38 21.69 26.27
C ILE H 413 27.07 21.32 27.58
N GLN H 414 28.32 20.85 27.49
CA GLN H 414 29.06 20.51 28.71
C GLN H 414 29.34 21.75 29.56
N LEU H 415 29.63 22.88 28.91
CA LEU H 415 29.79 24.13 29.64
C LEU H 415 28.48 24.54 30.32
N GLN H 416 27.35 24.34 29.64
CA GLN H 416 26.05 24.63 30.25
C GLN H 416 25.81 23.75 31.47
N LEU H 417 26.16 22.46 31.39
CA LEU H 417 26.04 21.59 32.55
C LEU H 417 26.95 22.06 33.69
N ASP H 418 28.16 22.49 33.35
CA ASP H 418 29.10 22.98 34.36
C ASP H 418 28.53 24.18 35.11
N ILE H 419 27.98 25.15 34.38
CA ILE H 419 27.45 26.34 35.05
C ILE H 419 26.12 26.02 35.72
N ALA H 420 25.42 24.98 35.28
CA ALA H 420 24.18 24.59 35.93
C ALA H 420 24.43 23.89 37.26
N ALA H 421 25.56 23.20 37.38
CA ALA H 421 25.85 22.40 38.58
C ALA H 421 26.45 23.22 39.72
N ILE H 422 26.24 24.54 39.74
CA ILE H 422 26.81 25.37 40.80
C ILE H 422 26.11 25.11 42.13
N GLN H 423 24.78 25.05 42.12
CA GLN H 423 23.94 24.76 43.28
C GLN H 423 24.06 25.92 44.29
N GLU H 424 23.59 25.72 45.51
CA GLU H 424 23.56 26.78 46.52
C GLU H 424 23.80 26.16 47.89
N GLN H 425 24.32 26.97 48.81
CA GLN H 425 24.67 26.50 50.16
C GLN H 425 23.91 27.33 51.19
N THR H 426 22.95 26.70 51.87
CA THR H 426 22.24 27.35 52.95
C THR H 426 23.16 27.47 54.17
N PRO H 427 22.96 28.48 55.03
CA PRO H 427 23.85 28.65 56.18
C PRO H 427 23.85 27.46 57.13
N GLU H 428 22.70 26.81 57.34
CA GLU H 428 22.68 25.62 58.18
C GLU H 428 23.45 24.48 57.54
N GLU H 429 23.31 24.32 56.22
CA GLU H 429 24.10 23.32 55.51
C GLU H 429 25.58 23.71 55.48
N LYS H 430 25.86 25.01 55.36
CA LYS H 430 27.24 25.48 55.38
C LYS H 430 27.89 25.24 56.75
N ALA H 431 27.08 25.20 57.81
CA ALA H 431 27.62 24.92 59.14
C ALA H 431 28.28 23.54 59.18
N LEU H 432 27.75 22.58 58.41
CA LEU H 432 28.40 21.28 58.33
C LEU H 432 29.78 21.39 57.70
N GLN H 433 29.91 22.21 56.65
CA GLN H 433 31.22 22.41 56.03
C GLN H 433 32.16 23.19 56.94
N GLU H 434 31.60 23.99 57.86
CA GLU H 434 32.42 24.68 58.84
C GLU H 434 33.19 23.71 59.71
N LEU H 435 32.52 22.62 60.12
CA LEU H 435 33.21 21.54 60.83
C LEU H 435 34.19 20.86 59.89
N ASP H 436 35.46 20.79 60.32
CA ASP H 436 36.51 20.27 59.45
C ASP H 436 37.08 18.96 59.96
N THR H 437 37.44 18.91 61.25
CA THR H 437 37.95 17.68 61.83
C THR H 437 36.87 16.60 61.83
N GLU H 438 37.29 15.37 61.59
CA GLU H 438 36.35 14.25 61.51
C GLU H 438 35.63 14.04 62.85
N ASP H 439 36.30 14.36 63.96
CA ASP H 439 35.67 14.24 65.27
C ASP H 439 34.50 15.22 65.41
N GLN H 440 34.64 16.42 64.83
CA GLN H 440 33.54 17.37 64.78
C GLN H 440 32.31 16.74 64.16
N ARG H 441 32.48 16.14 62.98
CA ARG H 441 31.35 15.56 62.25
C ARG H 441 30.78 14.35 62.97
N HIS H 442 31.65 13.56 63.64
CA HIS H 442 31.15 12.43 64.41
C HIS H 442 30.26 12.90 65.56
N LEU H 443 30.73 13.87 66.35
CA LEU H 443 29.94 14.38 67.46
C LEU H 443 28.66 15.00 66.97
N TYR H 444 28.73 15.75 65.86
CA TYR H 444 27.55 16.19 65.13
C TYR H 444 26.56 15.04 64.92
N LEU H 445 27.02 13.96 64.31
CA LEU H 445 26.10 12.90 63.89
C LEU H 445 25.47 12.21 65.08
N MET H 446 26.22 12.03 66.17
CA MET H 446 25.59 11.45 67.36
C MET H 446 24.60 12.40 68.02
N LEU H 447 24.85 13.71 67.97
CA LEU H 447 24.05 14.64 68.78
C LEU H 447 23.02 15.44 68.01
N LYS H 448 22.38 14.85 66.99
CA LYS H 448 21.34 15.57 66.25
C LYS H 448 19.99 15.58 66.96
N GLU H 449 19.53 14.41 67.42
CA GLU H 449 18.12 14.25 67.77
C GLU H 449 17.69 15.18 68.90
N ASP H 450 18.54 15.34 69.92
CA ASP H 450 18.13 16.09 71.10
C ASP H 450 18.13 17.60 70.87
N TYR H 451 19.05 18.11 70.05
CA TYR H 451 19.25 19.56 69.94
C TYR H 451 19.20 20.02 68.50
N ASP H 452 18.61 21.19 68.29
CA ASP H 452 18.63 21.82 66.97
C ASP H 452 20.05 22.28 66.63
N SER H 453 20.36 22.29 65.34
CA SER H 453 21.72 22.57 64.89
C SER H 453 22.14 24.00 65.21
N SER H 454 21.20 24.94 65.14
CA SER H 454 21.52 26.36 65.30
C SER H 454 22.19 26.63 66.63
N LEU H 455 21.70 26.02 67.71
CA LEU H 455 22.35 26.16 69.00
C LEU H 455 23.48 25.14 69.16
N LEU H 456 23.37 24.00 68.48
CA LEU H 456 24.31 22.90 68.72
C LEU H 456 25.71 23.22 68.21
N ILE H 457 25.81 23.72 66.98
CA ILE H 457 27.13 23.95 66.39
C ILE H 457 27.99 24.92 67.19
N PRO H 458 27.48 26.06 67.68
CA PRO H 458 28.37 26.99 68.43
C PRO H 458 28.99 26.39 69.67
N THR H 459 28.19 25.68 70.48
CA THR H 459 28.73 25.10 71.71
C THR H 459 29.70 23.96 71.42
N ILE H 460 29.52 23.28 70.29
CA ILE H 460 30.52 22.30 69.86
C ILE H 460 31.82 23.02 69.49
N LYS H 461 31.73 24.17 68.82
CA LYS H 461 32.94 24.82 68.33
C LYS H 461 33.74 25.44 69.47
N LYS H 462 33.08 26.14 70.41
CA LYS H 462 33.82 26.64 71.56
C LYS H 462 34.39 25.50 72.41
N ALA H 463 33.78 24.32 72.38
CA ALA H 463 34.32 23.20 73.15
C ALA H 463 35.74 22.87 72.69
N PHE H 464 35.97 22.88 71.37
CA PHE H 464 37.32 22.67 70.86
C PHE H 464 38.20 23.92 70.96
N SER H 465 37.60 25.12 70.82
CA SER H 465 38.43 26.33 70.88
C SER H 465 39.00 26.53 72.26
N GLN H 466 38.33 25.99 73.29
CA GLN H 466 38.85 26.11 74.65
C GLN H 466 39.85 25.00 74.98
N ASN H 467 39.44 23.74 74.81
CA ASN H 467 40.29 22.61 75.19
C ASN H 467 40.57 21.73 73.97
N PRO H 468 41.77 21.85 73.37
CA PRO H 468 42.03 21.09 72.13
C PRO H 468 42.18 19.59 72.34
N THR H 469 43.12 19.16 73.19
CA THR H 469 43.54 17.76 73.26
C THR H 469 42.79 17.06 74.39
N MET H 470 41.60 16.55 74.06
CA MET H 470 40.74 15.91 75.04
C MET H 470 39.63 15.18 74.29
N THR H 471 39.38 13.93 74.71
CA THR H 471 38.74 12.93 73.86
C THR H 471 37.21 13.06 73.87
N ARG H 472 36.57 12.37 72.91
CA ARG H 472 35.15 12.57 72.63
C ARG H 472 34.28 12.18 73.82
N GLN H 473 34.49 10.99 74.38
CA GLN H 473 33.68 10.59 75.53
C GLN H 473 33.91 11.53 76.70
N LYS H 474 35.13 12.07 76.80
CA LYS H 474 35.40 13.10 77.79
C LYS H 474 34.91 14.47 77.31
N LEU H 475 34.73 14.66 75.99
CA LEU H 475 34.16 15.91 75.49
C LEU H 475 32.68 16.04 75.86
N LEU H 476 31.95 14.93 75.85
CA LEU H 476 30.49 14.97 76.02
C LEU H 476 30.04 15.68 77.28
N PRO H 477 30.60 15.43 78.48
CA PRO H 477 30.11 16.13 79.68
C PRO H 477 30.17 17.65 79.60
N LEU H 478 31.28 18.20 79.09
CA LEU H 478 31.39 19.66 79.05
C LEU H 478 30.42 20.25 78.03
N VAL H 479 30.21 19.57 76.90
CA VAL H 479 29.24 20.04 75.93
C VAL H 479 27.84 20.06 76.53
N LEU H 480 27.47 19.00 77.23
CA LEU H 480 26.13 18.98 77.86
C LEU H 480 26.03 20.00 79.00
N GLN H 481 27.14 20.26 79.69
CA GLN H 481 27.18 21.30 80.72
C GLN H 481 26.90 22.67 80.11
N TRP H 482 27.48 22.94 78.94
CA TRP H 482 27.15 24.16 78.22
C TRP H 482 25.69 24.16 77.78
N LEU H 483 25.18 22.98 77.39
CA LEU H 483 23.85 22.91 76.78
C LEU H 483 22.72 23.11 77.77
N MET H 484 22.78 22.50 78.96
CA MET H 484 21.66 22.68 79.89
C MET H 484 21.51 24.14 80.30
N GLU H 485 22.61 24.84 80.52
CA GLU H 485 22.56 26.27 80.76
C GLU H 485 22.12 27.06 79.53
N MET I 1 -0.95 5.58 -31.86
CA MET I 1 -0.21 5.33 -33.10
C MET I 1 -0.01 6.64 -33.86
N ARG I 2 1.24 7.05 -34.00
CA ARG I 2 1.58 8.34 -34.58
C ARG I 2 1.67 8.31 -36.11
N ASN I 3 1.64 7.12 -36.72
CA ASN I 3 1.77 7.02 -38.16
C ASN I 3 1.07 5.75 -38.62
N PHE I 4 0.04 5.89 -39.45
CA PHE I 4 -0.71 4.77 -39.97
C PHE I 4 -0.77 4.83 -41.49
N PRO I 5 -0.42 3.74 -42.19
CA PRO I 5 -0.47 3.76 -43.65
C PRO I 5 -1.90 3.82 -44.17
N VAL I 6 -2.02 4.34 -45.38
CA VAL I 6 -3.31 4.40 -46.09
C VAL I 6 -3.46 3.14 -46.93
N PRO I 7 -4.62 2.48 -46.90
CA PRO I 7 -4.81 1.28 -47.72
C PRO I 7 -4.68 1.59 -49.21
N TYR I 8 -4.13 0.62 -49.94
CA TYR I 8 -3.96 0.77 -51.38
C TYR I 8 -5.29 0.54 -52.09
N SER I 9 -5.24 0.52 -53.42
CA SER I 9 -6.45 0.35 -54.21
C SER I 9 -6.92 -1.10 -54.14
N ASN I 10 -8.10 -1.32 -53.59
CA ASN I 10 -8.72 -2.64 -53.48
C ASN I 10 -7.81 -3.62 -52.72
N GLU I 11 -7.56 -3.29 -51.46
CA GLU I 11 -6.74 -4.10 -50.58
C GLU I 11 -7.52 -4.45 -49.32
N LEU I 12 -7.35 -5.69 -48.88
CA LEU I 12 -7.92 -6.10 -47.59
C LEU I 12 -7.28 -5.31 -46.46
N ILE I 13 -8.08 -5.04 -45.42
CA ILE I 13 -7.55 -4.33 -44.26
C ILE I 13 -6.51 -5.15 -43.52
N TYR I 14 -6.53 -6.48 -43.68
CA TYR I 14 -5.55 -7.33 -43.01
C TYR I 14 -4.14 -7.00 -43.46
N SER I 15 -3.92 -6.85 -44.77
CA SER I 15 -2.59 -6.52 -45.25
C SER I 15 -2.17 -5.12 -44.83
N THR I 16 -3.12 -4.19 -44.75
CA THR I 16 -2.78 -2.85 -44.27
C THR I 16 -2.30 -2.88 -42.83
N ILE I 17 -3.02 -3.61 -41.97
CA ILE I 17 -2.59 -3.71 -40.57
C ILE I 17 -1.26 -4.44 -40.47
N ALA I 18 -1.01 -5.43 -41.33
CA ALA I 18 0.25 -6.16 -41.28
C ALA I 18 1.41 -5.27 -41.69
N ARG I 19 1.29 -4.56 -42.81
CA ARG I 19 2.40 -3.74 -43.25
C ARG I 19 2.53 -2.45 -42.45
N ALA I 20 1.51 -2.07 -41.68
CA ALA I 20 1.69 -0.98 -40.72
C ALA I 20 2.73 -1.34 -39.67
N GLY I 21 2.68 -2.57 -39.16
CA GLY I 21 3.71 -3.03 -38.25
C GLY I 21 5.00 -3.39 -38.95
N VAL I 22 4.91 -3.79 -40.22
CA VAL I 22 6.11 -4.08 -40.99
C VAL I 22 6.95 -2.82 -41.18
N TYR I 23 6.28 -1.67 -41.38
CA TYR I 23 7.00 -0.42 -41.61
C TYR I 23 7.85 -0.01 -40.42
N GLN I 24 7.32 -0.14 -39.21
CA GLN I 24 7.97 0.38 -38.01
C GLN I 24 8.85 -0.64 -37.31
N GLY I 25 9.01 -1.83 -37.88
CA GLY I 25 9.99 -2.77 -37.37
C GLY I 25 9.62 -3.50 -36.09
N ILE I 26 8.33 -3.74 -35.87
CA ILE I 26 7.89 -4.53 -34.71
C ILE I 26 8.12 -6.01 -35.00
N VAL I 27 8.88 -6.67 -34.13
CA VAL I 27 9.23 -8.07 -34.32
C VAL I 27 8.34 -9.00 -33.49
N SER I 28 8.01 -8.59 -32.27
CA SER I 28 7.12 -9.40 -31.43
C SER I 28 5.69 -9.21 -31.88
N PRO I 29 4.98 -10.29 -32.23
CA PRO I 29 3.58 -10.13 -32.67
C PRO I 29 2.67 -9.57 -31.59
N LYS I 30 3.07 -9.65 -30.31
CA LYS I 30 2.25 -9.08 -29.25
C LYS I 30 2.25 -7.55 -29.30
N GLN I 31 3.34 -6.94 -29.75
CA GLN I 31 3.42 -5.48 -29.76
C GLN I 31 2.44 -4.88 -30.75
N LEU I 32 2.17 -5.54 -31.87
CA LEU I 32 1.18 -5.05 -32.81
C LEU I 32 -0.19 -4.94 -32.14
N LEU I 33 -0.63 -6.01 -31.49
CA LEU I 33 -1.91 -5.98 -30.79
C LEU I 33 -1.88 -5.00 -29.63
N ASP I 34 -0.71 -4.79 -29.03
CA ASP I 34 -0.61 -3.85 -27.91
C ASP I 34 -0.71 -2.40 -28.36
N GLU I 35 -0.23 -2.09 -29.57
CA GLU I 35 -0.18 -0.71 -30.03
C GLU I 35 -1.36 -0.32 -30.90
N VAL I 36 -1.64 -1.07 -31.98
CA VAL I 36 -2.67 -0.64 -32.91
C VAL I 36 -4.06 -0.78 -32.28
N TYR I 37 -4.23 -1.76 -31.40
CA TYR I 37 -5.52 -2.01 -30.78
C TYR I 37 -5.58 -1.67 -29.30
N GLY I 38 -4.48 -1.86 -28.58
CA GLY I 38 -4.45 -1.64 -27.15
C GLY I 38 -4.83 -2.84 -26.32
N ASN I 39 -5.22 -3.95 -26.95
CA ASN I 39 -5.59 -5.16 -26.24
C ASN I 39 -4.89 -6.35 -26.88
N ARG I 40 -4.53 -7.34 -26.06
CA ARG I 40 -3.90 -8.56 -26.54
C ARG I 40 -4.91 -9.72 -26.54
N LYS I 41 -6.16 -9.42 -26.90
CA LYS I 41 -7.20 -10.43 -27.01
C LYS I 41 -7.85 -10.48 -28.39
N VAL I 42 -7.58 -9.50 -29.24
CA VAL I 42 -8.16 -9.48 -30.58
C VAL I 42 -7.57 -10.62 -31.42
N VAL I 43 -8.36 -11.11 -32.36
CA VAL I 43 -7.98 -12.22 -33.21
C VAL I 43 -7.79 -11.70 -34.64
N ALA I 44 -6.96 -12.40 -35.40
CA ALA I 44 -6.70 -12.05 -36.79
C ALA I 44 -7.84 -12.59 -37.64
N THR I 45 -8.75 -11.70 -38.03
CA THR I 45 -9.93 -12.06 -38.80
C THR I 45 -9.72 -11.60 -40.23
N LEU I 46 -9.66 -12.55 -41.16
CA LEU I 46 -9.43 -12.27 -42.57
C LEU I 46 -10.78 -12.26 -43.28
N GLY I 47 -11.33 -11.07 -43.47
CA GLY I 47 -12.66 -10.93 -44.03
C GLY I 47 -13.71 -10.87 -42.95
N LEU I 48 -14.65 -9.92 -43.08
CA LEU I 48 -15.65 -9.64 -42.06
C LEU I 48 -15.01 -9.44 -40.68
N PRO I 49 -14.18 -8.40 -40.52
CA PRO I 49 -13.44 -8.24 -39.27
C PRO I 49 -14.32 -7.71 -38.15
N SER I 50 -13.73 -7.71 -36.96
CA SER I 50 -14.34 -7.10 -35.77
C SER I 50 -13.36 -6.09 -35.20
N HIS I 51 -13.79 -5.40 -34.15
CA HIS I 51 -13.06 -4.33 -33.47
C HIS I 51 -12.81 -3.13 -34.37
N LEU I 52 -13.35 -3.12 -35.59
CA LEU I 52 -13.13 -2.03 -36.51
C LEU I 52 -13.75 -0.75 -35.96
N GLY I 53 -13.03 0.36 -36.13
CA GLY I 53 -13.41 1.64 -35.57
C GLY I 53 -12.20 2.29 -34.94
N VAL I 54 -11.34 1.48 -34.34
CA VAL I 54 -10.04 1.97 -33.90
C VAL I 54 -9.19 2.33 -35.11
N ILE I 55 -9.29 1.56 -36.19
CA ILE I 55 -8.59 1.90 -37.42
C ILE I 55 -9.12 3.20 -37.98
N ALA I 56 -10.44 3.39 -37.96
CA ALA I 56 -11.02 4.65 -38.41
C ALA I 56 -10.56 5.83 -37.57
N ARG I 57 -10.47 5.64 -36.25
CA ARG I 57 -9.95 6.69 -35.38
C ARG I 57 -8.49 6.99 -35.69
N HIS I 58 -7.69 5.96 -36.00
CA HIS I 58 -6.30 6.17 -36.39
C HIS I 58 -6.20 6.93 -37.71
N LEU I 59 -7.13 6.70 -38.63
CA LEU I 59 -7.18 7.40 -39.91
C LEU I 59 -8.15 8.57 -39.89
N HIS I 60 -8.29 9.23 -38.74
CA HIS I 60 -9.28 10.29 -38.59
C HIS I 60 -8.90 11.54 -39.39
N GLN I 61 -7.61 11.88 -39.42
CA GLN I 61 -7.20 13.13 -40.04
C GLN I 61 -7.52 13.16 -41.53
N THR I 62 -7.28 12.06 -42.23
CA THR I 62 -7.71 11.95 -43.62
C THR I 62 -9.23 11.78 -43.65
N GLY I 63 -9.92 12.74 -44.26
CA GLY I 63 -11.37 12.79 -44.16
C GLY I 63 -12.10 11.74 -44.95
N ARG I 64 -11.44 11.11 -45.93
CA ARG I 64 -12.13 10.17 -46.81
C ARG I 64 -12.50 8.89 -46.07
N TYR I 65 -11.56 8.31 -45.33
CA TYR I 65 -11.73 6.97 -44.78
C TYR I 65 -12.50 7.03 -43.47
N ALA I 66 -13.80 6.76 -43.54
CA ALA I 66 -14.68 6.63 -42.39
C ALA I 66 -15.06 5.16 -42.22
N VAL I 67 -15.98 4.89 -41.31
CA VAL I 67 -16.40 3.51 -41.06
C VAL I 67 -17.11 2.94 -42.29
N GLN I 68 -17.97 3.73 -42.93
CA GLN I 68 -18.69 3.25 -44.10
C GLN I 68 -17.74 2.96 -45.26
N GLN I 69 -16.72 3.80 -45.44
CA GLN I 69 -15.75 3.59 -46.51
C GLN I 69 -15.03 2.26 -46.34
N LEU I 70 -14.59 1.96 -45.12
CA LEU I 70 -13.90 0.69 -44.87
C LEU I 70 -14.87 -0.48 -44.95
N ILE I 71 -16.13 -0.28 -44.58
CA ILE I 71 -17.12 -1.35 -44.60
C ILE I 71 -17.50 -1.71 -46.03
N TYR I 72 -17.56 -0.75 -46.94
CA TYR I 72 -18.02 -1.01 -48.29
C TYR I 72 -16.91 -1.13 -49.34
N GLU I 73 -15.69 -0.67 -49.05
CA GLU I 73 -14.65 -0.66 -50.08
C GLU I 73 -13.35 -1.34 -49.65
N HIS I 74 -13.24 -1.83 -48.41
CA HIS I 74 -12.00 -2.47 -47.99
C HIS I 74 -12.26 -3.73 -47.16
N THR I 75 -13.36 -4.43 -47.42
CA THR I 75 -13.63 -5.71 -46.77
C THR I 75 -14.60 -6.49 -47.65
N LEU I 76 -15.06 -7.64 -47.13
CA LEU I 76 -15.87 -8.58 -47.88
C LEU I 76 -17.36 -8.46 -47.58
N PHE I 77 -17.77 -7.41 -46.86
CA PHE I 77 -19.19 -7.26 -46.51
C PHE I 77 -20.13 -7.13 -47.71
N PRO I 78 -19.90 -6.26 -48.70
CA PRO I 78 -20.95 -6.02 -49.72
C PRO I 78 -21.19 -7.21 -50.64
N LEU I 79 -20.50 -8.32 -50.44
CA LEU I 79 -20.77 -9.57 -51.13
C LEU I 79 -21.73 -10.46 -50.36
N TYR I 80 -22.02 -10.12 -49.10
CA TYR I 80 -23.05 -10.79 -48.30
C TYR I 80 -24.25 -9.91 -48.00
N ALA I 81 -24.18 -8.61 -48.32
CA ALA I 81 -25.22 -7.69 -47.87
C ALA I 81 -26.51 -7.80 -48.67
N PRO I 82 -26.52 -7.74 -50.02
CA PRO I 82 -27.81 -7.61 -50.72
C PRO I 82 -28.75 -8.80 -50.56
N PHE I 83 -28.26 -9.96 -50.14
CA PHE I 83 -29.10 -11.16 -50.11
C PHE I 83 -29.67 -11.46 -48.73
N VAL I 84 -28.98 -11.08 -47.64
CA VAL I 84 -29.39 -11.53 -46.32
C VAL I 84 -30.67 -10.82 -45.86
N GLY I 85 -30.86 -9.56 -46.24
CA GLY I 85 -32.04 -8.83 -45.81
C GLY I 85 -31.72 -7.45 -45.27
N LYS I 86 -32.74 -6.58 -45.21
CA LYS I 86 -32.52 -5.19 -44.78
C LYS I 86 -32.13 -5.12 -43.31
N GLU I 87 -32.81 -5.88 -42.45
CA GLU I 87 -32.59 -5.73 -41.01
C GLU I 87 -31.20 -6.20 -40.61
N ARG I 88 -30.75 -7.33 -41.14
CA ARG I 88 -29.40 -7.79 -40.81
C ARG I 88 -28.35 -6.91 -41.48
N ARG I 89 -28.65 -6.36 -42.65
CA ARG I 89 -27.75 -5.38 -43.26
C ARG I 89 -27.56 -4.17 -42.36
N ASP I 90 -28.65 -3.72 -41.73
CA ASP I 90 -28.55 -2.55 -40.86
C ASP I 90 -27.84 -2.89 -39.55
N GLU I 91 -28.10 -4.08 -38.99
CA GLU I 91 -27.51 -4.42 -37.70
C GLU I 91 -26.04 -4.81 -37.79
N ALA I 92 -25.62 -5.46 -38.89
CA ALA I 92 -24.23 -5.87 -39.01
C ALA I 92 -23.30 -4.66 -39.07
N ILE I 93 -23.71 -3.61 -39.78
CA ILE I 93 -22.86 -2.43 -39.91
C ILE I 93 -22.65 -1.77 -38.55
N ARG I 94 -23.72 -1.62 -37.76
CA ARG I 94 -23.57 -0.95 -36.47
C ARG I 94 -22.86 -1.85 -35.47
N LEU I 95 -22.97 -3.17 -35.61
CA LEU I 95 -22.30 -4.04 -34.65
C LEU I 95 -20.84 -4.31 -35.04
N MET I 96 -20.46 -3.97 -36.27
CA MET I 96 -19.05 -4.05 -36.63
C MET I 96 -18.21 -3.08 -35.82
N GLU I 97 -18.74 -1.88 -35.56
CA GLU I 97 -17.99 -0.85 -34.84
C GLU I 97 -17.69 -1.24 -33.39
N TYR I 98 -18.42 -2.18 -32.82
CA TYR I 98 -18.20 -2.63 -31.46
C TYR I 98 -17.44 -3.95 -31.45
N GLN I 99 -17.31 -4.55 -30.26
CA GLN I 99 -16.36 -5.61 -30.00
C GLN I 99 -16.96 -7.01 -30.11
N ALA I 100 -18.20 -7.14 -30.58
CA ALA I 100 -18.87 -8.44 -30.64
C ALA I 100 -18.42 -9.18 -31.89
N GLN I 101 -17.32 -9.93 -31.77
CA GLN I 101 -16.82 -10.70 -32.90
C GLN I 101 -17.67 -11.95 -33.16
N GLY I 102 -18.24 -12.54 -32.12
CA GLY I 102 -19.03 -13.74 -32.31
C GLY I 102 -20.29 -13.49 -33.13
N ALA I 103 -20.97 -12.38 -32.84
CA ALA I 103 -22.24 -12.11 -33.51
C ALA I 103 -22.05 -11.68 -34.96
N VAL I 104 -21.01 -10.90 -35.25
CA VAL I 104 -20.80 -10.46 -36.62
C VAL I 104 -20.49 -11.63 -37.53
N HIS I 105 -20.04 -12.75 -36.96
CA HIS I 105 -19.99 -14.00 -37.71
C HIS I 105 -21.31 -14.74 -37.65
N LEU I 106 -22.03 -14.63 -36.52
CA LEU I 106 -23.21 -15.45 -36.29
C LEU I 106 -24.41 -15.06 -37.14
N MET I 107 -24.71 -13.76 -37.26
CA MET I 107 -25.89 -13.37 -38.03
C MET I 107 -25.75 -13.80 -39.50
N LEU I 108 -24.58 -13.62 -40.09
CA LEU I 108 -24.36 -14.06 -41.46
C LEU I 108 -24.24 -15.58 -41.48
N GLY I 109 -25.17 -16.24 -42.15
CA GLY I 109 -25.20 -17.69 -42.13
C GLY I 109 -23.98 -18.32 -42.80
N VAL I 110 -23.57 -17.76 -43.95
CA VAL I 110 -22.39 -18.27 -44.63
C VAL I 110 -21.13 -18.00 -43.82
N ALA I 111 -21.10 -16.89 -43.08
CA ALA I 111 -19.97 -16.63 -42.21
C ALA I 111 -19.89 -17.65 -41.07
N ALA I 112 -21.03 -18.14 -40.61
CA ALA I 112 -21.07 -19.22 -39.61
C ALA I 112 -20.90 -20.56 -40.34
N SER I 113 -19.70 -20.72 -40.91
CA SER I 113 -19.39 -21.87 -41.74
C SER I 113 -18.93 -23.08 -40.93
N ARG I 114 -18.80 -22.95 -39.61
CA ARG I 114 -18.29 -24.00 -38.75
C ARG I 114 -16.92 -24.48 -39.23
N VAL I 115 -16.89 -25.62 -39.90
CA VAL I 115 -15.63 -26.08 -40.50
C VAL I 115 -15.23 -25.11 -41.61
N LYS I 116 -13.95 -24.74 -41.61
CA LYS I 116 -13.42 -23.78 -42.56
C LYS I 116 -12.61 -24.52 -43.63
N SER I 117 -12.92 -24.26 -44.90
CA SER I 117 -12.30 -24.96 -46.01
C SER I 117 -11.17 -24.12 -46.59
N ASP I 118 -9.97 -24.69 -46.59
CA ASP I 118 -8.79 -24.10 -47.24
C ASP I 118 -8.47 -22.71 -46.66
N ASN I 119 -8.12 -22.69 -45.38
CA ASN I 119 -7.66 -21.48 -44.73
C ASN I 119 -6.22 -21.14 -45.06
N ARG I 120 -5.59 -21.89 -45.96
CA ARG I 120 -4.24 -21.59 -46.38
C ARG I 120 -4.21 -20.24 -47.11
N PHE I 121 -3.07 -19.56 -47.03
CA PHE I 121 -2.93 -18.28 -47.68
C PHE I 121 -2.83 -18.44 -49.19
N ARG I 122 -3.44 -17.50 -49.91
CA ARG I 122 -3.54 -17.56 -51.36
C ARG I 122 -2.81 -16.38 -52.00
N TYR I 123 -2.27 -16.61 -53.20
CA TYR I 123 -1.77 -15.52 -54.02
C TYR I 123 -1.71 -15.97 -55.46
N CYS I 124 -1.91 -15.02 -56.37
CA CYS I 124 -1.90 -15.13 -57.82
C CYS I 124 -0.56 -14.65 -58.38
N PRO I 125 0.03 -15.38 -59.34
CA PRO I 125 1.40 -15.07 -59.76
C PRO I 125 1.59 -13.72 -60.43
N ASP I 126 0.84 -13.43 -61.48
CA ASP I 126 1.12 -12.26 -62.30
C ASP I 126 0.56 -10.96 -61.73
N CYS I 127 -0.39 -11.03 -60.79
CA CYS I 127 -0.84 -9.81 -60.13
C CYS I 127 0.25 -9.20 -59.27
N VAL I 128 1.11 -10.04 -58.69
CA VAL I 128 2.21 -9.55 -57.87
C VAL I 128 3.18 -8.71 -58.70
N ALA I 129 3.43 -9.13 -59.95
CA ALA I 129 4.30 -8.36 -60.83
C ALA I 129 3.70 -6.99 -61.12
N LEU I 130 2.40 -6.92 -61.38
CA LEU I 130 1.75 -5.64 -61.62
C LEU I 130 1.82 -4.74 -60.39
N GLN I 131 1.59 -5.30 -59.20
CA GLN I 131 1.67 -4.50 -57.99
C GLN I 131 3.09 -4.01 -57.74
N LEU I 132 4.09 -4.85 -58.03
CA LEU I 132 5.48 -4.43 -57.88
C LEU I 132 5.83 -3.32 -58.87
N ASN I 133 5.30 -3.40 -60.09
CA ASN I 133 5.60 -2.39 -61.10
C ASN I 133 4.95 -1.06 -60.75
N ARG I 134 3.66 -1.09 -60.36
CA ARG I 134 2.95 0.16 -60.14
C ARG I 134 3.23 0.76 -58.77
N TYR I 135 3.12 -0.06 -57.71
CA TYR I 135 3.18 0.43 -56.34
C TYR I 135 4.54 0.23 -55.69
N GLY I 136 5.20 -0.89 -55.95
CA GLY I 136 6.45 -1.22 -55.29
C GLY I 136 6.31 -2.20 -54.15
N GLU I 137 5.11 -2.74 -53.92
CA GLU I 137 4.87 -3.69 -52.86
C GLU I 137 3.75 -4.62 -53.30
N ALA I 138 3.70 -5.79 -52.67
CA ALA I 138 2.65 -6.78 -52.93
C ALA I 138 1.80 -6.96 -51.68
N PHE I 139 0.52 -7.23 -51.89
CA PHE I 139 -0.43 -7.30 -50.78
C PHE I 139 -1.56 -8.27 -51.14
N TRP I 140 -2.28 -8.70 -50.11
CA TRP I 140 -3.48 -9.49 -50.34
C TRP I 140 -4.55 -8.62 -51.00
N GLN I 141 -5.21 -9.18 -52.00
CA GLN I 141 -6.19 -8.45 -52.78
C GLN I 141 -7.53 -9.17 -52.71
N ARG I 142 -8.62 -8.40 -52.62
CA ARG I 142 -9.94 -8.98 -52.48
C ARG I 142 -10.37 -9.78 -53.68
N ASP I 143 -9.76 -9.55 -54.86
CA ASP I 143 -10.07 -10.37 -56.02
C ASP I 143 -9.62 -11.81 -55.82
N TRP I 144 -8.45 -12.01 -55.20
CA TRP I 144 -7.93 -13.36 -54.99
C TRP I 144 -8.81 -14.14 -54.00
N TYR I 145 -9.22 -13.50 -52.92
CA TYR I 145 -9.78 -14.20 -51.77
C TYR I 145 -11.31 -14.25 -51.84
N LEU I 146 -11.81 -14.86 -52.91
CA LEU I 146 -13.23 -15.12 -53.00
C LEU I 146 -13.63 -16.18 -51.97
N PRO I 147 -14.85 -16.10 -51.44
CA PRO I 147 -15.26 -17.05 -50.38
C PRO I 147 -15.21 -18.50 -50.81
N ALA I 148 -15.60 -18.82 -52.03
CA ALA I 148 -15.67 -20.20 -52.48
C ALA I 148 -14.75 -20.52 -53.64
N LEU I 149 -14.87 -19.80 -54.75
CA LEU I 149 -14.10 -20.11 -55.94
C LEU I 149 -12.69 -19.56 -55.83
N PRO I 150 -11.65 -20.40 -55.89
CA PRO I 150 -10.27 -19.92 -55.82
C PRO I 150 -9.65 -19.63 -57.20
N TYR I 151 -10.34 -18.82 -57.99
CA TYR I 151 -9.86 -18.42 -59.32
C TYR I 151 -9.80 -16.90 -59.41
N CYS I 152 -8.72 -16.40 -59.99
CA CYS I 152 -8.60 -14.97 -60.24
C CYS I 152 -9.56 -14.56 -61.35
N PRO I 153 -10.34 -13.50 -61.17
CA PRO I 153 -11.37 -13.15 -62.16
C PRO I 153 -10.81 -12.85 -63.55
N LYS I 154 -9.62 -12.26 -63.65
CA LYS I 154 -9.04 -11.89 -64.93
C LYS I 154 -7.81 -12.71 -65.28
N HIS I 155 -7.45 -13.69 -64.47
CA HIS I 155 -6.27 -14.51 -64.70
C HIS I 155 -6.64 -15.98 -64.62
N GLY I 156 -5.64 -16.84 -64.81
CA GLY I 156 -5.88 -18.27 -64.87
C GLY I 156 -6.32 -18.88 -63.56
N ALA I 157 -5.43 -18.91 -62.57
CA ALA I 157 -5.73 -19.50 -61.27
C ALA I 157 -4.72 -18.98 -60.26
N LEU I 158 -4.86 -19.44 -59.02
CA LEU I 158 -3.98 -19.07 -57.93
C LEU I 158 -3.11 -20.26 -57.52
N VAL I 159 -2.01 -19.96 -56.83
CA VAL I 159 -1.08 -20.97 -56.34
C VAL I 159 -1.23 -21.04 -54.82
N PHE I 160 -1.70 -22.18 -54.32
CA PHE I 160 -1.73 -22.41 -52.89
C PHE I 160 -0.32 -22.57 -52.32
N PHE I 161 -0.17 -22.23 -51.04
CA PHE I 161 1.06 -22.52 -50.32
C PHE I 161 0.72 -22.65 -48.83
N ASP I 162 1.72 -23.04 -48.05
CA ASP I 162 1.50 -23.54 -46.70
C ASP I 162 1.09 -22.41 -45.75
N ARG I 163 0.92 -22.80 -44.48
CA ARG I 163 0.50 -21.94 -43.36
C ARG I 163 -0.94 -21.48 -43.52
N ALA I 164 -1.61 -21.24 -42.39
CA ALA I 164 -3.01 -20.84 -42.38
C ALA I 164 -3.28 -20.03 -41.13
N VAL I 165 -4.47 -19.41 -41.08
CA VAL I 165 -4.85 -18.58 -39.95
C VAL I 165 -5.05 -19.39 -38.69
N ASP I 166 -5.24 -20.71 -38.80
CA ASP I 166 -5.49 -21.54 -37.63
C ASP I 166 -4.23 -21.71 -36.79
N ASP I 167 -3.06 -21.59 -37.40
CA ASP I 167 -1.81 -21.82 -36.67
C ASP I 167 -1.63 -20.81 -35.54
N HIS I 168 -1.74 -19.53 -35.86
CA HIS I 168 -1.62 -18.46 -34.87
C HIS I 168 -2.81 -17.52 -35.01
N ARG I 169 -3.46 -17.22 -33.90
CA ARG I 169 -4.63 -16.36 -33.88
C ARG I 169 -4.31 -14.93 -33.44
N HIS I 170 -3.03 -14.59 -33.27
CA HIS I 170 -2.65 -13.27 -32.78
C HIS I 170 -1.52 -12.65 -33.59
N GLN I 171 -1.39 -12.99 -34.86
CA GLN I 171 -0.34 -12.44 -35.72
C GLN I 171 -0.90 -12.06 -37.07
N PHE I 172 -0.62 -10.84 -37.51
CA PHE I 172 -0.89 -10.42 -38.88
C PHE I 172 0.41 -10.57 -39.68
N TRP I 173 0.33 -11.26 -40.82
CA TRP I 173 1.51 -11.59 -41.59
C TRP I 173 1.40 -10.99 -42.99
N ALA I 174 2.54 -10.60 -43.54
CA ALA I 174 2.62 -9.90 -44.82
C ALA I 174 3.43 -10.74 -45.80
N LEU I 175 3.63 -10.19 -47.00
CA LEU I 175 4.31 -10.88 -48.08
C LEU I 175 5.35 -9.96 -48.73
N GLY I 176 6.49 -10.56 -49.11
CA GLY I 176 7.46 -9.91 -49.96
C GLY I 176 7.76 -10.81 -51.16
N HIS I 177 8.55 -10.26 -52.10
CA HIS I 177 8.88 -11.05 -53.29
C HIS I 177 9.84 -12.18 -52.97
N THR I 178 10.44 -12.20 -51.78
CA THR I 178 11.21 -13.36 -51.36
C THR I 178 10.33 -14.61 -51.35
N GLU I 179 9.10 -14.48 -50.87
CA GLU I 179 8.09 -15.50 -51.13
C GLU I 179 7.81 -15.47 -52.63
N LEU I 180 8.34 -16.45 -53.36
CA LEU I 180 8.43 -16.39 -54.81
C LEU I 180 7.17 -16.98 -55.45
N LEU I 181 6.82 -16.44 -56.61
CA LEU I 181 5.77 -17.00 -57.46
C LEU I 181 6.30 -18.26 -58.15
N SER I 182 6.40 -19.32 -57.35
CA SER I 182 6.94 -20.60 -57.83
C SER I 182 5.91 -21.25 -58.74
N ASP I 183 5.90 -20.81 -60.00
CA ASP I 183 4.90 -21.25 -60.94
C ASP I 183 5.14 -22.70 -61.36
N TYR I 184 4.04 -23.45 -61.49
CA TYR I 184 4.06 -24.80 -62.00
C TYR I 184 2.89 -24.95 -62.97
N PRO I 185 3.05 -25.74 -64.03
CA PRO I 185 1.96 -25.92 -65.00
C PRO I 185 0.71 -26.48 -64.34
N LYS I 186 -0.40 -25.76 -64.51
CA LYS I 186 -1.68 -26.12 -63.91
C LYS I 186 -2.79 -25.98 -64.93
N ASP I 187 -3.76 -26.88 -64.86
CA ASP I 187 -4.92 -26.84 -65.74
C ASP I 187 -6.04 -26.01 -65.12
N SER I 188 -6.90 -25.48 -65.98
CA SER I 188 -7.99 -24.63 -65.53
C SER I 188 -9.18 -24.80 -66.47
N LEU I 189 -10.36 -24.45 -65.96
CA LEU I 189 -11.60 -24.48 -66.73
C LEU I 189 -12.04 -23.05 -66.99
N SER I 190 -12.19 -22.70 -68.27
CA SER I 190 -12.54 -21.32 -68.64
C SER I 190 -13.95 -20.94 -68.21
N GLN I 191 -14.83 -21.92 -67.98
CA GLN I 191 -16.18 -21.60 -67.53
C GLN I 191 -16.17 -20.90 -66.18
N LEU I 192 -15.34 -21.38 -65.25
CA LEU I 192 -15.26 -20.72 -63.96
C LEU I 192 -14.52 -19.39 -64.04
N THR I 193 -13.60 -19.24 -65.00
CA THR I 193 -13.03 -17.93 -65.25
C THR I 193 -14.10 -16.94 -65.69
N ALA I 194 -14.99 -17.37 -66.58
CA ALA I 194 -16.11 -16.52 -67.00
C ALA I 194 -17.04 -16.21 -65.84
N LEU I 195 -17.30 -17.20 -64.98
CA LEU I 195 -18.15 -16.96 -63.82
C LEU I 195 -17.51 -15.98 -62.86
N ALA I 196 -16.19 -16.09 -62.65
CA ALA I 196 -15.48 -15.15 -61.79
C ALA I 196 -15.52 -13.75 -62.37
N ALA I 197 -15.38 -13.62 -63.70
CA ALA I 197 -15.51 -12.31 -64.33
C ALA I 197 -16.93 -11.77 -64.18
N TYR I 198 -17.93 -12.65 -64.24
CA TYR I 198 -19.32 -12.23 -64.06
C TYR I 198 -19.57 -11.71 -62.65
N ILE I 199 -19.02 -12.39 -61.65
CA ILE I 199 -19.28 -12.01 -60.26
C ILE I 199 -18.29 -10.99 -59.71
N ALA I 200 -17.24 -10.65 -60.47
CA ALA I 200 -16.24 -9.71 -59.98
C ALA I 200 -16.77 -8.30 -59.72
N PRO I 201 -17.54 -7.66 -60.62
CA PRO I 201 -17.96 -6.27 -60.35
C PRO I 201 -18.91 -6.11 -59.17
N LEU I 202 -19.41 -7.21 -58.60
CA LEU I 202 -20.31 -7.11 -57.45
C LEU I 202 -19.61 -6.58 -56.21
N LEU I 203 -18.28 -6.71 -56.13
CA LEU I 203 -17.56 -6.29 -54.93
C LEU I 203 -17.69 -4.80 -54.67
N ASP I 204 -17.59 -3.99 -55.72
CA ASP I 204 -17.73 -2.54 -55.61
C ASP I 204 -18.79 -2.09 -56.60
N ALA I 205 -19.83 -1.42 -56.10
CA ALA I 205 -20.91 -0.94 -56.94
C ALA I 205 -21.62 0.20 -56.24
N PRO I 206 -22.04 1.26 -56.97
CA PRO I 206 -22.77 2.34 -56.31
C PRO I 206 -24.09 1.91 -55.70
N ARG I 207 -24.77 0.94 -56.30
CA ARG I 207 -26.06 0.46 -55.84
C ARG I 207 -25.95 -0.87 -55.08
N ALA I 208 -24.80 -1.12 -54.44
CA ALA I 208 -24.56 -2.43 -53.86
C ALA I 208 -25.26 -2.63 -52.52
N GLN I 209 -25.69 -1.55 -51.87
CA GLN I 209 -26.15 -1.68 -50.49
C GLN I 209 -27.67 -1.55 -50.34
N GLU I 210 -28.30 -0.57 -50.99
CA GLU I 210 -29.72 -0.34 -50.76
C GLU I 210 -30.61 -1.42 -51.39
N LEU I 211 -30.05 -2.26 -52.27
CA LEU I 211 -30.83 -3.24 -53.02
C LEU I 211 -30.79 -4.57 -52.28
N SER I 212 -31.70 -4.74 -51.33
CA SER I 212 -31.83 -5.98 -50.57
C SER I 212 -33.27 -6.45 -50.63
N PRO I 213 -33.59 -7.43 -51.49
CA PRO I 213 -34.98 -7.90 -51.59
C PRO I 213 -35.45 -8.59 -50.32
N SER I 214 -36.75 -8.51 -50.07
CA SER I 214 -37.36 -9.17 -48.93
C SER I 214 -37.49 -10.67 -49.19
N LEU I 215 -37.90 -11.40 -48.15
CA LEU I 215 -37.96 -12.85 -48.21
C LEU I 215 -38.96 -13.33 -49.26
N GLU I 216 -40.16 -12.76 -49.26
CA GLU I 216 -41.18 -13.16 -50.23
C GLU I 216 -40.92 -12.61 -51.63
N GLN I 217 -40.03 -11.63 -51.76
CA GLN I 217 -39.71 -11.10 -53.08
C GLN I 217 -39.02 -12.14 -53.95
N TRP I 218 -38.21 -13.03 -53.35
CA TRP I 218 -37.61 -14.10 -54.13
C TRP I 218 -38.66 -15.04 -54.68
N THR I 219 -39.66 -15.41 -53.86
CA THR I 219 -40.73 -16.26 -54.33
C THR I 219 -41.56 -15.57 -55.41
N LEU I 220 -41.80 -14.27 -55.26
CA LEU I 220 -42.49 -13.52 -56.30
C LEU I 220 -41.70 -13.52 -57.60
N PHE I 221 -40.37 -13.38 -57.49
CA PHE I 221 -39.50 -13.45 -58.66
C PHE I 221 -39.60 -14.81 -59.34
N TYR I 222 -39.57 -15.89 -58.55
CA TYR I 222 -39.70 -17.22 -59.13
C TYR I 222 -41.05 -17.40 -59.81
N GLN I 223 -42.12 -16.91 -59.19
CA GLN I 223 -43.45 -17.04 -59.79
C GLN I 223 -43.54 -16.28 -61.11
N ARG I 224 -43.00 -15.06 -61.14
CA ARG I 224 -43.08 -14.28 -62.38
C ARG I 224 -42.21 -14.85 -63.47
N LEU I 225 -41.03 -15.37 -63.14
CA LEU I 225 -40.19 -15.99 -64.17
C LEU I 225 -40.82 -17.29 -64.67
N ALA I 226 -41.49 -18.05 -63.80
CA ALA I 226 -42.21 -19.23 -64.25
C ALA I 226 -43.35 -18.85 -65.17
N GLN I 227 -44.07 -17.77 -64.86
CA GLN I 227 -45.15 -17.31 -65.72
C GLN I 227 -44.62 -16.87 -67.08
N ASP I 228 -43.52 -16.11 -67.10
CA ASP I 228 -43.05 -15.52 -68.34
C ASP I 228 -42.28 -16.53 -69.18
N LEU I 229 -41.16 -17.05 -68.66
CA LEU I 229 -40.32 -17.96 -69.42
C LEU I 229 -41.05 -19.27 -69.71
N GLY I 230 -41.78 -19.80 -68.73
CA GLY I 230 -42.47 -21.06 -68.92
C GLY I 230 -41.55 -22.24 -69.13
N LEU I 231 -40.39 -22.25 -68.47
CA LEU I 231 -39.46 -23.36 -68.57
C LEU I 231 -39.85 -24.54 -67.70
N THR I 232 -40.98 -24.46 -66.98
CA THR I 232 -41.47 -25.54 -66.16
C THR I 232 -42.97 -25.69 -66.36
N LYS I 233 -43.47 -26.90 -66.11
CA LYS I 233 -44.90 -27.15 -66.18
C LYS I 233 -45.60 -26.51 -64.99
N SER I 234 -46.93 -26.50 -65.03
CA SER I 234 -47.71 -25.93 -63.95
C SER I 234 -47.57 -26.76 -62.68
N LYS I 235 -47.44 -26.06 -61.55
CA LYS I 235 -47.52 -26.61 -60.19
C LYS I 235 -46.45 -27.67 -59.88
N HIS I 236 -45.52 -27.92 -60.81
CA HIS I 236 -44.39 -28.80 -60.56
C HIS I 236 -43.20 -28.35 -61.39
N ILE I 237 -42.02 -28.81 -60.99
CA ILE I 237 -40.78 -28.47 -61.67
C ILE I 237 -40.63 -29.35 -62.91
N ARG I 238 -40.08 -28.77 -63.97
CA ARG I 238 -39.83 -29.54 -65.19
C ARG I 238 -38.74 -30.59 -64.97
N HIS I 239 -37.70 -30.23 -64.21
CA HIS I 239 -36.62 -31.11 -63.77
C HIS I 239 -35.71 -31.58 -64.91
N ASP I 240 -36.00 -31.20 -66.15
CA ASP I 240 -35.19 -31.64 -67.28
C ASP I 240 -34.47 -30.48 -67.97
N LEU I 241 -35.20 -29.47 -68.45
CA LEU I 241 -34.58 -28.41 -69.24
C LEU I 241 -33.65 -27.56 -68.39
N VAL I 242 -34.06 -27.22 -67.17
CA VAL I 242 -33.21 -26.41 -66.30
C VAL I 242 -31.92 -27.17 -65.97
N ALA I 243 -32.03 -28.46 -65.65
CA ALA I 243 -30.85 -29.25 -65.31
C ALA I 243 -29.90 -29.36 -66.49
N GLU I 244 -30.43 -29.65 -67.68
CA GLU I 244 -29.55 -29.82 -68.83
C GLU I 244 -28.92 -28.49 -69.24
N ARG I 245 -29.67 -27.39 -69.14
CA ARG I 245 -29.09 -26.09 -69.47
C ARG I 245 -28.01 -25.69 -68.48
N VAL I 246 -28.23 -25.97 -67.18
CA VAL I 246 -27.22 -25.65 -66.17
C VAL I 246 -25.97 -26.49 -66.40
N ARG I 247 -26.14 -27.77 -66.68
CA ARG I 247 -24.98 -28.64 -66.85
C ARG I 247 -24.31 -28.53 -68.22
N GLN I 248 -24.94 -27.86 -69.19
CA GLN I 248 -24.23 -27.55 -70.43
C GLN I 248 -23.55 -26.19 -70.34
N THR I 249 -24.15 -25.24 -69.62
CA THR I 249 -23.51 -23.94 -69.43
C THR I 249 -22.22 -24.08 -68.62
N PHE I 250 -22.25 -24.88 -67.56
CA PHE I 250 -21.08 -25.15 -66.72
C PHE I 250 -20.81 -26.64 -66.72
N SER I 251 -19.54 -27.01 -66.82
CA SER I 251 -19.17 -28.42 -66.89
C SER I 251 -19.39 -29.11 -65.54
N ASP I 252 -19.57 -30.43 -65.60
CA ASP I 252 -19.89 -31.20 -64.40
C ASP I 252 -18.69 -31.27 -63.45
N GLU I 253 -17.49 -31.52 -63.98
CA GLU I 253 -16.31 -31.54 -63.11
C GLU I 253 -16.01 -30.18 -62.52
N ALA I 254 -16.44 -29.10 -63.18
CA ALA I 254 -16.31 -27.77 -62.59
C ALA I 254 -17.12 -27.66 -61.31
N LEU I 255 -18.37 -28.11 -61.34
CA LEU I 255 -19.18 -28.13 -60.13
C LEU I 255 -18.68 -29.15 -59.13
N GLU I 256 -18.01 -30.21 -59.59
CA GLU I 256 -17.36 -31.15 -58.66
C GLU I 256 -16.25 -30.46 -57.90
N LYS I 257 -15.42 -29.66 -58.60
CA LYS I 257 -14.40 -28.88 -57.91
C LYS I 257 -15.03 -27.87 -56.97
N LEU I 258 -16.11 -27.21 -57.40
CA LEU I 258 -16.86 -26.33 -56.51
C LEU I 258 -17.60 -27.08 -55.42
N ASP I 259 -17.80 -28.39 -55.58
CA ASP I 259 -18.63 -29.21 -54.69
C ASP I 259 -20.07 -28.69 -54.65
N LEU I 260 -20.65 -28.59 -55.85
CA LEU I 260 -22.05 -28.24 -56.05
C LEU I 260 -22.70 -29.28 -56.96
N LYS I 261 -22.41 -30.55 -56.72
CA LYS I 261 -22.88 -31.61 -57.60
C LYS I 261 -24.39 -31.76 -57.55
N LEU I 262 -24.99 -31.99 -58.72
CA LEU I 262 -26.43 -32.21 -58.80
C LEU I 262 -26.78 -33.61 -58.30
N ALA I 263 -28.01 -33.74 -57.81
CA ALA I 263 -28.53 -35.00 -57.29
C ALA I 263 -29.94 -35.25 -57.84
N GLU I 264 -30.08 -35.13 -59.17
CA GLU I 264 -31.40 -35.20 -59.80
C GLU I 264 -32.08 -36.55 -59.61
N ASN I 265 -31.32 -37.59 -59.27
CA ASN I 265 -31.95 -38.89 -58.99
C ASN I 265 -32.84 -38.82 -57.76
N LYS I 266 -32.42 -38.11 -56.73
CA LYS I 266 -33.17 -37.98 -55.49
C LYS I 266 -33.89 -36.64 -55.43
N ASP I 267 -34.95 -36.60 -54.62
CA ASP I 267 -35.75 -35.38 -54.52
C ASP I 267 -35.05 -34.30 -53.70
N THR I 268 -34.28 -34.70 -52.68
CA THR I 268 -33.65 -33.76 -51.77
C THR I 268 -32.49 -33.08 -52.48
N CYS I 269 -32.71 -31.86 -52.96
CA CYS I 269 -31.66 -31.08 -53.61
C CYS I 269 -31.89 -29.61 -53.29
N TRP I 270 -30.79 -28.89 -53.04
CA TRP I 270 -30.89 -27.47 -52.72
C TRP I 270 -31.31 -26.65 -53.92
N LEU I 271 -30.87 -27.04 -55.13
CA LEU I 271 -31.30 -26.34 -56.33
C LEU I 271 -32.80 -26.47 -56.54
N LYS I 272 -33.34 -27.66 -56.33
CA LYS I 272 -34.80 -27.84 -56.40
C LYS I 272 -35.51 -27.09 -55.28
N SER I 273 -34.92 -27.09 -54.08
CA SER I 273 -35.57 -26.44 -52.94
C SER I 273 -35.58 -24.92 -53.05
N ILE I 274 -34.64 -24.34 -53.81
CA ILE I 274 -34.65 -22.89 -53.99
C ILE I 274 -35.92 -22.44 -54.71
N PHE I 275 -36.30 -23.17 -55.76
CA PHE I 275 -37.38 -22.71 -56.63
C PHE I 275 -38.73 -22.72 -55.92
N ARG I 276 -38.94 -23.63 -54.97
CA ARG I 276 -40.24 -23.76 -54.34
C ARG I 276 -40.46 -22.70 -53.27
N LYS I 277 -39.64 -22.71 -52.23
CA LYS I 277 -39.80 -21.76 -51.13
C LYS I 277 -38.42 -21.44 -50.55
N HIS I 278 -37.98 -20.20 -50.72
CA HIS I 278 -36.69 -19.75 -50.23
C HIS I 278 -36.90 -19.01 -48.91
N ARG I 279 -37.13 -19.78 -47.85
CA ARG I 279 -37.39 -19.19 -46.54
C ARG I 279 -36.10 -18.64 -45.91
N LYS I 280 -35.00 -19.36 -46.05
CA LYS I 280 -33.72 -18.96 -45.47
C LYS I 280 -32.77 -18.57 -46.58
N ALA I 281 -32.00 -17.51 -46.36
CA ALA I 281 -31.11 -16.98 -47.38
C ALA I 281 -29.95 -17.93 -47.64
N PHE I 282 -29.57 -18.07 -48.90
CA PHE I 282 -28.44 -18.89 -49.32
C PHE I 282 -27.31 -18.00 -49.83
N SER I 283 -26.25 -18.64 -50.34
CA SER I 283 -25.03 -17.94 -50.69
C SER I 283 -25.16 -17.31 -52.08
N TYR I 284 -24.09 -16.62 -52.51
CA TYR I 284 -24.11 -15.93 -53.79
C TYR I 284 -23.95 -16.89 -54.96
N LEU I 285 -23.33 -18.05 -54.72
CA LEU I 285 -23.06 -19.00 -55.81
C LEU I 285 -24.35 -19.44 -56.50
N GLN I 286 -25.36 -19.78 -55.71
CA GLN I 286 -26.57 -20.36 -56.26
C GLN I 286 -27.40 -19.32 -57.02
N HIS I 287 -27.54 -18.12 -56.47
CA HIS I 287 -28.23 -17.06 -57.18
C HIS I 287 -27.49 -16.68 -58.45
N SER I 288 -26.15 -16.64 -58.39
CA SER I 288 -25.36 -16.33 -59.58
C SER I 288 -25.54 -17.39 -60.66
N ILE I 289 -25.55 -18.66 -60.27
CA ILE I 289 -25.75 -19.74 -61.23
C ILE I 289 -27.13 -19.65 -61.86
N VAL I 290 -28.16 -19.39 -61.04
CA VAL I 290 -29.52 -19.27 -61.57
C VAL I 290 -29.61 -18.11 -62.55
N TRP I 291 -29.03 -16.96 -62.19
CA TRP I 291 -29.09 -15.79 -63.08
C TRP I 291 -28.33 -16.04 -64.37
N GLN I 292 -27.16 -16.67 -64.29
CA GLN I 292 -26.37 -16.92 -65.49
C GLN I 292 -27.05 -17.92 -66.41
N ALA I 293 -27.65 -18.98 -65.85
CA ALA I 293 -28.29 -19.98 -66.68
C ALA I 293 -29.58 -19.45 -67.30
N LEU I 294 -30.42 -18.79 -66.50
CA LEU I 294 -31.71 -18.35 -67.00
C LEU I 294 -31.56 -17.16 -67.95
N LEU I 295 -30.77 -16.16 -67.55
CA LEU I 295 -30.61 -14.93 -68.32
C LEU I 295 -29.15 -14.76 -68.73
N PRO I 296 -28.80 -15.06 -69.98
CA PRO I 296 -27.39 -14.96 -70.40
C PRO I 296 -26.97 -13.61 -70.97
N LYS I 297 -27.81 -12.58 -70.88
CA LYS I 297 -27.47 -11.27 -71.42
C LYS I 297 -27.86 -10.17 -70.42
N LEU I 298 -27.66 -10.43 -69.13
CA LEU I 298 -27.99 -9.45 -68.09
C LEU I 298 -26.82 -9.36 -67.11
N THR I 299 -26.46 -8.13 -66.74
CA THR I 299 -25.40 -7.89 -65.78
C THR I 299 -25.94 -8.07 -64.36
N VAL I 300 -25.03 -8.30 -63.42
CA VAL I 300 -25.43 -8.54 -62.03
C VAL I 300 -26.18 -7.33 -61.48
N ILE I 301 -25.68 -6.13 -61.74
CA ILE I 301 -26.36 -4.92 -61.29
C ILE I 301 -27.72 -4.79 -61.96
N GLU I 302 -27.78 -5.05 -63.28
CA GLU I 302 -29.04 -4.96 -63.99
C GLU I 302 -30.06 -5.97 -63.48
N ALA I 303 -29.63 -7.22 -63.28
CA ALA I 303 -30.53 -8.23 -62.76
C ALA I 303 -31.00 -7.88 -61.35
N LEU I 304 -30.08 -7.38 -60.52
CA LEU I 304 -30.45 -7.03 -59.16
C LEU I 304 -31.47 -5.89 -59.13
N GLN I 305 -31.28 -4.87 -59.97
CA GLN I 305 -32.22 -3.76 -59.96
C GLN I 305 -33.55 -4.17 -60.57
N GLN I 306 -33.53 -5.03 -61.59
CA GLN I 306 -34.78 -5.52 -62.16
C GLN I 306 -35.55 -6.38 -61.16
N ALA I 307 -34.84 -7.11 -60.31
CA ALA I 307 -35.49 -7.95 -59.32
C ALA I 307 -36.05 -7.11 -58.17
N SER I 308 -35.20 -6.28 -57.56
CA SER I 308 -35.60 -5.54 -56.38
C SER I 308 -36.50 -4.34 -56.69
N ALA I 309 -36.52 -3.87 -57.94
CA ALA I 309 -37.36 -2.71 -58.26
C ALA I 309 -38.83 -3.09 -58.30
N LEU I 310 -39.14 -4.28 -58.80
CA LEU I 310 -40.53 -4.72 -58.91
C LEU I 310 -40.82 -5.86 -57.94
N ALA J 3 -7.14 12.39 33.65
CA ALA J 3 -8.48 12.93 33.43
C ALA J 3 -8.76 14.08 34.40
N THR J 4 -7.72 14.86 34.71
CA THR J 4 -7.85 15.99 35.62
C THR J 4 -8.52 17.13 34.86
N ARG J 5 -9.82 16.99 34.65
CA ARG J 5 -10.58 17.93 33.82
C ARG J 5 -10.90 19.19 34.62
N ILE J 6 -9.87 20.01 34.81
CA ILE J 6 -10.05 21.30 35.46
C ILE J 6 -10.47 22.33 34.43
N GLN J 7 -11.40 23.21 34.81
CA GLN J 7 -11.78 24.30 33.93
C GLN J 7 -10.61 25.27 33.78
N ALA J 8 -10.43 25.75 32.56
CA ALA J 8 -9.26 26.58 32.24
C ALA J 8 -9.33 27.91 32.97
N VAL J 9 -8.41 28.12 33.91
CA VAL J 9 -8.20 29.42 34.53
C VAL J 9 -7.04 30.10 33.82
N TYR J 10 -7.30 31.29 33.28
CA TYR J 10 -6.38 31.93 32.34
C TYR J 10 -5.49 32.91 33.12
N ARG J 11 -4.28 32.45 33.46
CA ARG J 11 -3.28 33.34 34.00
C ARG J 11 -2.73 34.25 32.89
N ASP J 12 -1.99 35.27 33.29
CA ASP J 12 -1.39 36.22 32.36
C ASP J 12 0.12 36.10 32.45
N THR J 13 0.76 35.93 31.30
CA THR J 13 2.22 35.88 31.19
C THR J 13 2.71 37.13 30.50
N GLY J 14 3.74 37.75 31.06
CA GLY J 14 4.23 39.03 30.57
C GLY J 14 4.99 38.96 29.26
N VAL J 15 5.35 37.76 28.81
CA VAL J 15 6.05 37.62 27.55
C VAL J 15 5.10 37.95 26.39
N GLU J 16 5.61 38.74 25.44
CA GLU J 16 4.77 39.24 24.35
C GLU J 16 4.31 38.13 23.40
N ALA J 17 5.12 37.08 23.24
CA ALA J 17 4.79 36.04 22.28
C ALA J 17 3.60 35.21 22.74
N TYR J 18 3.48 34.98 24.04
CA TYR J 18 2.41 34.18 24.62
C TYR J 18 1.17 35.01 24.96
N ARG J 19 1.02 36.18 24.36
CA ARG J 19 -0.02 37.12 24.79
C ARG J 19 -1.38 36.67 24.27
N ASP J 20 -2.32 36.46 25.20
CA ASP J 20 -3.72 36.19 24.90
C ASP J 20 -3.89 34.96 24.01
N ASN J 21 -3.33 33.84 24.46
CA ASN J 21 -3.52 32.56 23.80
C ASN J 21 -4.30 31.64 24.72
N PRO J 22 -5.52 31.23 24.36
CA PRO J 22 -6.32 30.39 25.27
C PRO J 22 -5.66 29.07 25.62
N PHE J 23 -4.91 28.47 24.69
CA PHE J 23 -4.28 27.19 24.98
C PHE J 23 -3.13 27.34 25.97
N ILE J 24 -2.30 28.37 25.78
CA ILE J 24 -1.09 28.53 26.59
C ILE J 24 -1.43 28.93 28.02
N GLU J 25 -2.40 29.85 28.18
CA GLU J 25 -2.64 30.44 29.50
C GLU J 25 -3.14 29.42 30.51
N ALA J 26 -3.74 28.31 30.06
CA ALA J 26 -4.23 27.31 30.99
C ALA J 26 -3.11 26.53 31.67
N LEU J 27 -1.89 26.62 31.16
CA LEU J 27 -0.77 25.91 31.75
C LEU J 27 -0.33 26.57 33.06
N PRO J 28 0.32 25.83 33.94
CA PRO J 28 0.81 26.40 35.20
C PRO J 28 1.81 27.53 34.94
N PRO J 29 1.82 28.54 35.80
CA PRO J 29 2.73 29.67 35.58
C PRO J 29 4.18 29.30 35.84
N LEU J 30 5.08 30.08 35.24
CA LEU J 30 6.52 29.85 35.35
C LEU J 30 7.20 31.17 35.79
N GLN J 31 7.26 31.36 37.11
CA GLN J 31 8.04 32.44 37.70
C GLN J 31 8.99 31.95 38.77
N GLU J 32 8.56 30.98 39.58
CA GLU J 32 9.43 30.31 40.54
C GLU J 32 9.59 28.83 40.22
N SER J 33 9.52 28.46 38.94
CA SER J 33 9.65 27.07 38.54
C SER J 33 11.04 26.52 38.80
N VAL J 34 12.04 27.37 38.97
CA VAL J 34 13.39 26.90 39.30
C VAL J 34 13.38 26.16 40.64
N ASN J 35 12.75 26.76 41.65
CA ASN J 35 12.56 26.07 42.92
C ASN J 35 11.65 24.85 42.76
N SER J 36 10.63 24.98 41.90
CA SER J 36 9.77 23.82 41.62
C SER J 36 10.55 22.72 40.92
N ALA J 37 11.43 23.09 39.98
CA ALA J 37 12.25 22.08 39.32
C ALA J 37 13.23 21.42 40.29
N ALA J 38 13.76 22.19 41.24
CA ALA J 38 14.66 21.66 42.26
C ALA J 38 13.92 20.98 43.40
N SER J 39 12.60 21.02 43.41
CA SER J 39 11.79 20.39 44.45
C SER J 39 11.40 18.95 44.09
N LEU J 40 11.93 18.41 42.99
CA LEU J 40 11.60 17.04 42.61
C LEU J 40 12.14 16.03 43.61
N LYS J 41 13.08 16.45 44.47
CA LYS J 41 13.70 15.58 45.45
C LYS J 41 12.69 14.86 46.34
N SER J 42 12.84 13.55 46.46
CA SER J 42 12.00 12.74 47.34
C SER J 42 12.88 11.69 48.00
N SER J 43 12.53 11.34 49.24
CA SER J 43 13.32 10.38 50.01
C SER J 43 12.47 9.80 51.13
N LEU J 44 12.81 8.58 51.53
CA LEU J 44 12.17 7.97 52.68
C LEU J 44 12.58 8.65 53.98
N GLN J 45 11.73 8.56 54.99
CA GLN J 45 12.01 9.07 56.32
C GLN J 45 12.34 7.89 57.22
N LEU J 46 13.56 7.89 57.77
CA LEU J 46 14.03 6.83 58.65
C LEU J 46 14.47 7.42 59.97
N THR J 47 14.09 6.75 61.06
CA THR J 47 14.49 7.12 62.41
C THR J 47 15.24 5.98 63.06
N SER J 48 15.84 6.27 64.22
CA SER J 48 16.56 5.24 64.97
C SER J 48 15.65 4.15 65.52
N SER J 49 14.33 4.38 65.53
CA SER J 49 13.42 3.38 66.07
C SER J 49 13.42 2.10 65.23
N ASP J 50 13.52 2.24 63.91
CA ASP J 50 13.41 1.09 63.02
C ASP J 50 14.58 0.12 63.16
N LEU J 51 15.66 0.53 63.83
CA LEU J 51 16.83 -0.34 63.94
C LEU J 51 16.57 -1.55 64.81
N GLN J 52 15.83 -1.38 65.90
CA GLN J 52 15.66 -2.49 66.85
C GLN J 52 14.61 -3.49 66.42
N LYS J 53 13.90 -3.21 65.33
CA LYS J 53 12.92 -4.16 64.81
C LYS J 53 13.59 -5.46 64.38
N SER J 54 12.77 -6.46 64.12
CA SER J 54 13.25 -7.74 63.64
C SER J 54 13.82 -7.58 62.22
N ARG J 55 14.65 -8.56 61.84
CA ARG J 55 15.46 -8.41 60.63
C ARG J 55 14.61 -8.45 59.36
N VAL J 56 13.42 -9.03 59.44
CA VAL J 56 12.53 -9.06 58.27
C VAL J 56 11.97 -7.66 58.00
N ILE J 57 11.65 -6.91 59.06
CA ILE J 57 11.15 -5.55 58.87
C ILE J 57 12.23 -4.66 58.27
N ARG J 58 13.46 -4.80 58.75
CA ARG J 58 14.57 -4.06 58.15
C ARG J 58 14.80 -4.48 56.71
N ALA J 59 14.64 -5.78 56.41
CA ALA J 59 14.78 -6.24 55.04
C ALA J 59 13.73 -5.60 54.13
N HIS J 60 12.49 -5.51 54.60
CA HIS J 60 11.45 -4.84 53.82
C HIS J 60 11.77 -3.36 53.62
N THR J 61 12.25 -2.71 54.69
CA THR J 61 12.60 -1.30 54.58
C THR J 61 13.70 -1.07 53.56
N ILE J 62 14.72 -1.93 53.55
CA ILE J 62 15.79 -1.83 52.56
C ILE J 62 15.27 -2.13 51.17
N CYS J 63 14.40 -3.12 51.04
CA CYS J 63 13.83 -3.44 49.73
C CYS J 63 12.95 -2.31 49.19
N ARG J 64 12.47 -1.42 50.07
CA ARG J 64 11.66 -0.29 49.64
C ARG J 64 12.47 0.91 49.18
N ILE J 65 13.81 0.89 49.30
CA ILE J 65 14.60 2.09 48.99
C ILE J 65 14.67 2.42 47.51
N PRO J 66 14.79 1.46 46.57
CA PRO J 66 15.04 1.88 45.17
C PRO J 66 13.94 2.73 44.55
N ASP J 67 12.69 2.51 44.95
CA ASP J 67 11.58 3.13 44.23
C ASP J 67 11.39 4.59 44.65
N ASP J 68 11.56 4.89 45.95
CA ASP J 68 11.21 6.19 46.51
C ASP J 68 12.45 7.00 46.87
N TYR J 69 13.50 6.92 46.06
CA TYR J 69 14.69 7.74 46.22
C TYR J 69 15.01 8.44 44.92
N PHE J 70 15.14 9.77 44.96
CA PHE J 70 15.45 10.57 43.79
C PHE J 70 16.20 11.81 44.26
N GLN J 71 17.40 12.02 43.71
CA GLN J 71 18.18 13.22 43.98
C GLN J 71 18.46 13.93 42.66
N PRO J 72 17.94 15.14 42.47
CA PRO J 72 18.16 15.85 41.20
C PRO J 72 19.63 16.15 40.96
N LEU J 73 20.02 16.15 39.69
CA LEU J 73 21.39 16.45 39.30
C LEU J 73 21.44 17.58 38.29
N GLY J 74 22.61 17.83 37.71
CA GLY J 74 22.77 18.98 36.84
C GLY J 74 21.93 18.92 35.58
N THR J 75 21.90 17.76 34.92
CA THR J 75 21.22 17.64 33.64
C THR J 75 19.70 17.71 33.78
N HIS J 76 19.16 17.43 34.96
CA HIS J 76 17.71 17.48 35.13
C HIS J 76 17.17 18.89 34.96
N LEU J 77 17.89 19.89 35.47
CA LEU J 77 17.47 21.28 35.29
C LEU J 77 17.45 21.66 33.82
N LEU J 78 18.50 21.28 33.08
CA LEU J 78 18.56 21.58 31.65
C LEU J 78 17.42 20.90 30.90
N LEU J 79 17.15 19.63 31.22
CA LEU J 79 16.07 18.92 30.54
C LEU J 79 14.71 19.54 30.88
N SER J 80 14.52 19.94 32.13
CA SER J 80 13.26 20.57 32.52
C SER J 80 13.04 21.87 31.77
N GLU J 81 14.06 22.73 31.70
CA GLU J 81 13.92 23.99 30.99
C GLU J 81 13.69 23.77 29.50
N ARG J 82 14.42 22.82 28.90
CA ARG J 82 14.26 22.57 27.48
C ARG J 82 12.87 22.02 27.17
N ILE J 83 12.36 21.12 28.00
CA ILE J 83 11.03 20.57 27.75
C ILE J 83 9.96 21.62 27.99
N SER J 84 10.18 22.53 28.96
CA SER J 84 9.24 23.63 29.13
C SER J 84 9.21 24.54 27.91
N VAL J 85 10.39 24.84 27.35
CA VAL J 85 10.46 25.66 26.16
C VAL J 85 9.75 24.97 24.99
N MET J 86 9.98 23.67 24.82
CA MET J 86 9.34 22.94 23.73
C MET J 86 7.82 22.90 23.90
N ILE J 87 7.34 22.69 25.12
CA ILE J 87 5.90 22.61 25.35
C ILE J 87 5.24 23.96 25.12
N ARG J 88 5.79 25.02 25.71
CA ARG J 88 5.14 26.32 25.62
C ARG J 88 5.33 27.02 24.29
N GLY J 89 6.41 26.75 23.57
CA GLY J 89 6.59 27.35 22.27
C GLY J 89 5.86 26.66 21.14
N GLY J 90 5.22 25.52 21.43
CA GLY J 90 4.51 24.75 20.44
C GLY J 90 3.10 25.21 20.12
N TYR J 91 2.62 26.27 20.76
CA TYR J 91 1.26 26.75 20.56
C TYR J 91 1.20 28.15 19.96
N VAL J 92 2.34 28.70 19.51
CA VAL J 92 2.30 30.02 18.87
C VAL J 92 1.69 29.92 17.48
N GLY J 93 1.76 28.75 16.85
CA GLY J 93 1.19 28.61 15.52
C GLY J 93 -0.31 28.43 15.54
N ARG J 94 -0.80 27.46 16.30
CA ARG J 94 -2.22 27.11 16.32
C ARG J 94 -3.00 28.04 17.24
N ASN J 95 -2.95 29.33 16.93
CA ASN J 95 -3.71 30.31 17.69
C ASN J 95 -5.19 30.19 17.34
N PRO J 96 -6.06 29.91 18.30
CA PRO J 96 -7.48 29.68 17.97
C PRO J 96 -8.27 30.97 17.74
N LYS J 97 -7.95 32.03 18.49
CA LYS J 97 -8.74 33.26 18.40
C LYS J 97 -8.53 33.94 17.05
N THR J 98 -7.28 34.07 16.61
CA THR J 98 -6.98 34.65 15.32
C THR J 98 -6.90 33.53 14.28
N GLY J 99 -6.46 33.87 13.07
CA GLY J 99 -6.38 32.91 12.00
C GLY J 99 -5.19 31.97 12.13
N ASP J 100 -5.21 30.92 11.32
CA ASP J 100 -4.15 29.92 11.32
C ASP J 100 -2.96 30.42 10.51
N LEU J 101 -2.00 29.52 10.24
CA LEU J 101 -0.77 29.94 9.58
C LEU J 101 -1.01 30.28 8.10
N GLN J 102 -1.77 29.43 7.40
CA GLN J 102 -1.95 29.63 5.96
C GLN J 102 -2.62 30.96 5.66
N LYS J 103 -3.60 31.36 6.48
CA LYS J 103 -4.20 32.67 6.32
C LYS J 103 -3.17 33.78 6.50
N HIS J 104 -2.27 33.61 7.47
CA HIS J 104 -1.24 34.62 7.70
C HIS J 104 -0.31 34.75 6.50
N LEU J 105 0.15 33.62 5.94
CA LEU J 105 1.01 33.68 4.76
C LEU J 105 0.27 34.30 3.56
N GLN J 106 -0.99 33.90 3.35
CA GLN J 106 -1.74 34.46 2.22
C GLN J 106 -1.95 35.95 2.39
N ASN J 107 -2.27 36.40 3.60
CA ASN J 107 -2.43 37.83 3.86
C ASN J 107 -1.12 38.57 3.65
N GLY J 108 -0.01 37.99 4.09
CA GLY J 108 1.28 38.63 3.87
C GLY J 108 1.62 38.77 2.40
N TYR J 109 1.33 37.73 1.62
CA TYR J 109 1.55 37.81 0.17
C TYR J 109 0.66 38.87 -0.46
N GLU J 110 -0.61 38.92 -0.06
CA GLU J 110 -1.51 39.92 -0.62
C GLU J 110 -1.11 41.34 -0.24
N ARG J 111 -0.54 41.51 0.95
CA ARG J 111 -0.09 42.85 1.36
C ARG J 111 1.22 43.23 0.68
N VAL J 112 2.14 42.28 0.47
CA VAL J 112 3.37 42.60 -0.23
C VAL J 112 3.11 42.80 -1.72
N GLN J 113 2.04 42.24 -2.26
CA GLN J 113 1.59 42.54 -3.62
C GLN J 113 0.86 43.87 -3.56
N THR J 114 1.42 44.90 -4.22
CA THR J 114 0.95 46.27 -4.14
C THR J 114 1.05 46.78 -2.71
N GLY J 115 0.50 47.96 -2.44
CA GLY J 115 0.60 48.52 -1.10
C GLY J 115 2.01 49.02 -0.80
N GLU J 116 2.35 49.03 0.49
CA GLU J 116 3.66 49.53 0.89
C GLU J 116 4.28 48.64 1.97
N LEU J 117 3.90 47.36 1.99
CA LEU J 117 4.62 46.39 2.81
C LEU J 117 5.80 45.86 1.97
N GLU J 118 6.98 46.45 2.18
CA GLU J 118 8.08 46.26 1.25
C GLU J 118 8.59 44.81 1.25
N THR J 119 8.88 44.28 2.44
CA THR J 119 9.48 42.95 2.53
C THR J 119 8.70 42.09 3.51
N PHE J 120 8.44 40.85 3.10
CA PHE J 120 7.77 39.86 3.94
C PHE J 120 8.60 38.57 3.92
N ARG J 121 8.88 38.02 5.09
CA ARG J 121 9.70 36.83 5.22
C ARG J 121 8.82 35.59 5.28
N PHE J 122 9.09 34.63 4.40
CA PHE J 122 8.30 33.41 4.30
C PHE J 122 8.97 32.23 4.99
N GLU J 123 9.89 32.49 5.91
CA GLU J 123 10.67 31.42 6.52
C GLU J 123 9.80 30.45 7.32
N GLU J 124 8.81 30.99 8.05
CA GLU J 124 7.84 30.25 8.84
C GLU J 124 8.52 29.37 9.89
N ALA J 125 7.77 28.48 10.53
CA ALA J 125 8.28 27.66 11.62
C ALA J 125 8.66 26.27 11.14
N ARG J 126 9.88 25.85 11.46
CA ARG J 126 10.32 24.48 11.23
C ARG J 126 9.74 23.61 12.33
N SER J 127 8.78 22.75 11.95
CA SER J 127 7.89 22.09 12.91
C SER J 127 7.31 23.21 13.78
N THR J 128 7.45 23.16 15.10
CA THR J 128 7.29 24.34 15.93
C THR J 128 8.40 24.47 16.96
N ALA J 129 9.11 23.39 17.28
CA ALA J 129 10.33 23.41 18.06
C ALA J 129 11.15 22.20 17.62
N GLN J 130 12.45 22.25 17.90
CA GLN J 130 13.33 21.19 17.44
C GLN J 130 12.98 19.85 18.07
N SER J 131 13.03 18.80 17.26
CA SER J 131 12.71 17.44 17.70
C SER J 131 13.92 16.89 18.44
N LEU J 132 13.95 17.07 19.76
CA LEU J 132 15.09 16.64 20.56
C LEU J 132 15.24 15.12 20.50
N LEU J 133 16.49 14.66 20.51
CA LEU J 133 16.82 13.25 20.50
C LEU J 133 17.73 12.97 21.69
N LEU J 134 17.18 12.32 22.72
CA LEU J 134 17.87 12.17 24.00
C LEU J 134 18.60 10.83 24.05
N ILE J 135 19.70 10.76 23.30
CA ILE J 135 20.49 9.53 23.24
C ILE J 135 21.35 9.41 24.49
N GLY J 136 21.35 8.22 25.08
CA GLY J 136 22.18 7.96 26.26
C GLY J 136 22.28 6.47 26.49
N CYS J 137 23.27 6.11 27.31
CA CYS J 137 23.52 4.71 27.63
C CYS J 137 22.42 4.17 28.52
N SER J 138 22.05 2.91 28.30
CA SER J 138 21.01 2.27 29.11
C SER J 138 21.47 2.11 30.55
N GLY J 139 20.52 2.26 31.46
CA GLY J 139 20.83 2.24 32.87
C GLY J 139 21.20 3.58 33.48
N SER J 140 20.93 4.68 32.77
CA SER J 140 21.30 6.01 33.24
C SER J 140 20.17 6.76 33.92
N GLY J 141 18.92 6.45 33.60
CA GLY J 141 17.80 7.03 34.30
C GLY J 141 16.97 8.03 33.51
N LYS J 142 16.84 7.81 32.20
CA LYS J 142 16.03 8.70 31.38
C LYS J 142 14.54 8.56 31.70
N THR J 143 14.05 7.32 31.75
CA THR J 143 12.61 7.09 31.82
C THR J 143 12.01 7.63 33.10
N THR J 144 12.68 7.43 34.24
CA THR J 144 12.17 7.98 35.49
C THR J 144 12.22 9.50 35.48
N SER J 145 13.25 10.09 34.87
CA SER J 145 13.36 11.53 34.80
C SER J 145 12.18 12.13 34.01
N LEU J 146 11.88 11.56 32.85
CA LEU J 146 10.70 12.03 32.12
C LEU J 146 9.42 11.74 32.87
N HIS J 147 9.29 10.55 33.47
CA HIS J 147 8.07 10.19 34.18
C HIS J 147 7.77 11.16 35.31
N ARG J 148 8.80 11.73 35.92
CA ARG J 148 8.51 12.70 36.98
C ARG J 148 8.40 14.13 36.46
N ILE J 149 9.28 14.57 35.55
CA ILE J 149 9.23 15.97 35.12
C ILE J 149 8.15 16.24 34.08
N LEU J 150 7.48 15.21 33.56
CA LEU J 150 6.40 15.39 32.60
C LEU J 150 5.03 15.16 33.23
N ALA J 151 4.99 14.78 34.50
CA ALA J 151 3.73 14.51 35.20
C ALA J 151 3.28 15.68 36.07
N THR J 152 4.05 16.77 36.11
CA THR J 152 3.65 17.96 36.84
C THR J 152 2.71 18.85 36.04
N TYR J 153 2.48 18.54 34.76
CA TYR J 153 1.50 19.21 33.92
C TYR J 153 0.23 18.38 33.89
N PRO J 154 -0.94 18.98 34.15
CA PRO J 154 -2.19 18.23 33.99
C PRO J 154 -2.35 17.74 32.56
N GLN J 155 -2.82 16.51 32.41
CA GLN J 155 -2.83 15.88 31.10
C GLN J 155 -3.90 16.48 30.20
N VAL J 156 -5.11 16.66 30.73
CA VAL J 156 -6.26 17.12 29.95
C VAL J 156 -6.79 18.40 30.57
N ILE J 157 -6.90 19.45 29.76
CA ILE J 157 -7.48 20.72 30.17
C ILE J 157 -8.76 20.90 29.37
N TYR J 158 -9.89 20.50 29.96
CA TYR J 158 -11.17 20.55 29.27
C TYR J 158 -11.66 22.00 29.20
N HIS J 159 -11.73 22.55 27.99
CA HIS J 159 -12.14 23.92 27.80
C HIS J 159 -13.67 24.04 27.87
N ARG J 160 -14.15 25.28 27.92
CA ARG J 160 -15.57 25.56 28.15
C ARG J 160 -16.26 26.09 26.91
N GLU J 161 -15.77 27.20 26.34
CA GLU J 161 -16.42 27.78 25.17
C GLU J 161 -16.13 26.99 23.90
N LEU J 162 -14.94 26.38 23.83
CA LEU J 162 -14.57 25.54 22.70
C LEU J 162 -14.61 24.08 23.16
N ASN J 163 -15.41 23.26 22.46
CA ASN J 163 -15.58 21.86 22.83
C ASN J 163 -14.42 21.02 22.26
N VAL J 164 -13.23 21.30 22.78
CA VAL J 164 -12.01 20.61 22.38
C VAL J 164 -11.26 20.19 23.63
N GLU J 165 -10.42 19.17 23.48
CA GLU J 165 -9.58 18.66 24.57
C GLU J 165 -8.13 19.03 24.30
N GLN J 166 -7.49 19.65 25.29
CA GLN J 166 -6.11 20.10 25.17
C GLN J 166 -5.18 19.08 25.82
N VAL J 167 -4.93 17.99 25.09
CA VAL J 167 -3.96 17.00 25.55
C VAL J 167 -2.58 17.64 25.57
N VAL J 168 -1.94 17.61 26.73
CA VAL J 168 -0.69 18.35 26.94
C VAL J 168 0.51 17.47 26.61
N TYR J 169 0.44 16.18 26.93
CA TYR J 169 1.53 15.28 26.58
C TYR J 169 0.97 13.88 26.35
N LEU J 170 1.83 13.01 25.83
CA LEU J 170 1.44 11.66 25.47
C LEU J 170 2.69 10.78 25.50
N LYS J 171 2.47 9.47 25.50
CA LYS J 171 3.59 8.52 25.62
C LYS J 171 3.30 7.29 24.77
N ILE J 172 4.01 7.15 23.66
CA ILE J 172 4.10 5.88 22.97
C ILE J 172 5.25 5.07 23.54
N ASP J 173 5.12 3.75 23.50
CA ASP J 173 6.17 2.87 24.03
C ASP J 173 6.17 1.58 23.24
N CYS J 174 7.28 1.29 22.58
CA CYS J 174 7.44 0.05 21.85
C CYS J 174 7.75 -1.10 22.81
N SER J 175 7.90 -2.30 22.25
CA SER J 175 8.19 -3.49 23.04
C SER J 175 9.22 -4.33 22.29
N HIS J 176 9.51 -5.50 22.85
CA HIS J 176 10.51 -6.39 22.27
C HIS J 176 10.08 -6.87 20.89
N ASN J 177 10.99 -6.81 19.93
CA ASN J 177 10.76 -7.25 18.56
C ASN J 177 9.53 -6.57 17.96
N GLY J 178 9.54 -5.24 17.98
CA GLY J 178 8.45 -4.46 17.46
C GLY J 178 8.43 -4.41 15.95
N SER J 179 7.44 -3.69 15.43
CA SER J 179 7.24 -3.53 14.00
C SER J 179 6.96 -2.07 13.69
N LEU J 180 7.15 -1.70 12.43
CA LEU J 180 7.00 -0.30 12.03
C LEU J 180 5.55 0.16 12.18
N LYS J 181 4.59 -0.67 11.77
CA LYS J 181 3.18 -0.31 11.91
C LYS J 181 2.71 -0.37 13.35
N GLU J 182 3.46 -1.03 14.22
CA GLU J 182 3.05 -1.17 15.61
C GLU J 182 3.04 0.18 16.33
N ILE J 183 3.97 1.08 15.99
CA ILE J 183 3.97 2.41 16.60
C ILE J 183 2.73 3.19 16.19
N CYS J 184 2.37 3.12 14.91
CA CYS J 184 1.18 3.83 14.44
C CYS J 184 -0.08 3.28 15.10
N LEU J 185 -0.18 1.95 15.23
CA LEU J 185 -1.33 1.36 15.92
C LEU J 185 -1.34 1.74 17.39
N ASN J 186 -0.18 1.74 18.03
CA ASN J 186 -0.09 2.00 19.46
C ASN J 186 -0.41 3.45 19.79
N PHE J 187 -0.12 4.38 18.88
CA PHE J 187 -0.51 5.76 19.10
C PHE J 187 -2.03 5.89 19.23
N PHE J 188 -2.75 5.27 18.30
CA PHE J 188 -4.21 5.29 18.36
C PHE J 188 -4.72 4.58 19.60
N ARG J 189 -4.12 3.43 19.94
CA ARG J 189 -4.56 2.69 21.11
C ARG J 189 -4.34 3.47 22.39
N ALA J 190 -3.20 4.14 22.52
CA ALA J 190 -2.88 4.90 23.72
C ALA J 190 -3.63 6.21 23.81
N LEU J 191 -4.10 6.76 22.68
CA LEU J 191 -4.95 7.95 22.76
C LEU J 191 -6.25 7.66 23.48
N ASP J 192 -6.76 6.43 23.37
CA ASP J 192 -8.02 6.08 24.03
C ASP J 192 -7.90 6.16 25.54
N ARG J 193 -6.78 5.67 26.10
CA ARG J 193 -6.61 5.71 27.54
C ARG J 193 -6.54 7.15 28.06
N ALA J 194 -5.96 8.06 27.27
CA ALA J 194 -5.90 9.46 27.66
C ALA J 194 -7.23 10.18 27.47
N LEU J 195 -8.05 9.73 26.52
CA LEU J 195 -9.30 10.41 26.21
C LEU J 195 -10.55 9.66 26.66
N GLY J 196 -10.49 8.34 26.79
CA GLY J 196 -11.65 7.55 27.15
C GLY J 196 -12.54 7.16 25.98
N SER J 197 -12.15 7.47 24.75
CA SER J 197 -12.95 7.17 23.58
C SER J 197 -12.57 5.80 23.02
N ASN J 198 -13.04 5.50 21.81
CA ASN J 198 -12.84 4.22 21.16
C ASN J 198 -12.29 4.40 19.76
N TYR J 199 -11.23 5.22 19.65
CA TYR J 199 -10.64 5.53 18.34
C TYR J 199 -10.09 4.30 17.64
N GLU J 200 -9.71 3.26 18.39
CA GLU J 200 -9.18 2.05 17.77
C GLU J 200 -10.24 1.33 16.94
N ARG J 201 -11.50 1.43 17.34
CA ARG J 201 -12.57 0.73 16.60
C ARG J 201 -12.71 1.27 15.19
N ARG J 202 -12.62 2.59 15.02
CA ARG J 202 -12.85 3.21 13.73
C ARG J 202 -11.58 3.45 12.93
N TYR J 203 -10.44 3.69 13.59
CA TYR J 203 -9.21 4.01 12.90
C TYR J 203 -8.14 2.92 12.99
N GLY J 204 -8.30 1.94 13.87
CA GLY J 204 -7.26 0.97 14.11
C GLY J 204 -7.37 -0.31 13.31
N LEU J 205 -8.07 -0.26 12.18
CA LEU J 205 -8.20 -1.44 11.33
C LEU J 205 -6.86 -1.80 10.71
N LYS J 206 -6.57 -3.11 10.66
CA LYS J 206 -5.33 -3.59 10.06
C LYS J 206 -5.31 -3.45 8.55
N ARG J 207 -6.45 -3.20 7.92
CA ARG J 207 -6.50 -3.09 6.46
C ARG J 207 -5.75 -1.88 5.94
N HIS J 208 -5.64 -0.82 6.75
CA HIS J 208 -5.03 0.42 6.30
C HIS J 208 -3.53 0.24 6.05
N GLY J 209 -3.03 0.96 5.05
CA GLY J 209 -1.61 1.02 4.78
C GLY J 209 -0.91 2.00 5.71
N ILE J 210 0.41 2.05 5.57
CA ILE J 210 1.21 2.89 6.45
C ILE J 210 0.94 4.37 6.19
N GLU J 211 0.63 4.75 4.95
CA GLU J 211 0.35 6.15 4.65
C GLU J 211 -0.95 6.62 5.30
N THR J 212 -1.99 5.78 5.25
CA THR J 212 -3.29 6.16 5.78
C THR J 212 -3.25 6.37 7.29
N MET J 213 -2.43 5.59 7.99
CA MET J 213 -2.29 5.78 9.43
C MET J 213 -1.78 7.17 9.76
N LEU J 214 -0.72 7.61 9.05
CA LEU J 214 -0.18 8.95 9.28
C LEU J 214 -1.16 10.02 8.83
N ALA J 215 -1.89 9.77 7.74
CA ALA J 215 -2.87 10.75 7.28
C ALA J 215 -3.96 10.98 8.32
N LEU J 216 -4.47 9.90 8.92
CA LEU J 216 -5.46 10.05 9.98
C LEU J 216 -4.86 10.63 11.26
N MET J 217 -3.60 10.29 11.55
CA MET J 217 -2.92 10.87 12.70
C MET J 217 -2.81 12.38 12.57
N SER J 218 -2.55 12.88 11.35
CA SER J 218 -2.49 14.32 11.15
C SER J 218 -3.83 14.97 11.48
N GLN J 219 -4.94 14.38 11.01
CA GLN J 219 -6.26 14.92 11.28
C GLN J 219 -6.55 14.96 12.78
N ILE J 220 -6.33 13.83 13.46
CA ILE J 220 -6.66 13.77 14.88
C ILE J 220 -5.72 14.64 15.71
N ALA J 221 -4.45 14.76 15.31
CA ALA J 221 -3.52 15.62 16.03
C ALA J 221 -3.83 17.10 15.81
N ASN J 222 -4.40 17.44 14.66
CA ASN J 222 -4.84 18.82 14.46
C ASN J 222 -6.13 19.11 15.19
N ALA J 223 -7.03 18.13 15.28
CA ALA J 223 -8.33 18.36 15.93
C ALA J 223 -8.16 18.61 17.42
N HIS J 224 -7.43 17.73 18.10
CA HIS J 224 -7.12 17.91 19.52
C HIS J 224 -5.81 18.67 19.64
N ALA J 225 -5.81 19.77 20.40
CA ALA J 225 -4.61 20.57 20.58
C ALA J 225 -3.58 19.74 21.33
N LEU J 226 -2.58 19.23 20.61
CA LEU J 226 -1.61 18.29 21.16
C LEU J 226 -0.33 19.04 21.52
N GLY J 227 0.23 18.70 22.69
CA GLY J 227 1.42 19.38 23.16
C GLY J 227 2.72 18.67 22.83
N LEU J 228 2.75 17.36 22.98
CA LEU J 228 4.00 16.62 22.81
C LEU J 228 3.68 15.18 22.43
N LEU J 229 4.69 14.49 21.89
CA LEU J 229 4.56 13.09 21.49
C LEU J 229 5.90 12.42 21.77
N VAL J 230 5.99 11.72 22.88
CA VAL J 230 7.25 11.17 23.38
C VAL J 230 7.30 9.69 23.01
N ILE J 231 7.91 9.38 21.88
CA ILE J 231 8.23 7.98 21.57
C ILE J 231 9.40 7.53 22.43
N ASP J 232 9.30 6.32 22.98
CA ASP J 232 10.27 5.85 23.94
C ASP J 232 10.75 4.45 23.56
N GLU J 233 11.99 4.15 23.94
CA GLU J 233 12.61 2.84 23.78
C GLU J 233 12.62 2.40 22.32
N ILE J 234 13.33 3.20 21.51
CA ILE J 234 13.65 2.80 20.15
C ILE J 234 14.64 1.64 20.16
N GLN J 235 15.40 1.50 21.25
CA GLN J 235 16.40 0.44 21.38
C GLN J 235 15.78 -0.95 21.27
N HIS J 236 14.50 -1.10 21.67
CA HIS J 236 13.87 -2.41 21.67
C HIS J 236 13.49 -2.89 20.28
N LEU J 237 13.41 -1.99 19.31
CA LEU J 237 12.94 -2.36 17.98
C LEU J 237 13.97 -3.26 17.27
N SER J 238 13.47 -4.10 16.37
CA SER J 238 14.30 -4.95 15.53
C SER J 238 14.27 -4.44 14.10
N ARG J 239 15.45 -4.21 13.52
CA ARG J 239 15.53 -3.56 12.21
C ARG J 239 15.05 -4.48 11.10
N SER J 240 15.49 -5.74 11.12
CA SER J 240 15.25 -6.63 9.98
C SER J 240 13.78 -7.01 9.86
N ARG J 241 13.06 -7.15 10.97
CA ARG J 241 11.67 -7.56 10.93
C ARG J 241 10.80 -6.51 10.24
N SER J 242 11.04 -5.23 10.52
CA SER J 242 10.20 -4.18 9.95
C SER J 242 10.47 -3.99 8.46
N GLY J 243 11.73 -4.02 8.06
CA GLY J 243 12.09 -3.81 6.68
C GLY J 243 13.49 -3.20 6.59
N GLY J 244 13.67 -2.38 5.56
CA GLY J 244 14.94 -1.70 5.36
C GLY J 244 15.32 -0.80 6.52
N SER J 245 16.55 -0.96 7.02
CA SER J 245 16.98 -0.16 8.16
C SER J 245 17.12 1.31 7.79
N GLN J 246 17.64 1.61 6.60
CA GLN J 246 17.85 2.99 6.19
C GLN J 246 16.54 3.70 5.87
N GLU J 247 15.46 2.96 5.63
CA GLU J 247 14.16 3.58 5.39
C GLU J 247 13.45 3.97 6.68
N MET J 248 13.95 3.51 7.83
CA MET J 248 13.40 3.99 9.10
C MET J 248 13.61 5.48 9.27
N LEU J 249 14.77 5.98 8.85
CA LEU J 249 15.02 7.42 8.94
C LEU J 249 14.05 8.19 8.07
N ASN J 250 13.75 7.67 6.86
CA ASN J 250 12.74 8.29 6.01
C ASN J 250 11.38 8.29 6.69
N PHE J 251 11.01 7.17 7.32
CA PHE J 251 9.71 7.08 7.98
C PHE J 251 9.62 8.06 9.15
N PHE J 252 10.70 8.18 9.92
CA PHE J 252 10.69 9.11 11.05
C PHE J 252 10.66 10.55 10.59
N VAL J 253 11.37 10.88 9.50
CA VAL J 253 11.30 12.23 8.95
C VAL J 253 9.90 12.53 8.46
N THR J 254 9.25 11.55 7.83
CA THR J 254 7.86 11.73 7.40
C THR J 254 6.94 11.94 8.60
N MET J 255 7.19 11.22 9.70
CA MET J 255 6.43 11.45 10.92
C MET J 255 6.61 12.87 11.44
N VAL J 256 7.85 13.36 11.44
CA VAL J 256 8.12 14.69 11.98
C VAL J 256 7.49 15.76 11.10
N ASN J 257 7.53 15.58 9.78
CA ASN J 257 7.06 16.62 8.87
C ASN J 257 5.53 16.73 8.88
N ILE J 258 4.83 15.60 8.84
CA ILE J 258 3.39 15.61 8.60
C ILE J 258 2.63 16.07 9.84
N ILE J 259 2.96 15.52 11.01
CA ILE J 259 2.14 15.75 12.20
C ILE J 259 2.20 17.21 12.63
N GLY J 260 3.42 17.76 12.73
CA GLY J 260 3.59 19.17 13.02
C GLY J 260 3.73 19.52 14.48
N VAL J 261 3.33 18.65 15.41
CA VAL J 261 3.47 18.91 16.83
C VAL J 261 4.90 18.54 17.23
N PRO J 262 5.44 19.11 18.30
CA PRO J 262 6.79 18.70 18.73
C PRO J 262 6.83 17.24 19.12
N VAL J 263 7.88 16.56 18.68
CA VAL J 263 8.07 15.13 18.91
C VAL J 263 9.49 14.92 19.42
N MET J 264 9.64 14.06 20.42
CA MET J 264 10.93 13.79 21.04
C MET J 264 11.15 12.30 21.16
N LEU J 265 12.18 11.80 20.49
CA LEU J 265 12.52 10.38 20.53
C LEU J 265 13.56 10.10 21.60
N ILE J 266 13.65 8.82 21.98
CA ILE J 266 14.62 8.35 22.97
C ILE J 266 15.29 7.11 22.40
N GLY J 267 16.57 6.96 22.71
CA GLY J 267 17.29 5.79 22.23
C GLY J 267 18.61 5.62 22.95
N THR J 268 19.36 4.64 22.48
CA THR J 268 20.68 4.29 22.96
C THR J 268 21.70 4.44 21.83
N PRO J 269 23.00 4.53 22.15
CA PRO J 269 24.00 4.68 21.08
C PRO J 269 23.95 3.61 20.01
N LYS J 270 23.33 2.45 20.28
CA LYS J 270 23.06 1.49 19.21
C LYS J 270 22.11 2.08 18.18
N ALA J 271 21.09 2.79 18.62
CA ALA J 271 20.12 3.40 17.71
C ALA J 271 20.64 4.66 17.05
N ARG J 272 21.80 5.17 17.47
CA ARG J 272 22.33 6.40 16.90
C ARG J 272 22.65 6.26 15.42
N GLU J 273 23.13 5.08 15.00
CA GLU J 273 23.53 4.88 13.61
C GLU J 273 22.37 4.98 12.63
N ILE J 274 21.13 4.89 13.12
CA ILE J 274 19.99 5.09 12.23
C ILE J 274 19.88 6.56 11.83
N PHE J 275 20.08 7.47 12.79
CA PHE J 275 19.92 8.89 12.55
C PHE J 275 21.25 9.61 12.29
N GLU J 276 22.38 8.89 12.28
CA GLU J 276 23.68 9.55 12.20
C GLU J 276 23.86 10.32 10.90
N ALA J 277 23.12 9.97 9.84
CA ALA J 277 23.27 10.68 8.56
C ALA J 277 22.87 12.14 8.70
N ASP J 278 21.75 12.39 9.40
CA ASP J 278 21.30 13.77 9.58
C ASP J 278 22.07 14.49 10.68
N LEU J 279 22.56 13.76 11.69
CA LEU J 279 23.22 14.39 12.82
C LEU J 279 24.56 15.02 12.42
N ARG J 280 25.33 14.32 11.59
CA ARG J 280 26.66 14.82 11.22
C ARG J 280 26.56 16.14 10.47
N SER J 281 25.61 16.25 9.55
CA SER J 281 25.43 17.49 8.80
C SER J 281 24.89 18.59 9.71
N ALA J 282 25.38 19.81 9.50
CA ALA J 282 24.89 20.99 10.19
C ALA J 282 23.67 21.60 9.49
N ARG J 283 23.00 20.83 8.64
CA ARG J 283 21.88 21.33 7.87
C ARG J 283 20.73 21.77 8.77
N ARG J 284 20.19 22.95 8.48
CA ARG J 284 18.93 23.38 9.10
C ARG J 284 17.77 22.71 8.38
N GLY J 285 16.84 22.16 9.16
CA GLY J 285 15.76 21.35 8.64
C GLY J 285 15.88 19.89 9.00
N ALA J 286 17.10 19.36 9.03
CA ALA J 286 17.32 18.03 9.60
C ALA J 286 17.00 18.04 11.09
N GLY J 287 17.41 19.09 11.80
CA GLY J 287 17.09 19.21 13.21
C GLY J 287 17.69 18.08 14.02
N PHE J 288 16.85 17.47 14.86
CA PHE J 288 17.23 16.33 15.68
C PHE J 288 18.45 16.66 16.57
N GLY J 289 18.34 17.77 17.29
CA GLY J 289 19.36 18.11 18.26
C GLY J 289 19.46 17.05 19.34
N ALA J 290 20.68 16.81 19.81
CA ALA J 290 20.96 15.74 20.74
C ALA J 290 21.52 16.30 22.04
N ILE J 291 20.92 15.90 23.15
CA ILE J 291 21.45 16.17 24.48
C ILE J 291 22.01 14.84 24.99
N PHE J 292 23.33 14.72 24.99
CA PHE J 292 23.96 13.46 25.34
C PHE J 292 23.92 13.22 26.84
N TRP J 293 23.51 12.00 27.22
CA TRP J 293 23.50 11.57 28.61
C TRP J 293 24.78 10.80 28.90
N ASP J 294 25.49 11.22 29.95
CA ASP J 294 26.76 10.60 30.30
C ASP J 294 26.74 10.22 31.77
N PRO J 295 27.41 9.14 32.15
CA PRO J 295 27.48 8.76 33.57
C PRO J 295 28.20 9.82 34.38
N ILE J 296 28.04 9.71 35.71
CA ILE J 296 28.65 10.67 36.62
C ILE J 296 30.17 10.54 36.57
N GLN J 297 30.85 11.67 36.40
CA GLN J 297 32.32 11.68 36.36
C GLN J 297 32.87 11.84 37.77
N GLN J 298 33.93 11.09 38.08
CA GLN J 298 34.49 11.13 39.42
C GLN J 298 35.24 12.43 39.68
N THR J 299 36.06 12.87 38.72
CA THR J 299 37.00 13.95 38.96
C THR J 299 36.69 15.16 38.10
N GLN J 300 37.03 16.34 38.61
CA GLN J 300 36.89 17.60 37.90
C GLN J 300 38.08 18.49 38.23
N ARG J 301 38.80 18.91 37.18
CA ARG J 301 40.00 19.75 37.34
C ARG J 301 41.01 19.12 38.29
N GLY J 302 41.19 17.81 38.18
CA GLY J 302 42.10 17.11 39.05
C GLY J 302 41.63 16.98 40.48
N LYS J 303 40.35 17.20 40.74
CA LYS J 303 39.75 17.10 42.06
C LYS J 303 38.43 16.36 41.95
N PRO J 304 38.00 15.68 43.02
CA PRO J 304 36.73 14.95 42.97
C PRO J 304 35.57 15.86 42.60
N ASN J 305 34.72 15.38 41.69
CA ASN J 305 33.56 16.15 41.28
C ASN J 305 32.54 16.22 42.40
N GLN J 306 31.95 17.40 42.58
CA GLN J 306 31.00 17.61 43.68
C GLN J 306 29.71 16.83 43.50
N GLU J 307 29.31 16.54 42.26
CA GLU J 307 28.11 15.73 42.04
C GLU J 307 28.25 14.36 42.66
N TRP J 308 29.41 13.73 42.48
CA TRP J 308 29.62 12.37 42.96
C TRP J 308 29.54 12.30 44.47
N ILE J 309 30.25 13.19 45.17
CA ILE J 309 30.24 13.17 46.63
C ILE J 309 28.87 13.59 47.16
N ALA J 310 28.22 14.54 46.49
CA ALA J 310 26.89 14.99 46.93
C ALA J 310 25.88 13.86 46.86
N PHE J 311 25.92 13.07 45.78
CA PHE J 311 25.04 11.91 45.69
C PHE J 311 25.46 10.82 46.67
N THR J 312 26.76 10.63 46.84
CA THR J 312 27.27 9.52 47.65
C THR J 312 26.88 9.68 49.11
N ASP J 313 27.09 10.88 49.67
CA ASP J 313 26.74 11.10 51.08
C ASP J 313 25.24 10.95 51.30
N ASN J 314 24.43 11.51 50.39
CA ASN J 314 22.98 11.42 50.54
C ASN J 314 22.51 9.98 50.48
N LEU J 315 23.07 9.17 49.58
CA LEU J 315 22.70 7.76 49.53
C LEU J 315 23.23 7.00 50.74
N TRP J 316 24.38 7.42 51.28
CA TRP J 316 24.98 6.76 52.43
C TRP J 316 24.28 7.08 53.73
N GLN J 317 23.48 8.16 53.76
CA GLN J 317 22.71 8.46 54.96
C GLN J 317 21.56 7.48 55.19
N LEU J 318 21.18 6.69 54.18
CA LEU J 318 20.04 5.79 54.31
C LEU J 318 20.38 4.45 54.94
N GLN J 319 21.66 4.22 55.27
CA GLN J 319 22.05 2.97 55.89
C GLN J 319 21.51 2.86 57.31
N LEU J 320 21.04 1.65 57.68
CA LEU J 320 20.57 1.33 59.01
C LEU J 320 21.35 0.17 59.63
N LEU J 321 22.64 0.07 59.33
CA LEU J 321 23.45 -1.02 59.86
C LEU J 321 23.65 -0.87 61.36
N GLN J 322 23.69 -2.01 62.05
CA GLN J 322 23.81 -1.98 63.51
C GLN J 322 25.22 -1.60 63.95
N ARG J 323 26.24 -2.13 63.27
CA ARG J 323 27.63 -1.83 63.58
C ARG J 323 28.17 -0.68 62.72
N LYS J 324 27.30 0.23 62.33
CA LYS J 324 27.66 1.27 61.38
C LYS J 324 28.41 2.41 62.05
N ASP J 325 29.46 2.89 61.37
CA ASP J 325 30.19 4.09 61.77
C ASP J 325 29.60 5.30 61.07
N ALA J 326 29.72 6.46 61.72
CA ALA J 326 29.11 7.67 61.20
C ALA J 326 29.71 8.08 59.85
N LEU J 327 31.02 8.00 59.73
CA LEU J 327 31.72 8.51 58.56
C LEU J 327 31.98 7.42 57.53
N LEU J 328 31.76 7.76 56.27
CA LEU J 328 32.14 6.88 55.17
C LEU J 328 33.65 6.86 54.99
N SER J 329 34.22 5.66 54.88
CA SER J 329 35.65 5.52 54.66
C SER J 329 36.02 5.86 53.22
N ASP J 330 37.25 6.33 53.02
CA ASP J 330 37.67 6.78 51.70
C ASP J 330 37.96 5.61 50.75
N GLU J 331 38.39 4.47 51.29
CA GLU J 331 38.77 3.34 50.44
C GLU J 331 37.58 2.81 49.64
N VAL J 332 36.44 2.63 50.30
CA VAL J 332 35.25 2.15 49.58
C VAL J 332 34.78 3.20 48.58
N ARG J 333 34.85 4.49 48.95
CA ARG J 333 34.58 5.57 48.00
C ARG J 333 35.43 5.44 46.76
N ASP J 334 36.69 5.07 46.92
CA ASP J 334 37.55 4.84 45.77
C ASP J 334 37.14 3.59 45.00
N VAL J 335 36.65 2.56 45.69
CA VAL J 335 36.55 1.26 45.04
C VAL J 335 35.25 1.11 44.26
N TRP J 336 34.10 1.57 44.79
CA TRP J 336 32.88 1.20 44.06
C TRP J 336 32.71 2.00 42.77
N TYR J 337 33.39 3.13 42.62
CA TYR J 337 33.31 3.84 41.35
C TYR J 337 33.95 3.01 40.23
N GLU J 338 35.15 2.50 40.47
CA GLU J 338 35.76 1.60 39.49
C GLU J 338 35.01 0.28 39.40
N LEU J 339 34.29 -0.10 40.45
CA LEU J 339 33.48 -1.31 40.38
C LEU J 339 32.29 -1.13 39.46
N SER J 340 31.68 0.06 39.45
CA SER J 340 30.43 0.29 38.74
C SER J 340 30.51 1.34 37.64
N GLN J 341 31.67 1.98 37.45
CA GLN J 341 31.91 2.95 36.37
C GLN J 341 30.96 4.14 36.41
N GLY J 342 30.23 4.35 37.51
CA GLY J 342 29.36 5.49 37.64
C GLY J 342 28.01 5.37 36.97
N VAL J 343 27.68 4.21 36.40
CA VAL J 343 26.37 4.03 35.80
C VAL J 343 25.30 4.17 36.88
N MET J 344 24.29 4.98 36.60
CA MET J 344 23.38 5.44 37.64
C MET J 344 22.59 4.29 38.26
N ASP J 345 22.13 3.34 37.44
CA ASP J 345 21.25 2.28 37.95
C ASP J 345 22.01 1.35 38.90
N ILE J 346 23.18 0.86 38.47
CA ILE J 346 23.83 -0.21 39.21
C ILE J 346 24.54 0.28 40.48
N VAL J 347 24.84 1.58 40.57
CA VAL J 347 25.43 2.11 41.80
C VAL J 347 24.47 1.93 42.97
N VAL J 348 23.19 2.24 42.76
CA VAL J 348 22.19 2.05 43.80
C VAL J 348 21.97 0.56 44.06
N LYS J 349 21.99 -0.26 43.00
CA LYS J 349 21.75 -1.69 43.15
C LYS J 349 22.82 -2.37 44.00
N LEU J 350 24.08 -1.98 43.81
CA LEU J 350 25.15 -2.56 44.62
C LEU J 350 24.94 -2.26 46.11
N PHE J 351 24.59 -1.00 46.42
CA PHE J 351 24.33 -0.64 47.81
C PHE J 351 23.11 -1.36 48.36
N VAL J 352 22.08 -1.58 47.54
CA VAL J 352 20.91 -2.31 47.99
C VAL J 352 21.28 -3.76 48.32
N LEU J 353 22.02 -4.41 47.44
CA LEU J 353 22.36 -5.81 47.64
C LEU J 353 23.37 -6.01 48.75
N ALA J 354 24.21 -4.99 49.02
CA ALA J 354 25.24 -5.12 50.04
C ALA J 354 24.63 -5.34 51.42
N GLN J 355 23.58 -4.59 51.75
CA GLN J 355 22.98 -4.72 53.07
C GLN J 355 22.30 -6.08 53.24
N LEU J 356 21.63 -6.56 52.19
CA LEU J 356 21.00 -7.88 52.26
C LEU J 356 22.06 -8.97 52.41
N ARG J 357 23.18 -8.85 51.71
CA ARG J 357 24.22 -9.87 51.82
C ARG J 357 24.89 -9.83 53.19
N ALA J 358 25.10 -8.62 53.73
CA ALA J 358 25.75 -8.49 55.03
C ALA J 358 24.84 -8.90 56.17
N LEU J 359 23.52 -8.79 56.01
CA LEU J 359 22.60 -9.22 57.04
C LEU J 359 22.60 -10.73 57.23
N ALA J 360 23.08 -11.48 56.23
CA ALA J 360 23.10 -12.94 56.29
C ALA J 360 24.48 -13.54 56.41
N LEU J 361 25.51 -12.92 55.83
CA LEU J 361 26.85 -13.49 55.89
C LEU J 361 27.48 -13.39 57.27
N GLY J 362 27.00 -12.49 58.13
CA GLY J 362 27.66 -12.28 59.40
C GLY J 362 27.63 -10.85 59.90
N ASN J 363 28.81 -10.27 60.10
CA ASN J 363 28.92 -8.93 60.66
C ASN J 363 28.18 -7.91 59.81
N GLU J 364 27.54 -6.95 60.48
CA GLU J 364 26.71 -5.94 59.82
C GLU J 364 27.55 -4.68 59.61
N ARG J 365 28.31 -4.69 58.51
CA ARG J 365 29.15 -3.56 58.14
C ARG J 365 29.35 -3.60 56.63
N ILE J 366 30.09 -2.61 56.13
CA ILE J 366 30.36 -2.48 54.69
C ILE J 366 31.87 -2.55 54.49
N THR J 367 32.31 -3.47 53.65
CA THR J 367 33.71 -3.64 53.31
C THR J 367 33.86 -3.73 51.80
N ALA J 368 35.09 -3.46 51.34
CA ALA J 368 35.37 -3.54 49.91
C ALA J 368 35.19 -4.96 49.39
N GLY J 369 35.60 -5.96 50.19
CA GLY J 369 35.40 -7.34 49.79
C GLY J 369 33.94 -7.71 49.63
N LEU J 370 33.07 -7.15 50.48
CA LEU J 370 31.64 -7.41 50.34
C LEU J 370 31.10 -6.87 49.02
N LEU J 371 31.50 -5.65 48.65
CA LEU J 371 31.08 -5.09 47.38
C LEU J 371 31.63 -5.89 46.20
N ARG J 372 32.89 -6.34 46.31
CA ARG J 372 33.45 -7.21 45.27
C ARG J 372 32.63 -8.48 45.13
N GLN J 373 32.28 -9.10 46.26
CA GLN J 373 31.52 -10.34 46.24
C GLN J 373 30.16 -10.13 45.60
N VAL J 374 29.48 -9.03 45.93
CA VAL J 374 28.21 -8.71 45.28
C VAL J 374 28.41 -8.51 43.78
N TYR J 375 29.53 -7.90 43.40
CA TYR J 375 29.83 -7.68 42.00
C TYR J 375 29.95 -8.99 41.23
N GLN J 376 30.68 -9.97 41.79
CA GLN J 376 30.71 -11.26 41.13
C GLN J 376 29.40 -12.02 41.26
N ASP J 377 28.56 -11.67 42.24
CA ASP J 377 27.30 -12.38 42.42
C ASP J 377 26.27 -11.98 41.36
N GLU J 378 25.89 -10.70 41.33
CA GLU J 378 24.69 -10.32 40.59
C GLU J 378 24.91 -9.31 39.48
N LEU J 379 26.14 -9.13 39.00
CA LEU J 379 26.39 -8.29 37.83
C LEU J 379 26.99 -9.09 36.67
N LYS J 380 26.68 -10.38 36.59
CA LYS J 380 27.25 -11.21 35.52
C LYS J 380 26.87 -10.76 34.12
N PRO J 381 25.60 -10.46 33.80
CA PRO J 381 25.30 -10.05 32.42
C PRO J 381 25.94 -8.73 32.01
N VAL J 382 26.37 -7.90 32.96
CA VAL J 382 26.87 -6.56 32.65
C VAL J 382 28.38 -6.47 32.84
N HIS J 383 29.08 -7.60 32.99
CA HIS J 383 30.53 -7.58 32.91
C HIS J 383 31.08 -7.00 31.61
N PRO J 384 30.59 -7.36 30.41
CA PRO J 384 31.19 -6.79 29.20
C PRO J 384 30.99 -5.29 29.04
N MET J 385 29.80 -4.78 29.34
CA MET J 385 29.53 -3.35 29.14
C MET J 385 30.34 -2.48 30.09
N LEU J 386 30.50 -2.93 31.34
CA LEU J 386 31.26 -2.17 32.32
C LEU J 386 32.73 -2.03 31.88
N GLU J 387 33.34 -3.14 31.45
CA GLU J 387 34.72 -3.07 31.00
C GLU J 387 34.84 -2.34 29.66
N ALA J 388 33.76 -2.36 28.85
CA ALA J 388 33.76 -1.54 27.64
C ALA J 388 33.78 -0.06 27.98
N LEU J 389 33.01 0.35 28.99
CA LEU J 389 33.07 1.72 29.48
C LEU J 389 34.45 2.04 30.04
N ARG J 390 35.06 1.08 30.73
CA ARG J 390 36.42 1.29 31.23
C ARG J 390 37.42 1.47 30.09
N SER J 391 37.22 0.77 28.97
CA SER J 391 38.16 0.85 27.86
C SER J 391 38.19 2.26 27.26
N GLY J 392 37.02 2.87 27.08
CA GLY J 392 36.92 4.20 26.52
C GLY J 392 36.77 4.27 25.02
N ILE J 393 36.93 3.15 24.32
CA ILE J 393 36.76 3.14 22.86
C ILE J 393 35.27 3.20 22.54
N PRO J 394 34.84 4.11 21.66
CA PRO J 394 33.40 4.22 21.37
C PRO J 394 32.78 2.96 20.80
N GLU J 395 33.51 2.18 20.00
CA GLU J 395 32.95 0.97 19.41
C GLU J 395 32.61 -0.06 20.49
N ARG J 396 33.50 -0.23 21.48
CA ARG J 396 33.27 -1.20 22.53
C ARG J 396 32.02 -0.83 23.35
N ILE J 397 31.84 0.46 23.63
CA ILE J 397 30.65 0.90 24.34
C ILE J 397 29.40 0.72 23.48
N ALA J 398 29.51 1.01 22.18
CA ALA J 398 28.35 0.91 21.30
C ALA J 398 27.87 -0.53 21.16
N ARG J 399 28.81 -1.47 21.04
CA ARG J 399 28.43 -2.87 20.84
C ARG J 399 27.72 -3.44 22.06
N TYR J 400 28.16 -3.06 23.26
CA TYR J 400 27.66 -3.66 24.48
C TYR J 400 26.54 -2.85 25.14
N SER J 401 25.96 -1.89 24.43
CA SER J 401 24.80 -1.18 24.95
C SER J 401 23.57 -2.09 24.95
N ASP J 402 22.48 -1.59 25.52
CA ASP J 402 21.19 -2.24 25.68
C ASP J 402 21.22 -3.37 26.70
N LEU J 403 22.37 -3.70 27.27
CA LEU J 403 22.43 -4.77 28.27
C LEU J 403 21.85 -4.30 29.59
N VAL J 404 21.03 -5.15 30.20
CA VAL J 404 20.40 -4.90 31.49
C VAL J 404 20.37 -6.23 32.22
N VAL J 405 20.41 -6.17 33.56
CA VAL J 405 20.28 -7.38 34.39
C VAL J 405 18.83 -7.83 34.41
N PRO J 406 18.51 -9.08 34.00
CA PRO J 406 17.13 -9.56 34.11
C PRO J 406 16.66 -9.81 35.53
N GLU J 407 15.38 -9.54 35.81
CA GLU J 407 14.65 -10.23 36.88
C GLU J 407 15.30 -10.05 38.25
N ILE J 408 15.64 -8.81 38.59
CA ILE J 408 16.23 -8.54 39.91
C ILE J 408 15.17 -8.65 41.00
N ASP J 409 13.92 -8.30 40.68
CA ASP J 409 12.87 -8.28 41.69
C ASP J 409 12.60 -9.67 42.24
N LYS J 410 12.55 -10.68 41.38
CA LYS J 410 12.37 -12.04 41.85
C LYS J 410 13.53 -12.48 42.73
N ARG J 411 14.74 -12.02 42.41
CA ARG J 411 15.90 -12.38 43.20
C ARG J 411 15.82 -11.73 44.59
N LEU J 412 15.24 -10.53 44.66
CA LEU J 412 15.05 -9.87 45.95
C LEU J 412 14.16 -10.69 46.88
N ILE J 413 13.13 -11.33 46.32
CA ILE J 413 12.22 -12.14 47.12
C ILE J 413 12.95 -13.32 47.74
N GLN J 414 13.82 -13.98 46.97
CA GLN J 414 14.55 -15.10 47.54
C GLN J 414 15.62 -14.62 48.53
N LEU J 415 16.17 -13.42 48.32
CA LEU J 415 17.00 -12.85 49.38
C LEU J 415 16.22 -12.73 50.68
N GLN J 416 15.00 -12.18 50.60
CA GLN J 416 14.20 -12.00 51.81
C GLN J 416 13.84 -13.33 52.45
N LEU J 417 13.50 -14.33 51.63
CA LEU J 417 13.16 -15.64 52.16
C LEU J 417 14.35 -16.27 52.86
N ASP J 418 15.55 -16.12 52.29
CA ASP J 418 16.75 -16.63 52.95
C ASP J 418 17.03 -15.87 54.25
N ILE J 419 16.77 -14.57 54.26
CA ILE J 419 16.90 -13.78 55.49
C ILE J 419 15.96 -14.30 56.56
N ALA J 420 14.76 -14.74 56.17
CA ALA J 420 13.76 -15.18 57.15
C ALA J 420 14.24 -16.39 57.94
N ALA J 421 14.92 -17.33 57.30
CA ALA J 421 15.30 -18.60 57.91
C ALA J 421 16.73 -18.51 58.44
N ILE J 422 16.86 -18.22 59.74
CA ILE J 422 18.14 -18.23 60.43
C ILE J 422 17.89 -18.56 61.89
N GLN J 423 18.88 -19.20 62.52
CA GLN J 423 18.77 -19.65 63.91
C GLN J 423 19.57 -18.78 64.88
N GLU J 424 20.87 -18.61 64.66
CA GLU J 424 21.71 -17.96 65.65
C GLU J 424 21.49 -16.45 65.66
N GLN J 425 21.95 -15.82 66.73
CA GLN J 425 21.69 -14.40 66.98
C GLN J 425 22.97 -13.70 67.40
N THR J 426 23.04 -12.40 67.13
CA THR J 426 24.18 -11.57 67.49
C THR J 426 24.10 -11.17 68.96
N PRO J 427 25.24 -10.84 69.59
CA PRO J 427 25.18 -10.37 71.00
C PRO J 427 24.38 -9.10 71.19
N GLU J 428 24.42 -8.18 70.22
CA GLU J 428 23.60 -6.98 70.32
C GLU J 428 22.11 -7.32 70.27
N GLU J 429 21.75 -8.33 69.48
CA GLU J 429 20.36 -8.79 69.48
C GLU J 429 19.96 -9.26 70.87
N LYS J 430 20.84 -10.02 71.53
CA LYS J 430 20.58 -10.45 72.90
C LYS J 430 20.44 -9.27 73.84
N ALA J 431 21.31 -8.27 73.69
CA ALA J 431 21.28 -7.10 74.57
C ALA J 431 19.98 -6.32 74.42
N LEU J 432 19.54 -6.10 73.18
CA LEU J 432 18.28 -5.39 72.96
C LEU J 432 17.09 -6.21 73.42
N GLN J 433 17.14 -7.54 73.27
CA GLN J 433 16.02 -8.36 73.71
C GLN J 433 15.89 -8.40 75.24
N GLU J 434 17.01 -8.58 75.94
CA GLU J 434 16.95 -8.69 77.39
C GLU J 434 16.64 -7.35 78.04
N LEU J 435 17.04 -6.25 77.42
CA LEU J 435 16.80 -4.93 77.98
C LEU J 435 15.41 -4.43 77.62
N ASP J 436 14.85 -3.60 78.49
CA ASP J 436 13.55 -2.98 78.27
C ASP J 436 13.72 -1.85 77.27
N THR J 437 13.64 -2.19 75.98
CA THR J 437 13.90 -1.24 74.90
C THR J 437 12.60 -0.60 74.45
N GLU J 438 12.04 0.22 75.33
CA GLU J 438 10.89 1.06 75.03
C GLU J 438 11.29 2.52 75.31
N ASP J 439 11.93 3.13 74.31
CA ASP J 439 12.44 4.51 74.35
C ASP J 439 13.57 4.67 75.35
N GLN J 440 13.87 3.62 76.11
CA GLN J 440 15.07 3.61 76.95
C GLN J 440 16.27 3.13 76.16
N ARG J 441 16.01 2.47 75.03
CA ARG J 441 17.06 1.94 74.17
C ARG J 441 17.96 3.02 73.60
N HIS J 442 17.45 4.25 73.44
CA HIS J 442 18.16 5.24 72.65
C HIS J 442 19.48 5.64 73.29
N LEU J 443 19.49 5.81 74.61
CA LEU J 443 20.73 6.13 75.31
C LEU J 443 21.75 4.99 75.15
N TYR J 444 21.29 3.75 75.32
CA TYR J 444 22.18 2.60 75.17
C TYR J 444 22.79 2.58 73.76
N LEU J 445 21.96 2.77 72.73
CA LEU J 445 22.49 2.76 71.37
C LEU J 445 23.47 3.91 71.13
N MET J 446 23.18 5.11 71.67
CA MET J 446 24.05 6.25 71.34
C MET J 446 25.38 6.15 72.07
N LEU J 447 25.41 5.51 73.23
CA LEU J 447 26.68 5.37 73.96
C LEU J 447 27.18 3.92 74.04
N LYS J 448 26.68 3.02 73.19
CA LYS J 448 27.11 1.63 73.29
C LYS J 448 28.58 1.44 72.93
N GLU J 449 29.07 2.18 71.94
CA GLU J 449 30.42 1.93 71.43
C GLU J 449 31.52 2.53 72.30
N ASP J 450 31.18 3.28 73.34
CA ASP J 450 32.19 3.85 74.21
C ASP J 450 32.96 2.76 74.95
N TYR J 451 32.25 1.82 75.56
CA TYR J 451 32.86 0.73 76.31
C TYR J 451 31.95 -0.49 76.21
N ASP J 452 32.27 -1.52 77.00
CA ASP J 452 31.40 -2.68 77.09
C ASP J 452 30.09 -2.31 77.77
N SER J 453 29.01 -2.95 77.34
CA SER J 453 27.67 -2.64 77.82
C SER J 453 27.22 -3.53 78.98
N SER J 454 28.11 -4.38 79.50
CA SER J 454 27.77 -5.27 80.59
C SER J 454 27.35 -4.48 81.83
N LEU J 455 28.10 -3.43 82.15
CA LEU J 455 27.71 -2.54 83.25
C LEU J 455 26.59 -1.60 82.81
N LEU J 456 26.54 -1.27 81.52
CA LEU J 456 25.56 -0.29 81.04
C LEU J 456 24.13 -0.81 81.16
N ILE J 457 23.93 -2.12 80.92
CA ILE J 457 22.57 -2.67 80.94
C ILE J 457 21.89 -2.49 82.30
N PRO J 458 22.53 -2.77 83.44
CA PRO J 458 21.87 -2.50 84.72
C PRO J 458 21.96 -1.07 85.22
N THR J 459 22.92 -0.26 84.74
CA THR J 459 23.05 1.11 85.25
C THR J 459 21.89 1.98 84.78
N ILE J 460 21.52 1.88 83.50
CA ILE J 460 20.38 2.64 82.99
C ILE J 460 19.11 2.20 83.69
N LYS J 461 18.98 0.89 83.97
CA LYS J 461 17.83 0.41 84.72
C LYS J 461 17.81 0.97 86.13
N LYS J 462 18.97 1.05 86.78
CA LYS J 462 19.04 1.62 88.12
C LYS J 462 18.57 3.07 88.13
N ALA J 463 19.08 3.88 87.19
CA ALA J 463 18.66 5.28 87.12
C ALA J 463 17.17 5.40 86.79
N PHE J 464 16.69 4.59 85.84
CA PHE J 464 15.31 4.69 85.40
C PHE J 464 14.35 4.29 86.52
N SER J 465 14.71 3.26 87.29
CA SER J 465 13.90 2.87 88.43
C SER J 465 14.02 3.89 89.57
N GLN J 466 15.16 4.58 89.65
CA GLN J 466 15.31 5.64 90.63
C GLN J 466 14.34 6.78 90.37
N ASN J 467 14.19 7.19 89.10
CA ASN J 467 13.19 8.17 88.71
C ASN J 467 12.50 7.72 87.43
N PRO J 468 11.33 7.07 87.54
CA PRO J 468 10.64 6.60 86.32
C PRO J 468 10.21 7.73 85.39
N THR J 469 9.91 8.91 85.92
CA THR J 469 9.38 10.01 85.11
C THR J 469 10.53 10.95 84.75
N MET J 470 11.10 10.76 83.56
CA MET J 470 12.13 11.65 83.04
C MET J 470 11.94 11.81 81.55
N THR J 471 12.38 12.96 81.04
CA THR J 471 12.61 13.10 79.62
C THR J 471 14.01 12.59 79.30
N ARG J 472 14.20 12.10 78.07
CA ARG J 472 15.53 11.65 77.65
C ARG J 472 16.54 12.78 77.73
N GLN J 473 16.08 14.02 77.54
CA GLN J 473 16.95 15.18 77.59
C GLN J 473 17.61 15.34 78.96
N LYS J 474 16.83 15.18 80.03
CA LYS J 474 17.41 15.21 81.37
C LYS J 474 18.03 13.86 81.71
N LEU J 475 17.57 12.78 81.07
CA LEU J 475 18.10 11.45 81.36
C LEU J 475 19.56 11.33 80.94
N LEU J 476 19.93 11.95 79.82
CA LEU J 476 21.31 11.82 79.32
C LEU J 476 22.35 12.35 80.30
N PRO J 477 22.22 13.53 80.91
CA PRO J 477 23.21 13.93 81.91
C PRO J 477 23.34 12.96 83.08
N LEU J 478 22.22 12.41 83.56
CA LEU J 478 22.29 11.53 84.72
C LEU J 478 22.94 10.20 84.38
N VAL J 479 22.58 9.60 83.25
CA VAL J 479 23.20 8.33 82.85
C VAL J 479 24.67 8.53 82.50
N LEU J 480 25.02 9.74 82.04
CA LEU J 480 26.42 10.04 81.81
C LEU J 480 27.17 10.22 83.13
N GLN J 481 26.53 10.83 84.11
CA GLN J 481 27.19 11.10 85.39
C GLN J 481 27.40 9.82 86.19
N TRP J 482 26.39 8.94 86.21
CA TRP J 482 26.54 7.69 86.95
C TRP J 482 27.56 6.76 86.30
N LEU J 483 27.75 6.86 84.98
CA LEU J 483 28.69 5.99 84.31
C LEU J 483 30.14 6.27 84.73
N MET J 484 30.51 7.55 84.78
CA MET J 484 31.91 7.90 85.06
C MET J 484 32.28 7.54 86.49
N GLU J 485 31.29 7.39 87.37
CA GLU J 485 31.55 7.03 88.75
C GLU J 485 31.89 5.55 88.86
PG AGS K . -14.25 -44.36 11.18
S1G AGS K . -13.80 -42.62 10.43
O2G AGS K . -15.75 -44.67 10.88
O3G AGS K . -13.37 -45.45 10.51
PB AGS K . -15.19 -44.11 13.74
O1B AGS K . -16.12 -43.10 13.19
O2B AGS K . -15.83 -45.48 14.00
O3B AGS K . -14.00 -44.36 12.71
PA AGS K . -15.36 -42.46 15.92
O1A AGS K . -14.44 -41.76 16.83
O2A AGS K . -16.01 -41.56 14.86
O3A AGS K . -14.62 -43.62 15.14
O5' AGS K . -16.46 -43.19 16.80
C5' AGS K . -16.22 -43.39 18.21
C4' AGS K . -17.48 -43.05 18.97
O4' AGS K . -18.05 -44.25 19.52
C3' AGS K . -17.27 -42.15 20.19
O3' AGS K . -18.46 -41.44 20.51
C2' AGS K . -16.89 -43.16 21.27
O2' AGS K . -17.27 -42.68 22.57
C1' AGS K . -17.74 -44.37 20.89
N9 AGS K . -17.05 -45.66 21.08
C8 AGS K . -16.53 -46.47 20.11
N7 AGS K . -15.97 -47.56 20.57
C5 AGS K . -16.12 -47.45 21.93
C6 AGS K . -15.73 -48.29 23.01
N6 AGS K . -15.09 -49.45 22.84
N1 AGS K . -16.04 -47.89 24.26
C2 AGS K . -16.69 -46.73 24.42
N3 AGS K . -17.10 -45.87 23.50
C4 AGS K . -16.78 -46.28 22.27
MG MG L . -10.87 -40.65 12.96
ZN ZN M . 47.08 -40.21 9.46
PB ADP N . -32.52 13.53 -17.28
O1B ADP N . -32.93 12.10 -17.06
O2B ADP N . -32.01 13.83 -18.67
O3B ADP N . -31.66 14.10 -16.17
PA ADP N . -33.85 15.96 -17.01
O1A ADP N . -32.68 16.45 -17.84
O2A ADP N . -33.96 16.32 -15.56
O3A ADP N . -33.89 14.36 -17.16
O5' ADP N . -35.20 16.41 -17.77
C5' ADP N . -35.10 17.36 -18.84
C4' ADP N . -36.41 18.11 -19.03
O4' ADP N . -37.55 17.26 -18.80
C3' ADP N . -36.54 19.26 -18.05
O3' ADP N . -36.24 20.50 -18.71
C2' ADP N . -37.98 19.25 -17.59
O2' ADP N . -38.66 20.43 -18.01
C1' ADP N . -38.61 18.04 -18.25
N9 ADP N . -39.37 17.27 -17.24
C8 ADP N . -38.97 16.14 -16.62
N7 ADP N . -39.91 15.70 -15.75
C5 ADP N . -40.94 16.55 -15.80
C6 ADP N . -42.26 16.67 -15.13
N6 ADP N . -42.67 15.77 -14.22
N1 ADP N . -43.03 17.73 -15.47
C2 ADP N . -42.63 18.64 -16.38
N3 ADP N . -41.45 18.59 -17.02
C4 ADP N . -40.58 17.59 -16.78
MG MG O . -29.58 14.01 -15.37
PB ADP P . -35.90 -20.42 3.09
O1B ADP P . -36.64 -21.42 2.22
O2B ADP P . -35.34 -21.00 4.37
O3B ADP P . -34.94 -19.54 2.34
PA ADP P . -36.67 -18.17 4.52
O1A ADP P . -36.21 -18.71 5.86
O2A ADP P . -35.76 -17.24 3.75
O3A ADP P . -37.05 -19.41 3.58
O5' ADP P . -38.07 -17.42 4.75
C5' ADP P . -38.08 -16.16 5.42
C4' ADP P . -39.48 -15.57 5.45
O4' ADP P . -40.36 -16.39 6.20
C3' ADP P . -39.45 -14.20 6.13
O3' ADP P . -39.81 -13.18 5.18
C2' ADP P . -40.50 -14.26 7.23
O2' ADP P . -41.44 -13.20 7.07
C1' ADP P . -41.18 -15.61 7.06
N9 ADP P . -41.31 -16.28 8.38
C8 ADP P . -40.54 -17.28 8.82
N7 ADP P . -40.91 -17.68 10.06
C5 ADP P . -41.95 -16.92 10.44
C6 ADP P . -42.82 -16.83 11.62
N6 ADP P . -42.64 -17.64 12.69
N1 ADP P . -43.79 -15.89 11.61
C2 ADP P . -43.98 -15.08 10.55
N3 ADP P . -43.23 -15.11 9.44
C4 ADP P . -42.21 -16.00 9.32
MG MG Q . -32.32 -19.96 3.45
PG AGS R . 31.12 25.21 -27.39
S1G AGS R . 30.41 24.37 -25.78
O2G AGS R . 32.27 26.18 -27.00
O3G AGS R . 31.68 24.11 -28.34
PB AGS R . 29.95 27.58 -28.05
O1B AGS R . 30.22 28.04 -26.67
O2B AGS R . 30.95 28.10 -29.08
O3B AGS R . 29.99 26.00 -28.12
PA AGS R . 27.70 29.04 -27.56
O1A AGS R . 26.26 29.02 -27.91
O2A AGS R . 28.02 28.61 -26.13
O3A AGS R . 28.53 28.10 -28.52
O5' AGS R . 28.22 30.50 -27.86
C5' AGS R . 27.30 31.54 -28.23
C4' AGS R . 27.55 32.75 -27.37
O4' AGS R . 28.40 33.67 -28.10
C3' AGS R . 26.32 33.56 -27.02
O3' AGS R . 26.53 34.30 -25.82
C2' AGS R . 26.16 34.48 -28.24
O2' AGS R . 25.54 35.70 -27.91
C1' AGS R . 27.62 34.71 -28.66
N9 AGS R . 27.82 34.68 -30.11
C8 AGS R . 28.23 33.62 -30.87
N7 AGS R . 28.33 33.89 -32.15
C5 AGS R . 27.95 35.22 -32.24
C6 AGS R . 27.84 36.10 -33.33
N6 AGS R . 28.12 35.76 -34.60
N1 AGS R . 27.44 37.37 -33.07
C2 AGS R . 27.18 37.71 -31.82
N3 AGS R . 27.24 36.97 -30.71
C4 AGS R . 27.63 35.73 -30.99
MG MG S . 26.71 23.65 -27.85
PB ADP T . 30.35 28.27 5.62
O1B ADP T . 29.69 26.91 5.66
O2B ADP T . 31.85 28.24 5.59
O3B ADP T . 29.73 29.23 4.63
PA ADP T . 28.47 29.12 7.51
O1A ADP T . 27.85 27.76 7.68
O2A ADP T . 27.83 30.15 6.60
O3A ADP T . 30.01 28.92 7.05
O5' ADP T . 28.63 29.78 8.97
C5' ADP T . 27.48 29.92 9.79
C4' ADP T . 27.81 30.84 10.96
O4' ADP T . 28.33 32.08 10.48
C3' ADP T . 26.57 31.17 11.78
O3' ADP T . 26.67 30.56 13.08
C2' ADP T . 26.54 32.67 11.92
O2' ADP T . 26.56 33.04 13.30
C1' ADP T . 27.79 33.17 11.23
N9 ADP T . 27.45 34.28 10.31
C8 ADP T . 27.34 34.18 8.97
N7 ADP T . 27.02 35.37 8.41
C5 ADP T . 26.91 36.27 9.41
C6 ADP T . 26.60 37.71 9.52
N6 ADP T . 26.32 38.45 8.41
N1 ADP T . 26.60 38.26 10.75
C2 ADP T . 26.87 37.54 11.85
N3 ADP T . 27.16 36.23 11.83
C4 ADP T . 27.20 35.55 10.66
MG MG U . 29.07 25.69 4.02
ZN ZN V . -4.45 -12.44 -60.84
PB ADP W . 15.38 3.18 30.69
O1B ADP W . 14.36 2.13 31.10
O2B ADP W . 14.87 4.18 29.69
O3B ADP W . 16.75 2.62 30.38
PA ADP W . 16.46 3.39 33.24
O1A ADP W . 15.93 2.00 33.49
O2A ADP W . 17.93 3.58 32.95
O3A ADP W . 15.61 4.04 32.03
O5' ADP W . 16.10 4.29 34.52
C5' ADP W . 15.36 3.71 35.60
C4' ADP W . 16.27 3.47 36.80
O4' ADP W . 17.12 4.58 37.07
C3' ADP W . 15.46 3.22 38.06
O3' ADP W . 15.53 1.84 38.43
C2' ADP W . 16.10 4.07 39.13
O2' ADP W . 16.49 3.26 40.25
C1' ADP W . 17.34 4.68 38.49
N9 ADP W . 17.55 6.08 38.90
C8 ADP W . 17.66 7.14 38.08
N7 ADP W . 17.85 8.29 38.77
C5 ADP W . 17.85 7.97 40.08
C6 ADP W . 18.00 8.71 41.35
N6 ADP W . 18.19 10.04 41.37
N1 ADP W . 17.94 8.00 42.50
C2 ADP W . 17.76 6.66 42.50
N3 ADP W . 17.62 5.94 41.39
C4 ADP W . 17.66 6.51 40.16
MG MG X . 13.59 2.64 29.03
#